data_7VXP
#
_entry.id   7VXP
#
loop_
_entity.id
_entity.type
_entity.pdbx_description
1 polymer 'NADH dehydrogenase [ubiquinone] flavoprotein 1, mitochondrial'
2 polymer 'NADH dehydrogenase [ubiquinone] iron-sulfur protein 8, mitochondrial'
3 polymer 'NADH dehydrogenase [ubiquinone] iron-sulfur protein 7, mitochondrial'
4 polymer 'NADH dehydrogenase [ubiquinone] 1 alpha subcomplex subunit 6'
5 polymer 'NADH dehydrogenase [ubiquinone] 1 alpha subcomplex subunit 2'
6 polymer 'Acyl carrier protein, mitochondrial'
7 polymer 'Complex I subunit B13'
8 polymer 'NADH dehydrogenase [ubiquinone] 1 alpha subcomplex subunit 7'
9 polymer 'NADH dehydrogenase ubiquinone 1 alpha subcomplex subunit 9, mitochondrial'
10 polymer 'Complex I-9kD'
11 polymer 'NADH dehydrogenase [ubiquinone] iron-sulfur protein 4, mitochondrial'
12 polymer 'NADH-ubiquinone oxidoreductase 75 kDa subunit, mitochondrial'
13 polymer 'NADH dehydrogenase [ubiquinone] 1 alpha subcomplex subunit 12'
14 polymer 'NADH dehydrogenase [ubiquinone] flavoprotein 2, mitochondrial'
15 polymer 'Complex I-30kD'
16 polymer 'NADH dehydrogenase [ubiquinone] iron-sulfur protein 2, mitochondrial'
17 polymer 'NADH dehydrogenase [ubiquinone] iron-sulfur protein 6, mitochondrial'
18 polymer 'NADH dehydrogenase [ubiquinone] 1 alpha subcomplex subunit 13'
19 non-polymer 'IRON/SULFUR CLUSTER'
20 non-polymer 'FLAVIN MONONUCLEOTIDE'
21 non-polymer 1,2-dioleoyl-sn-glycero-3-phosphoethanolamine
22 non-polymer (9R,11S)-9-({[(1S)-1-HYDROXYHEXADECYL]OXY}METHYL)-2,2-DIMETHYL-5,7,10-TRIOXA-2LAMBDA~5~-AZA-6LAMBDA~5~-PHOSPHAOCTACOSANE-6,6,11-TRIOL
23 non-polymer 'S-[2-({N-[(2R)-2-hydroxy-3,3-dimethyl-4-(phosphonooxy)butanoyl]-beta-alanyl}amino)ethyl] dodecanethioate'
24 non-polymer 'NADPH DIHYDRO-NICOTINAMIDE-ADENINE-DINUCLEOTIDE PHOSPHATE'
25 non-polymer 'Coenzyme Q10, (2Z,6E,10Z,14E,18E,22E,26Z)-isomer'
26 non-polymer 'FE2/S2 (INORGANIC) CLUSTER'
27 non-polymer 'MAGNESIUM ION'
28 non-polymer CARDIOLIPIN
29 non-polymer 'ZINC ION'
#
loop_
_entity_poly.entity_id
_entity_poly.type
_entity_poly.pdbx_seq_one_letter_code
_entity_poly.pdbx_strand_id
1 'polypeptide(L)'
;APKKTSFGSLKDEDRIFTNLYGRHDWRLKGAQSRGDWYKTKEILLKGPDWILGEVKTSGLRGRGGAGFPTGLKWSFMNKP
SDGRPKYLVVNADEGEPGTCKDREIIRHDPHKLVEGCLVGGRAMGARAAYIYIRGEFYNEASNLQVAIREAYEAGLIGKN
ACGSGYDFDVFVVRGAGAYICGEETALIESIEGKQGKPRLKPPFPADVGVFGCPTTVANVETVAVSPTICRRGGAWFASF
GRERNSGTKLFNISGHVNHPCTVEEEMSVPLKELIEKHAGGVIGGWDNLLAVIPGGSSTPLIPKSVCETVLMDFDALVQA
QTGLGTAAVIVMDRSTDIVKAIARLIEFYKHESCGQCTPCREGVDWMNKVMARFVKGDARPAEIDSLWEISKQIEGHTIC
ALGDGAAWPVQGLIRHFRPELEERMQQFALQHQ
;
A
2 'polypeptide(L)'
;TYKFVNMREPSMDMKSVTDRAAQTLLWTELVRGLGMTLSYLFREPATINYPFEKGPLSPRFRGEHALRRYPSGEERCIAC
KLCEAVCPAQAITIEAEPRADGSRRTTRYDIDMTKCIYCGFCQEACPVDAIVEGPNFEFSTETHEELLYNKEKLLNNGDK
WEAEIAANIQADYLYR
;
B
3 'polypeptide(L)'
;SRGEYVVAKLDDLVNWARRSSLWPMTFGLACCAVEMMHMAAPRYDMDRFGVVFRASPRQSDVMIVAGTLTNKMAPALRKV
YDQMPEPRYVVSMGSCANGGGYYHYSYSVVRGCDRIVPVDIYVPGCPPTAEALLYGILQLQRKIKREKRLRIWYRR
;
C
4 'polypeptide(L)'
;GTSVKPIFSRDMNEAKRRVRELYRAWYREVPNTVHLFQLDISVKQGRDKVREMFMKNAHVTDPRVVDLLVIKGKMELEET
INVWKQRTHIMRFFHETEAPRPTDFLSKFYVGHDP
;
E
5 'polypeptide(L)'
;LGLREIRIHLCQRSPGSQGVRDFIEKRYVELKKANPDLPILIRECSDVQPKLWARYAFGQEKNVSLNNFSADQVTRTLEN
VLSGKA
;
F
6 'polypeptide(L)'
;SDAPPLTLEAIKDRVLYVLKLYDKIDPEKLSVNSHFMKDLGLDSLDQVEIIMAMEDEFGFEIPDIDAEKLMCPQEIVDYI
ADKKDVYE
;
G
7 'polypeptide(L)'
;LKKTTGLVGLAVCETPHERLKILYTKILDVLGQIPKNAAYRKYTEQITNEKLGMVKAEPDVKKLEEQLQGGQIEEVILQA
ENELSLARKMLRWKPWEPLVEEPPANQWKWPI
;
H
8 'polypeptide(L)'
;ASATRVIQLLRNWASGRDLQAKLQLRYQEISKRTQPPPKLPVGPSHKLSNNYYCTRDGRREAMPPSIVMSSQKVLASGKP
AESSAVAETEKKAVTPAPPIKRWELSKDQPYL
;
I
9 'polypeptide(L)'
;LHHALIPHGKGGRSSVSGIVATVFGATGFLGRYVVNHLGRMGSQVIVPYRCEPYDTMHLRPMGDLGQIIFMEWNGKDKDS
IRKVVEHSNVVINLVGREWETKNFDFEDVFVKIPHAIAQVSKEAGVEKLIHISHLNADIKSPSRYLRSKAVGEKEVRAAF
PEATIIKPSDIFGREDRFLNYFASMRWFGGVPLISLGKETVKQPVYIVDVSKGIINAIKDPDAKGKTFAFVGPNRYLLFD
LVQYIFAVAYRPFLPYPLPHFAYRWVGRLFEVSPFEPWTTRDKVERVHMSDMTLPHLPGLEDLGIQATPLELKAIEVLRR
HRTYRWLTSEMEDVKPAKTVNI
;
J
10 'polypeptide(L)' FDNSTYRNLQHHEYSTYTFLDLNVELSKFRMPQPSSGRQSPRH K
11 'polypeptide(L)'
;QLIAVDEKLDITTLTGVPEEHIKTRKVRIFVPARNNMQSGVNNTKKWKMEFDTRERWENPLMGWSSTADPLSNLVLTFST
KEDAVAFAEKNGWSFDVEERKVPKPKSKSYGANFSWNKRTRVSTK
;
L
12 'polypeptide(L)'
;SNLIEVFVDGQSVMVEPGTTVLQACEKVGMQIPRFCYHERLSVAGNCRMCLVEIEKAPKVVAACAMPVMKGWNILTNSEK
SKKAREGVMEFLLANHPLDCPICDQGGECDLQDQSMMFGSDRSRFLEGKRAVEDKNIGPLVKTIMTRCIQCTRCIRFASE
IAGVDDLGTTGRGNDMQVGTYIEKMFMSELSGNIIDICPVGALTSKPYAFTARPWETRKTESIDVMDAVGSNIVVSTRTG
EVMRILPRMHEDINEEWISDKTRFAYDGLKRQRLTQPMIRNEKGLLTYTTWEDALSRVAGMLQSFQGNDVAAIAGGLVDA
EALVALKDLLNRVDSDSLCTEEVFPTAGAGTDLRSNYLLNTTIAGVEEADVILLVGTNPRFEAPLFNARIRKSWLHNDLK
VALIGSPVDLTYRYDHLGDSPKILQDIASGNHPFSQILKEAKKPMVVLGSSALQRSDGTAILAAVSNIAQNIRLSSGVTG
DWKVMNILHRIASQVAALDLGYKPGVEAIRKNPPKVLFLLGADGGCITRQDLPKDCFIIYQGHHGDVGAPMADVILPGAA
YTEKSATYVNTEGRAQQTKVAVTPPGLAREDWKIIRALSEIAGMTLPYDTLDQVRSRLEEVSPNLVRYDDVEGANYFQQA
NELSKLVNQQLLADPLVPPQLTIKDFYMTDSISRASQTMAKCVKAVTEGI
;
M
13 'polypeptide(L)'
;ELVQVLRRGLQQVSGHGGLRGYLRVLFRANDVRVGTLVGEDKYGNKYYEDNKQFFGRHRWVIYTTEMNGRDTFWDVDGSM
VPPEWHRWLHCMTDDPPTTKPPTARKYIWTNHKFNVSGTPQQYVPYSTTRKKIQEWVPPSTPYK
;
N
14 'polypeptide(L)'
;GAGGALFVHRDTPENNPDTPFDFTPENYKRIEAIVKNYPEGHKAAAVLPVLDLAQRQNGWLPISAMNKVAEILQVPPMRV
YEVATFYTMYNRKPVGKYHIQVCTTTPCMLRNSDSILEAIQKKLGIKVGETTPDKLFTLIEVECLGACVNAPMVQINDNY
YEDLTPKDIEEIIDELKAGKIPKPGPRSGRFSCEPAGGLTSLTEPPKGPGFGVQAGL
;
O
15 'polypeptide(L)'
;TRPTIRPRNDVVHKQLSAFGQYVAEILPKYVQQVQVSCFNELEIFIHPDGVIPVLTFLRDHTNAQFKSLADLTAVDVPTR
QNRFEIVYNLLSLRFNSRIRVKTYTDELTPIESSVTVYKAANWYEREIWDMFGVFFANHPDLRRILTDYGFEGHPFRKDF
PLSGYVELRYDDEVKRVVAEPVELAQEFRKFDLNSPWEAFPAYRQPPE
;
P
16 'polypeptide(L)'
;SNLTLNFGPQHPAAHGVLRLVMELSGEMVRKCDPHIGLLH(2MR)GTEKLIEYKTYLQALPYFDRLDYVSMMCNEQAYSL
AVEKLLNIQPPPRAQWIRVLFGEITRLLNHIMAVTTHALDIGAMTPFFWMFEEREKMFEFYERVSGARMHAAYIRPGGVH
QDLPLGLLDDIYEFSKNFSFRIDELEEMLTNNRIWRNRTVDIGVVTAEDALNYGFSGVMLRGSGIQWDLRKTQPYDVYDQ
VEFDVPIGSRGDCYDRYLCRVEEMRQSLRIISQCLNKMPPGEIKVDDAKVSPPKRAEMKTSMESLIHHFKLYTEGYQVPP
GATYTAIEAPKGEFGVYLVSDGSSRPYRCKIKAPGFAHLAGLDKMSKGHMLADVVAIIGTQDIVFGEVDR
;
Q
17 'polypeptide(L)'
;GVRTSPTGEKVTHTGQAYDDGDYRRVRFSDRQKEVNENFAIDLIAEQPVSEVGSRVISCDGGGGALGHPRVYINLDKETK
TGTCGYCGLQFRQPHH
;
T
18 'polypeptide(L)' ASKVKQDMPPPGGYGPIDYKRNLPRRGLS W
#
# COMPACT_ATOMS: atom_id res chain seq x y z
N ALA A 1 -15.81 62.81 -52.73
CA ALA A 1 -15.76 63.01 -51.29
C ALA A 1 -15.11 61.81 -50.60
N PRO A 2 -14.32 62.07 -49.55
CA PRO A 2 -13.71 60.98 -48.80
C PRO A 2 -14.71 60.21 -47.96
N LYS A 3 -14.24 59.23 -47.20
CA LYS A 3 -15.09 58.41 -46.33
C LYS A 3 -16.20 57.72 -47.13
N LYS A 4 -15.77 56.82 -48.02
CA LYS A 4 -16.74 56.01 -48.77
C LYS A 4 -17.52 55.11 -47.82
N THR A 5 -18.80 54.92 -48.13
CA THR A 5 -19.67 54.06 -47.35
C THR A 5 -20.27 52.90 -48.13
N SER A 6 -20.13 52.89 -49.46
CA SER A 6 -20.67 51.83 -50.31
C SER A 6 -19.53 51.28 -51.15
N PHE A 7 -18.95 50.18 -50.70
CA PHE A 7 -17.87 49.51 -51.44
C PHE A 7 -18.44 48.38 -52.30
N GLY A 8 -17.62 47.92 -53.23
CA GLY A 8 -17.94 46.70 -53.95
C GLY A 8 -18.17 46.83 -55.45
N SER A 9 -17.60 47.87 -56.07
CA SER A 9 -17.70 48.02 -57.51
C SER A 9 -16.45 48.76 -57.97
N LEU A 10 -15.44 48.01 -58.42
CA LEU A 10 -14.19 48.58 -58.89
C LEU A 10 -13.99 48.21 -60.36
N LYS A 11 -13.40 49.13 -61.11
CA LYS A 11 -13.14 48.91 -62.52
C LYS A 11 -11.95 47.97 -62.68
N ASP A 12 -11.80 47.46 -63.92
CA ASP A 12 -10.69 46.57 -64.22
C ASP A 12 -9.34 47.28 -64.12
N GLU A 13 -9.30 48.59 -64.28
CA GLU A 13 -8.05 49.34 -64.20
C GLU A 13 -7.48 49.38 -62.79
N ASP A 14 -8.24 48.99 -61.77
CA ASP A 14 -7.77 48.97 -60.40
C ASP A 14 -7.54 47.55 -59.89
N ARG A 15 -7.59 46.56 -60.77
CA ARG A 15 -7.39 45.17 -60.39
C ARG A 15 -5.92 44.79 -60.49
N ILE A 16 -5.46 43.98 -59.55
CA ILE A 16 -4.07 43.56 -59.51
C ILE A 16 -3.84 42.35 -60.40
N PHE A 17 -4.63 41.29 -60.23
CA PHE A 17 -4.46 40.06 -60.99
C PHE A 17 -5.25 40.14 -62.29
N THR A 18 -4.67 40.86 -63.25
CA THR A 18 -5.34 41.12 -64.52
C THR A 18 -5.38 39.89 -65.42
N ASN A 19 -4.66 38.82 -65.08
CA ASN A 19 -4.69 37.58 -65.85
C ASN A 19 -5.22 36.43 -64.99
N LEU A 20 -6.29 36.70 -64.23
CA LEU A 20 -6.83 35.69 -63.32
C LEU A 20 -7.41 34.51 -64.08
N TYR A 21 -7.90 34.72 -65.30
CA TYR A 21 -8.57 33.67 -66.05
C TYR A 21 -7.68 33.07 -67.13
N GLY A 22 -6.40 33.42 -67.17
CA GLY A 22 -5.48 32.87 -68.14
C GLY A 22 -5.84 33.18 -69.57
N ARG A 23 -5.82 34.46 -69.93
CA ARG A 23 -6.19 34.88 -71.27
C ARG A 23 -5.09 35.59 -72.03
N HIS A 24 -3.99 35.98 -71.38
CA HIS A 24 -2.89 36.69 -72.06
C HIS A 24 -1.54 36.17 -71.57
N ASP A 25 -1.05 35.12 -72.22
CA ASP A 25 0.38 34.78 -72.25
C ASP A 25 1.02 34.84 -70.86
N TRP A 26 0.62 33.87 -70.02
CA TRP A 26 1.09 33.82 -68.64
C TRP A 26 2.62 33.89 -68.51
N ARG A 27 3.35 33.66 -69.60
CA ARG A 27 4.81 33.63 -69.53
C ARG A 27 5.37 35.05 -69.38
N LEU A 28 6.70 35.15 -69.36
CA LEU A 28 7.36 36.42 -69.08
C LEU A 28 7.08 37.44 -70.17
N LYS A 29 7.08 37.02 -71.44
CA LYS A 29 6.91 37.96 -72.54
C LYS A 29 5.56 38.66 -72.45
N GLY A 30 4.52 37.94 -72.06
CA GLY A 30 3.23 38.57 -71.86
C GLY A 30 3.08 39.24 -70.51
N ALA A 31 3.81 38.77 -69.50
CA ALA A 31 3.72 39.38 -68.17
C ALA A 31 4.36 40.75 -68.14
N GLN A 32 5.44 40.95 -68.87
CA GLN A 32 6.07 42.27 -68.91
C GLN A 32 5.18 43.29 -69.60
N SER A 33 4.33 42.85 -70.52
CA SER A 33 3.42 43.77 -71.19
C SER A 33 2.25 44.17 -70.32
N ARG A 34 2.05 43.50 -69.19
CA ARG A 34 0.99 43.82 -68.26
C ARG A 34 1.48 44.58 -67.03
N GLY A 35 2.70 45.12 -67.08
CA GLY A 35 3.23 45.91 -66.00
C GLY A 35 4.14 45.19 -65.04
N ASP A 36 4.30 43.87 -65.18
CA ASP A 36 5.16 43.12 -64.28
C ASP A 36 6.63 43.41 -64.58
N TRP A 37 7.47 43.24 -63.55
CA TRP A 37 8.92 43.43 -63.67
C TRP A 37 9.26 44.80 -64.24
N TYR A 38 8.53 45.83 -63.79
CA TYR A 38 8.76 47.20 -64.24
C TYR A 38 9.32 48.02 -63.09
N LYS A 39 10.51 48.60 -63.30
CA LYS A 39 11.20 49.40 -62.29
C LYS A 39 11.42 48.61 -61.00
N THR A 40 11.65 47.30 -61.15
CA THR A 40 11.97 46.49 -59.98
C THR A 40 13.33 46.86 -59.41
N LYS A 41 14.26 47.27 -60.27
CA LYS A 41 15.58 47.70 -59.81
C LYS A 41 15.45 48.91 -58.89
N GLU A 42 14.63 49.89 -59.27
CA GLU A 42 14.42 51.05 -58.42
C GLU A 42 13.80 50.66 -57.08
N ILE A 43 12.83 49.74 -57.10
CA ILE A 43 12.19 49.31 -55.87
C ILE A 43 13.20 48.64 -54.94
N LEU A 44 14.06 47.78 -55.50
CA LEU A 44 15.10 47.15 -54.68
C LEU A 44 16.08 48.18 -54.14
N LEU A 45 16.44 49.18 -54.94
CA LEU A 45 17.42 50.16 -54.51
C LEU A 45 16.85 51.16 -53.51
N LYS A 46 15.53 51.21 -53.34
CA LYS A 46 14.94 52.11 -52.36
C LYS A 46 15.23 51.65 -50.93
N GLY A 47 15.52 50.36 -50.73
CA GLY A 47 15.89 49.86 -49.42
C GLY A 47 14.76 49.13 -48.74
N PRO A 48 15.10 48.25 -47.79
CA PRO A 48 14.06 47.53 -47.06
C PRO A 48 13.15 48.43 -46.24
N ASP A 49 13.67 49.53 -45.71
CA ASP A 49 12.85 50.41 -44.88
C ASP A 49 11.73 51.04 -45.68
N TRP A 50 12.02 51.49 -46.90
CA TRP A 50 10.98 52.11 -47.73
C TRP A 50 9.91 51.10 -48.11
N ILE A 51 10.30 49.88 -48.46
CA ILE A 51 9.32 48.85 -48.80
C ILE A 51 8.45 48.50 -47.61
N LEU A 52 9.07 48.34 -46.43
CA LEU A 52 8.28 48.03 -45.24
C LEU A 52 7.35 49.19 -44.89
N GLY A 53 7.80 50.43 -45.07
CA GLY A 53 6.92 51.56 -44.85
C GLY A 53 5.74 51.58 -45.80
N GLU A 54 5.99 51.27 -47.07
CA GLU A 54 4.89 51.19 -48.03
C GLU A 54 3.89 50.12 -47.64
N VAL A 55 4.38 48.95 -47.24
CA VAL A 55 3.48 47.86 -46.85
C VAL A 55 2.69 48.25 -45.60
N LYS A 56 3.34 48.91 -44.64
CA LYS A 56 2.64 49.36 -43.44
C LYS A 56 1.56 50.37 -43.77
N THR A 57 1.89 51.36 -44.62
CA THR A 57 0.92 52.38 -44.98
C THR A 57 -0.25 51.78 -45.75
N SER A 58 0.02 50.75 -46.56
CA SER A 58 -1.03 50.13 -47.36
C SER A 58 -2.12 49.50 -46.50
N GLY A 59 -1.85 49.22 -45.24
CA GLY A 59 -2.83 48.56 -44.40
C GLY A 59 -3.15 47.15 -44.83
N LEU A 60 -2.21 46.49 -45.50
CA LEU A 60 -2.43 45.15 -46.01
C LEU A 60 -2.41 44.14 -44.88
N ARG A 61 -3.43 43.28 -44.82
CA ARG A 61 -3.49 42.21 -43.85
C ARG A 61 -3.34 40.86 -44.56
N GLY A 62 -2.72 39.91 -43.87
CA GLY A 62 -2.41 38.63 -44.46
C GLY A 62 -3.60 37.87 -45.00
N ARG A 63 -3.47 37.35 -46.21
CA ARG A 63 -4.54 36.62 -46.88
C ARG A 63 -4.52 35.12 -46.57
N GLY A 64 -3.62 34.67 -45.70
CA GLY A 64 -3.54 33.26 -45.40
C GLY A 64 -4.77 32.74 -44.67
N GLY A 65 -5.37 33.57 -43.83
CA GLY A 65 -6.54 33.16 -43.08
C GLY A 65 -6.58 33.74 -41.68
N ALA A 66 -5.43 34.17 -41.18
CA ALA A 66 -5.35 34.76 -39.85
C ALA A 66 -5.54 36.28 -39.86
N GLY A 67 -5.24 36.93 -40.98
CA GLY A 67 -5.49 38.36 -41.10
C GLY A 67 -4.56 39.26 -40.32
N PHE A 68 -3.38 38.77 -39.95
CA PHE A 68 -2.43 39.62 -39.26
C PHE A 68 -1.92 40.71 -40.20
N PRO A 69 -1.73 41.93 -39.70
CA PRO A 69 -1.18 42.98 -40.56
C PRO A 69 0.19 42.59 -41.09
N THR A 70 0.41 42.84 -42.38
CA THR A 70 1.61 42.37 -43.05
C THR A 70 2.84 43.22 -42.71
N GLY A 71 2.66 44.52 -42.49
CA GLY A 71 3.81 45.38 -42.29
C GLY A 71 4.61 45.02 -41.05
N LEU A 72 3.93 44.87 -39.90
CA LEU A 72 4.62 44.51 -38.68
C LEU A 72 5.23 43.12 -38.77
N LYS A 73 4.49 42.18 -39.36
CA LYS A 73 4.98 40.81 -39.48
C LYS A 73 6.25 40.75 -40.31
N TRP A 74 6.30 41.50 -41.41
CA TRP A 74 7.49 41.52 -42.25
C TRP A 74 8.62 42.33 -41.63
N SER A 75 8.30 43.37 -40.86
CA SER A 75 9.32 44.15 -40.18
C SER A 75 9.89 43.43 -38.97
N PHE A 76 9.26 42.34 -38.52
CA PHE A 76 9.85 41.54 -37.46
C PHE A 76 11.25 41.05 -37.82
N MET A 77 11.54 40.90 -39.11
CA MET A 77 12.85 40.42 -39.58
C MET A 77 13.72 41.56 -40.07
N ASN A 78 13.61 42.75 -39.49
CA ASN A 78 14.43 43.88 -39.86
C ASN A 78 15.67 44.03 -38.99
N LYS A 79 15.86 43.12 -38.03
CA LYS A 79 17.04 43.16 -37.20
C LYS A 79 18.29 42.78 -38.00
N PRO A 80 19.48 43.22 -37.57
CA PRO A 80 20.70 42.86 -38.32
C PRO A 80 21.06 41.39 -38.18
N SER A 81 21.76 40.88 -39.19
CA SER A 81 22.12 39.48 -39.23
C SER A 81 23.20 39.16 -38.19
N ASP A 82 23.26 37.88 -37.81
CA ASP A 82 24.22 37.40 -36.81
C ASP A 82 24.95 36.16 -37.31
N GLY A 83 25.05 35.99 -38.63
CA GLY A 83 25.74 34.85 -39.20
C GLY A 83 24.81 33.86 -39.86
N ARG A 84 23.64 33.66 -39.29
CA ARG A 84 22.64 32.78 -39.89
C ARG A 84 22.03 33.43 -41.11
N PRO A 85 21.80 32.69 -42.19
CA PRO A 85 21.08 33.25 -43.33
C PRO A 85 19.62 33.50 -42.99
N LYS A 86 18.98 34.32 -43.80
CA LYS A 86 17.57 34.65 -43.62
C LYS A 86 16.78 34.18 -44.84
N TYR A 87 15.66 33.51 -44.59
CA TYR A 87 14.87 32.88 -45.64
C TYR A 87 13.45 33.40 -45.61
N LEU A 88 12.86 33.51 -46.81
CA LEU A 88 11.44 33.79 -46.97
C LEU A 88 10.75 32.52 -47.46
N VAL A 89 9.63 32.17 -46.84
CA VAL A 89 8.84 31.00 -47.21
C VAL A 89 7.50 31.49 -47.72
N VAL A 90 7.14 31.06 -48.92
CA VAL A 90 5.85 31.42 -49.53
C VAL A 90 4.92 30.23 -49.35
N ASN A 91 3.81 30.46 -48.64
CA ASN A 91 2.90 29.39 -48.26
C ASN A 91 1.82 29.27 -49.33
N ALA A 92 2.11 28.44 -50.34
CA ALA A 92 1.17 28.15 -51.41
C ALA A 92 0.55 26.77 -51.27
N ASP A 93 0.29 26.34 -50.04
CA ASP A 93 -0.24 24.99 -49.81
C ASP A 93 -1.66 24.87 -50.35
N GLU A 94 -2.52 25.86 -50.05
CA GLU A 94 -3.86 25.96 -50.63
C GLU A 94 -4.67 24.67 -50.38
N GLY A 95 -4.94 24.44 -49.10
CA GLY A 95 -5.61 23.21 -48.70
C GLY A 95 -6.96 23.42 -48.03
N GLU A 96 -7.32 24.66 -47.77
CA GLU A 96 -8.59 24.94 -47.10
C GLU A 96 -9.76 24.66 -48.04
N PRO A 97 -10.71 23.83 -47.65
CA PRO A 97 -11.87 23.56 -48.52
C PRO A 97 -12.62 24.85 -48.87
N GLY A 98 -13.02 24.95 -50.13
CA GLY A 98 -13.68 26.13 -50.64
C GLY A 98 -12.75 27.09 -51.36
N THR A 99 -11.44 26.91 -51.23
CA THR A 99 -10.47 27.86 -51.75
C THR A 99 -9.87 27.35 -53.05
N CYS A 100 -9.93 28.17 -54.09
CA CYS A 100 -9.32 27.88 -55.39
C CYS A 100 -8.69 29.15 -55.96
N LYS A 101 -8.02 29.93 -55.11
CA LYS A 101 -7.45 31.20 -55.53
C LYS A 101 -5.94 31.17 -55.70
N ASP A 102 -5.21 30.50 -54.79
CA ASP A 102 -3.77 30.43 -54.93
C ASP A 102 -3.37 29.65 -56.17
N ARG A 103 -4.15 28.64 -56.53
CA ARG A 103 -3.88 27.85 -57.72
C ARG A 103 -3.95 28.72 -58.97
N GLU A 104 -4.95 29.60 -59.03
CA GLU A 104 -5.08 30.50 -60.18
C GLU A 104 -3.90 31.47 -60.26
N ILE A 105 -3.50 32.03 -59.12
CA ILE A 105 -2.35 32.94 -59.10
C ILE A 105 -1.10 32.24 -59.59
N ILE A 106 -0.87 31.02 -59.11
CA ILE A 106 0.34 30.30 -59.46
C ILE A 106 0.36 29.94 -60.94
N ARG A 107 -0.76 29.42 -61.47
CA ARG A 107 -0.72 28.89 -62.82
C ARG A 107 -0.94 29.94 -63.89
N HIS A 108 -1.58 31.07 -63.57
CA HIS A 108 -1.99 32.02 -64.59
C HIS A 108 -1.18 33.30 -64.64
N ASP A 109 -0.47 33.65 -63.57
CA ASP A 109 0.47 34.76 -63.62
C ASP A 109 1.59 34.55 -62.61
N PRO A 110 2.42 33.53 -62.78
CA PRO A 110 3.46 33.24 -61.78
C PRO A 110 4.50 34.33 -61.64
N HIS A 111 4.71 35.17 -62.66
CA HIS A 111 5.74 36.19 -62.56
C HIS A 111 5.39 37.24 -61.52
N LYS A 112 4.10 37.47 -61.27
CA LYS A 112 3.70 38.31 -60.15
C LYS A 112 4.19 37.72 -58.84
N LEU A 113 4.03 36.41 -58.66
CA LEU A 113 4.50 35.76 -57.45
C LEU A 113 6.02 35.81 -57.34
N VAL A 114 6.73 35.65 -58.46
CA VAL A 114 8.19 35.66 -58.43
C VAL A 114 8.70 37.04 -58.05
N GLU A 115 8.12 38.09 -58.67
CA GLU A 115 8.54 39.45 -58.33
C GLU A 115 8.16 39.79 -56.90
N GLY A 116 7.03 39.28 -56.42
CA GLY A 116 6.68 39.46 -55.02
C GLY A 116 7.68 38.80 -54.09
N CYS A 117 8.14 37.60 -54.45
CA CYS A 117 9.17 36.94 -53.67
C CYS A 117 10.44 37.77 -53.63
N LEU A 118 10.85 38.32 -54.78
CA LEU A 118 12.06 39.13 -54.81
C LEU A 118 11.92 40.39 -53.95
N VAL A 119 10.80 41.10 -54.09
CA VAL A 119 10.61 42.34 -53.33
C VAL A 119 10.50 42.04 -51.85
N GLY A 120 9.77 40.99 -51.47
CA GLY A 120 9.65 40.64 -50.06
C GLY A 120 10.97 40.20 -49.46
N GLY A 121 11.76 39.43 -50.21
CA GLY A 121 13.07 39.04 -49.72
C GLY A 121 14.00 40.22 -49.54
N ARG A 122 13.94 41.18 -50.47
CA ARG A 122 14.74 42.39 -50.31
C ARG A 122 14.27 43.19 -49.08
N ALA A 123 12.96 43.28 -48.88
CA ALA A 123 12.44 44.02 -47.73
C ALA A 123 12.83 43.35 -46.41
N MET A 124 12.85 42.02 -46.39
CA MET A 124 13.18 41.25 -45.19
C MET A 124 14.66 40.94 -45.09
N GLY A 125 15.47 41.40 -46.03
CA GLY A 125 16.88 41.09 -46.02
C GLY A 125 17.16 39.61 -46.17
N ALA A 126 16.29 38.89 -46.86
CA ALA A 126 16.41 37.45 -46.99
C ALA A 126 17.39 37.09 -48.11
N ARG A 127 17.88 35.86 -48.04
CA ARG A 127 18.83 35.33 -49.02
C ARG A 127 18.17 34.57 -50.15
N ALA A 128 17.14 33.78 -49.85
CA ALA A 128 16.43 33.01 -50.86
C ALA A 128 15.00 32.81 -50.40
N ALA A 129 14.14 32.50 -51.37
CA ALA A 129 12.72 32.26 -51.11
C ALA A 129 12.37 30.84 -51.51
N TYR A 130 11.78 30.10 -50.57
CA TYR A 130 11.27 28.76 -50.83
C TYR A 130 9.76 28.86 -51.02
N ILE A 131 9.28 28.37 -52.16
CA ILE A 131 7.86 28.35 -52.45
C ILE A 131 7.36 26.94 -52.19
N TYR A 132 6.53 26.78 -51.16
CA TYR A 132 5.95 25.48 -50.82
C TYR A 132 4.67 25.33 -51.62
N ILE A 133 4.73 24.55 -52.69
CA ILE A 133 3.58 24.31 -53.56
C ILE A 133 2.95 22.99 -53.16
N ARG A 134 1.62 22.94 -53.19
CA ARG A 134 0.89 21.72 -52.89
C ARG A 134 1.32 20.61 -53.85
N GLY A 135 1.48 19.41 -53.30
CA GLY A 135 1.91 18.29 -54.12
C GLY A 135 0.91 17.91 -55.20
N GLU A 136 -0.36 18.22 -54.98
CA GLU A 136 -1.38 17.91 -55.98
C GLU A 136 -1.30 18.86 -57.17
N PHE A 137 -0.74 20.06 -56.97
CA PHE A 137 -0.59 21.04 -58.04
C PHE A 137 0.71 20.77 -58.80
N TYR A 138 0.66 19.76 -59.68
CA TYR A 138 1.86 19.41 -60.44
C TYR A 138 2.03 20.32 -61.66
N ASN A 139 0.97 20.52 -62.43
CA ASN A 139 1.05 21.41 -63.59
C ASN A 139 1.32 22.84 -63.15
N GLU A 140 0.70 23.27 -62.05
CA GLU A 140 0.98 24.60 -61.52
C GLU A 140 2.43 24.73 -61.09
N ALA A 141 2.98 23.70 -60.44
CA ALA A 141 4.38 23.76 -60.02
C ALA A 141 5.31 23.81 -61.22
N SER A 142 5.01 23.06 -62.26
CA SER A 142 5.86 23.10 -63.45
C SER A 142 5.75 24.45 -64.16
N ASN A 143 4.56 25.06 -64.16
CA ASN A 143 4.43 26.41 -64.70
C ASN A 143 5.25 27.41 -63.90
N LEU A 144 5.22 27.28 -62.58
CA LEU A 144 6.03 28.15 -61.73
C LEU A 144 7.52 27.95 -62.00
N GLN A 145 7.94 26.70 -62.21
CA GLN A 145 9.34 26.45 -62.53
C GLN A 145 9.73 27.04 -63.87
N VAL A 146 8.84 26.98 -64.86
CA VAL A 146 9.12 27.61 -66.15
C VAL A 146 9.28 29.11 -65.99
N ALA A 147 8.40 29.73 -65.20
CA ALA A 147 8.50 31.17 -64.96
C ALA A 147 9.79 31.52 -64.24
N ILE A 148 10.19 30.69 -63.26
CA ILE A 148 11.42 30.93 -62.53
C ILE A 148 12.63 30.78 -63.46
N ARG A 149 12.58 29.81 -64.36
CA ARG A 149 13.65 29.63 -65.34
C ARG A 149 13.76 30.85 -66.25
N GLU A 150 12.62 31.38 -66.68
CA GLU A 150 12.63 32.57 -67.52
C GLU A 150 13.18 33.78 -66.77
N ALA A 151 12.81 33.91 -65.49
CA ALA A 151 13.35 35.00 -64.67
C ALA A 151 14.86 34.87 -64.49
N TYR A 152 15.33 33.65 -64.27
CA TYR A 152 16.77 33.44 -64.09
C TYR A 152 17.57 33.80 -65.33
N GLU A 153 17.09 33.38 -66.49
CA GLU A 153 17.75 33.68 -67.76
C GLU A 153 17.76 35.16 -68.03
N ALA A 154 16.65 35.81 -67.73
CA ALA A 154 16.47 37.25 -67.90
C ALA A 154 17.42 38.02 -66.99
N GLY A 155 17.75 37.42 -65.84
CA GLY A 155 18.60 38.06 -64.86
C GLY A 155 17.80 38.79 -63.82
N LEU A 156 16.48 38.61 -63.87
CA LEU A 156 15.56 39.23 -62.93
C LEU A 156 15.80 38.74 -61.51
N ILE A 157 16.12 37.45 -61.38
CA ILE A 157 16.42 36.84 -60.10
C ILE A 157 17.74 36.09 -60.22
N GLY A 158 18.38 35.79 -59.10
CA GLY A 158 19.68 35.13 -59.14
C GLY A 158 20.76 36.11 -58.72
N LYS A 159 21.99 35.81 -59.05
CA LYS A 159 23.10 36.68 -58.71
C LYS A 159 22.88 38.05 -59.35
N ASN A 160 23.12 39.11 -58.58
CA ASN A 160 22.96 40.48 -59.07
C ASN A 160 21.59 40.68 -59.70
N ALA A 161 20.55 40.27 -59.01
CA ALA A 161 19.20 40.36 -59.56
C ALA A 161 18.78 41.78 -59.88
N CYS A 162 18.28 41.96 -61.11
CA CYS A 162 17.80 43.23 -61.64
C CYS A 162 18.81 44.38 -61.58
N GLY A 163 20.09 44.07 -61.77
CA GLY A 163 21.14 45.07 -61.74
C GLY A 163 21.19 45.90 -60.46
N SER A 164 20.93 45.29 -59.31
CA SER A 164 20.95 46.02 -58.05
C SER A 164 22.03 45.58 -57.08
N GLY A 165 22.80 44.56 -57.46
CA GLY A 165 23.85 44.04 -56.59
C GLY A 165 23.34 43.16 -55.46
N TYR A 166 22.08 42.71 -55.57
CA TYR A 166 21.47 41.87 -54.56
C TYR A 166 21.25 40.49 -55.14
N ASP A 167 21.67 39.46 -54.42
CA ASP A 167 21.52 38.09 -54.90
C ASP A 167 20.38 37.40 -54.21
N PHE A 168 19.39 36.97 -54.99
CA PHE A 168 18.22 36.28 -54.46
C PHE A 168 17.94 35.00 -55.24
N ASP A 169 17.71 33.90 -54.53
CA ASP A 169 17.43 32.63 -55.18
C ASP A 169 16.03 32.12 -54.82
N VAL A 170 15.29 31.69 -55.82
CA VAL A 170 13.94 31.17 -55.59
C VAL A 170 13.90 29.66 -55.79
N PHE A 171 13.44 28.95 -54.77
CA PHE A 171 13.36 27.49 -54.80
C PHE A 171 11.92 27.04 -54.65
N VAL A 172 11.54 26.00 -55.39
CA VAL A 172 10.19 25.47 -55.33
C VAL A 172 10.26 24.09 -54.69
N VAL A 173 9.48 23.89 -53.62
CA VAL A 173 9.41 22.63 -52.90
C VAL A 173 7.98 22.13 -52.97
N ARG A 174 7.81 20.85 -53.32
CA ARG A 174 6.49 20.24 -53.47
C ARG A 174 6.17 19.42 -52.22
N GLY A 175 4.93 19.52 -51.76
CA GLY A 175 4.46 18.72 -50.65
C GLY A 175 3.96 17.37 -51.11
N ALA A 176 3.45 16.59 -50.15
CA ALA A 176 2.83 15.30 -50.45
C ALA A 176 1.54 15.14 -49.65
N GLY A 177 0.45 15.68 -50.18
CA GLY A 177 -0.87 15.45 -49.63
C GLY A 177 -1.02 15.59 -48.13
N ALA A 178 -0.91 16.81 -47.60
CA ALA A 178 -1.10 17.04 -46.17
C ALA A 178 -1.67 18.43 -45.98
N TYR A 179 -2.89 18.51 -45.44
CA TYR A 179 -3.51 19.80 -45.18
C TYR A 179 -2.83 20.54 -44.04
N ILE A 180 -2.35 19.82 -43.02
CA ILE A 180 -1.71 20.44 -41.88
C ILE A 180 -0.44 21.18 -42.28
N CYS A 181 0.19 20.79 -43.39
CA CYS A 181 1.41 21.45 -43.84
C CYS A 181 1.16 22.90 -44.25
N GLY A 182 -0.10 23.32 -44.41
CA GLY A 182 -0.38 24.72 -44.66
C GLY A 182 -0.01 25.61 -43.49
N GLU A 183 -0.10 25.08 -42.27
CA GLU A 183 0.28 25.85 -41.10
C GLU A 183 1.77 26.19 -41.17
N GLU A 184 2.12 27.40 -40.74
CA GLU A 184 3.45 27.95 -41.01
C GLU A 184 4.55 27.09 -40.37
N THR A 185 4.43 26.80 -39.08
CA THR A 185 5.46 26.01 -38.43
C THR A 185 5.44 24.56 -38.92
N ALA A 186 4.26 24.03 -39.22
CA ALA A 186 4.18 22.72 -39.84
C ALA A 186 4.80 22.73 -41.23
N LEU A 187 4.62 23.82 -41.98
CA LEU A 187 5.27 23.95 -43.28
C LEU A 187 6.79 23.93 -43.13
N ILE A 188 7.31 24.67 -42.14
CA ILE A 188 8.75 24.70 -41.91
C ILE A 188 9.25 23.31 -41.54
N GLU A 189 8.54 22.61 -40.66
CA GLU A 189 8.92 21.25 -40.29
C GLU A 189 8.85 20.30 -41.48
N SER A 190 7.96 20.58 -42.43
CA SER A 190 7.85 19.73 -43.62
C SER A 190 9.00 19.98 -44.58
N ILE A 191 9.42 21.23 -44.72
CA ILE A 191 10.53 21.55 -45.62
C ILE A 191 11.79 20.84 -45.16
N GLU A 192 12.01 20.78 -43.86
CA GLU A 192 13.18 20.14 -43.26
C GLU A 192 13.15 18.62 -43.33
N GLY A 193 12.20 18.01 -44.03
CA GLY A 193 12.20 16.57 -44.22
C GLY A 193 11.59 15.75 -43.10
N LYS A 194 10.84 16.37 -42.20
CA LYS A 194 10.17 15.66 -41.13
C LYS A 194 8.68 15.57 -41.42
N GLN A 195 7.92 15.00 -40.49
CA GLN A 195 6.48 15.01 -40.59
C GLN A 195 5.96 16.43 -40.39
N GLY A 196 4.82 16.71 -41.02
CA GLY A 196 4.24 18.04 -40.94
C GLY A 196 3.56 18.31 -39.62
N LYS A 197 4.35 18.39 -38.54
CA LYS A 197 3.83 18.65 -37.22
C LYS A 197 4.21 20.05 -36.77
N PRO A 198 3.26 20.89 -36.40
CA PRO A 198 3.58 22.26 -36.00
C PRO A 198 4.46 22.32 -34.77
N ARG A 199 5.28 23.37 -34.70
CA ARG A 199 6.08 23.65 -33.52
C ARG A 199 5.27 24.46 -32.51
N LEU A 200 5.86 24.71 -31.36
CA LEU A 200 5.29 25.59 -30.36
C LEU A 200 5.88 26.98 -30.50
N LYS A 201 5.14 27.97 -29.98
CA LYS A 201 5.59 29.35 -30.00
C LYS A 201 5.59 29.89 -28.58
N PRO A 202 6.68 30.48 -28.10
CA PRO A 202 7.95 30.77 -28.78
C PRO A 202 8.83 29.51 -28.90
N PRO A 203 9.88 29.52 -29.74
CA PRO A 203 10.37 30.65 -30.55
C PRO A 203 9.54 30.88 -31.80
N PHE A 204 9.41 32.13 -32.21
CA PHE A 204 8.71 32.48 -33.43
C PHE A 204 9.62 32.27 -34.64
N PRO A 205 9.03 32.06 -35.83
CA PRO A 205 9.87 31.84 -37.02
C PRO A 205 10.83 32.98 -37.31
N ALA A 206 10.50 34.21 -36.90
CA ALA A 206 11.41 35.33 -37.13
C ALA A 206 12.73 35.17 -36.41
N ASP A 207 12.80 34.31 -35.39
CA ASP A 207 14.03 34.02 -34.67
C ASP A 207 14.58 32.64 -35.01
N VAL A 208 13.74 31.60 -34.96
CA VAL A 208 14.14 30.24 -35.26
C VAL A 208 13.10 29.67 -36.22
N GLY A 209 13.41 29.66 -37.51
CA GLY A 209 12.48 29.16 -38.50
C GLY A 209 13.00 27.94 -39.25
N VAL A 210 13.07 28.04 -40.58
CA VAL A 210 13.53 26.91 -41.38
C VAL A 210 15.03 26.75 -41.21
N PHE A 211 15.47 25.51 -40.97
CA PHE A 211 16.86 25.17 -40.67
C PHE A 211 17.38 25.87 -39.42
N GLY A 212 16.49 26.42 -38.60
CA GLY A 212 16.89 27.20 -37.44
C GLY A 212 17.17 28.65 -37.73
N CYS A 213 17.11 29.07 -38.99
CA CYS A 213 17.40 30.43 -39.38
C CYS A 213 16.15 31.31 -39.27
N PRO A 214 16.32 32.62 -39.17
CA PRO A 214 15.15 33.51 -39.18
C PRO A 214 14.35 33.35 -40.46
N THR A 215 13.04 33.23 -40.31
CA THR A 215 12.15 32.96 -41.43
C THR A 215 10.84 33.71 -41.26
N THR A 216 10.21 34.01 -42.39
CA THR A 216 8.87 34.59 -42.42
C THR A 216 8.04 33.86 -43.46
N VAL A 217 6.88 33.36 -43.03
CA VAL A 217 5.96 32.63 -43.91
C VAL A 217 4.87 33.61 -44.36
N ALA A 218 4.65 33.67 -45.67
CA ALA A 218 3.64 34.55 -46.24
C ALA A 218 2.84 33.80 -47.29
N ASN A 219 1.56 34.16 -47.40
CA ASN A 219 0.69 33.57 -48.41
C ASN A 219 1.09 34.06 -49.80
N VAL A 220 0.73 33.29 -50.82
CA VAL A 220 1.10 33.63 -52.18
C VAL A 220 0.43 34.93 -52.61
N GLU A 221 -0.80 35.17 -52.17
CA GLU A 221 -1.50 36.40 -52.53
C GLU A 221 -0.84 37.60 -51.86
N THR A 222 -0.43 37.46 -50.60
CA THR A 222 0.18 38.58 -49.89
C THR A 222 1.49 39.02 -50.55
N VAL A 223 2.33 38.06 -50.94
CA VAL A 223 3.57 38.42 -51.61
C VAL A 223 3.28 38.89 -53.04
N ALA A 224 2.28 38.30 -53.69
CA ALA A 224 1.99 38.65 -55.08
C ALA A 224 1.50 40.08 -55.22
N VAL A 225 0.73 40.56 -54.25
CA VAL A 225 0.19 41.92 -54.37
C VAL A 225 1.25 42.95 -53.99
N SER A 226 2.35 42.52 -53.38
CA SER A 226 3.37 43.43 -52.86
C SER A 226 4.04 44.32 -53.91
N PRO A 227 4.51 43.78 -55.05
CA PRO A 227 5.14 44.67 -56.05
C PRO A 227 4.20 45.73 -56.58
N THR A 228 2.93 45.38 -56.80
CA THR A 228 1.95 46.37 -57.23
C THR A 228 1.74 47.43 -56.17
N ILE A 229 1.71 47.01 -54.90
CA ILE A 229 1.58 47.94 -53.79
C ILE A 229 2.75 48.92 -53.76
N CYS A 230 3.96 48.40 -53.97
CA CYS A 230 5.14 49.26 -53.97
C CYS A 230 5.11 50.23 -55.15
N ARG A 231 4.73 49.76 -56.33
CA ARG A 231 4.74 50.62 -57.51
C ARG A 231 3.67 51.70 -57.43
N ARG A 232 2.43 51.33 -57.11
CA ARG A 232 1.33 52.28 -57.08
C ARG A 232 1.20 53.00 -55.74
N GLY A 233 1.94 52.58 -54.72
CA GLY A 233 1.90 53.23 -53.43
C GLY A 233 0.92 52.58 -52.46
N GLY A 234 1.19 52.80 -51.18
CA GLY A 234 0.32 52.22 -50.16
C GLY A 234 -1.00 52.96 -50.03
N ALA A 235 -1.01 54.25 -50.36
CA ALA A 235 -2.24 55.04 -50.26
C ALA A 235 -3.28 54.56 -51.27
N TRP A 236 -2.85 54.21 -52.48
CA TRP A 236 -3.78 53.71 -53.49
C TRP A 236 -4.44 52.41 -53.03
N PHE A 237 -3.65 51.51 -52.44
CA PHE A 237 -4.21 50.26 -51.93
C PHE A 237 -5.13 50.53 -50.74
N ALA A 238 -4.76 51.48 -49.87
CA ALA A 238 -5.60 51.80 -48.73
C ALA A 238 -6.86 52.54 -49.13
N SER A 239 -6.92 53.04 -50.37
CA SER A 239 -8.13 53.71 -50.84
C SER A 239 -9.33 52.77 -50.86
N PHE A 240 -9.09 51.49 -51.14
CA PHE A 240 -10.18 50.52 -51.24
C PHE A 240 -10.48 49.91 -49.88
N GLY A 241 -11.75 49.55 -49.67
CA GLY A 241 -12.15 48.88 -48.46
C GLY A 241 -12.32 49.82 -47.28
N ARG A 242 -12.89 49.27 -46.21
CA ARG A 242 -13.08 50.04 -44.99
C ARG A 242 -11.74 50.27 -44.30
N GLU A 243 -11.78 51.09 -43.24
CA GLU A 243 -10.59 51.33 -42.45
C GLU A 243 -10.13 50.06 -41.78
N ARG A 244 -8.81 49.83 -41.81
CA ARG A 244 -8.14 48.63 -41.30
C ARG A 244 -8.52 47.37 -42.08
N ASN A 245 -9.24 47.50 -43.18
CA ASN A 245 -9.62 46.40 -44.06
C ASN A 245 -9.37 46.79 -45.51
N SER A 246 -8.18 47.31 -45.77
CA SER A 246 -7.89 47.98 -47.03
C SER A 246 -7.68 46.99 -48.17
N GLY A 247 -7.88 47.49 -49.39
CA GLY A 247 -7.44 46.81 -50.59
C GLY A 247 -8.48 45.89 -51.20
N THR A 248 -8.03 45.19 -52.24
CA THR A 248 -8.84 44.22 -52.96
C THR A 248 -8.60 42.82 -52.41
N LYS A 249 -9.45 41.89 -52.84
CA LYS A 249 -9.39 40.52 -52.35
C LYS A 249 -9.93 39.59 -53.42
N LEU A 250 -9.44 38.35 -53.41
CA LEU A 250 -9.90 37.32 -54.31
C LEU A 250 -10.92 36.45 -53.60
N PHE A 251 -12.12 36.36 -54.15
CA PHE A 251 -13.23 35.60 -53.59
C PHE A 251 -13.51 34.38 -54.45
N ASN A 252 -13.57 33.22 -53.82
CA ASN A 252 -13.93 31.97 -54.47
C ASN A 252 -15.35 31.62 -54.07
N ILE A 253 -16.30 31.82 -54.97
CA ILE A 253 -17.70 31.57 -54.69
C ILE A 253 -18.04 30.19 -55.26
N SER A 254 -18.38 29.26 -54.37
CA SER A 254 -18.71 27.90 -54.75
C SER A 254 -19.93 27.44 -53.97
N GLY A 255 -20.42 26.25 -54.31
CA GLY A 255 -21.62 25.72 -53.68
C GLY A 255 -22.83 25.84 -54.56
N HIS A 256 -23.97 26.19 -53.96
CA HIS A 256 -25.24 26.24 -54.68
C HIS A 256 -25.47 27.65 -55.23
N VAL A 257 -24.65 28.00 -56.21
CA VAL A 257 -24.81 29.23 -56.96
C VAL A 257 -24.83 28.88 -58.44
N ASN A 258 -25.43 29.76 -59.24
CA ASN A 258 -25.57 29.48 -60.67
C ASN A 258 -24.22 29.40 -61.36
N HIS A 259 -23.31 30.32 -61.04
CA HIS A 259 -22.02 30.43 -61.71
C HIS A 259 -20.91 30.51 -60.68
N PRO A 260 -20.52 29.39 -60.07
CA PRO A 260 -19.38 29.41 -59.15
C PRO A 260 -18.12 29.83 -59.88
N CYS A 261 -17.32 30.69 -59.23
CA CYS A 261 -16.21 31.32 -59.93
C CYS A 261 -15.27 31.97 -58.94
N THR A 262 -14.09 32.33 -59.45
CA THR A 262 -13.10 33.11 -58.72
C THR A 262 -13.10 34.52 -59.30
N VAL A 263 -13.26 35.52 -58.42
CA VAL A 263 -13.36 36.91 -58.86
C VAL A 263 -12.52 37.79 -57.92
N GLU A 264 -12.17 38.98 -58.41
CA GLU A 264 -11.49 39.97 -57.61
C GLU A 264 -12.43 41.12 -57.31
N GLU A 265 -12.49 41.54 -56.05
CA GLU A 265 -13.45 42.56 -55.65
C GLU A 265 -12.91 43.33 -54.46
N GLU A 266 -13.48 44.51 -54.25
CA GLU A 266 -13.10 45.33 -53.11
C GLU A 266 -13.40 44.61 -51.80
N MET A 267 -12.70 45.02 -50.74
CA MET A 267 -12.73 44.28 -49.49
C MET A 267 -14.11 44.25 -48.88
N SER A 268 -14.74 45.41 -48.70
CA SER A 268 -15.98 45.52 -47.95
C SER A 268 -17.22 45.42 -48.83
N VAL A 269 -17.15 44.67 -49.92
CA VAL A 269 -18.35 44.44 -50.73
C VAL A 269 -19.36 43.66 -49.91
N PRO A 270 -20.65 44.01 -49.94
CA PRO A 270 -21.65 43.18 -49.26
C PRO A 270 -21.74 41.80 -49.89
N LEU A 271 -22.05 40.82 -49.05
CA LEU A 271 -22.10 39.43 -49.50
C LEU A 271 -23.19 39.23 -50.55
N LYS A 272 -24.38 39.78 -50.30
CA LYS A 272 -25.49 39.59 -51.22
C LYS A 272 -25.18 40.17 -52.59
N GLU A 273 -24.62 41.39 -52.62
CA GLU A 273 -24.30 42.01 -53.90
C GLU A 273 -23.27 41.19 -54.66
N LEU A 274 -22.24 40.71 -53.96
CA LEU A 274 -21.21 39.89 -54.61
C LEU A 274 -21.82 38.63 -55.21
N ILE A 275 -22.67 37.94 -54.44
CA ILE A 275 -23.25 36.68 -54.91
C ILE A 275 -24.15 36.92 -56.11
N GLU A 276 -25.01 37.95 -56.04
CA GLU A 276 -25.91 38.21 -57.17
C GLU A 276 -25.19 38.78 -58.38
N LYS A 277 -24.04 39.44 -58.19
CA LYS A 277 -23.37 40.07 -59.31
C LYS A 277 -22.44 39.12 -60.04
N HIS A 278 -21.53 38.45 -59.32
CA HIS A 278 -20.53 37.61 -59.98
C HIS A 278 -20.94 36.15 -60.06
N ALA A 279 -21.53 35.60 -59.01
CA ALA A 279 -21.85 34.18 -58.98
C ALA A 279 -23.18 33.85 -59.66
N GLY A 280 -23.92 34.85 -60.13
CA GLY A 280 -25.19 34.59 -60.77
C GLY A 280 -26.35 34.36 -59.83
N GLY A 281 -26.14 34.48 -58.52
CA GLY A 281 -27.19 34.28 -57.55
C GLY A 281 -27.33 32.85 -57.09
N VAL A 282 -28.04 32.68 -55.98
CA VAL A 282 -28.29 31.36 -55.42
C VAL A 282 -29.19 30.56 -56.37
N ILE A 283 -29.00 29.25 -56.38
CA ILE A 283 -29.81 28.37 -57.22
C ILE A 283 -31.24 28.42 -56.71
N GLY A 284 -32.15 28.88 -57.56
CA GLY A 284 -33.54 29.04 -57.18
C GLY A 284 -33.90 30.38 -56.59
N GLY A 285 -33.08 31.41 -56.80
CA GLY A 285 -33.36 32.73 -56.27
C GLY A 285 -32.73 32.95 -54.90
N TRP A 286 -32.70 34.22 -54.49
CA TRP A 286 -32.12 34.57 -53.21
C TRP A 286 -32.94 34.04 -52.05
N ASP A 287 -34.25 33.87 -52.25
CA ASP A 287 -35.12 33.34 -51.20
C ASP A 287 -34.86 31.86 -50.92
N ASN A 288 -34.11 31.18 -51.79
CA ASN A 288 -33.76 29.78 -51.55
C ASN A 288 -32.54 29.61 -50.67
N LEU A 289 -31.82 30.69 -50.38
CA LEU A 289 -30.58 30.58 -49.60
C LEU A 289 -30.88 30.12 -48.18
N LEU A 290 -30.07 29.18 -47.69
CA LEU A 290 -30.17 28.69 -46.33
C LEU A 290 -28.99 29.13 -45.48
N ALA A 291 -27.76 28.89 -45.94
CA ALA A 291 -26.59 29.19 -45.13
C ALA A 291 -25.40 29.52 -46.03
N VAL A 292 -24.44 30.23 -45.45
CA VAL A 292 -23.22 30.61 -46.13
C VAL A 292 -22.05 30.41 -45.19
N ILE A 293 -21.00 29.75 -45.67
CA ILE A 293 -19.72 29.69 -44.98
C ILE A 293 -18.78 30.64 -45.71
N PRO A 294 -18.47 31.82 -45.15
CA PRO A 294 -17.82 32.86 -45.95
C PRO A 294 -16.30 32.76 -46.00
N GLY A 295 -15.67 31.99 -45.13
CA GLY A 295 -14.22 31.97 -45.10
C GLY A 295 -13.58 30.60 -45.15
N GLY A 296 -14.17 29.69 -45.90
CA GLY A 296 -13.69 28.32 -45.93
C GLY A 296 -14.17 27.53 -44.73
N SER A 297 -13.79 26.26 -44.71
CA SER A 297 -14.37 25.32 -43.76
C SER A 297 -14.16 25.74 -42.31
N SER A 298 -13.12 26.51 -42.03
CA SER A 298 -12.78 26.86 -40.66
C SER A 298 -13.63 27.99 -40.08
N THR A 299 -14.49 28.62 -40.88
CA THR A 299 -15.26 29.71 -40.34
C THR A 299 -16.71 29.28 -40.09
N PRO A 300 -17.30 29.68 -38.97
CA PRO A 300 -18.67 29.28 -38.66
C PRO A 300 -19.66 29.80 -39.69
N LEU A 301 -20.68 29.00 -39.97
CA LEU A 301 -21.70 29.40 -40.94
C LEU A 301 -22.58 30.51 -40.37
N ILE A 302 -23.28 31.20 -41.26
CA ILE A 302 -24.25 32.21 -40.87
C ILE A 302 -25.53 31.99 -41.66
N PRO A 303 -26.69 32.17 -41.06
CA PRO A 303 -27.95 31.92 -41.76
C PRO A 303 -28.30 33.08 -42.69
N LYS A 304 -29.45 32.96 -43.35
CA LYS A 304 -29.87 33.96 -44.34
C LYS A 304 -30.08 35.33 -43.70
N SER A 305 -30.66 35.37 -42.50
CA SER A 305 -30.96 36.65 -41.86
C SER A 305 -29.70 37.47 -41.59
N VAL A 306 -28.54 36.83 -41.51
CA VAL A 306 -27.28 37.54 -41.32
C VAL A 306 -26.61 37.88 -42.65
N CYS A 307 -26.80 37.06 -43.69
CA CYS A 307 -26.22 37.29 -45.00
C CYS A 307 -26.94 38.36 -45.80
N GLU A 308 -27.85 39.12 -45.17
CA GLU A 308 -28.57 40.18 -45.86
C GLU A 308 -27.78 41.48 -45.88
N THR A 309 -27.21 41.87 -44.75
CA THR A 309 -26.53 43.16 -44.62
C THR A 309 -25.16 42.97 -43.96
N VAL A 310 -24.41 41.97 -44.40
CA VAL A 310 -23.08 41.70 -43.87
C VAL A 310 -22.06 42.09 -44.93
N LEU A 311 -20.99 42.75 -44.49
CA LEU A 311 -19.91 43.18 -45.37
C LEU A 311 -18.76 42.19 -45.28
N MET A 312 -18.04 42.03 -46.39
CA MET A 312 -17.04 40.97 -46.49
C MET A 312 -15.64 41.44 -46.10
N ASP A 313 -15.52 42.05 -44.93
CA ASP A 313 -14.21 42.41 -44.39
C ASP A 313 -13.96 41.59 -43.13
N PHE A 314 -12.79 41.79 -42.53
CA PHE A 314 -12.45 41.06 -41.32
C PHE A 314 -13.35 41.44 -40.15
N ASP A 315 -13.49 42.75 -39.91
CA ASP A 315 -14.20 43.20 -38.71
C ASP A 315 -15.69 42.95 -38.80
N ALA A 316 -16.29 43.18 -39.97
CA ALA A 316 -17.72 42.96 -40.12
C ALA A 316 -18.09 41.50 -39.90
N LEU A 317 -17.28 40.58 -40.43
CA LEU A 317 -17.56 39.16 -40.25
C LEU A 317 -17.23 38.69 -38.85
N VAL A 318 -16.24 39.31 -38.21
CA VAL A 318 -15.97 38.98 -36.81
C VAL A 318 -17.14 39.42 -35.94
N GLN A 319 -17.77 40.55 -36.29
CA GLN A 319 -18.95 41.01 -35.56
C GLN A 319 -20.07 39.98 -35.65
N ALA A 320 -20.26 39.40 -36.83
CA ALA A 320 -21.25 38.33 -37.03
C ALA A 320 -20.77 36.98 -36.50
N GLN A 321 -19.68 36.97 -35.72
CA GLN A 321 -19.19 35.79 -35.01
C GLN A 321 -18.61 34.74 -35.96
N THR A 322 -18.15 35.16 -37.14
CA THR A 322 -17.59 34.22 -38.11
C THR A 322 -16.12 34.47 -38.41
N GLY A 323 -15.77 35.66 -38.89
CA GLY A 323 -14.42 35.89 -39.37
C GLY A 323 -14.29 35.67 -40.87
N LEU A 324 -13.51 36.52 -41.55
CA LEU A 324 -13.40 36.42 -43.00
C LEU A 324 -12.50 35.27 -43.41
N GLY A 325 -11.42 35.02 -42.67
CA GLY A 325 -10.54 33.91 -42.97
C GLY A 325 -9.85 34.02 -44.31
N THR A 326 -10.24 33.16 -45.25
CA THR A 326 -9.60 33.11 -46.57
C THR A 326 -10.56 33.51 -47.70
N ALA A 327 -11.72 34.06 -47.37
CA ALA A 327 -12.67 34.57 -48.36
C ALA A 327 -13.09 33.49 -49.38
N ALA A 328 -13.54 32.36 -48.85
CA ALA A 328 -14.07 31.28 -49.67
C ALA A 328 -15.54 31.10 -49.31
N VAL A 329 -16.43 31.49 -50.22
CA VAL A 329 -17.86 31.55 -49.94
C VAL A 329 -18.50 30.25 -50.41
N ILE A 330 -18.84 29.38 -49.48
CA ILE A 330 -19.59 28.17 -49.77
C ILE A 330 -21.06 28.48 -49.51
N VAL A 331 -21.89 28.34 -50.54
CA VAL A 331 -23.31 28.70 -50.48
C VAL A 331 -24.13 27.41 -50.42
N MET A 332 -25.09 27.36 -49.49
CA MET A 332 -26.01 26.23 -49.39
C MET A 332 -27.44 26.78 -49.38
N ASP A 333 -28.27 26.23 -50.25
CA ASP A 333 -29.68 26.61 -50.30
C ASP A 333 -30.50 25.67 -49.41
N ARG A 334 -31.82 25.74 -49.52
CA ARG A 334 -32.69 24.96 -48.65
C ARG A 334 -32.81 23.50 -49.08
N SER A 335 -32.22 23.12 -50.21
CA SER A 335 -32.23 21.74 -50.67
C SER A 335 -31.09 20.91 -50.10
N THR A 336 -30.46 21.36 -49.02
CA THR A 336 -29.29 20.70 -48.46
C THR A 336 -29.58 20.20 -47.06
N ASP A 337 -28.89 19.13 -46.70
CA ASP A 337 -28.86 18.63 -45.32
C ASP A 337 -27.68 19.30 -44.63
N ILE A 338 -27.98 20.37 -43.87
CA ILE A 338 -26.92 21.20 -43.31
C ILE A 338 -26.08 20.39 -42.31
N VAL A 339 -26.73 19.54 -41.53
CA VAL A 339 -25.99 18.73 -40.56
C VAL A 339 -25.04 17.79 -41.28
N LYS A 340 -25.46 17.23 -42.41
CA LYS A 340 -24.59 16.35 -43.17
C LYS A 340 -23.36 17.10 -43.69
N ALA A 341 -23.56 18.33 -44.18
CA ALA A 341 -22.44 19.12 -44.66
C ALA A 341 -21.44 19.42 -43.54
N ILE A 342 -21.95 19.83 -42.38
CA ILE A 342 -21.04 20.13 -41.28
C ILE A 342 -20.35 18.86 -40.79
N ALA A 343 -21.04 17.73 -40.82
CA ALA A 343 -20.42 16.46 -40.46
C ALA A 343 -19.31 16.09 -41.43
N ARG A 344 -19.52 16.34 -42.73
CA ARG A 344 -18.49 16.08 -43.71
C ARG A 344 -17.27 16.97 -43.47
N LEU A 345 -17.50 18.23 -43.10
CA LEU A 345 -16.39 19.11 -42.76
C LEU A 345 -15.62 18.60 -41.54
N ILE A 346 -16.35 18.14 -40.52
CA ILE A 346 -15.68 17.62 -39.33
C ILE A 346 -14.92 16.35 -39.66
N GLU A 347 -15.44 15.53 -40.57
CA GLU A 347 -14.71 14.34 -41.01
C GLU A 347 -13.44 14.73 -41.76
N PHE A 348 -13.51 15.78 -42.57
CA PHE A 348 -12.30 16.31 -43.21
C PHE A 348 -11.26 16.69 -42.16
N TYR A 349 -11.70 17.39 -41.12
CA TYR A 349 -10.75 17.79 -40.07
C TYR A 349 -10.22 16.57 -39.31
N LYS A 350 -11.03 15.52 -39.20
CA LYS A 350 -10.56 14.28 -38.59
C LYS A 350 -9.46 13.64 -39.43
N HIS A 351 -9.61 13.69 -40.76
CA HIS A 351 -8.64 13.04 -41.63
C HIS A 351 -7.39 13.86 -41.86
N GLU A 352 -7.36 15.11 -41.40
CA GLU A 352 -6.21 16.00 -41.63
C GLU A 352 -5.60 16.48 -40.33
N SER A 353 -5.80 15.74 -39.25
CA SER A 353 -5.19 16.02 -37.96
C SER A 353 -3.81 15.36 -37.92
N CYS A 354 -2.80 16.13 -37.54
CA CYS A 354 -1.45 15.55 -37.48
C CYS A 354 -1.29 14.61 -36.29
N GLY A 355 -2.15 14.74 -35.28
CA GLY A 355 -2.13 13.82 -34.16
C GLY A 355 -1.06 14.07 -33.13
N GLN A 356 -0.50 15.28 -33.08
CA GLN A 356 0.58 15.56 -32.13
C GLN A 356 0.03 15.80 -30.73
N CYS A 357 -0.86 16.76 -30.57
CA CYS A 357 -1.35 17.14 -29.26
C CYS A 357 -2.67 16.46 -28.95
N THR A 358 -2.88 16.18 -27.66
CA THR A 358 -4.04 15.40 -27.22
C THR A 358 -5.37 16.04 -27.58
N PRO A 359 -5.61 17.35 -27.33
CA PRO A 359 -6.94 17.89 -27.63
C PRO A 359 -7.40 17.66 -29.04
N CYS A 360 -6.64 18.08 -30.05
CA CYS A 360 -7.06 17.84 -31.43
C CYS A 360 -7.15 16.35 -31.71
N ARG A 361 -6.08 15.61 -31.42
CA ARG A 361 -5.99 14.21 -31.80
C ARG A 361 -7.18 13.39 -31.31
N GLU A 362 -7.63 13.63 -30.08
CA GLU A 362 -8.73 12.84 -29.57
C GLU A 362 -10.09 13.51 -29.77
N GLY A 363 -10.19 14.81 -29.48
CA GLY A 363 -11.47 15.47 -29.53
C GLY A 363 -12.03 15.64 -30.93
N VAL A 364 -11.17 15.75 -31.94
CA VAL A 364 -11.70 15.88 -33.30
C VAL A 364 -12.34 14.57 -33.75
N ASP A 365 -11.73 13.44 -33.40
CA ASP A 365 -12.34 12.15 -33.69
C ASP A 365 -13.62 11.97 -32.88
N TRP A 366 -13.60 12.41 -31.62
CA TRP A 366 -14.81 12.35 -30.79
C TRP A 366 -15.95 13.15 -31.43
N MET A 367 -15.66 14.37 -31.86
CA MET A 367 -16.66 15.21 -32.51
C MET A 367 -17.12 14.62 -33.83
N ASN A 368 -16.21 13.97 -34.57
CA ASN A 368 -16.61 13.31 -35.81
C ASN A 368 -17.62 12.20 -35.53
N LYS A 369 -17.35 11.39 -34.51
CA LYS A 369 -18.28 10.32 -34.16
C LYS A 369 -19.62 10.90 -33.72
N VAL A 370 -19.59 11.93 -32.88
CA VAL A 370 -20.84 12.52 -32.38
C VAL A 370 -21.65 13.13 -33.52
N MET A 371 -20.98 13.82 -34.45
CA MET A 371 -21.68 14.42 -35.58
C MET A 371 -22.24 13.36 -36.52
N ALA A 372 -21.48 12.28 -36.76
CA ALA A 372 -22.00 11.20 -37.59
C ALA A 372 -23.23 10.58 -36.96
N ARG A 373 -23.26 10.48 -35.64
CA ARG A 373 -24.46 10.00 -34.97
C ARG A 373 -25.58 11.03 -34.99
N PHE A 374 -25.23 12.32 -35.03
CA PHE A 374 -26.23 13.38 -35.09
C PHE A 374 -26.93 13.39 -36.43
N VAL A 375 -26.22 13.04 -37.50
CA VAL A 375 -26.80 13.04 -38.84
C VAL A 375 -28.01 12.10 -38.89
N LYS A 376 -27.90 10.93 -38.28
CA LYS A 376 -29.01 9.99 -38.24
C LYS A 376 -30.04 10.35 -37.17
N GLY A 377 -29.73 11.30 -36.28
CA GLY A 377 -30.60 11.58 -35.16
C GLY A 377 -30.53 10.55 -34.05
N ASP A 378 -29.41 9.84 -33.92
CA ASP A 378 -29.29 8.71 -33.00
C ASP A 378 -28.79 9.13 -31.63
N ALA A 379 -29.07 10.36 -31.20
CA ALA A 379 -28.69 10.83 -29.88
C ALA A 379 -29.90 11.47 -29.20
N ARG A 380 -29.65 12.07 -28.05
CA ARG A 380 -30.65 12.81 -27.28
C ARG A 380 -30.26 14.27 -27.21
N PRO A 381 -31.23 15.16 -26.99
CA PRO A 381 -30.91 16.61 -27.01
C PRO A 381 -29.82 17.02 -26.05
N ALA A 382 -29.72 16.38 -24.88
CA ALA A 382 -28.69 16.76 -23.91
C ALA A 382 -27.30 16.71 -24.52
N GLU A 383 -27.03 15.69 -25.35
CA GLU A 383 -25.74 15.56 -26.00
C GLU A 383 -25.32 16.83 -26.71
N ILE A 384 -26.28 17.55 -27.30
CA ILE A 384 -25.97 18.81 -27.96
C ILE A 384 -25.10 19.68 -27.06
N ASP A 385 -25.58 19.96 -25.85
CA ASP A 385 -24.82 20.82 -24.96
C ASP A 385 -23.45 20.22 -24.67
N SER A 386 -23.39 18.91 -24.41
CA SER A 386 -22.10 18.28 -24.17
C SER A 386 -21.18 18.47 -25.37
N LEU A 387 -21.71 18.29 -26.58
CA LEU A 387 -20.90 18.52 -27.77
C LEU A 387 -20.34 19.93 -27.76
N TRP A 388 -21.18 20.92 -27.46
CA TRP A 388 -20.70 22.29 -27.36
C TRP A 388 -19.51 22.38 -26.42
N GLU A 389 -19.64 21.80 -25.22
CA GLU A 389 -18.56 21.89 -24.26
C GLU A 389 -17.31 21.18 -24.78
N ILE A 390 -17.50 20.06 -25.48
CA ILE A 390 -16.35 19.37 -26.05
C ILE A 390 -15.59 20.30 -26.96
N SER A 391 -16.31 21.07 -27.79
CA SER A 391 -15.66 22.05 -28.65
C SER A 391 -14.86 23.05 -27.83
N LYS A 392 -15.42 23.51 -26.72
CA LYS A 392 -14.71 24.49 -25.88
C LYS A 392 -13.46 23.89 -25.27
N GLN A 393 -13.41 22.56 -25.14
CA GLN A 393 -12.22 21.93 -24.58
C GLN A 393 -11.16 21.73 -25.65
N ILE A 394 -11.53 21.89 -26.92
CA ILE A 394 -10.54 21.82 -27.98
C ILE A 394 -10.00 23.21 -28.31
N GLU A 395 -10.91 24.17 -28.52
CA GLU A 395 -10.52 25.51 -28.93
C GLU A 395 -9.73 26.20 -27.82
N GLY A 396 -8.58 26.77 -28.19
CA GLY A 396 -7.74 27.47 -27.26
C GLY A 396 -6.78 26.61 -26.47
N HIS A 397 -6.85 25.28 -26.62
CA HIS A 397 -5.97 24.37 -25.92
C HIS A 397 -5.06 23.57 -26.83
N THR A 398 -4.97 23.90 -28.10
CA THR A 398 -4.17 23.09 -29.01
C THR A 398 -2.84 23.80 -29.35
N ILE A 399 -2.00 23.09 -30.09
CA ILE A 399 -0.72 23.66 -30.51
C ILE A 399 -0.93 24.67 -31.63
N CYS A 400 -1.61 24.24 -32.69
CA CYS A 400 -1.90 25.08 -33.84
C CYS A 400 -3.39 25.38 -33.89
N ALA A 401 -3.82 26.06 -34.94
CA ALA A 401 -5.20 26.51 -35.07
C ALA A 401 -6.10 25.52 -35.78
N LEU A 402 -5.62 24.31 -36.06
CA LEU A 402 -6.51 23.29 -36.63
C LEU A 402 -7.58 22.88 -35.63
N GLY A 403 -7.25 22.84 -34.34
CA GLY A 403 -8.26 22.57 -33.33
C GLY A 403 -9.34 23.62 -33.28
N ASP A 404 -8.94 24.90 -33.35
CA ASP A 404 -9.92 25.98 -33.40
C ASP A 404 -10.76 25.88 -34.67
N GLY A 405 -10.14 25.58 -35.80
CA GLY A 405 -10.86 25.46 -37.05
C GLY A 405 -11.76 24.25 -37.12
N ALA A 406 -11.53 23.24 -36.29
CA ALA A 406 -12.43 22.12 -36.19
C ALA A 406 -13.56 22.37 -35.19
N ALA A 407 -13.29 23.14 -34.14
CA ALA A 407 -14.32 23.46 -33.16
C ALA A 407 -15.29 24.53 -33.63
N TRP A 408 -14.85 25.47 -34.45
CA TRP A 408 -15.71 26.60 -34.82
C TRP A 408 -16.94 26.20 -35.63
N PRO A 409 -16.84 25.40 -36.70
CA PRO A 409 -18.06 25.05 -37.44
C PRO A 409 -19.10 24.31 -36.60
N VAL A 410 -18.66 23.46 -35.68
CA VAL A 410 -19.59 22.79 -34.78
C VAL A 410 -20.33 23.83 -33.93
N GLN A 411 -19.60 24.82 -33.42
CA GLN A 411 -20.23 25.85 -32.61
C GLN A 411 -21.21 26.68 -33.43
N GLY A 412 -20.86 27.01 -34.68
CA GLY A 412 -21.79 27.74 -35.52
C GLY A 412 -23.05 26.95 -35.81
N LEU A 413 -22.91 25.65 -36.10
CA LEU A 413 -24.08 24.82 -36.34
C LEU A 413 -24.96 24.74 -35.11
N ILE A 414 -24.37 24.52 -33.93
CA ILE A 414 -25.16 24.43 -32.71
C ILE A 414 -25.82 25.77 -32.41
N ARG A 415 -25.14 26.87 -32.74
CA ARG A 415 -25.67 28.19 -32.46
C ARG A 415 -26.87 28.52 -33.34
N HIS A 416 -26.82 28.13 -34.62
CA HIS A 416 -27.82 28.62 -35.56
C HIS A 416 -28.83 27.59 -36.03
N PHE A 417 -28.63 26.29 -35.79
CA PHE A 417 -29.53 25.27 -36.31
C PHE A 417 -29.81 24.21 -35.26
N ARG A 418 -29.87 24.60 -33.99
CA ARG A 418 -30.25 23.66 -32.96
C ARG A 418 -31.65 23.09 -33.14
N PRO A 419 -32.68 23.86 -33.53
CA PRO A 419 -33.99 23.26 -33.76
C PRO A 419 -33.96 22.13 -34.77
N GLU A 420 -33.12 22.23 -35.80
CA GLU A 420 -33.02 21.14 -36.78
C GLU A 420 -32.49 19.86 -36.13
N LEU A 421 -31.45 19.99 -35.30
CA LEU A 421 -30.89 18.82 -34.62
C LEU A 421 -31.92 18.20 -33.68
N GLU A 422 -32.63 19.04 -32.92
CA GLU A 422 -33.63 18.53 -31.99
C GLU A 422 -34.78 17.85 -32.72
N GLU A 423 -35.23 18.43 -33.83
CA GLU A 423 -36.31 17.81 -34.60
C GLU A 423 -35.86 16.49 -35.20
N ARG A 424 -34.62 16.41 -35.68
CA ARG A 424 -34.12 15.14 -36.21
C ARG A 424 -34.06 14.07 -35.13
N MET A 425 -33.61 14.45 -33.93
CA MET A 425 -33.59 13.49 -32.83
C MET A 425 -35.00 13.04 -32.46
N GLN A 426 -35.96 13.98 -32.46
CA GLN A 426 -37.34 13.60 -32.17
C GLN A 426 -37.88 12.63 -33.21
N GLN A 427 -37.61 12.91 -34.49
CA GLN A 427 -38.09 12.01 -35.54
C GLN A 427 -37.48 10.62 -35.40
N PHE A 428 -36.18 10.54 -35.14
CA PHE A 428 -35.56 9.23 -34.96
C PHE A 428 -36.12 8.52 -33.74
N ALA A 429 -36.36 9.25 -32.65
CA ALA A 429 -36.88 8.64 -31.43
C ALA A 429 -38.28 8.08 -31.65
N LEU A 430 -39.13 8.82 -32.34
CA LEU A 430 -40.50 8.34 -32.54
C LEU A 430 -40.54 7.21 -33.57
N GLN A 431 -39.68 7.28 -34.59
CA GLN A 431 -39.66 6.25 -35.62
C GLN A 431 -39.15 4.93 -35.06
N HIS A 432 -38.10 4.95 -34.22
CA HIS A 432 -37.51 3.75 -33.65
C HIS A 432 -38.09 3.41 -32.28
N GLN A 433 -39.17 4.09 -31.87
CA GLN A 433 -39.75 3.92 -30.54
C GLN A 433 -38.72 4.14 -29.45
N THR B 1 -38.83 19.12 23.66
CA THR B 1 -40.00 18.72 24.42
C THR B 1 -39.73 17.44 25.21
N TYR B 2 -40.33 17.32 26.39
CA TYR B 2 -40.01 16.24 27.31
C TYR B 2 -41.24 15.86 28.11
N LYS B 3 -41.17 14.68 28.72
CA LYS B 3 -42.23 14.18 29.58
C LYS B 3 -41.62 13.58 30.84
N PHE B 4 -42.40 13.58 31.92
CA PHE B 4 -42.00 12.95 33.16
C PHE B 4 -42.49 11.51 33.19
N VAL B 5 -41.68 10.65 33.83
CA VAL B 5 -41.99 9.23 33.88
C VAL B 5 -42.41 8.77 35.29
N ASN B 6 -41.99 9.48 36.33
CA ASN B 6 -42.28 9.07 37.70
C ASN B 6 -42.70 10.27 38.55
N MET B 7 -43.59 11.08 38.01
CA MET B 7 -44.02 12.32 38.69
C MET B 7 -45.55 12.33 38.81
N ARG B 8 -46.08 11.26 39.39
CA ARG B 8 -47.51 11.19 39.68
C ARG B 8 -47.71 10.78 41.14
N GLU B 9 -48.68 11.42 41.80
CA GLU B 9 -49.03 11.11 43.18
C GLU B 9 -50.40 10.43 43.24
N PRO B 10 -50.59 9.52 44.20
CA PRO B 10 -51.88 8.81 44.29
C PRO B 10 -52.93 9.60 45.05
N SER B 11 -54.18 9.43 44.64
CA SER B 11 -55.30 10.08 45.32
C SER B 11 -55.52 9.46 46.69
N MET B 12 -55.87 10.30 47.66
CA MET B 12 -55.98 9.89 49.05
C MET B 12 -57.43 9.80 49.53
N ASP B 13 -58.37 9.64 48.61
CA ASP B 13 -59.75 9.39 49.01
C ASP B 13 -59.87 7.99 49.61
N MET B 14 -60.88 7.80 50.46
CA MET B 14 -60.99 6.55 51.21
C MET B 14 -61.14 5.35 50.29
N LYS B 15 -61.85 5.51 49.17
CA LYS B 15 -61.99 4.40 48.23
C LYS B 15 -60.65 3.99 47.65
N SER B 16 -59.83 4.97 47.24
CA SER B 16 -58.52 4.64 46.69
C SER B 16 -57.58 4.08 47.76
N VAL B 17 -57.67 4.61 48.98
CA VAL B 17 -56.84 4.09 50.06
C VAL B 17 -57.20 2.64 50.36
N THR B 18 -58.51 2.34 50.39
CA THR B 18 -58.94 0.96 50.63
C THR B 18 -58.54 0.05 49.48
N ASP B 19 -58.59 0.54 48.25
CA ASP B 19 -58.13 -0.26 47.12
C ASP B 19 -56.63 -0.56 47.24
N ARG B 20 -55.84 0.43 47.63
CA ARG B 20 -54.41 0.21 47.81
C ARG B 20 -54.14 -0.78 48.95
N ALA B 21 -54.90 -0.68 50.03
CA ALA B 21 -54.75 -1.63 51.13
C ALA B 21 -55.13 -3.04 50.70
N ALA B 22 -56.18 -3.17 49.89
CA ALA B 22 -56.55 -4.48 49.36
C ALA B 22 -55.46 -5.03 48.45
N GLN B 23 -54.86 -4.15 47.65
CA GLN B 23 -53.73 -4.59 46.80
C GLN B 23 -52.57 -5.08 47.64
N THR B 24 -52.24 -4.36 48.71
CA THR B 24 -51.14 -4.76 49.57
C THR B 24 -51.42 -6.09 50.27
N LEU B 25 -52.62 -6.23 50.84
CA LEU B 25 -52.94 -7.41 51.63
C LEU B 25 -53.30 -8.63 50.79
N LEU B 26 -53.66 -8.44 49.52
CA LEU B 26 -54.15 -9.53 48.70
C LEU B 26 -53.31 -9.81 47.45
N TRP B 27 -52.26 -9.02 47.22
CA TRP B 27 -51.29 -9.26 46.14
C TRP B 27 -51.99 -9.30 44.77
N THR B 28 -52.57 -8.16 44.39
CA THR B 28 -53.27 -8.09 43.11
C THR B 28 -52.30 -8.08 41.93
N GLU B 29 -51.26 -7.24 42.02
CA GLU B 29 -50.32 -7.14 40.89
C GLU B 29 -49.50 -8.40 40.71
N LEU B 30 -49.21 -9.12 41.79
CA LEU B 30 -48.54 -10.41 41.67
C LEU B 30 -49.42 -11.39 40.90
N VAL B 31 -50.73 -11.38 41.17
CA VAL B 31 -51.66 -12.22 40.43
C VAL B 31 -51.70 -11.79 38.97
N ARG B 32 -51.61 -10.49 38.71
CA ARG B 32 -51.58 -10.03 37.32
C ARG B 32 -50.36 -10.54 36.58
N GLY B 33 -49.19 -10.52 37.24
CA GLY B 33 -47.99 -11.07 36.62
C GLY B 33 -48.12 -12.57 36.37
N LEU B 34 -48.67 -13.30 37.34
CA LEU B 34 -48.93 -14.72 37.15
C LEU B 34 -49.86 -14.95 35.97
N GLY B 35 -50.86 -14.10 35.81
CA GLY B 35 -51.78 -14.24 34.69
C GLY B 35 -51.12 -13.98 33.36
N MET B 36 -50.21 -13.00 33.30
CA MET B 36 -49.46 -12.76 32.07
C MET B 36 -48.61 -13.96 31.69
N THR B 37 -47.91 -14.54 32.68
CA THR B 37 -47.12 -15.73 32.40
C THR B 37 -48.01 -16.90 31.96
N LEU B 38 -49.16 -17.06 32.61
CA LEU B 38 -50.09 -18.13 32.21
C LEU B 38 -50.58 -17.92 30.79
N SER B 39 -50.86 -16.67 30.41
CA SER B 39 -51.28 -16.38 29.05
C SER B 39 -50.19 -16.74 28.04
N TYR B 40 -48.93 -16.42 28.37
CA TYR B 40 -47.85 -16.86 27.50
C TYR B 40 -47.72 -18.38 27.45
N LEU B 41 -48.13 -19.09 28.50
CA LEU B 41 -48.02 -20.54 28.50
C LEU B 41 -48.84 -21.18 27.39
N PHE B 42 -50.00 -20.63 27.08
CA PHE B 42 -50.94 -21.25 26.14
C PHE B 42 -50.78 -20.75 24.71
N ARG B 43 -49.68 -20.10 24.38
CA ARG B 43 -49.40 -19.67 23.02
C ARG B 43 -48.53 -20.68 22.31
N GLU B 44 -48.45 -20.55 20.99
CA GLU B 44 -47.58 -21.41 20.20
C GLU B 44 -46.15 -20.92 20.28
N PRO B 45 -45.20 -21.75 20.68
CA PRO B 45 -43.81 -21.29 20.82
C PRO B 45 -43.20 -20.94 19.46
N ALA B 46 -42.22 -20.04 19.50
CA ALA B 46 -41.56 -19.55 18.30
C ALA B 46 -40.33 -20.38 17.93
N THR B 47 -40.27 -21.64 18.35
CA THR B 47 -39.11 -22.48 18.13
C THR B 47 -39.23 -23.25 16.82
N ILE B 48 -38.17 -23.23 16.02
CA ILE B 48 -38.12 -23.98 14.77
C ILE B 48 -37.40 -25.29 15.02
N ASN B 49 -37.66 -26.27 14.16
CA ASN B 49 -37.15 -27.64 14.34
C ASN B 49 -35.85 -27.83 13.57
N TYR B 50 -34.82 -27.13 14.02
CA TYR B 50 -33.49 -27.33 13.47
C TYR B 50 -33.00 -28.74 13.80
N PRO B 51 -32.30 -29.41 12.87
CA PRO B 51 -31.84 -28.96 11.55
C PRO B 51 -32.84 -29.22 10.42
N PHE B 52 -34.04 -29.69 10.73
CA PHE B 52 -35.03 -29.96 9.70
C PHE B 52 -35.70 -28.70 9.19
N GLU B 53 -35.54 -27.58 9.90
CA GLU B 53 -36.00 -26.28 9.44
C GLU B 53 -34.90 -25.27 9.69
N LYS B 54 -34.82 -24.26 8.83
CA LYS B 54 -33.76 -23.27 8.87
C LYS B 54 -34.33 -21.86 8.97
N GLY B 55 -33.61 -21.00 9.66
CA GLY B 55 -33.95 -19.61 9.75
C GLY B 55 -33.81 -18.93 8.41
N PRO B 56 -34.60 -17.87 8.17
CA PRO B 56 -34.57 -17.20 6.87
C PRO B 56 -33.26 -16.47 6.64
N LEU B 57 -32.88 -16.41 5.36
CA LEU B 57 -31.71 -15.63 4.95
C LEU B 57 -32.07 -14.75 3.76
N SER B 58 -31.09 -14.06 3.19
CA SER B 58 -31.32 -13.16 2.08
C SER B 58 -30.24 -13.40 1.03
N PRO B 59 -30.46 -12.96 -0.21
CA PRO B 59 -29.42 -13.10 -1.24
C PRO B 59 -28.12 -12.36 -0.91
N ARG B 60 -28.17 -11.35 -0.04
CA ARG B 60 -26.98 -10.60 0.31
C ARG B 60 -26.17 -11.24 1.42
N PHE B 61 -26.59 -12.40 1.92
CA PHE B 61 -25.93 -13.03 3.05
C PHE B 61 -24.48 -13.40 2.70
N ARG B 62 -23.58 -13.16 3.65
CA ARG B 62 -22.16 -13.46 3.51
C ARG B 62 -21.84 -14.73 4.28
N GLY B 63 -21.38 -15.75 3.58
CA GLY B 63 -20.99 -16.99 4.23
C GLY B 63 -19.59 -17.43 3.86
N GLU B 64 -19.44 -18.70 3.47
CA GLU B 64 -18.15 -19.22 3.09
C GLU B 64 -17.71 -18.64 1.76
N HIS B 65 -16.42 -18.36 1.63
CA HIS B 65 -15.86 -17.78 0.43
C HIS B 65 -15.79 -18.81 -0.70
N ALA B 66 -15.77 -18.31 -1.93
CA ALA B 66 -15.66 -19.16 -3.10
C ALA B 66 -15.05 -18.36 -4.26
N LEU B 67 -14.42 -19.09 -5.17
CA LEU B 67 -13.84 -18.53 -6.39
C LEU B 67 -14.64 -19.05 -7.57
N ARG B 68 -15.07 -18.15 -8.45
CA ARG B 68 -15.99 -18.49 -9.52
C ARG B 68 -15.26 -18.64 -10.85
N ARG B 69 -16.00 -19.05 -11.87
CA ARG B 69 -15.49 -19.27 -13.21
C ARG B 69 -16.40 -18.60 -14.23
N TYR B 70 -15.89 -18.43 -15.43
CA TYR B 70 -16.69 -18.03 -16.56
C TYR B 70 -17.48 -19.23 -17.09
N PRO B 71 -18.53 -18.99 -17.88
CA PRO B 71 -19.28 -20.13 -18.44
C PRO B 71 -18.43 -21.06 -19.28
N SER B 72 -17.31 -20.59 -19.82
CA SER B 72 -16.42 -21.45 -20.58
C SER B 72 -15.58 -22.36 -19.70
N GLY B 73 -15.53 -22.10 -18.40
CA GLY B 73 -14.68 -22.85 -17.48
C GLY B 73 -13.44 -22.11 -17.04
N GLU B 74 -13.07 -21.02 -17.69
CA GLU B 74 -11.94 -20.23 -17.27
C GLU B 74 -12.23 -19.52 -15.94
N GLU B 75 -11.20 -19.42 -15.11
CA GLU B 75 -11.36 -18.70 -13.84
C GLU B 75 -11.53 -17.21 -14.09
N ARG B 76 -12.36 -16.58 -13.28
CA ARG B 76 -12.56 -15.14 -13.41
C ARG B 76 -11.41 -14.34 -12.82
N CYS B 77 -10.72 -14.88 -11.82
CA CYS B 77 -9.67 -14.13 -11.14
C CYS B 77 -8.49 -13.87 -12.06
N ILE B 78 -7.97 -12.65 -12.02
CA ILE B 78 -6.89 -12.20 -12.87
C ILE B 78 -5.70 -11.71 -12.04
N ALA B 79 -5.74 -11.92 -10.73
CA ALA B 79 -4.65 -11.54 -9.83
C ALA B 79 -4.39 -10.04 -9.85
N CYS B 80 -5.45 -9.25 -9.80
CA CYS B 80 -5.31 -7.81 -9.65
C CYS B 80 -4.97 -7.41 -8.22
N LYS B 81 -5.16 -8.32 -7.26
CA LYS B 81 -4.80 -8.13 -5.86
C LYS B 81 -5.55 -6.98 -5.19
N LEU B 82 -6.75 -6.65 -5.69
CA LEU B 82 -7.56 -5.62 -5.05
C LEU B 82 -8.19 -6.13 -3.77
N CYS B 83 -8.64 -7.38 -3.77
CA CYS B 83 -9.22 -7.97 -2.56
C CYS B 83 -8.19 -8.04 -1.44
N GLU B 84 -6.95 -8.41 -1.78
CA GLU B 84 -5.89 -8.45 -0.78
C GLU B 84 -5.60 -7.06 -0.23
N ALA B 85 -5.61 -6.04 -1.09
CA ALA B 85 -5.34 -4.69 -0.64
C ALA B 85 -6.48 -4.12 0.20
N VAL B 86 -7.71 -4.55 -0.03
CA VAL B 86 -8.85 -3.98 0.69
C VAL B 86 -9.19 -4.74 1.96
N CYS B 87 -8.66 -5.94 2.15
CA CYS B 87 -9.06 -6.77 3.28
C CYS B 87 -8.68 -6.11 4.60
N PRO B 88 -9.65 -5.80 5.47
CA PRO B 88 -9.31 -5.13 6.73
C PRO B 88 -8.52 -6.01 7.69
N ALA B 89 -8.57 -7.32 7.51
CA ALA B 89 -7.91 -8.25 8.41
C ALA B 89 -6.61 -8.81 7.85
N GLN B 90 -6.23 -8.44 6.63
CA GLN B 90 -5.06 -8.99 5.96
C GLN B 90 -5.13 -10.51 5.89
N ALA B 91 -6.30 -11.04 5.53
CA ALA B 91 -6.52 -12.47 5.50
C ALA B 91 -6.25 -13.10 4.14
N ILE B 92 -6.01 -12.31 3.10
CA ILE B 92 -5.80 -12.82 1.75
C ILE B 92 -4.33 -12.71 1.40
N THR B 93 -3.78 -13.78 0.84
CA THR B 93 -2.39 -13.83 0.39
C THR B 93 -2.38 -14.31 -1.05
N ILE B 94 -1.77 -13.54 -1.94
CA ILE B 94 -1.85 -13.79 -3.38
C ILE B 94 -0.46 -13.80 -3.98
N GLU B 95 -0.19 -14.80 -4.81
CA GLU B 95 0.99 -14.84 -5.65
C GLU B 95 0.58 -15.22 -7.07
N ALA B 96 1.16 -14.54 -8.04
CA ALA B 96 0.74 -14.68 -9.43
C ALA B 96 1.95 -14.76 -10.34
N GLU B 97 1.73 -15.29 -11.54
CA GLU B 97 2.74 -15.35 -12.59
C GLU B 97 2.01 -15.60 -13.91
N PRO B 98 2.63 -15.28 -15.04
CA PRO B 98 2.01 -15.62 -16.33
C PRO B 98 1.84 -17.12 -16.48
N ARG B 99 0.69 -17.51 -17.02
CA ARG B 99 0.42 -18.92 -17.23
C ARG B 99 1.16 -19.43 -18.47
N ALA B 100 1.07 -20.73 -18.71
CA ALA B 100 1.75 -21.31 -19.88
C ALA B 100 1.19 -20.76 -21.18
N ASP B 101 -0.09 -20.39 -21.19
CA ASP B 101 -0.71 -19.77 -22.36
C ASP B 101 -0.66 -18.25 -22.32
N GLY B 102 0.01 -17.68 -21.32
CA GLY B 102 0.20 -16.25 -21.24
C GLY B 102 -0.83 -15.49 -20.43
N SER B 103 -1.80 -16.17 -19.83
CA SER B 103 -2.82 -15.49 -19.05
C SER B 103 -2.28 -15.02 -17.71
N ARG B 104 -2.87 -13.95 -17.20
CA ARG B 104 -2.51 -13.37 -15.91
C ARG B 104 -3.34 -14.07 -14.84
N ARG B 105 -2.75 -15.06 -14.17
CA ARG B 105 -3.48 -15.89 -13.23
C ARG B 105 -2.66 -16.08 -11.96
N THR B 106 -3.35 -16.44 -10.88
CA THR B 106 -2.70 -16.68 -9.61
C THR B 106 -2.06 -18.06 -9.56
N THR B 107 -0.95 -18.15 -8.84
CA THR B 107 -0.42 -19.44 -8.42
C THR B 107 -0.68 -19.73 -6.96
N ARG B 108 -1.02 -18.72 -6.17
CA ARG B 108 -1.40 -18.89 -4.78
C ARG B 108 -2.52 -17.91 -4.44
N TYR B 109 -3.61 -18.44 -3.88
CA TYR B 109 -4.71 -17.59 -3.39
C TYR B 109 -5.18 -18.20 -2.07
N ASP B 110 -4.67 -17.65 -0.97
CA ASP B 110 -4.89 -18.18 0.37
C ASP B 110 -5.78 -17.23 1.16
N ILE B 111 -6.78 -17.78 1.84
CA ILE B 111 -7.61 -17.02 2.76
C ILE B 111 -7.57 -17.71 4.12
N ASP B 112 -7.18 -16.96 5.15
CA ASP B 112 -7.21 -17.45 6.52
C ASP B 112 -8.60 -17.20 7.09
N MET B 113 -9.42 -18.24 7.15
CA MET B 113 -10.77 -18.10 7.68
C MET B 113 -10.79 -17.74 9.16
N THR B 114 -9.67 -17.89 9.86
CA THR B 114 -9.59 -17.51 11.26
C THR B 114 -9.12 -16.07 11.44
N LYS B 115 -8.50 -15.47 10.42
CA LYS B 115 -8.26 -14.03 10.42
C LYS B 115 -9.42 -13.25 9.82
N CYS B 116 -10.18 -13.87 8.92
CA CYS B 116 -11.24 -13.19 8.20
C CYS B 116 -12.35 -12.73 9.14
N ILE B 117 -12.91 -11.56 8.84
CA ILE B 117 -14.03 -11.00 9.60
C ILE B 117 -15.34 -11.10 8.86
N TYR B 118 -15.35 -11.69 7.66
CA TYR B 118 -16.56 -11.93 6.88
C TYR B 118 -17.33 -10.64 6.63
N CYS B 119 -16.60 -9.61 6.23
CA CYS B 119 -17.17 -8.29 5.96
C CYS B 119 -17.67 -8.12 4.54
N GLY B 120 -17.19 -8.94 3.60
CA GLY B 120 -17.62 -8.82 2.23
C GLY B 120 -16.96 -7.73 1.42
N PHE B 121 -15.95 -7.05 1.98
CA PHE B 121 -15.25 -6.03 1.22
C PHE B 121 -14.53 -6.62 0.01
N CYS B 122 -14.09 -7.87 0.10
CA CYS B 122 -13.34 -8.48 -0.98
C CYS B 122 -14.20 -8.64 -2.23
N GLN B 123 -15.44 -9.08 -2.08
CA GLN B 123 -16.33 -9.20 -3.23
C GLN B 123 -16.84 -7.85 -3.72
N GLU B 124 -16.78 -6.81 -2.90
CA GLU B 124 -17.04 -5.46 -3.38
C GLU B 124 -15.90 -4.95 -4.24
N ALA B 125 -14.66 -5.21 -3.82
CA ALA B 125 -13.50 -4.69 -4.53
C ALA B 125 -13.22 -5.43 -5.82
N CYS B 126 -13.65 -6.69 -5.92
CA CYS B 126 -13.33 -7.49 -7.10
C CYS B 126 -14.01 -6.93 -8.34
N PRO B 127 -13.28 -6.68 -9.42
CA PRO B 127 -13.88 -6.11 -10.63
C PRO B 127 -14.44 -7.12 -11.63
N VAL B 128 -14.34 -8.42 -11.37
CA VAL B 128 -14.76 -9.41 -12.35
C VAL B 128 -15.66 -10.46 -11.72
N ASP B 129 -16.15 -10.20 -10.50
CA ASP B 129 -17.00 -11.14 -9.76
C ASP B 129 -16.28 -12.47 -9.52
N ALA B 130 -14.97 -12.40 -9.29
CA ALA B 130 -14.18 -13.61 -9.13
C ALA B 130 -14.35 -14.21 -7.73
N ILE B 131 -14.09 -13.42 -6.70
CA ILE B 131 -14.21 -13.88 -5.32
C ILE B 131 -15.57 -13.46 -4.79
N VAL B 132 -16.28 -14.40 -4.17
CA VAL B 132 -17.58 -14.12 -3.57
C VAL B 132 -17.64 -14.74 -2.19
N GLU B 133 -18.55 -14.22 -1.38
CA GLU B 133 -18.92 -14.85 -0.12
C GLU B 133 -20.21 -15.60 -0.36
N GLY B 134 -20.16 -16.93 -0.23
CA GLY B 134 -21.26 -17.75 -0.60
C GLY B 134 -22.35 -17.77 0.45
N PRO B 135 -23.34 -18.65 0.25
CA PRO B 135 -24.44 -18.76 1.20
C PRO B 135 -24.18 -19.74 2.34
N ASN B 136 -23.21 -20.63 2.20
CA ASN B 136 -22.97 -21.65 3.20
C ASN B 136 -22.47 -21.04 4.50
N PHE B 137 -22.97 -21.56 5.62
CA PHE B 137 -22.47 -21.17 6.94
C PHE B 137 -22.21 -22.37 7.84
N GLU B 138 -22.51 -23.59 7.40
CA GLU B 138 -22.27 -24.79 8.20
C GLU B 138 -21.00 -25.46 7.69
N PHE B 139 -19.86 -24.88 8.06
CA PHE B 139 -18.56 -25.43 7.69
C PHE B 139 -17.62 -25.42 8.89
N SER B 140 -18.11 -25.85 10.04
CA SER B 140 -17.27 -25.99 11.22
C SER B 140 -16.30 -27.15 11.03
N THR B 141 -15.09 -27.00 11.57
CA THR B 141 -14.05 -28.00 11.45
C THR B 141 -13.58 -28.43 12.84
N GLU B 142 -12.98 -29.62 12.89
CA GLU B 142 -12.46 -30.16 14.13
C GLU B 142 -11.02 -29.74 14.41
N THR B 143 -10.34 -29.13 13.45
CA THR B 143 -8.97 -28.66 13.65
C THR B 143 -8.82 -27.28 13.05
N HIS B 144 -7.86 -26.53 13.58
CA HIS B 144 -7.58 -25.18 13.09
C HIS B 144 -7.06 -25.22 11.66
N GLU B 145 -6.23 -26.21 11.33
CA GLU B 145 -5.60 -26.24 10.01
C GLU B 145 -6.62 -26.33 8.89
N GLU B 146 -7.79 -26.92 9.15
CA GLU B 146 -8.80 -27.07 8.10
C GLU B 146 -9.45 -25.74 7.71
N LEU B 147 -9.20 -24.67 8.46
CA LEU B 147 -9.77 -23.36 8.15
C LEU B 147 -8.77 -22.44 7.47
N LEU B 148 -7.70 -22.99 6.91
CA LEU B 148 -6.69 -22.23 6.17
C LEU B 148 -6.84 -22.63 4.70
N TYR B 149 -7.69 -21.89 3.98
CA TYR B 149 -8.05 -22.26 2.62
C TYR B 149 -6.97 -21.87 1.63
N ASN B 150 -6.63 -22.79 0.74
CA ASN B 150 -5.77 -22.51 -0.40
C ASN B 150 -6.63 -22.37 -1.65
N LYS B 151 -5.97 -22.20 -2.79
CA LYS B 151 -6.70 -21.95 -4.03
C LYS B 151 -7.56 -23.14 -4.43
N GLU B 152 -7.04 -24.36 -4.23
CA GLU B 152 -7.80 -25.54 -4.62
C GLU B 152 -9.10 -25.66 -3.83
N LYS B 153 -9.03 -25.41 -2.52
CA LYS B 153 -10.23 -25.50 -1.69
C LYS B 153 -11.27 -24.46 -2.10
N LEU B 154 -10.84 -23.23 -2.40
CA LEU B 154 -11.77 -22.19 -2.81
C LEU B 154 -12.37 -22.49 -4.16
N LEU B 155 -11.58 -23.03 -5.09
CA LEU B 155 -12.12 -23.42 -6.39
C LEU B 155 -13.12 -24.57 -6.26
N ASN B 156 -12.83 -25.52 -5.38
CA ASN B 156 -13.79 -26.59 -5.11
C ASN B 156 -15.08 -26.03 -4.51
N ASN B 157 -14.96 -25.05 -3.62
CA ASN B 157 -16.13 -24.39 -3.06
C ASN B 157 -16.95 -23.72 -4.16
N GLY B 158 -16.28 -23.05 -5.10
CA GLY B 158 -16.99 -22.43 -6.20
C GLY B 158 -17.71 -23.45 -7.07
N ASP B 159 -17.02 -24.54 -7.41
CA ASP B 159 -17.64 -25.59 -8.21
C ASP B 159 -18.84 -26.20 -7.48
N LYS B 160 -18.74 -26.30 -6.15
CA LYS B 160 -19.79 -26.93 -5.36
C LYS B 160 -21.01 -26.03 -5.18
N TRP B 161 -20.81 -24.71 -5.05
CA TRP B 161 -21.88 -23.79 -4.72
C TRP B 161 -22.28 -22.85 -5.85
N GLU B 162 -21.75 -23.05 -7.06
CA GLU B 162 -22.03 -22.12 -8.15
C GLU B 162 -23.50 -22.05 -8.50
N ALA B 163 -24.19 -23.19 -8.49
CA ALA B 163 -25.59 -23.22 -8.91
C ALA B 163 -26.44 -22.26 -8.09
N GLU B 164 -26.14 -22.09 -6.81
CA GLU B 164 -26.85 -21.15 -5.97
C GLU B 164 -26.19 -19.77 -5.92
N ILE B 165 -24.87 -19.70 -6.02
CA ILE B 165 -24.18 -18.40 -6.00
C ILE B 165 -24.60 -17.55 -7.19
N ALA B 166 -24.69 -18.16 -8.38
CA ALA B 166 -25.09 -17.42 -9.56
C ALA B 166 -26.51 -16.89 -9.43
N ALA B 167 -27.42 -17.71 -8.87
CA ALA B 167 -28.78 -17.26 -8.65
C ALA B 167 -28.84 -16.12 -7.64
N ASN B 168 -28.03 -16.20 -6.59
CA ASN B 168 -28.01 -15.13 -5.58
C ASN B 168 -27.48 -13.83 -6.17
N ILE B 169 -26.44 -13.91 -7.01
CA ILE B 169 -25.92 -12.70 -7.65
C ILE B 169 -26.94 -12.14 -8.63
N GLN B 170 -27.64 -13.02 -9.36
CA GLN B 170 -28.65 -12.56 -10.31
C GLN B 170 -29.78 -11.83 -9.60
N ALA B 171 -30.05 -12.19 -8.35
CA ALA B 171 -31.14 -11.56 -7.60
C ALA B 171 -30.73 -10.27 -6.90
N ASP B 172 -29.44 -9.91 -6.92
CA ASP B 172 -28.99 -8.73 -6.18
C ASP B 172 -28.05 -7.83 -6.96
N TYR B 173 -27.53 -8.24 -8.12
CA TYR B 173 -26.54 -7.44 -8.82
C TYR B 173 -27.08 -6.09 -9.27
N LEU B 174 -28.41 -5.93 -9.33
CA LEU B 174 -28.99 -4.65 -9.72
C LEU B 174 -28.97 -3.63 -8.60
N TYR B 175 -28.73 -4.06 -7.36
CA TYR B 175 -28.59 -3.14 -6.24
C TYR B 175 -27.15 -2.65 -6.06
N ARG B 176 -26.20 -3.22 -6.79
CA ARG B 176 -24.80 -2.89 -6.61
C ARG B 176 -24.29 -1.93 -7.67
N SER C 1 -17.05 -62.14 20.49
CA SER C 1 -16.99 -62.65 21.84
C SER C 1 -18.11 -62.04 22.70
N ARG C 2 -18.03 -62.26 24.01
CA ARG C 2 -19.03 -61.75 24.95
C ARG C 2 -18.60 -60.44 25.60
N GLY C 3 -17.36 -60.36 26.07
CA GLY C 3 -16.89 -59.14 26.68
C GLY C 3 -16.87 -57.97 25.71
N GLU C 4 -16.55 -58.25 24.44
CA GLU C 4 -16.55 -57.19 23.44
C GLU C 4 -17.93 -56.57 23.29
N TYR C 5 -18.97 -57.41 23.23
CA TYR C 5 -20.33 -56.90 23.13
C TYR C 5 -20.70 -56.06 24.34
N VAL C 6 -20.35 -56.54 25.54
CA VAL C 6 -20.72 -55.82 26.76
C VAL C 6 -20.03 -54.46 26.80
N VAL C 7 -18.73 -54.42 26.48
CA VAL C 7 -18.03 -53.14 26.53
C VAL C 7 -18.54 -52.21 25.45
N ALA C 8 -18.88 -52.73 24.27
CA ALA C 8 -19.43 -51.88 23.22
C ALA C 8 -20.77 -51.27 23.65
N LYS C 9 -21.64 -52.10 24.24
CA LYS C 9 -22.94 -51.59 24.66
C LYS C 9 -22.81 -50.57 25.78
N LEU C 10 -21.96 -50.86 26.78
CA LEU C 10 -21.76 -49.91 27.86
C LEU C 10 -21.16 -48.61 27.36
N ASP C 11 -20.21 -48.69 26.43
CA ASP C 11 -19.62 -47.48 25.86
C ASP C 11 -20.65 -46.67 25.09
N ASP C 12 -21.52 -47.34 24.33
CA ASP C 12 -22.58 -46.62 23.64
C ASP C 12 -23.51 -45.93 24.63
N LEU C 13 -23.86 -46.62 25.72
CA LEU C 13 -24.75 -46.02 26.72
C LEU C 13 -24.12 -44.79 27.37
N VAL C 14 -22.85 -44.90 27.76
CA VAL C 14 -22.18 -43.76 28.40
C VAL C 14 -22.02 -42.61 27.42
N ASN C 15 -21.68 -42.92 26.16
CA ASN C 15 -21.55 -41.87 25.16
C ASN C 15 -22.88 -41.17 24.92
N TRP C 16 -23.98 -41.92 24.88
CA TRP C 16 -25.29 -41.30 24.73
C TRP C 16 -25.62 -40.42 25.92
N ALA C 17 -25.32 -40.88 27.13
CA ALA C 17 -25.62 -40.09 28.31
C ALA C 17 -24.83 -38.78 28.32
N ARG C 18 -23.55 -38.83 27.95
CA ARG C 18 -22.74 -37.63 27.92
C ARG C 18 -23.13 -36.73 26.76
N ARG C 19 -23.62 -37.32 25.66
CA ARG C 19 -23.95 -36.55 24.48
C ARG C 19 -25.27 -35.82 24.63
N SER C 20 -26.25 -36.43 25.30
CA SER C 20 -27.59 -35.87 25.34
C SER C 20 -27.68 -34.71 26.31
N SER C 21 -26.84 -34.68 27.34
CA SER C 21 -26.87 -33.63 28.35
C SER C 21 -25.52 -32.94 28.39
N LEU C 22 -25.39 -31.84 27.65
CA LEU C 22 -24.19 -31.02 27.64
C LEU C 22 -24.48 -29.71 28.35
N TRP C 23 -23.67 -29.38 29.35
CA TRP C 23 -23.90 -28.21 30.20
C TRP C 23 -22.77 -27.21 29.99
N PRO C 24 -22.92 -26.29 29.05
CA PRO C 24 -21.88 -25.28 28.84
C PRO C 24 -21.79 -24.30 30.00
N MET C 25 -20.58 -23.81 30.24
CA MET C 25 -20.35 -22.83 31.29
C MET C 25 -20.74 -21.44 30.79
N THR C 26 -21.37 -20.66 31.67
CA THR C 26 -21.72 -19.29 31.31
C THR C 26 -20.45 -18.47 31.21
N PHE C 27 -19.95 -18.32 29.99
CA PHE C 27 -18.62 -17.73 29.80
C PHE C 27 -18.59 -17.11 28.41
N GLY C 28 -18.75 -15.80 28.34
CA GLY C 28 -18.65 -15.08 27.09
C GLY C 28 -17.74 -13.89 27.25
N LEU C 29 -17.03 -13.58 26.16
CA LEU C 29 -16.03 -12.53 26.20
C LEU C 29 -16.41 -11.29 25.40
N ALA C 30 -16.97 -11.45 24.20
CA ALA C 30 -17.16 -10.33 23.30
C ALA C 30 -18.39 -10.60 22.44
N CYS C 31 -18.49 -9.90 21.31
CA CYS C 31 -19.62 -9.91 20.40
C CYS C 31 -20.26 -11.28 20.24
N CYS C 32 -19.44 -12.32 20.04
CA CYS C 32 -19.94 -13.66 19.78
C CYS C 32 -20.90 -14.15 20.85
N ALA C 33 -20.67 -13.76 22.11
CA ALA C 33 -21.54 -14.21 23.18
C ALA C 33 -22.98 -13.75 22.98
N VAL C 34 -23.17 -12.58 22.36
CA VAL C 34 -24.52 -12.14 22.04
C VAL C 34 -25.21 -13.18 21.15
N GLU C 35 -24.50 -13.66 20.12
CA GLU C 35 -25.05 -14.73 19.30
C GLU C 35 -25.30 -15.98 20.14
N MET C 36 -24.41 -16.27 21.10
CA MET C 36 -24.66 -17.37 22.02
C MET C 36 -25.98 -17.17 22.75
N MET C 37 -26.25 -15.93 23.19
CA MET C 37 -27.54 -15.65 23.83
C MET C 37 -28.69 -15.97 22.88
N HIS C 38 -28.51 -15.67 21.59
CA HIS C 38 -29.59 -15.90 20.63
C HIS C 38 -29.84 -17.38 20.41
N MET C 39 -28.91 -18.25 20.81
CA MET C 39 -29.23 -19.67 20.79
C MET C 39 -30.21 -20.02 21.89
N ALA C 40 -30.06 -19.40 23.06
CA ALA C 40 -30.99 -19.65 24.16
C ALA C 40 -32.33 -18.96 23.93
N ALA C 41 -32.43 -18.10 22.93
CA ALA C 41 -33.66 -17.41 22.61
C ALA C 41 -34.68 -18.43 22.09
N PRO C 42 -35.98 -18.09 22.13
CA PRO C 42 -37.01 -19.07 21.78
C PRO C 42 -36.88 -19.66 20.38
N ARG C 43 -36.34 -18.91 19.41
CA ARG C 43 -36.34 -19.40 18.03
C ARG C 43 -35.51 -20.68 17.88
N TYR C 44 -34.32 -20.71 18.47
CA TYR C 44 -33.44 -21.86 18.36
C TYR C 44 -33.50 -22.80 19.55
N ASP C 45 -33.55 -22.25 20.77
CA ASP C 45 -33.90 -22.99 21.97
C ASP C 45 -32.97 -24.20 22.17
N MET C 46 -31.71 -23.89 22.46
CA MET C 46 -30.73 -24.95 22.69
C MET C 46 -31.14 -25.87 23.84
N ASP C 47 -31.97 -25.38 24.77
CA ASP C 47 -32.39 -26.18 25.91
C ASP C 47 -33.05 -27.48 25.47
N ARG C 48 -33.83 -27.45 24.39
CA ARG C 48 -34.51 -28.65 23.92
C ARG C 48 -33.54 -29.73 23.47
N PHE C 49 -32.29 -29.40 23.21
CA PHE C 49 -31.29 -30.40 22.86
C PHE C 49 -30.61 -31.00 24.09
N GLY C 50 -30.99 -30.58 25.29
CA GLY C 50 -30.29 -30.96 26.49
C GLY C 50 -29.20 -29.99 26.90
N VAL C 51 -28.99 -28.92 26.14
CA VAL C 51 -27.93 -27.96 26.41
C VAL C 51 -28.49 -26.87 27.33
N VAL C 52 -27.99 -26.81 28.56
CA VAL C 52 -28.43 -25.81 29.53
C VAL C 52 -27.20 -25.19 30.17
N PHE C 53 -27.19 -23.86 30.24
CA PHE C 53 -26.07 -23.14 30.83
C PHE C 53 -26.01 -23.38 32.33
N ARG C 54 -24.79 -23.46 32.86
CA ARG C 54 -24.57 -23.50 34.30
C ARG C 54 -23.38 -22.62 34.64
N ALA C 55 -23.44 -22.00 35.82
CA ALA C 55 -22.47 -20.96 36.18
C ALA C 55 -21.15 -21.52 36.69
N SER C 56 -21.18 -22.43 37.63
CA SER C 56 -19.95 -22.92 38.23
C SER C 56 -19.20 -23.82 37.26
N PRO C 57 -17.87 -23.68 37.15
CA PRO C 57 -17.10 -24.61 36.31
C PRO C 57 -17.19 -26.05 36.78
N ARG C 58 -17.38 -26.29 38.08
CA ARG C 58 -17.45 -27.65 38.60
C ARG C 58 -18.67 -28.42 38.10
N GLN C 59 -19.71 -27.72 37.66
CA GLN C 59 -20.92 -28.35 37.15
C GLN C 59 -21.08 -28.14 35.65
N SER C 60 -19.99 -27.89 34.95
CA SER C 60 -20.00 -27.62 33.52
C SER C 60 -19.30 -28.75 32.77
N ASP C 61 -19.77 -28.99 31.55
CA ASP C 61 -19.19 -30.00 30.66
C ASP C 61 -18.42 -29.40 29.50
N VAL C 62 -18.88 -28.28 28.95
CA VAL C 62 -18.31 -27.71 27.73
C VAL C 62 -17.98 -26.25 27.99
N MET C 63 -16.83 -25.81 27.50
CA MET C 63 -16.49 -24.40 27.43
C MET C 63 -16.67 -23.91 26.00
N ILE C 64 -17.43 -22.85 25.83
CA ILE C 64 -17.57 -22.16 24.55
C ILE C 64 -16.79 -20.85 24.70
N VAL C 65 -15.66 -20.75 24.00
CA VAL C 65 -14.84 -19.54 24.02
C VAL C 65 -15.43 -18.59 22.98
N ALA C 66 -16.34 -17.73 23.42
CA ALA C 66 -17.08 -16.83 22.54
C ALA C 66 -16.56 -15.41 22.75
N GLY C 67 -15.59 -15.03 21.91
CA GLY C 67 -15.04 -13.69 22.00
C GLY C 67 -13.52 -13.67 21.96
N THR C 68 -12.95 -12.46 21.98
CA THR C 68 -11.50 -12.31 21.93
C THR C 68 -10.87 -12.69 23.26
N LEU C 69 -9.75 -13.39 23.19
CA LEU C 69 -8.98 -13.77 24.37
C LEU C 69 -7.74 -12.88 24.44
N THR C 70 -7.76 -11.89 25.32
CA THR C 70 -6.64 -10.99 25.49
C THR C 70 -5.59 -11.61 26.41
N ASN C 71 -4.41 -10.98 26.44
CA ASN C 71 -3.33 -11.46 27.30
C ASN C 71 -3.71 -11.35 28.77
N LYS C 72 -4.41 -10.29 29.15
CA LYS C 72 -4.82 -10.11 30.54
C LYS C 72 -5.82 -11.18 30.98
N MET C 73 -6.62 -11.71 30.05
CA MET C 73 -7.67 -12.65 30.36
C MET C 73 -7.22 -14.11 30.28
N ALA C 74 -6.15 -14.41 29.54
CA ALA C 74 -5.73 -15.79 29.33
C ALA C 74 -5.52 -16.59 30.62
N PRO C 75 -4.88 -16.06 31.67
CA PRO C 75 -4.78 -16.86 32.91
C PRO C 75 -6.12 -17.24 33.49
N ALA C 76 -7.12 -16.34 33.42
CA ALA C 76 -8.43 -16.65 33.96
C ALA C 76 -9.12 -17.74 33.15
N LEU C 77 -9.03 -17.67 31.82
CA LEU C 77 -9.61 -18.71 30.98
C LEU C 77 -8.96 -20.05 31.25
N ARG C 78 -7.62 -20.07 31.34
CA ARG C 78 -6.94 -21.32 31.64
C ARG C 78 -7.33 -21.86 33.01
N LYS C 79 -7.48 -20.97 34.00
CA LYS C 79 -7.84 -21.40 35.34
C LYS C 79 -9.23 -22.03 35.37
N VAL C 80 -10.21 -21.35 34.78
CA VAL C 80 -11.56 -21.92 34.77
C VAL C 80 -11.67 -23.12 33.85
N TYR C 81 -10.72 -23.30 32.93
CA TYR C 81 -10.68 -24.55 32.18
C TYR C 81 -10.15 -25.68 33.05
N ASP C 82 -9.12 -25.40 33.86
CA ASP C 82 -8.52 -26.44 34.69
C ASP C 82 -9.48 -26.90 35.78
N GLN C 83 -10.41 -26.05 36.19
CA GLN C 83 -11.34 -26.39 37.27
C GLN C 83 -12.58 -27.12 36.78
N MET C 84 -12.70 -27.34 35.47
CA MET C 84 -13.79 -28.16 34.95
C MET C 84 -13.44 -29.64 35.12
N PRO C 85 -14.26 -30.42 35.81
CA PRO C 85 -13.97 -31.85 35.94
C PRO C 85 -14.11 -32.58 34.61
N GLU C 86 -13.28 -33.60 34.43
CA GLU C 86 -13.29 -34.35 33.19
C GLU C 86 -14.45 -35.35 33.18
N PRO C 87 -14.96 -35.71 32.00
CA PRO C 87 -14.54 -35.26 30.65
C PRO C 87 -15.04 -33.86 30.32
N ARG C 88 -14.22 -33.08 29.62
CA ARG C 88 -14.55 -31.71 29.29
C ARG C 88 -14.22 -31.46 27.82
N TYR C 89 -14.96 -30.53 27.22
CA TYR C 89 -14.77 -30.19 25.81
C TYR C 89 -14.74 -28.68 25.64
N VAL C 90 -13.99 -28.23 24.65
CA VAL C 90 -13.85 -26.81 24.33
C VAL C 90 -14.33 -26.59 22.91
N VAL C 91 -15.18 -25.59 22.73
CA VAL C 91 -15.66 -25.15 21.42
C VAL C 91 -15.19 -23.73 21.21
N SER C 92 -14.45 -23.50 20.12
CA SER C 92 -13.92 -22.18 19.80
C SER C 92 -14.87 -21.49 18.83
N MET C 93 -15.34 -20.31 19.22
CA MET C 93 -16.38 -19.59 18.49
C MET C 93 -15.83 -18.29 17.94
N GLY C 94 -15.98 -18.09 16.64
CA GLY C 94 -15.64 -16.83 16.00
C GLY C 94 -14.18 -16.72 15.64
N SER C 95 -13.89 -15.74 14.79
CA SER C 95 -12.52 -15.55 14.30
C SER C 95 -11.58 -15.15 15.43
N CYS C 96 -12.04 -14.32 16.36
CA CYS C 96 -11.18 -13.86 17.45
C CYS C 96 -10.68 -15.04 18.29
N ALA C 97 -11.56 -15.96 18.64
CA ALA C 97 -11.16 -17.12 19.41
C ALA C 97 -10.45 -18.16 18.55
N ASN C 98 -10.77 -18.22 17.26
CA ASN C 98 -10.14 -19.22 16.38
C ASN C 98 -8.68 -18.90 16.14
N GLY C 99 -8.39 -17.71 15.62
CA GLY C 99 -7.03 -17.36 15.29
C GLY C 99 -6.65 -15.92 15.52
N GLY C 100 -7.40 -15.21 16.35
CA GLY C 100 -7.13 -13.81 16.59
C GLY C 100 -8.06 -12.91 15.79
N GLY C 101 -8.32 -13.28 14.55
CA GLY C 101 -9.31 -12.58 13.76
C GLY C 101 -8.87 -11.16 13.41
N TYR C 102 -9.79 -10.23 13.63
CA TYR C 102 -9.57 -8.82 13.30
C TYR C 102 -8.48 -8.18 14.14
N TYR C 103 -8.13 -8.78 15.27
CA TYR C 103 -7.10 -8.28 16.16
C TYR C 103 -5.92 -9.24 16.24
N HIS C 104 -5.63 -9.91 15.13
CA HIS C 104 -4.59 -10.94 15.10
C HIS C 104 -3.22 -10.34 15.36
N TYR C 105 -2.96 -9.14 14.85
CA TYR C 105 -1.64 -8.53 14.94
C TYR C 105 -1.51 -7.59 16.14
N SER C 106 -2.50 -7.54 17.01
CA SER C 106 -2.42 -6.64 18.16
C SER C 106 -1.43 -7.16 19.19
N TYR C 107 -0.93 -6.24 20.01
CA TYR C 107 0.06 -6.54 21.05
C TYR C 107 -0.55 -7.20 22.28
N SER C 108 -1.88 -7.24 22.39
CA SER C 108 -2.54 -7.67 23.62
C SER C 108 -3.54 -8.80 23.39
N VAL C 109 -3.49 -9.47 22.24
CA VAL C 109 -4.48 -10.48 21.89
C VAL C 109 -3.77 -11.80 21.62
N VAL C 110 -4.24 -12.86 22.28
CA VAL C 110 -3.73 -14.20 21.99
C VAL C 110 -4.25 -14.64 20.63
N ARG C 111 -3.34 -15.10 19.77
CA ARG C 111 -3.71 -15.52 18.42
C ARG C 111 -4.27 -16.94 18.47
N GLY C 112 -5.53 -17.03 18.91
CA GLY C 112 -6.21 -18.29 19.00
C GLY C 112 -6.21 -18.87 20.40
N CYS C 113 -7.38 -19.35 20.85
CA CYS C 113 -7.47 -19.96 22.17
C CYS C 113 -6.81 -21.34 22.23
N ASP C 114 -6.44 -21.91 21.09
CA ASP C 114 -5.76 -23.21 21.08
C ASP C 114 -4.34 -23.11 21.63
N ARG C 115 -3.79 -21.91 21.81
CA ARG C 115 -2.52 -21.77 22.49
C ARG C 115 -2.64 -21.94 24.00
N ILE C 116 -3.84 -21.78 24.55
CA ILE C 116 -4.06 -21.89 25.99
C ILE C 116 -4.76 -23.19 26.35
N VAL C 117 -5.78 -23.58 25.61
CA VAL C 117 -6.54 -24.79 25.90
C VAL C 117 -6.66 -25.64 24.65
N PRO C 118 -6.73 -26.96 24.77
CA PRO C 118 -7.03 -27.79 23.59
C PRO C 118 -8.47 -27.59 23.15
N VAL C 119 -8.69 -27.56 21.85
CA VAL C 119 -9.99 -27.23 21.27
C VAL C 119 -10.52 -28.43 20.51
N ASP C 120 -11.82 -28.71 20.70
CA ASP C 120 -12.48 -29.81 20.01
C ASP C 120 -13.12 -29.39 18.69
N ILE C 121 -13.88 -28.29 18.70
CA ILE C 121 -14.62 -27.83 17.53
C ILE C 121 -14.30 -26.36 17.29
N TYR C 122 -14.00 -26.02 16.04
CA TYR C 122 -13.78 -24.64 15.62
C TYR C 122 -14.98 -24.19 14.81
N VAL C 123 -15.67 -23.16 15.29
CA VAL C 123 -16.83 -22.60 14.60
C VAL C 123 -16.40 -21.30 13.94
N PRO C 124 -16.42 -21.19 12.62
CA PRO C 124 -16.01 -19.98 11.94
C PRO C 124 -17.12 -18.96 11.80
N GLY C 125 -16.71 -17.71 11.65
CA GLY C 125 -17.64 -16.60 11.53
C GLY C 125 -17.17 -15.40 12.31
N CYS C 126 -17.85 -14.29 12.10
CA CYS C 126 -17.55 -13.07 12.84
C CYS C 126 -18.76 -12.15 12.92
N PRO C 127 -19.75 -12.46 13.76
CA PRO C 127 -19.87 -13.65 14.60
C PRO C 127 -20.51 -14.79 13.83
N PRO C 128 -20.32 -16.04 14.24
CA PRO C 128 -21.14 -17.12 13.68
C PRO C 128 -22.61 -16.88 14.01
N THR C 129 -23.48 -17.23 13.07
CA THR C 129 -24.90 -17.15 13.35
C THR C 129 -25.27 -18.18 14.41
N ALA C 130 -26.41 -17.95 15.07
CA ALA C 130 -26.87 -18.92 16.06
C ALA C 130 -27.05 -20.30 15.45
N GLU C 131 -27.45 -20.36 14.17
CA GLU C 131 -27.50 -21.65 13.49
C GLU C 131 -26.11 -22.25 13.29
N ALA C 132 -25.10 -21.41 13.02
CA ALA C 132 -23.75 -21.93 12.86
C ALA C 132 -23.24 -22.54 14.16
N LEU C 133 -23.48 -21.88 15.30
CA LEU C 133 -23.04 -22.44 16.57
C LEU C 133 -23.87 -23.66 16.94
N LEU C 134 -25.15 -23.67 16.58
CA LEU C 134 -25.97 -24.86 16.79
C LEU C 134 -25.41 -26.05 15.99
N TYR C 135 -25.01 -25.81 14.75
CA TYR C 135 -24.39 -26.84 13.94
C TYR C 135 -23.07 -27.30 14.57
N GLY C 136 -22.30 -26.37 15.11
CA GLY C 136 -21.07 -26.75 15.79
C GLY C 136 -21.32 -27.61 17.01
N ILE C 137 -22.35 -27.29 17.79
CA ILE C 137 -22.69 -28.10 18.96
C ILE C 137 -23.15 -29.49 18.54
N LEU C 138 -23.93 -29.58 17.47
CA LEU C 138 -24.36 -30.90 16.98
C LEU C 138 -23.18 -31.69 16.46
N GLN C 139 -22.21 -31.03 15.82
CA GLN C 139 -20.98 -31.71 15.41
C GLN C 139 -20.20 -32.22 16.61
N LEU C 140 -20.15 -31.43 17.68
CA LEU C 140 -19.52 -31.89 18.92
C LEU C 140 -20.23 -33.10 19.49
N GLN C 141 -21.57 -33.11 19.41
CA GLN C 141 -22.33 -34.27 19.85
C GLN C 141 -21.98 -35.50 19.03
N ARG C 142 -21.85 -35.34 17.71
CA ARG C 142 -21.48 -36.46 16.86
C ARG C 142 -20.07 -36.96 17.21
N LYS C 143 -19.14 -36.04 17.45
CA LYS C 143 -17.79 -36.42 17.83
C LYS C 143 -17.78 -37.19 19.14
N ILE C 144 -18.58 -36.76 20.12
CA ILE C 144 -18.71 -37.49 21.37
C ILE C 144 -19.28 -38.88 21.11
N LYS C 145 -20.26 -38.97 20.20
CA LYS C 145 -20.84 -40.27 19.85
C LYS C 145 -19.80 -41.21 19.27
N ARG C 146 -18.85 -40.69 18.49
CA ARG C 146 -17.84 -41.55 17.88
C ARG C 146 -16.81 -42.08 18.86
N GLU C 147 -16.67 -41.50 20.05
CA GLU C 147 -15.55 -41.85 20.91
C GLU C 147 -15.74 -43.24 21.52
N LYS C 148 -14.63 -43.94 21.70
CA LYS C 148 -14.61 -45.35 22.14
C LYS C 148 -13.62 -45.52 23.28
N ARG C 149 -14.10 -45.36 24.51
CA ARG C 149 -13.23 -45.48 25.68
C ARG C 149 -13.18 -46.91 26.23
N LEU C 150 -14.34 -47.51 26.48
CA LEU C 150 -14.38 -48.85 27.06
C LEU C 150 -13.86 -49.91 26.11
N ARG C 151 -14.13 -49.76 24.80
CA ARG C 151 -13.56 -50.69 23.83
C ARG C 151 -12.04 -50.62 23.84
N ILE C 152 -11.48 -49.42 23.91
CA ILE C 152 -10.03 -49.27 23.92
C ILE C 152 -9.44 -49.81 25.22
N TRP C 153 -10.13 -49.59 26.34
CA TRP C 153 -9.68 -50.17 27.60
C TRP C 153 -9.68 -51.69 27.56
N TYR C 154 -10.71 -52.28 26.95
CA TYR C 154 -10.80 -53.74 26.90
C TYR C 154 -9.66 -54.33 26.07
N ARG C 155 -9.26 -53.64 25.01
CA ARG C 155 -8.13 -54.07 24.18
C ARG C 155 -6.82 -53.47 24.67
N ARG C 156 -6.54 -53.64 25.96
CA ARG C 156 -5.31 -53.13 26.55
C ARG C 156 -4.54 -54.24 27.24
N GLY D 1 20.51 26.08 34.16
CA GLY D 1 19.39 26.42 33.29
C GLY D 1 18.58 25.21 32.83
N THR D 2 18.28 25.17 31.54
CA THR D 2 17.54 24.14 30.81
C THR D 2 16.04 24.16 31.11
N SER D 3 15.58 24.98 32.06
CA SER D 3 14.16 25.16 32.33
C SER D 3 13.42 23.83 32.50
N VAL D 4 13.99 22.93 33.29
CA VAL D 4 13.42 21.61 33.55
C VAL D 4 12.83 21.61 34.95
N LYS D 5 11.74 20.87 35.12
CA LYS D 5 11.07 20.78 36.41
C LYS D 5 11.07 19.34 36.91
N PRO D 6 11.30 19.13 38.21
CA PRO D 6 11.39 17.77 38.74
C PRO D 6 10.03 17.14 38.94
N ILE D 7 10.04 15.82 39.09
CA ILE D 7 8.82 15.09 39.45
C ILE D 7 8.69 15.06 40.96
N PHE D 8 9.62 14.39 41.63
CA PHE D 8 9.64 14.31 43.08
C PHE D 8 10.94 14.83 43.69
N SER D 9 12.08 14.40 43.16
CA SER D 9 13.37 14.68 43.78
C SER D 9 14.04 15.86 43.10
N ARG D 10 14.58 16.78 43.92
CA ARG D 10 15.29 17.93 43.38
C ARG D 10 16.69 17.54 42.88
N ASP D 11 17.37 16.66 43.61
CA ASP D 11 18.74 16.30 43.29
C ASP D 11 18.89 14.80 43.19
N MET D 12 20.14 14.33 43.09
CA MET D 12 20.39 12.89 43.04
C MET D 12 20.15 12.24 44.40
N ASN D 13 20.48 12.93 45.49
CA ASN D 13 20.41 12.32 46.82
C ASN D 13 18.99 11.92 47.20
N GLU D 14 18.01 12.79 46.93
CA GLU D 14 16.63 12.45 47.22
C GLU D 14 16.18 11.25 46.40
N ALA D 15 16.61 11.18 45.14
CA ALA D 15 16.29 10.03 44.30
C ALA D 15 16.87 8.75 44.88
N LYS D 16 18.12 8.79 45.36
CA LYS D 16 18.71 7.62 45.98
C LYS D 16 17.96 7.22 47.24
N ARG D 17 17.51 8.21 48.02
CA ARG D 17 16.73 7.90 49.22
C ARG D 17 15.44 7.19 48.88
N ARG D 18 14.74 7.66 47.85
CA ARG D 18 13.52 6.99 47.42
C ARG D 18 13.80 5.60 46.87
N VAL D 19 14.93 5.43 46.17
CA VAL D 19 15.33 4.12 45.69
C VAL D 19 15.53 3.16 46.86
N ARG D 20 16.20 3.63 47.91
CA ARG D 20 16.45 2.77 49.07
C ARG D 20 15.15 2.43 49.79
N GLU D 21 14.21 3.37 49.85
CA GLU D 21 12.90 3.06 50.43
C GLU D 21 12.18 1.97 49.63
N LEU D 22 12.20 2.09 48.30
CA LEU D 22 11.56 1.07 47.46
C LEU D 22 12.24 -0.28 47.64
N TYR D 23 13.58 -0.28 47.74
CA TYR D 23 14.30 -1.53 47.94
C TYR D 23 13.92 -2.17 49.27
N ARG D 24 13.81 -1.38 50.33
CA ARG D 24 13.38 -1.92 51.61
C ARG D 24 11.99 -2.53 51.51
N ALA D 25 11.08 -1.84 50.83
CA ALA D 25 9.71 -2.35 50.71
C ALA D 25 9.68 -3.68 49.97
N TRP D 26 10.39 -3.78 48.84
CA TRP D 26 10.41 -5.03 48.08
C TRP D 26 11.07 -6.15 48.88
N TYR D 27 12.17 -5.85 49.56
CA TYR D 27 12.86 -6.84 50.38
C TYR D 27 11.94 -7.38 51.46
N ARG D 28 11.17 -6.49 52.10
CA ARG D 28 10.20 -6.93 53.10
C ARG D 28 9.11 -7.80 52.47
N GLU D 29 8.63 -7.41 51.29
CA GLU D 29 7.46 -8.08 50.72
C GLU D 29 7.78 -9.47 50.18
N VAL D 30 9.02 -9.72 49.75
CA VAL D 30 9.33 -10.99 49.06
C VAL D 30 8.84 -12.23 49.80
N PRO D 31 9.09 -12.43 51.11
CA PRO D 31 8.61 -13.65 51.76
C PRO D 31 7.09 -13.81 51.75
N ASN D 32 6.35 -12.73 51.97
CA ASN D 32 4.90 -12.79 51.92
C ASN D 32 4.42 -13.17 50.52
N THR D 33 5.09 -12.64 49.49
CA THR D 33 4.76 -13.01 48.12
C THR D 33 4.99 -14.50 47.89
N VAL D 34 6.11 -15.02 48.38
CA VAL D 34 6.43 -16.43 48.21
C VAL D 34 5.37 -17.30 48.88
N HIS D 35 4.92 -16.89 50.08
CA HIS D 35 3.90 -17.67 50.77
C HIS D 35 2.55 -17.58 50.08
N LEU D 36 2.10 -16.37 49.74
CA LEU D 36 0.76 -16.20 49.20
C LEU D 36 0.62 -16.81 47.81
N PHE D 37 1.61 -16.59 46.94
CA PHE D 37 1.52 -17.10 45.58
C PHE D 37 1.90 -18.56 45.47
N GLN D 38 2.31 -19.20 46.57
CA GLN D 38 2.69 -20.61 46.59
C GLN D 38 3.79 -20.90 45.56
N LEU D 39 4.76 -19.99 45.49
CA LEU D 39 5.86 -20.16 44.56
C LEU D 39 6.78 -21.28 45.02
N ASP D 40 7.45 -21.90 44.05
CA ASP D 40 8.39 -22.98 44.32
C ASP D 40 9.82 -22.49 44.48
N ILE D 41 10.03 -21.19 44.44
CA ILE D 41 11.35 -20.60 44.64
C ILE D 41 11.56 -20.35 46.13
N SER D 42 12.82 -20.18 46.52
CA SER D 42 13.13 -19.82 47.89
C SER D 42 13.08 -18.31 48.06
N VAL D 43 13.03 -17.87 49.33
CA VAL D 43 13.04 -16.44 49.62
C VAL D 43 14.33 -15.81 49.14
N LYS D 44 15.45 -16.52 49.25
CA LYS D 44 16.72 -16.00 48.77
C LYS D 44 16.68 -15.79 47.26
N GLN D 45 16.06 -16.71 46.52
CA GLN D 45 15.92 -16.54 45.08
C GLN D 45 15.12 -15.29 44.74
N GLY D 46 13.99 -15.08 45.42
CA GLY D 46 13.21 -13.89 45.17
C GLY D 46 13.96 -12.62 45.50
N ARG D 47 14.69 -12.62 46.61
CA ARG D 47 15.40 -11.41 47.02
C ARG D 47 16.56 -11.10 46.08
N ASP D 48 17.29 -12.11 45.63
CA ASP D 48 18.38 -11.81 44.70
C ASP D 48 17.84 -11.48 43.32
N LYS D 49 16.66 -11.98 42.96
CA LYS D 49 16.00 -11.51 41.74
C LYS D 49 15.62 -10.04 41.86
N VAL D 50 15.11 -9.63 43.02
CA VAL D 50 14.81 -8.22 43.24
C VAL D 50 16.09 -7.39 43.11
N ARG D 51 17.19 -7.85 43.70
CA ARG D 51 18.46 -7.15 43.58
C ARG D 51 18.90 -7.04 42.13
N GLU D 52 18.74 -8.12 41.36
CA GLU D 52 19.14 -8.09 39.95
C GLU D 52 18.29 -7.11 39.15
N MET D 53 16.98 -7.09 39.41
CA MET D 53 16.12 -6.13 38.70
C MET D 53 16.47 -4.70 39.07
N PHE D 54 16.84 -4.45 40.34
CA PHE D 54 17.29 -3.13 40.73
C PHE D 54 18.59 -2.74 40.03
N MET D 55 19.53 -3.68 39.94
CA MET D 55 20.82 -3.39 39.34
C MET D 55 20.78 -3.35 37.81
N LYS D 56 19.71 -3.85 37.21
CA LYS D 56 19.62 -3.86 35.75
C LYS D 56 19.71 -2.45 35.17
N ASN D 57 19.26 -1.44 35.91
CA ASN D 57 19.27 -0.05 35.46
C ASN D 57 19.98 0.84 36.47
N ALA D 58 21.13 0.38 36.96
CA ALA D 58 21.93 1.11 37.93
C ALA D 58 22.83 2.16 37.28
N HIS D 59 22.80 2.30 35.96
CA HIS D 59 23.62 3.26 35.25
C HIS D 59 22.92 4.60 35.07
N VAL D 60 21.70 4.76 35.56
CA VAL D 60 20.95 5.99 35.35
C VAL D 60 21.53 7.10 36.22
N THR D 61 21.79 8.25 35.61
CA THR D 61 22.31 9.42 36.31
C THR D 61 21.36 10.62 36.26
N ASP D 62 20.15 10.43 35.74
CA ASP D 62 19.17 11.50 35.65
C ASP D 62 18.16 11.36 36.78
N PRO D 63 18.04 12.34 37.68
CA PRO D 63 17.08 12.20 38.79
C PRO D 63 15.64 12.01 38.34
N ARG D 64 15.23 12.61 37.21
CA ARG D 64 13.86 12.44 36.75
C ARG D 64 13.60 11.01 36.30
N VAL D 65 14.55 10.41 35.57
CA VAL D 65 14.40 9.02 35.15
C VAL D 65 14.37 8.10 36.36
N VAL D 66 15.20 8.41 37.36
CA VAL D 66 15.21 7.61 38.59
C VAL D 66 13.86 7.71 39.29
N ASP D 67 13.29 8.91 39.36
CA ASP D 67 11.99 9.08 39.98
C ASP D 67 10.91 8.29 39.25
N LEU D 68 10.93 8.32 37.91
CA LEU D 68 9.94 7.56 37.16
C LEU D 68 10.12 6.06 37.36
N LEU D 69 11.37 5.60 37.42
CA LEU D 69 11.62 4.18 37.69
C LEU D 69 11.11 3.78 39.07
N VAL D 70 11.29 4.66 40.06
CA VAL D 70 10.79 4.37 41.40
C VAL D 70 9.26 4.33 41.40
N ILE D 71 8.62 5.21 40.62
CA ILE D 71 7.17 5.21 40.53
C ILE D 71 6.67 3.89 39.93
N LYS D 72 7.32 3.44 38.86
CA LYS D 72 6.94 2.15 38.27
C LYS D 72 7.19 1.00 39.23
N GLY D 73 8.29 1.07 40.00
CA GLY D 73 8.53 0.06 41.01
C GLY D 73 7.47 0.02 42.07
N LYS D 74 7.00 1.20 42.52
CA LYS D 74 5.88 1.25 43.45
C LYS D 74 4.63 0.66 42.85
N MET D 75 4.37 0.93 41.57
CA MET D 75 3.21 0.35 40.89
C MET D 75 3.28 -1.18 40.92
N GLU D 76 4.44 -1.73 40.58
CA GLU D 76 4.59 -3.18 40.58
C GLU D 76 4.47 -3.77 41.98
N LEU D 77 5.04 -3.08 42.97
CA LEU D 77 4.92 -3.55 44.35
C LEU D 77 3.48 -3.54 44.82
N GLU D 78 2.73 -2.49 44.48
CA GLU D 78 1.33 -2.43 44.88
C GLU D 78 0.52 -3.51 44.16
N GLU D 79 0.86 -3.80 42.90
CA GLU D 79 0.20 -4.90 42.20
C GLU D 79 0.47 -6.23 42.87
N THR D 80 1.70 -6.43 43.36
CA THR D 80 2.04 -7.71 43.97
C THR D 80 1.45 -7.85 45.36
N ILE D 81 1.39 -6.75 46.12
CA ILE D 81 0.85 -6.81 47.49
C ILE D 81 -0.63 -7.16 47.47
N ASN D 82 -1.39 -6.53 46.58
CA ASN D 82 -2.84 -6.70 46.53
C ASN D 82 -3.27 -7.96 45.81
N VAL D 83 -2.32 -8.79 45.38
CA VAL D 83 -2.58 -10.06 44.69
C VAL D 83 -3.36 -9.78 43.42
N TRP D 84 -3.14 -8.61 42.81
CA TRP D 84 -3.65 -8.37 41.47
C TRP D 84 -2.87 -9.18 40.45
N LYS D 85 -1.56 -9.30 40.64
CA LYS D 85 -0.76 -10.22 39.85
C LYS D 85 -1.13 -11.66 40.18
N GLN D 86 -0.90 -12.55 39.23
CA GLN D 86 -1.07 -13.98 39.44
C GLN D 86 0.30 -14.64 39.50
N ARG D 87 0.29 -15.98 39.60
CA ARG D 87 1.56 -16.71 39.66
C ARG D 87 2.34 -16.55 38.36
N THR D 88 1.65 -16.53 37.23
CA THR D 88 2.33 -16.35 35.95
C THR D 88 3.02 -14.99 35.86
N HIS D 89 2.36 -13.94 36.34
CA HIS D 89 2.96 -12.61 36.28
C HIS D 89 4.21 -12.54 37.15
N ILE D 90 4.19 -13.19 38.31
CA ILE D 90 5.36 -13.19 39.18
C ILE D 90 6.49 -13.99 38.56
N MET D 91 6.18 -15.18 38.03
CA MET D 91 7.21 -16.02 37.43
C MET D 91 7.70 -15.50 36.09
N ARG D 92 7.04 -14.50 35.50
CA ARG D 92 7.56 -13.92 34.27
C ARG D 92 8.87 -13.18 34.46
N PHE D 93 9.28 -12.92 35.71
CA PHE D 93 10.57 -12.32 35.99
C PHE D 93 11.73 -13.30 35.86
N PHE D 94 11.45 -14.60 35.79
CA PHE D 94 12.50 -15.61 35.85
C PHE D 94 12.80 -16.28 34.51
N HIS D 95 11.90 -16.17 33.53
CA HIS D 95 12.11 -16.74 32.19
C HIS D 95 12.48 -18.22 32.27
N GLU D 96 11.57 -19.00 32.83
CA GLU D 96 11.85 -20.41 33.11
C GLU D 96 11.67 -21.32 31.90
N THR D 97 11.04 -20.83 30.83
CA THR D 97 10.74 -21.65 29.66
C THR D 97 11.47 -21.16 28.42
N GLU D 98 12.53 -20.38 28.61
CA GLU D 98 13.26 -19.78 27.49
C GLU D 98 14.66 -20.39 27.42
N ALA D 99 15.04 -20.83 26.23
CA ALA D 99 16.37 -21.39 26.05
C ALA D 99 17.42 -20.28 26.15
N PRO D 100 18.55 -20.54 26.81
CA PRO D 100 19.56 -19.49 26.97
C PRO D 100 20.24 -19.14 25.66
N ARG D 101 20.02 -17.92 25.18
CA ARG D 101 20.65 -17.48 23.95
C ARG D 101 22.16 -17.35 24.14
N PRO D 102 22.98 -17.88 23.24
CA PRO D 102 24.43 -17.74 23.38
C PRO D 102 24.87 -16.31 23.16
N THR D 103 26.00 -15.96 23.79
CA THR D 103 26.52 -14.60 23.71
C THR D 103 27.83 -14.48 22.96
N ASP D 104 28.49 -15.59 22.65
CA ASP D 104 29.76 -15.54 21.94
C ASP D 104 29.54 -15.47 20.43
N PHE D 105 30.62 -15.15 19.70
CA PHE D 105 30.51 -14.96 18.26
C PHE D 105 30.27 -16.28 17.54
N LEU D 106 30.97 -17.34 17.94
CA LEU D 106 30.94 -18.58 17.18
C LEU D 106 29.56 -19.23 17.21
N SER D 107 28.94 -19.27 18.39
CA SER D 107 27.62 -19.88 18.49
C SER D 107 26.58 -19.08 17.71
N LYS D 108 26.65 -17.75 17.78
CA LYS D 108 25.73 -16.91 17.02
C LYS D 108 25.94 -17.12 15.52
N PHE D 109 27.19 -17.27 15.09
CA PHE D 109 27.46 -17.56 13.68
C PHE D 109 26.86 -18.90 13.28
N TYR D 110 26.98 -19.90 14.15
CA TYR D 110 26.43 -21.21 13.86
C TYR D 110 24.91 -21.17 13.76
N VAL D 111 24.26 -20.38 14.62
CA VAL D 111 22.81 -20.45 14.75
C VAL D 111 22.11 -19.77 13.59
N GLY D 112 22.46 -18.53 13.28
CA GLY D 112 21.74 -17.82 12.25
C GLY D 112 22.42 -16.52 11.87
N HIS D 113 21.70 -15.70 11.11
CA HIS D 113 22.20 -14.44 10.59
C HIS D 113 22.06 -13.29 11.58
N ASP D 114 21.39 -13.50 12.70
CA ASP D 114 21.18 -12.43 13.66
C ASP D 114 22.43 -12.23 14.49
N PRO D 115 23.00 -11.01 14.52
CA PRO D 115 24.23 -10.72 15.28
C PRO D 115 24.02 -10.83 16.79
N LEU E 1 61.06 -7.99 12.83
CA LEU E 1 62.28 -7.72 12.10
C LEU E 1 61.97 -7.35 10.64
N GLY E 2 61.16 -8.18 10.00
CA GLY E 2 60.83 -7.99 8.61
C GLY E 2 59.62 -7.11 8.38
N LEU E 3 59.86 -5.88 7.92
CA LEU E 3 58.77 -4.99 7.55
C LEU E 3 58.08 -5.51 6.30
N ARG E 4 56.77 -5.26 6.20
CA ARG E 4 55.98 -5.70 5.06
C ARG E 4 55.34 -4.56 4.30
N GLU E 5 54.86 -3.53 4.99
CA GLU E 5 54.21 -2.41 4.32
C GLU E 5 54.30 -1.17 5.19
N ILE E 6 54.14 -0.02 4.55
CA ILE E 6 54.08 1.27 5.22
C ILE E 6 52.80 1.96 4.75
N ARG E 7 52.07 2.58 5.68
CA ARG E 7 50.85 3.30 5.35
C ARG E 7 50.95 4.70 5.93
N ILE E 8 50.83 5.72 5.07
CA ILE E 8 50.91 7.11 5.48
C ILE E 8 49.56 7.75 5.22
N HIS E 9 48.89 8.19 6.27
CA HIS E 9 47.59 8.85 6.18
C HIS E 9 47.77 10.34 6.40
N LEU E 10 47.50 11.13 5.37
CA LEU E 10 47.66 12.57 5.47
C LEU E 10 46.40 13.27 4.98
N CYS E 11 46.01 14.31 5.70
CA CYS E 11 44.88 15.14 5.31
C CYS E 11 45.35 16.24 4.37
N GLN E 12 44.57 16.51 3.33
CA GLN E 12 45.03 17.35 2.23
C GLN E 12 44.72 18.84 2.41
N ARG E 13 44.06 19.23 3.49
CA ARG E 13 43.81 20.65 3.74
C ARG E 13 44.16 21.11 5.14
N SER E 14 44.24 20.22 6.12
CA SER E 14 44.55 20.64 7.48
C SER E 14 45.99 21.15 7.55
N PRO E 15 46.29 22.06 8.48
CA PRO E 15 47.66 22.57 8.56
C PRO E 15 48.63 21.59 9.19
N GLY E 16 48.18 20.78 10.14
CA GLY E 16 49.04 19.82 10.81
C GLY E 16 49.64 18.78 9.88
N SER E 17 49.07 18.57 8.71
CA SER E 17 49.61 17.63 7.73
C SER E 17 50.57 18.29 6.75
N GLN E 18 50.74 19.62 6.85
CA GLN E 18 51.50 20.35 5.83
C GLN E 18 52.86 19.74 5.60
N GLY E 19 53.64 19.56 6.67
CA GLY E 19 54.95 18.94 6.52
C GLY E 19 54.89 17.62 5.81
N VAL E 20 53.97 16.75 6.23
CA VAL E 20 53.81 15.46 5.56
C VAL E 20 53.56 15.67 4.07
N ARG E 21 52.64 16.60 3.75
CA ARG E 21 52.38 16.91 2.34
C ARG E 21 53.68 17.25 1.63
N ASP E 22 54.46 18.16 2.21
CA ASP E 22 55.73 18.55 1.58
C ASP E 22 56.60 17.34 1.35
N PHE E 23 56.67 16.44 2.34
CA PHE E 23 57.46 15.23 2.17
C PHE E 23 57.05 14.50 0.90
N ILE E 24 55.76 14.23 0.76
CA ILE E 24 55.28 13.47 -0.40
C ILE E 24 55.54 14.25 -1.68
N GLU E 25 55.51 15.58 -1.59
CA GLU E 25 55.75 16.38 -2.79
C GLU E 25 57.20 16.32 -3.22
N LYS E 26 58.14 16.16 -2.27
CA LYS E 26 59.55 16.34 -2.58
C LYS E 26 60.36 15.04 -2.52
N ARG E 27 60.31 14.32 -1.41
CA ARG E 27 61.22 13.21 -1.16
C ARG E 27 60.53 11.85 -1.18
N TYR E 28 59.36 11.75 -1.81
CA TYR E 28 58.72 10.46 -1.94
C TYR E 28 59.30 9.62 -3.07
N VAL E 29 59.42 10.22 -4.26
CA VAL E 29 59.86 9.46 -5.43
C VAL E 29 61.22 8.82 -5.17
N GLU E 30 62.16 9.58 -4.63
CA GLU E 30 63.47 9.03 -4.30
C GLU E 30 63.33 7.81 -3.41
N LEU E 31 62.50 7.90 -2.37
CA LEU E 31 62.28 6.77 -1.48
C LEU E 31 61.76 5.58 -2.26
N LYS E 32 60.84 5.80 -3.19
CA LYS E 32 60.28 4.69 -3.95
C LYS E 32 61.34 4.05 -4.83
N LYS E 33 62.35 4.82 -5.24
CA LYS E 33 63.44 4.23 -6.01
C LYS E 33 64.51 3.61 -5.11
N ALA E 34 64.43 3.82 -3.80
CA ALA E 34 65.34 3.14 -2.89
C ALA E 34 64.71 1.88 -2.31
N ASN E 35 63.40 1.74 -2.40
CA ASN E 35 62.67 0.56 -1.93
C ASN E 35 61.68 0.15 -3.03
N PRO E 36 62.16 -0.47 -4.10
CA PRO E 36 61.27 -0.80 -5.23
C PRO E 36 60.28 -1.90 -4.93
N ASP E 37 60.43 -2.64 -3.83
CA ASP E 37 59.54 -3.75 -3.51
C ASP E 37 58.77 -3.54 -2.22
N LEU E 38 58.78 -2.33 -1.66
CA LEU E 38 58.11 -2.05 -0.40
C LEU E 38 56.83 -1.29 -0.66
N PRO E 39 55.66 -1.84 -0.36
CA PRO E 39 54.42 -1.09 -0.54
C PRO E 39 54.31 0.08 0.43
N ILE E 40 54.39 1.30 -0.09
CA ILE E 40 54.22 2.50 0.73
C ILE E 40 52.93 3.19 0.32
N LEU E 41 51.83 2.81 0.95
CA LEU E 41 50.52 3.32 0.58
C LEU E 41 50.35 4.74 1.11
N ILE E 42 49.78 5.61 0.29
CA ILE E 42 49.52 7.00 0.63
C ILE E 42 48.02 7.20 0.60
N ARG E 43 47.41 7.44 1.76
CA ARG E 43 45.96 7.58 1.85
C ARG E 43 45.61 8.86 2.59
N GLU E 44 44.32 9.17 2.64
CA GLU E 44 43.83 10.47 3.06
C GLU E 44 43.03 10.33 4.34
N CYS E 45 43.23 11.24 5.29
CA CYS E 45 42.53 11.22 6.56
C CYS E 45 41.43 12.26 6.60
N SER E 46 40.44 12.01 7.45
CA SER E 46 39.56 13.08 7.88
C SER E 46 40.30 13.98 8.86
N ASP E 47 39.72 15.13 9.16
CA ASP E 47 40.45 16.26 9.74
C ASP E 47 41.11 15.94 11.09
N VAL E 48 40.96 14.71 11.57
CA VAL E 48 41.41 14.34 12.91
C VAL E 48 42.92 14.53 13.10
N GLN E 49 43.75 13.78 12.35
CA GLN E 49 45.19 13.74 12.60
C GLN E 49 45.94 12.97 11.52
N PRO E 50 47.16 13.38 11.17
CA PRO E 50 48.00 12.57 10.28
C PRO E 50 48.72 11.48 11.04
N LYS E 51 48.95 10.36 10.36
CA LYS E 51 49.50 9.20 11.03
C LYS E 51 50.29 8.35 10.04
N LEU E 52 51.19 7.54 10.59
CA LEU E 52 52.02 6.62 9.81
C LEU E 52 51.89 5.23 10.41
N TRP E 53 51.46 4.27 9.61
CA TRP E 53 51.35 2.88 10.04
C TRP E 53 52.47 2.05 9.44
N ALA E 54 52.96 1.09 10.21
CA ALA E 54 53.99 0.17 9.74
C ALA E 54 53.61 -1.23 10.16
N ARG E 55 53.55 -2.15 9.19
CA ARG E 55 53.14 -3.52 9.43
C ARG E 55 54.37 -4.43 9.34
N TYR E 56 54.55 -5.29 10.32
CA TYR E 56 55.63 -6.25 10.34
C TYR E 56 55.10 -7.65 10.06
N ALA E 57 55.96 -8.64 10.18
CA ALA E 57 55.59 -10.02 9.90
C ALA E 57 54.54 -10.51 10.89
N PHE E 58 53.73 -11.46 10.43
CA PHE E 58 52.70 -12.11 11.24
C PHE E 58 51.63 -11.13 11.73
N GLY E 59 51.43 -10.03 11.02
CA GLY E 59 50.32 -9.14 11.29
C GLY E 59 50.55 -8.11 12.38
N GLN E 60 51.69 -8.14 13.06
CA GLN E 60 51.99 -7.12 14.05
C GLN E 60 52.26 -5.78 13.35
N GLU E 61 51.64 -4.72 13.86
CA GLU E 61 51.77 -3.42 13.23
C GLU E 61 51.66 -2.33 14.27
N LYS E 62 52.41 -1.25 14.07
CA LYS E 62 52.47 -0.14 15.01
C LYS E 62 52.31 1.18 14.29
N ASN E 63 51.83 2.18 15.01
CA ASN E 63 51.44 3.46 14.44
C ASN E 63 52.10 4.62 15.16
N VAL E 64 52.36 5.69 14.41
CA VAL E 64 53.05 6.87 14.91
C VAL E 64 52.29 8.11 14.46
N SER E 65 52.03 9.02 15.40
CA SER E 65 51.37 10.27 15.06
C SER E 65 52.36 11.23 14.42
N LEU E 66 51.92 11.89 13.34
CA LEU E 66 52.76 12.84 12.60
C LEU E 66 52.17 14.24 12.65
N ASN E 67 51.46 14.58 13.72
CA ASN E 67 50.83 15.88 13.82
C ASN E 67 51.89 16.98 13.92
N ASN E 68 51.71 18.03 13.12
CA ASN E 68 52.56 19.22 13.14
C ASN E 68 54.03 18.90 12.87
N PHE E 69 54.32 17.78 12.21
CA PHE E 69 55.70 17.45 11.89
C PHE E 69 56.19 18.24 10.69
N SER E 70 57.50 18.44 10.65
CA SER E 70 58.17 19.02 9.48
C SER E 70 58.56 17.91 8.52
N ALA E 71 58.94 18.31 7.29
CA ALA E 71 59.35 17.33 6.31
C ALA E 71 60.59 16.58 6.76
N ASP E 72 61.54 17.27 7.37
CA ASP E 72 62.72 16.61 7.92
C ASP E 72 62.33 15.64 9.03
N GLN E 73 61.39 16.05 9.89
CA GLN E 73 60.91 15.14 10.93
C GLN E 73 60.25 13.91 10.31
N VAL E 74 59.42 14.10 9.29
CA VAL E 74 58.74 12.97 8.67
C VAL E 74 59.75 11.99 8.09
N THR E 75 60.72 12.51 7.34
CA THR E 75 61.69 11.61 6.72
C THR E 75 62.59 10.96 7.77
N ARG E 76 62.85 11.65 8.89
CA ARG E 76 63.67 11.08 9.95
C ARG E 76 62.96 9.90 10.60
N THR E 77 61.71 10.09 11.03
CA THR E 77 60.99 8.97 11.62
C THR E 77 60.75 7.85 10.61
N LEU E 78 60.57 8.19 9.34
CA LEU E 78 60.37 7.15 8.34
C LEU E 78 61.63 6.29 8.16
N GLU E 79 62.79 6.93 7.98
CA GLU E 79 64.02 6.16 7.89
C GLU E 79 64.35 5.43 9.17
N ASN E 80 63.90 5.95 10.32
CA ASN E 80 64.03 5.19 11.56
C ASN E 80 63.18 3.93 11.51
N VAL E 81 61.97 4.03 10.95
CA VAL E 81 61.09 2.86 10.84
C VAL E 81 61.70 1.82 9.90
N LEU E 82 62.20 2.26 8.74
CA LEU E 82 62.81 1.32 7.81
C LEU E 82 64.07 0.68 8.40
N SER E 83 64.90 1.47 9.06
CA SER E 83 66.11 0.94 9.68
C SER E 83 65.75 0.19 10.96
N GLY E 84 66.71 -0.60 11.44
CA GLY E 84 66.52 -1.36 12.65
C GLY E 84 66.68 -0.55 13.92
N LYS E 85 66.04 0.62 13.97
CA LYS E 85 66.12 1.51 15.12
C LYS E 85 64.72 1.94 15.52
N ALA E 86 64.53 2.17 16.82
CA ALA E 86 63.25 2.58 17.39
C ALA E 86 62.12 1.62 17.01
N SER F 1 8.59 -10.80 85.44
CA SER F 1 9.63 -9.80 85.25
C SER F 1 9.83 -9.51 83.77
N ASP F 2 10.21 -8.27 83.46
CA ASP F 2 10.44 -7.85 82.10
C ASP F 2 11.89 -8.14 81.69
N ALA F 3 12.32 -7.58 80.57
CA ALA F 3 13.66 -7.83 80.07
C ALA F 3 14.71 -7.29 81.06
N PRO F 4 15.85 -7.96 81.16
CA PRO F 4 16.91 -7.51 82.08
C PRO F 4 17.46 -6.15 81.65
N PRO F 5 18.24 -5.50 82.51
CA PRO F 5 18.81 -4.20 82.13
C PRO F 5 19.86 -4.35 81.05
N LEU F 6 19.39 -4.41 79.80
CA LEU F 6 20.25 -4.62 78.64
C LEU F 6 21.43 -3.65 78.64
N THR F 7 22.63 -4.18 78.45
CA THR F 7 23.87 -3.43 78.54
C THR F 7 24.52 -3.33 77.16
N LEU F 8 25.65 -2.62 77.12
CA LEU F 8 26.39 -2.46 75.86
C LEU F 8 26.97 -3.77 75.38
N GLU F 9 27.37 -4.65 76.30
CA GLU F 9 27.98 -5.92 75.89
C GLU F 9 26.99 -6.80 75.14
N ALA F 10 25.75 -6.85 75.60
CA ALA F 10 24.73 -7.63 74.89
C ALA F 10 24.47 -7.04 73.50
N ILE F 11 24.39 -5.72 73.41
CA ILE F 11 24.22 -5.06 72.11
C ILE F 11 25.35 -5.46 71.17
N LYS F 12 26.59 -5.35 71.65
CA LYS F 12 27.75 -5.68 70.82
C LYS F 12 27.71 -7.14 70.38
N ASP F 13 27.45 -8.05 71.32
CA ASP F 13 27.48 -9.47 70.99
C ASP F 13 26.41 -9.83 69.97
N ARG F 14 25.19 -9.30 70.17
CA ARG F 14 24.11 -9.64 69.23
C ARG F 14 24.34 -8.99 67.88
N VAL F 15 24.89 -7.77 67.83
CA VAL F 15 25.18 -7.12 66.56
C VAL F 15 26.23 -7.90 65.78
N LEU F 16 27.32 -8.29 66.44
CA LEU F 16 28.33 -9.08 65.75
C LEU F 16 27.80 -10.44 65.32
N TYR F 17 26.96 -11.08 66.14
CA TYR F 17 26.39 -12.37 65.76
C TYR F 17 25.53 -12.24 64.50
N VAL F 18 24.64 -11.24 64.47
CA VAL F 18 23.73 -11.11 63.33
C VAL F 18 24.47 -10.54 62.12
N LEU F 19 25.63 -9.91 62.32
CA LEU F 19 26.45 -9.51 61.19
C LEU F 19 27.21 -10.69 60.60
N LYS F 20 27.83 -11.51 61.45
CA LYS F 20 28.54 -12.68 60.94
C LYS F 20 27.58 -13.73 60.38
N LEU F 21 26.30 -13.65 60.72
CA LEU F 21 25.31 -14.49 60.04
C LEU F 21 25.03 -14.02 58.62
N TYR F 22 25.39 -12.79 58.27
CA TYR F 22 25.19 -12.30 56.91
C TYR F 22 26.09 -13.05 55.95
N ASP F 23 25.57 -13.34 54.75
CA ASP F 23 26.27 -14.20 53.81
C ASP F 23 27.54 -13.54 53.27
N LYS F 24 27.45 -12.29 52.83
CA LYS F 24 28.53 -11.63 52.13
C LYS F 24 29.61 -11.09 53.06
N ILE F 25 29.65 -11.55 54.31
CA ILE F 25 30.65 -11.12 55.28
C ILE F 25 31.37 -12.35 55.81
N ASP F 26 32.68 -12.38 55.65
CA ASP F 26 33.47 -13.47 56.23
C ASP F 26 33.63 -13.25 57.73
N PRO F 27 33.31 -14.24 58.55
CA PRO F 27 33.24 -14.03 60.01
C PRO F 27 34.56 -13.63 60.65
N GLU F 28 35.61 -14.41 60.40
CA GLU F 28 36.88 -14.19 61.08
C GLU F 28 37.51 -12.84 60.74
N LYS F 29 37.26 -12.31 59.54
CA LYS F 29 37.83 -11.03 59.13
C LYS F 29 37.01 -9.83 59.60
N LEU F 30 35.74 -10.04 59.94
CA LEU F 30 34.92 -8.95 60.45
C LEU F 30 35.33 -8.58 61.87
N SER F 31 35.44 -7.28 62.14
CA SER F 31 35.70 -6.77 63.47
C SER F 31 34.70 -5.67 63.80
N VAL F 32 34.80 -5.16 65.03
CA VAL F 32 33.85 -4.14 65.49
C VAL F 32 34.02 -2.86 64.70
N ASN F 33 35.26 -2.52 64.34
CA ASN F 33 35.55 -1.28 63.65
C ASN F 33 35.70 -1.47 62.14
N SER F 34 35.36 -2.64 61.62
CA SER F 34 35.40 -2.87 60.18
C SER F 34 34.38 -1.99 59.47
N HIS F 35 34.73 -1.53 58.28
CA HIS F 35 33.88 -0.64 57.49
C HIS F 35 33.27 -1.44 56.34
N PHE F 36 31.94 -1.34 56.19
CA PHE F 36 31.27 -2.09 55.13
C PHE F 36 31.75 -1.68 53.76
N MET F 37 31.86 -0.37 53.50
CA MET F 37 32.25 0.10 52.19
C MET F 37 33.71 -0.25 51.87
N LYS F 38 34.62 0.01 52.79
CA LYS F 38 36.05 -0.15 52.52
C LYS F 38 36.57 -1.52 52.94
N ASP F 39 36.46 -1.87 54.22
CA ASP F 39 37.06 -3.10 54.73
C ASP F 39 36.35 -4.32 54.17
N LEU F 40 35.02 -4.27 54.06
CA LEU F 40 34.26 -5.44 53.65
C LEU F 40 33.93 -5.39 52.15
N GLY F 41 33.80 -4.19 51.59
CA GLY F 41 33.59 -4.04 50.16
C GLY F 41 32.15 -4.13 49.70
N LEU F 42 31.19 -4.22 50.61
CA LEU F 42 29.79 -4.22 50.24
C LEU F 42 29.41 -2.86 49.64
N ASP F 43 28.41 -2.85 48.77
CA ASP F 43 27.88 -1.56 48.35
C ASP F 43 26.62 -1.23 49.14
N SER F 44 25.94 -0.17 48.70
CA SER F 44 24.88 0.43 49.52
C SER F 44 23.74 -0.55 49.80
N LEU F 45 23.40 -1.40 48.83
CA LEU F 45 22.25 -2.28 49.00
C LEU F 45 22.49 -3.33 50.08
N ASP F 46 23.72 -3.84 50.17
CA ASP F 46 24.03 -4.75 51.28
C ASP F 46 23.93 -4.03 52.61
N GLN F 47 24.32 -2.76 52.66
CA GLN F 47 24.17 -1.99 53.89
C GLN F 47 22.70 -1.84 54.25
N VAL F 48 21.84 -1.65 53.26
CA VAL F 48 20.40 -1.59 53.51
C VAL F 48 19.90 -2.92 54.07
N GLU F 49 20.35 -4.04 53.49
CA GLU F 49 19.97 -5.34 54.03
C GLU F 49 20.46 -5.51 55.46
N ILE F 50 21.67 -5.02 55.76
CA ILE F 50 22.21 -5.14 57.10
C ILE F 50 21.38 -4.34 58.10
N ILE F 51 20.97 -3.12 57.72
CA ILE F 51 20.15 -2.32 58.63
C ILE F 51 18.77 -2.95 58.81
N MET F 52 18.23 -3.56 57.75
CA MET F 52 16.96 -4.25 57.90
C MET F 52 17.08 -5.44 58.83
N ALA F 53 18.19 -6.18 58.75
CA ALA F 53 18.44 -7.25 59.71
C ALA F 53 18.61 -6.71 61.13
N MET F 54 19.27 -5.56 61.25
CA MET F 54 19.41 -4.90 62.55
C MET F 54 18.05 -4.64 63.17
N GLU F 55 17.15 -4.02 62.40
CA GLU F 55 15.85 -3.66 62.92
C GLU F 55 14.95 -4.87 63.11
N ASP F 56 15.21 -5.97 62.39
CA ASP F 56 14.53 -7.22 62.68
C ASP F 56 14.98 -7.78 64.02
N GLU F 57 16.29 -7.81 64.26
CA GLU F 57 16.81 -8.40 65.49
C GLU F 57 16.39 -7.59 66.72
N PHE F 58 16.44 -6.26 66.63
CA PHE F 58 16.22 -5.40 67.79
C PHE F 58 14.79 -4.91 67.92
N GLY F 59 13.87 -5.34 67.05
CA GLY F 59 12.46 -5.07 67.25
C GLY F 59 12.06 -3.61 67.23
N PHE F 60 12.88 -2.76 66.62
CA PHE F 60 12.55 -1.35 66.52
C PHE F 60 13.03 -0.85 65.15
N GLU F 61 12.37 0.20 64.67
CA GLU F 61 12.56 0.67 63.31
C GLU F 61 13.57 1.81 63.27
N ILE F 62 14.56 1.68 62.39
CA ILE F 62 15.52 2.75 62.10
C ILE F 62 15.07 3.43 60.81
N PRO F 63 14.74 4.72 60.83
CA PRO F 63 14.22 5.36 59.62
C PRO F 63 15.30 5.81 58.65
N ASP F 64 14.87 6.12 57.44
CA ASP F 64 15.79 6.65 56.43
C ASP F 64 16.17 8.09 56.78
N ILE F 65 17.47 8.36 56.70
CA ILE F 65 18.27 9.44 57.33
C ILE F 65 18.71 8.84 58.66
N ASP F 66 19.97 9.10 59.05
CA ASP F 66 20.65 8.57 60.22
C ASP F 66 20.68 7.05 60.22
N ALA F 67 20.29 6.44 59.09
CA ALA F 67 20.52 5.01 58.91
C ALA F 67 21.61 4.75 57.88
N GLU F 68 21.84 5.73 56.99
CA GLU F 68 22.87 5.56 55.98
C GLU F 68 24.26 5.76 56.56
N LYS F 69 24.38 6.58 57.60
CA LYS F 69 25.71 6.89 58.15
C LYS F 69 26.15 5.84 59.17
N LEU F 70 25.31 4.86 59.46
CA LEU F 70 25.73 3.74 60.31
C LEU F 70 26.67 2.84 59.51
N MET F 71 27.93 3.25 59.39
CA MET F 71 28.84 2.68 58.42
C MET F 71 29.77 1.61 58.98
N CYS F 72 29.59 1.23 60.24
CA CYS F 72 30.40 0.18 60.85
C CYS F 72 29.62 -0.37 62.04
N PRO F 73 29.99 -1.56 62.52
CA PRO F 73 29.30 -2.09 63.71
C PRO F 73 29.39 -1.17 64.92
N GLN F 74 30.49 -0.43 65.08
CA GLN F 74 30.60 0.46 66.22
C GLN F 74 29.59 1.59 66.17
N GLU F 75 29.40 2.21 65.00
CA GLU F 75 28.36 3.23 64.88
C GLU F 75 26.98 2.63 65.10
N ILE F 76 26.78 1.38 64.68
CA ILE F 76 25.50 0.72 64.90
C ILE F 76 25.22 0.59 66.39
N VAL F 77 26.19 0.05 67.14
CA VAL F 77 25.97 -0.17 68.57
C VAL F 77 25.85 1.17 69.29
N ASP F 78 26.57 2.19 68.84
CA ASP F 78 26.40 3.52 69.42
C ASP F 78 24.99 4.05 69.19
N TYR F 79 24.48 3.92 67.96
CA TYR F 79 23.13 4.38 67.66
C TYR F 79 22.09 3.66 68.51
N ILE F 80 22.23 2.36 68.65
CA ILE F 80 21.22 1.59 69.39
C ILE F 80 21.35 1.85 70.90
N ALA F 81 22.56 2.07 71.39
CA ALA F 81 22.72 2.47 72.78
C ALA F 81 22.05 3.82 73.04
N ASP F 82 22.20 4.76 72.10
CA ASP F 82 21.53 6.05 72.24
C ASP F 82 20.02 5.90 72.16
N LYS F 83 19.53 5.04 71.27
CA LYS F 83 18.08 4.91 71.06
C LYS F 83 17.41 4.23 72.25
N LYS F 84 18.00 3.13 72.75
CA LYS F 84 17.41 2.42 73.86
C LYS F 84 17.72 3.06 75.21
N ASP F 85 18.59 4.07 75.24
CA ASP F 85 18.94 4.80 76.46
C ASP F 85 19.46 3.86 77.54
N VAL F 86 20.53 3.15 77.21
CA VAL F 86 21.18 2.23 78.14
C VAL F 86 22.41 2.91 78.72
N TYR F 87 22.71 2.58 79.98
CA TYR F 87 23.76 3.27 80.72
C TYR F 87 25.14 2.68 80.46
N GLU F 88 25.32 1.40 80.76
CA GLU F 88 26.64 0.77 80.69
C GLU F 88 26.72 -0.24 79.55
N LEU G 1 -43.33 27.95 48.01
CA LEU G 1 -44.50 27.85 47.16
C LEU G 1 -44.33 26.74 46.13
N LYS G 2 -43.09 26.52 45.71
CA LYS G 2 -42.76 25.50 44.72
C LYS G 2 -42.04 24.35 45.40
N LYS G 3 -42.42 23.12 45.05
CA LYS G 3 -41.74 21.93 45.51
C LYS G 3 -40.97 21.30 44.35
N THR G 4 -40.13 20.31 44.68
CA THR G 4 -39.46 19.42 43.74
C THR G 4 -38.89 20.16 42.52
N THR G 5 -37.87 21.00 42.76
CA THR G 5 -37.22 21.78 41.72
C THR G 5 -36.94 20.99 40.45
N GLY G 6 -36.76 19.68 40.57
CA GLY G 6 -36.60 18.83 39.41
C GLY G 6 -35.28 18.08 39.38
N LEU G 7 -34.21 18.75 39.79
CA LEU G 7 -32.89 18.14 39.81
C LEU G 7 -32.63 17.47 41.15
N VAL G 8 -32.00 16.30 41.09
CA VAL G 8 -31.71 15.52 42.29
C VAL G 8 -30.53 16.15 43.02
N GLY G 9 -30.70 16.35 44.33
CA GLY G 9 -29.68 16.95 45.16
C GLY G 9 -29.74 18.46 45.23
N LEU G 10 -30.55 19.10 44.38
CA LEU G 10 -30.76 20.54 44.45
C LEU G 10 -31.98 20.80 45.32
N ALA G 11 -31.80 21.58 46.37
CA ALA G 11 -32.87 21.87 47.32
C ALA G 11 -33.56 23.18 46.96
N VAL G 12 -34.89 23.16 46.98
CA VAL G 12 -35.64 24.37 46.71
C VAL G 12 -35.32 25.41 47.77
N CYS G 13 -34.97 26.61 47.33
CA CYS G 13 -34.52 27.67 48.23
C CYS G 13 -35.67 28.63 48.51
N GLU G 14 -35.99 28.79 49.78
CA GLU G 14 -36.92 29.83 50.20
C GLU G 14 -36.15 31.14 50.39
N THR G 15 -36.84 32.25 50.13
CA THR G 15 -36.23 33.58 50.05
C THR G 15 -35.00 33.54 49.16
N PRO G 16 -35.15 33.38 47.85
CA PRO G 16 -33.98 33.30 46.97
C PRO G 16 -33.42 34.67 46.60
N HIS G 17 -34.27 35.70 46.66
CA HIS G 17 -33.82 37.04 46.31
C HIS G 17 -32.72 37.53 47.25
N GLU G 18 -32.92 37.33 48.56
CA GLU G 18 -31.92 37.76 49.53
C GLU G 18 -30.60 37.00 49.35
N ARG G 19 -30.68 35.69 49.13
CA ARG G 19 -29.48 34.89 48.90
C ARG G 19 -28.74 35.37 47.66
N LEU G 20 -29.47 35.63 46.58
CA LEU G 20 -28.84 36.11 45.35
C LEU G 20 -28.19 37.46 45.56
N LYS G 21 -28.85 38.37 46.26
CA LYS G 21 -28.26 39.68 46.54
C LYS G 21 -26.99 39.54 47.36
N ILE G 22 -27.02 38.69 48.39
CA ILE G 22 -25.84 38.50 49.23
C ILE G 22 -24.69 37.95 48.40
N LEU G 23 -24.98 36.95 47.56
CA LEU G 23 -23.92 36.32 46.77
C LEU G 23 -23.33 37.31 45.76
N TYR G 24 -24.18 38.11 45.11
CA TYR G 24 -23.67 39.06 44.13
C TYR G 24 -22.86 40.17 44.80
N THR G 25 -23.30 40.64 45.97
CA THR G 25 -22.53 41.63 46.70
C THR G 25 -21.17 41.06 47.12
N LYS G 26 -21.15 39.81 47.58
CA LYS G 26 -19.89 39.18 47.95
C LYS G 26 -18.97 39.04 46.75
N ILE G 27 -19.53 38.67 45.59
CA ILE G 27 -18.72 38.57 44.38
C ILE G 27 -18.11 39.91 44.03
N LEU G 28 -18.91 40.98 44.10
CA LEU G 28 -18.40 42.31 43.79
C LEU G 28 -17.30 42.71 44.77
N ASP G 29 -17.48 42.41 46.05
CA ASP G 29 -16.47 42.75 47.05
C ASP G 29 -15.17 42.00 46.76
N VAL G 30 -15.26 40.73 46.39
CA VAL G 30 -14.04 39.98 46.04
C VAL G 30 -13.39 40.57 44.81
N LEU G 31 -14.17 40.93 43.79
CA LEU G 31 -13.62 41.51 42.58
C LEU G 31 -12.97 42.86 42.84
N GLY G 32 -13.40 43.56 43.88
CA GLY G 32 -12.77 44.83 44.22
C GLY G 32 -11.30 44.75 44.55
N GLN G 33 -10.79 43.54 44.83
CA GLN G 33 -9.38 43.34 45.16
C GLN G 33 -8.52 43.02 43.94
N ILE G 34 -9.11 42.93 42.76
CA ILE G 34 -8.40 42.58 41.54
C ILE G 34 -8.01 43.87 40.84
N PRO G 35 -6.84 43.94 40.20
CA PRO G 35 -6.46 45.17 39.49
C PRO G 35 -7.50 45.55 38.43
N LYS G 36 -7.72 46.86 38.30
CA LYS G 36 -8.77 47.36 37.43
C LYS G 36 -8.51 47.04 35.95
N ASN G 37 -7.25 46.92 35.55
CA ASN G 37 -6.93 46.62 34.16
C ASN G 37 -7.18 45.17 33.79
N ALA G 38 -7.41 44.29 34.76
CA ALA G 38 -7.63 42.88 34.46
C ALA G 38 -8.99 42.70 33.78
N ALA G 39 -8.98 42.03 32.62
CA ALA G 39 -10.20 41.88 31.83
C ALA G 39 -11.25 41.07 32.57
N TYR G 40 -10.81 40.04 33.32
CA TYR G 40 -11.74 39.21 34.07
C TYR G 40 -12.58 40.06 35.02
N ARG G 41 -11.93 40.97 35.75
CA ARG G 41 -12.64 41.79 36.72
C ARG G 41 -13.74 42.61 36.05
N LYS G 42 -13.39 43.32 34.97
CA LYS G 42 -14.39 44.17 34.32
C LYS G 42 -15.52 43.35 33.73
N TYR G 43 -15.21 42.24 33.07
CA TYR G 43 -16.25 41.43 32.43
C TYR G 43 -17.22 40.87 33.47
N THR G 44 -16.68 40.25 34.52
CA THR G 44 -17.57 39.62 35.49
C THR G 44 -18.26 40.65 36.38
N GLU G 45 -17.64 41.82 36.59
CA GLU G 45 -18.34 42.90 37.27
C GLU G 45 -19.52 43.39 36.45
N GLN G 46 -19.34 43.51 35.14
CA GLN G 46 -20.45 43.92 34.29
C GLN G 46 -21.60 42.91 34.34
N ILE G 47 -21.28 41.61 34.22
CA ILE G 47 -22.35 40.63 34.21
C ILE G 47 -23.01 40.53 35.58
N THR G 48 -22.22 40.65 36.66
CA THR G 48 -22.78 40.58 38.00
C THR G 48 -23.65 41.78 38.31
N ASN G 49 -23.24 42.97 37.86
CA ASN G 49 -24.06 44.16 38.04
C ASN G 49 -25.37 44.02 37.28
N GLU G 50 -25.33 43.49 36.05
CA GLU G 50 -26.58 43.28 35.31
C GLU G 50 -27.50 42.31 36.05
N LYS G 51 -26.96 41.18 36.51
CA LYS G 51 -27.78 40.20 37.20
C LYS G 51 -28.35 40.75 38.50
N LEU G 52 -27.54 41.47 39.26
CA LEU G 52 -28.02 42.05 40.51
C LEU G 52 -29.10 43.09 40.26
N GLY G 53 -28.92 43.92 39.22
CA GLY G 53 -29.95 44.88 38.89
C GLY G 53 -31.26 44.23 38.49
N MET G 54 -31.19 43.14 37.72
CA MET G 54 -32.42 42.45 37.35
C MET G 54 -33.06 41.76 38.56
N VAL G 55 -32.23 41.29 39.50
CA VAL G 55 -32.78 40.69 40.72
C VAL G 55 -33.50 41.73 41.55
N LYS G 56 -32.92 42.94 41.66
CA LYS G 56 -33.52 43.99 42.49
C LYS G 56 -34.85 44.48 41.95
N ALA G 57 -35.08 44.39 40.64
CA ALA G 57 -36.23 45.02 40.01
C ALA G 57 -37.37 44.06 39.71
N GLU G 58 -37.29 42.82 40.18
CA GLU G 58 -38.38 41.88 39.95
C GLU G 58 -38.70 41.09 41.21
N PRO G 59 -39.88 41.28 41.80
CA PRO G 59 -40.23 40.54 43.02
C PRO G 59 -40.75 39.15 42.72
N ASP G 60 -41.35 38.96 41.54
CA ASP G 60 -41.90 37.65 41.19
C ASP G 60 -40.78 36.69 40.82
N VAL G 61 -40.85 35.47 41.38
CA VAL G 61 -39.80 34.50 41.16
C VAL G 61 -39.82 34.00 39.72
N LYS G 62 -41.01 33.78 39.17
CA LYS G 62 -41.09 33.25 37.80
C LYS G 62 -40.64 34.28 36.77
N LYS G 63 -41.06 35.55 36.93
CA LYS G 63 -40.64 36.58 35.99
C LYS G 63 -39.14 36.82 36.06
N LEU G 64 -38.57 36.86 37.28
CA LEU G 64 -37.12 36.95 37.42
C LEU G 64 -36.44 35.75 36.79
N GLU G 65 -37.02 34.56 36.97
CA GLU G 65 -36.46 33.34 36.39
C GLU G 65 -36.41 33.43 34.87
N GLU G 66 -37.48 33.94 34.26
CA GLU G 66 -37.53 34.10 32.81
C GLU G 66 -36.53 35.15 32.34
N GLN G 67 -36.44 36.28 33.06
CA GLN G 67 -35.55 37.36 32.63
C GLN G 67 -34.08 36.95 32.76
N LEU G 68 -33.74 36.23 33.82
CA LEU G 68 -32.35 35.86 34.07
C LEU G 68 -31.80 34.91 33.01
N GLN G 69 -32.66 34.14 32.35
CA GLN G 69 -32.23 33.06 31.46
C GLN G 69 -31.31 32.10 32.22
N GLY G 70 -31.53 31.98 33.53
CA GLY G 70 -30.66 31.22 34.39
C GLY G 70 -31.08 29.79 34.59
N GLY G 71 -32.31 29.43 34.21
CA GLY G 71 -32.68 28.04 34.31
C GLY G 71 -32.89 27.53 35.72
N GLN G 72 -34.07 27.77 36.32
CA GLN G 72 -34.37 27.25 37.65
C GLN G 72 -33.56 27.90 38.77
N ILE G 73 -34.05 29.06 39.23
CA ILE G 73 -33.34 30.05 40.05
C ILE G 73 -32.42 29.46 41.11
N GLU G 74 -32.74 28.27 41.63
CA GLU G 74 -31.78 27.58 42.49
C GLU G 74 -30.46 27.35 41.76
N GLU G 75 -30.53 27.02 40.47
CA GLU G 75 -29.33 26.90 39.66
C GLU G 75 -28.60 28.23 39.53
N VAL G 76 -29.34 29.35 39.51
CA VAL G 76 -28.71 30.66 39.48
C VAL G 76 -27.91 30.90 40.75
N ILE G 77 -28.46 30.51 41.89
CA ILE G 77 -27.75 30.64 43.16
C ILE G 77 -26.49 29.77 43.15
N LEU G 78 -26.61 28.53 42.66
CA LEU G 78 -25.45 27.66 42.58
C LEU G 78 -24.38 28.24 41.66
N GLN G 79 -24.80 28.82 40.53
CA GLN G 79 -23.84 29.44 39.62
C GLN G 79 -23.17 30.65 40.26
N ALA G 80 -23.91 31.43 41.05
CA ALA G 80 -23.32 32.55 41.76
C ALA G 80 -22.27 32.07 42.75
N GLU G 81 -22.56 31.00 43.48
CA GLU G 81 -21.56 30.44 44.40
C GLU G 81 -20.32 29.96 43.63
N ASN G 82 -20.53 29.30 42.50
CA ASN G 82 -19.40 28.86 41.69
C ASN G 82 -18.56 30.03 41.22
N GLU G 83 -19.21 31.11 40.78
CA GLU G 83 -18.49 32.29 40.33
C GLU G 83 -17.71 32.95 41.46
N LEU G 84 -18.29 32.98 42.66
CA LEU G 84 -17.58 33.53 43.81
C LEU G 84 -16.32 32.72 44.13
N SER G 85 -16.45 31.38 44.13
CA SER G 85 -15.29 30.54 44.38
C SER G 85 -14.23 30.73 43.31
N LEU G 86 -14.65 30.81 42.04
CA LEU G 86 -13.70 31.04 40.95
C LEU G 86 -13.04 32.40 41.09
N ALA G 87 -13.77 33.41 41.55
CA ALA G 87 -13.19 34.74 41.73
C ALA G 87 -12.09 34.70 42.79
N ARG G 88 -12.34 34.01 43.90
CA ARG G 88 -11.29 33.85 44.91
C ARG G 88 -10.08 33.12 44.33
N LYS G 89 -10.32 32.03 43.60
CA LYS G 89 -9.22 31.26 43.03
C LYS G 89 -8.41 32.10 42.04
N MET G 90 -9.09 32.91 41.23
CA MET G 90 -8.39 33.72 40.23
C MET G 90 -7.64 34.88 40.90
N LEU G 91 -8.19 35.43 41.98
CA LEU G 91 -7.43 36.40 42.76
C LEU G 91 -6.14 35.78 43.27
N ARG G 92 -6.19 34.50 43.66
CA ARG G 92 -4.95 33.85 44.08
C ARG G 92 -4.02 33.55 42.91
N TRP G 93 -4.58 33.18 41.75
CA TRP G 93 -3.76 32.73 40.62
C TRP G 93 -3.10 33.89 39.87
N LYS G 94 -3.77 35.04 39.79
CA LYS G 94 -3.31 36.21 39.04
C LYS G 94 -3.06 35.86 37.58
N PRO G 95 -4.08 35.52 36.81
CA PRO G 95 -3.88 35.17 35.40
C PRO G 95 -3.84 36.34 34.43
N TRP G 96 -3.93 37.58 34.91
CA TRP G 96 -3.84 38.75 34.05
C TRP G 96 -2.41 39.11 33.70
N GLU G 97 -1.43 38.43 34.27
CA GLU G 97 -0.03 38.70 34.00
C GLU G 97 0.31 38.23 32.59
N PRO G 98 1.41 38.74 32.01
CA PRO G 98 1.78 38.34 30.64
C PRO G 98 2.09 36.84 30.56
N LEU G 99 2.19 36.36 29.31
CA LEU G 99 2.37 34.94 29.04
C LEU G 99 3.62 34.41 29.74
N VAL G 100 3.46 33.26 30.39
CA VAL G 100 4.55 32.70 31.19
C VAL G 100 5.70 32.24 30.30
N GLU G 101 5.38 31.57 29.19
CA GLU G 101 6.40 31.04 28.31
C GLU G 101 5.83 30.92 26.89
N GLU G 102 6.68 31.15 25.91
CA GLU G 102 6.34 31.01 24.51
C GLU G 102 6.62 29.58 24.07
N PRO G 103 5.74 28.95 23.30
CA PRO G 103 5.95 27.54 22.91
C PRO G 103 7.13 27.42 21.97
N PRO G 104 7.67 26.20 21.82
CA PRO G 104 8.77 25.99 20.86
C PRO G 104 8.41 26.37 19.43
N ALA G 105 9.40 26.31 18.53
CA ALA G 105 9.24 26.90 17.21
C ALA G 105 8.09 26.28 16.42
N ASN G 106 7.99 24.96 16.46
CA ASN G 106 6.98 24.23 15.70
C ASN G 106 6.18 23.31 16.60
N GLN G 107 5.72 23.84 17.73
CA GLN G 107 4.98 23.02 18.68
C GLN G 107 3.57 22.73 18.19
N TRP G 108 2.90 23.71 17.59
CA TRP G 108 1.51 23.58 17.20
C TRP G 108 1.33 23.42 15.69
N LYS G 109 2.40 23.10 14.96
CA LYS G 109 2.32 23.01 13.51
C LYS G 109 1.73 21.68 13.09
N TRP G 110 0.60 21.72 12.38
CA TRP G 110 -0.04 20.53 11.86
C TRP G 110 -0.42 20.78 10.41
N PRO G 111 -0.19 19.80 9.51
CA PRO G 111 0.33 18.45 9.76
C PRO G 111 1.82 18.43 10.06
N ILE G 112 2.23 17.46 10.88
CA ILE G 112 3.60 17.25 11.34
C ILE G 112 4.36 18.55 11.58
N ALA H 1 -53.54 -17.55 14.64
CA ALA H 1 -52.90 -18.85 14.69
C ALA H 1 -53.91 -19.97 14.43
N SER H 2 -53.74 -21.10 15.13
CA SER H 2 -54.62 -22.25 14.98
C SER H 2 -55.15 -22.75 16.32
N ALA H 3 -55.03 -21.96 17.38
CA ALA H 3 -55.41 -22.40 18.71
C ALA H 3 -56.93 -22.58 18.81
N THR H 4 -57.33 -23.48 19.70
CA THR H 4 -58.74 -23.71 19.97
C THR H 4 -59.37 -22.45 20.56
N ARG H 5 -60.64 -22.22 20.23
CA ARG H 5 -61.31 -21.00 20.65
C ARG H 5 -61.38 -20.87 22.17
N VAL H 6 -61.56 -21.99 22.89
CA VAL H 6 -61.57 -21.94 24.34
C VAL H 6 -60.19 -21.54 24.87
N ILE H 7 -59.13 -22.06 24.26
CA ILE H 7 -57.78 -21.66 24.64
C ILE H 7 -57.55 -20.19 24.30
N GLN H 8 -58.12 -19.72 23.18
CA GLN H 8 -58.03 -18.31 22.83
C GLN H 8 -58.69 -17.44 23.90
N LEU H 9 -59.88 -17.85 24.35
CA LEU H 9 -60.57 -17.09 25.40
C LEU H 9 -59.77 -17.11 26.70
N LEU H 10 -59.18 -18.26 27.03
CA LEU H 10 -58.35 -18.35 28.23
C LEU H 10 -57.16 -17.40 28.14
N ARG H 11 -56.49 -17.36 26.98
CA ARG H 11 -55.36 -16.45 26.80
C ARG H 11 -55.79 -14.99 26.92
N ASN H 12 -56.91 -14.65 26.28
CA ASN H 12 -57.38 -13.27 26.34
C ASN H 12 -57.72 -12.84 27.76
N TRP H 13 -58.36 -13.74 28.52
CA TRP H 13 -58.68 -13.39 29.90
C TRP H 13 -57.44 -13.32 30.77
N ALA H 14 -56.50 -14.24 30.58
CA ALA H 14 -55.29 -14.27 31.41
C ALA H 14 -54.41 -13.05 31.15
N SER H 15 -54.17 -12.71 29.89
CA SER H 15 -53.37 -11.53 29.57
C SER H 15 -54.12 -10.23 29.78
N GLY H 16 -55.44 -10.25 29.62
CA GLY H 16 -56.25 -9.06 29.74
C GLY H 16 -56.48 -8.32 28.44
N ARG H 17 -55.81 -8.71 27.36
CA ARG H 17 -55.95 -8.08 26.05
C ARG H 17 -56.45 -9.09 25.03
N ASP H 18 -56.55 -8.63 23.79
CA ASP H 18 -56.96 -9.48 22.66
C ASP H 18 -55.69 -9.84 21.89
N LEU H 19 -55.16 -11.03 22.16
CA LEU H 19 -53.91 -11.44 21.53
C LEU H 19 -54.10 -11.75 20.05
N GLN H 20 -55.34 -12.06 19.64
CA GLN H 20 -55.58 -12.43 18.25
C GLN H 20 -55.35 -11.24 17.32
N ALA H 21 -55.51 -10.02 17.83
CA ALA H 21 -55.28 -8.84 17.01
C ALA H 21 -53.81 -8.69 16.65
N LYS H 22 -52.93 -8.81 17.64
CA LYS H 22 -51.50 -8.64 17.44
C LYS H 22 -50.78 -9.90 17.90
N LEU H 23 -50.23 -10.65 16.94
CA LEU H 23 -49.48 -11.86 17.22
C LEU H 23 -48.00 -11.62 16.94
N GLN H 24 -47.15 -12.17 17.81
CA GLN H 24 -45.71 -12.01 17.59
C GLN H 24 -45.23 -12.85 16.42
N LEU H 25 -45.87 -13.98 16.16
CA LEU H 25 -45.50 -14.81 15.03
C LEU H 25 -46.04 -14.23 13.72
N ARG H 26 -45.23 -14.32 12.68
CA ARG H 26 -45.58 -13.81 11.35
C ARG H 26 -46.04 -14.99 10.50
N TYR H 27 -47.20 -14.84 9.85
CA TYR H 27 -47.78 -15.93 9.09
C TYR H 27 -47.82 -15.68 7.59
N GLN H 28 -48.53 -14.64 7.14
CA GLN H 28 -48.63 -14.42 5.70
C GLN H 28 -48.59 -12.94 5.31
N GLU H 29 -48.40 -12.01 6.25
CA GLU H 29 -48.41 -10.60 5.94
C GLU H 29 -47.03 -10.03 5.63
N ILE H 30 -46.00 -10.88 5.61
CA ILE H 30 -44.66 -10.44 5.27
C ILE H 30 -44.47 -10.42 3.76
N SER H 31 -43.42 -9.76 3.29
CA SER H 31 -43.18 -9.65 1.86
C SER H 31 -42.70 -10.98 1.29
N LYS H 32 -42.94 -11.16 0.00
CA LYS H 32 -42.52 -12.38 -0.69
C LYS H 32 -41.00 -12.45 -0.78
N ARG H 33 -40.47 -13.67 -0.66
CA ARG H 33 -39.03 -13.88 -0.70
C ARG H 33 -38.44 -13.62 -2.07
N THR H 34 -39.26 -13.49 -3.11
CA THR H 34 -38.82 -13.13 -4.44
C THR H 34 -39.52 -11.84 -4.84
N GLN H 35 -38.75 -10.87 -5.31
CA GLN H 35 -39.24 -9.54 -5.62
C GLN H 35 -38.90 -9.17 -7.05
N PRO H 36 -39.65 -8.26 -7.66
CA PRO H 36 -39.29 -7.78 -9.00
C PRO H 36 -38.00 -6.98 -8.97
N PRO H 37 -37.30 -6.89 -10.10
CA PRO H 37 -36.03 -6.15 -10.12
C PRO H 37 -36.26 -4.66 -9.92
N PRO H 38 -35.33 -3.96 -9.28
CA PRO H 38 -35.47 -2.50 -9.10
C PRO H 38 -34.88 -1.72 -10.26
N LYS H 39 -34.86 -0.39 -10.15
CA LYS H 39 -34.27 0.47 -11.17
C LYS H 39 -33.27 1.48 -10.62
N LEU H 40 -33.37 1.87 -9.35
CA LEU H 40 -32.31 2.57 -8.64
C LEU H 40 -31.81 3.84 -9.33
N PRO H 41 -32.51 4.97 -9.18
CA PRO H 41 -32.10 6.21 -9.86
C PRO H 41 -30.64 6.60 -9.60
N VAL H 42 -30.12 7.52 -10.41
CA VAL H 42 -28.68 7.75 -10.48
C VAL H 42 -28.19 8.76 -9.44
N GLY H 43 -28.65 10.01 -9.52
CA GLY H 43 -28.15 11.02 -8.63
C GLY H 43 -28.12 12.41 -9.26
N PRO H 44 -27.66 13.39 -8.49
CA PRO H 44 -27.72 14.79 -8.95
C PRO H 44 -26.67 15.15 -9.99
N SER H 45 -25.47 14.57 -9.88
CA SER H 45 -24.35 14.95 -10.73
C SER H 45 -24.15 13.99 -11.90
N HIS H 46 -25.23 13.39 -12.40
CA HIS H 46 -25.16 12.56 -13.59
C HIS H 46 -25.46 13.35 -14.87
N LYS H 47 -25.35 14.67 -14.81
CA LYS H 47 -25.56 15.49 -16.00
C LYS H 47 -24.39 15.35 -16.96
N LEU H 48 -24.64 15.69 -18.23
CA LEU H 48 -23.60 15.65 -19.25
C LEU H 48 -22.98 17.01 -19.55
N SER H 49 -23.62 18.12 -19.17
CA SER H 49 -23.21 19.42 -19.65
C SER H 49 -22.67 20.33 -18.56
N ASN H 50 -23.47 20.66 -17.56
CA ASN H 50 -23.05 21.64 -16.55
C ASN H 50 -22.48 20.95 -15.32
N ASN H 51 -21.47 20.10 -15.53
CA ASN H 51 -21.02 19.16 -14.51
C ASN H 51 -19.50 19.13 -14.43
N TYR H 52 -18.86 20.30 -14.41
CA TYR H 52 -17.43 20.35 -14.20
C TYR H 52 -17.13 20.07 -12.73
N TYR H 53 -16.17 19.17 -12.49
CA TYR H 53 -15.94 18.66 -11.14
C TYR H 53 -15.46 19.73 -10.19
N CYS H 54 -14.72 20.72 -10.69
CA CYS H 54 -14.17 21.75 -9.81
C CYS H 54 -15.24 22.63 -9.19
N THR H 55 -16.49 22.56 -9.68
CA THR H 55 -17.60 23.28 -9.08
C THR H 55 -18.38 22.46 -8.06
N ARG H 56 -18.01 21.20 -7.85
CA ARG H 56 -18.67 20.35 -6.86
C ARG H 56 -17.64 19.52 -6.09
N ASP H 57 -16.53 20.15 -5.73
CA ASP H 57 -15.41 19.45 -5.09
C ASP H 57 -15.40 19.84 -3.61
N GLY H 58 -16.02 19.00 -2.79
CA GLY H 58 -16.12 19.30 -1.38
C GLY H 58 -14.78 19.27 -0.66
N ARG H 59 -13.91 18.32 -1.03
CA ARG H 59 -12.63 18.19 -0.34
C ARG H 59 -11.72 19.38 -0.58
N ARG H 60 -11.88 20.07 -1.71
CA ARG H 60 -10.99 21.16 -2.06
C ARG H 60 -11.44 22.51 -1.54
N GLU H 61 -12.61 22.59 -0.91
CA GLU H 61 -13.03 23.82 -0.24
C GLU H 61 -12.68 23.85 1.24
N ALA H 62 -12.16 22.75 1.78
CA ALA H 62 -11.68 22.77 3.15
C ALA H 62 -10.36 23.53 3.22
N MET H 63 -10.26 24.42 4.20
CA MET H 63 -9.09 25.27 4.37
C MET H 63 -8.68 25.29 5.83
N PRO H 64 -7.42 25.61 6.12
CA PRO H 64 -6.93 25.48 7.48
C PRO H 64 -7.68 26.38 8.44
N PRO H 65 -7.72 26.03 9.73
CA PRO H 65 -8.55 26.79 10.68
C PRO H 65 -8.12 28.24 10.79
N SER H 66 -9.10 29.10 11.04
CA SER H 66 -8.85 30.52 11.21
C SER H 66 -8.06 30.75 12.50
N ILE H 67 -6.99 31.54 12.41
CA ILE H 67 -6.16 31.84 13.56
C ILE H 67 -6.55 33.22 14.08
N VAL H 68 -7.02 33.27 15.32
CA VAL H 68 -7.30 34.52 16.03
C VAL H 68 -6.53 34.48 17.33
N MET H 69 -5.92 35.61 17.70
CA MET H 69 -5.09 35.71 18.90
C MET H 69 -3.92 34.72 18.83
N SER H 70 -2.99 35.05 17.94
CA SER H 70 -1.69 34.40 17.95
C SER H 70 -0.77 35.14 18.92
N SER H 71 -0.14 34.40 19.83
CA SER H 71 0.67 35.04 20.86
C SER H 71 1.94 35.65 20.29
N GLN H 72 2.54 35.02 19.28
CA GLN H 72 3.75 35.57 18.68
C GLN H 72 3.48 36.90 17.99
N LYS H 73 2.34 37.00 17.30
CA LYS H 73 1.93 38.19 16.53
C LYS H 73 3.09 38.94 15.87
N THR H 89 -14.39 52.44 25.59
CA THR H 89 -14.70 51.19 24.90
C THR H 89 -15.69 50.37 25.72
N GLU H 90 -16.78 49.94 25.08
CA GLU H 90 -17.79 49.15 25.77
C GLU H 90 -17.28 47.75 26.07
N LYS H 91 -16.98 46.98 25.02
CA LYS H 91 -16.46 45.62 25.12
C LYS H 91 -17.36 44.76 26.02
N LYS H 92 -18.58 44.56 25.54
CA LYS H 92 -19.55 43.75 26.28
C LYS H 92 -19.08 42.30 26.37
N ALA H 93 -19.37 41.67 27.51
CA ALA H 93 -19.03 40.27 27.71
C ALA H 93 -19.89 39.38 26.81
N VAL H 94 -19.31 38.28 26.34
CA VAL H 94 -19.99 37.39 25.41
C VAL H 94 -19.98 35.97 25.97
N THR H 95 -20.92 35.17 25.48
CA THR H 95 -21.03 33.74 25.74
C THR H 95 -20.66 32.96 24.49
N PRO H 96 -20.30 31.68 24.62
CA PRO H 96 -20.03 30.88 23.41
C PRO H 96 -21.23 30.78 22.48
N ALA H 97 -22.43 30.82 23.04
CA ALA H 97 -23.66 30.77 22.25
C ALA H 97 -24.77 31.35 23.10
N PRO H 98 -25.88 31.77 22.50
CA PRO H 98 -27.03 32.22 23.29
C PRO H 98 -27.51 31.10 24.19
N PRO H 99 -28.02 31.43 25.38
CA PRO H 99 -28.44 30.39 26.32
C PRO H 99 -29.54 29.52 25.73
N ILE H 100 -29.48 28.23 26.06
CA ILE H 100 -30.47 27.28 25.55
C ILE H 100 -31.83 27.61 26.12
N LYS H 101 -32.88 27.35 25.35
CA LYS H 101 -34.23 27.66 25.76
C LYS H 101 -34.84 26.51 26.56
N ARG H 102 -35.76 26.85 27.46
CA ARG H 102 -36.41 25.83 28.28
C ARG H 102 -37.29 24.94 27.41
N TRP H 103 -37.27 23.65 27.74
CA TRP H 103 -38.09 22.67 27.01
C TRP H 103 -39.55 22.76 27.44
N GLU H 104 -40.44 22.46 26.50
CA GLU H 104 -41.88 22.45 26.77
C GLU H 104 -42.33 21.06 27.17
N LEU H 105 -43.47 20.99 27.83
CA LEU H 105 -43.93 19.77 28.48
C LEU H 105 -44.94 19.01 27.63
N SER H 106 -44.49 18.57 26.45
CA SER H 106 -45.08 17.44 25.73
C SER H 106 -46.60 17.45 25.69
N LYS H 107 -47.20 18.40 24.96
CA LYS H 107 -48.66 18.44 24.84
C LYS H 107 -49.28 17.09 24.52
N ASP H 108 -48.52 16.17 23.92
CA ASP H 108 -49.03 14.83 23.64
C ASP H 108 -49.37 14.09 24.92
N GLN H 109 -48.37 13.87 25.78
CA GLN H 109 -48.56 13.14 27.03
C GLN H 109 -47.56 13.65 28.05
N PRO H 110 -47.93 14.68 28.81
CA PRO H 110 -46.93 15.33 29.69
C PRO H 110 -46.48 14.46 30.85
N TYR H 111 -47.39 13.75 31.50
CA TYR H 111 -47.07 12.90 32.65
C TYR H 111 -47.43 11.46 32.33
N LEU H 112 -46.46 10.57 32.53
CA LEU H 112 -46.63 9.15 32.24
C LEU H 112 -47.12 8.38 33.45
N LEU I 1 21.35 -31.40 2.97
CA LEU I 1 20.58 -31.51 4.21
C LEU I 1 19.09 -31.33 3.95
N HIS I 2 18.67 -31.55 2.69
CA HIS I 2 17.26 -31.48 2.36
C HIS I 2 16.63 -30.13 2.68
N HIS I 3 16.91 -29.13 1.84
CA HIS I 3 16.64 -27.71 2.07
C HIS I 3 15.41 -27.43 2.93
N ALA I 4 14.31 -28.15 2.69
CA ALA I 4 13.11 -27.99 3.50
C ALA I 4 13.34 -28.39 4.96
N LEU I 5 14.53 -28.89 5.28
CA LEU I 5 14.89 -29.28 6.63
C LEU I 5 16.11 -28.50 7.13
N ILE I 6 16.26 -27.28 6.66
CA ILE I 6 17.34 -26.39 7.10
C ILE I 6 16.77 -25.50 8.21
N PRO I 7 17.45 -25.41 9.37
CA PRO I 7 16.89 -24.62 10.47
C PRO I 7 16.72 -23.15 10.10
N HIS I 8 15.65 -22.55 10.61
CA HIS I 8 15.34 -21.16 10.37
C HIS I 8 14.63 -20.58 11.59
N GLY I 9 14.79 -19.29 11.79
CA GLY I 9 14.13 -18.62 12.90
C GLY I 9 14.97 -18.60 14.17
N LYS I 10 14.44 -17.90 15.17
CA LYS I 10 15.11 -17.71 16.45
C LYS I 10 14.93 -18.88 17.41
N GLY I 11 14.43 -20.02 16.94
CA GLY I 11 14.24 -21.16 17.81
C GLY I 11 12.96 -21.14 18.61
N GLY I 12 11.99 -20.33 18.20
CA GLY I 12 10.74 -20.20 18.92
C GLY I 12 9.65 -21.12 18.41
N ARG I 13 8.41 -20.77 18.74
CA ARG I 13 7.26 -21.57 18.34
C ARG I 13 7.05 -21.64 16.83
N SER I 14 7.22 -20.50 16.15
CA SER I 14 7.05 -20.45 14.69
C SER I 14 8.32 -20.72 13.91
N SER I 15 9.42 -20.90 14.62
CA SER I 15 10.71 -21.19 14.02
C SER I 15 10.80 -22.63 13.51
N VAL I 16 11.73 -22.90 12.60
CA VAL I 16 11.92 -24.25 12.10
C VAL I 16 13.26 -24.80 12.55
N SER I 17 13.25 -25.94 13.25
CA SER I 17 14.47 -26.55 13.75
C SER I 17 15.02 -27.64 12.85
N GLY I 18 14.33 -27.90 11.75
CA GLY I 18 14.74 -28.93 10.82
C GLY I 18 14.77 -30.33 11.40
N ILE I 19 13.86 -30.61 12.32
CA ILE I 19 13.76 -31.92 12.95
C ILE I 19 12.38 -32.53 12.73
N VAL I 20 12.36 -33.78 12.27
CA VAL I 20 11.10 -34.49 12.06
C VAL I 20 11.17 -35.73 12.95
N ALA I 21 10.41 -35.71 14.04
CA ALA I 21 10.51 -36.72 15.08
C ALA I 21 9.23 -37.53 15.18
N THR I 22 9.39 -38.84 15.28
CA THR I 22 8.28 -39.76 15.58
C THR I 22 8.49 -40.23 17.02
N VAL I 23 7.61 -39.80 17.92
CA VAL I 23 7.76 -40.06 19.35
C VAL I 23 6.77 -41.16 19.72
N PHE I 24 7.25 -42.40 19.78
CA PHE I 24 6.41 -43.51 20.22
C PHE I 24 6.19 -43.40 21.73
N GLY I 25 4.95 -43.66 22.15
CA GLY I 25 4.60 -43.50 23.56
C GLY I 25 4.65 -42.06 24.03
N ALA I 26 4.16 -41.13 23.20
CA ALA I 26 4.15 -39.71 23.57
C ALA I 26 2.99 -39.34 24.48
N THR I 27 2.07 -40.28 24.76
CA THR I 27 0.91 -40.01 25.59
C THR I 27 1.11 -40.45 27.04
N GLY I 28 2.37 -40.59 27.47
CA GLY I 28 2.65 -41.00 28.83
C GLY I 28 3.17 -39.87 29.71
N PHE I 29 4.11 -40.20 30.60
CA PHE I 29 4.68 -39.22 31.52
C PHE I 29 5.89 -38.52 30.91
N LEU I 30 6.85 -39.29 30.39
CA LEU I 30 8.00 -38.70 29.71
C LEU I 30 7.63 -38.17 28.33
N GLY I 31 6.66 -38.80 27.67
CA GLY I 31 6.32 -38.42 26.30
C GLY I 31 5.82 -37.01 26.20
N ARG I 32 5.01 -36.56 27.16
CA ARG I 32 4.48 -35.20 27.11
C ARG I 32 5.61 -34.18 27.22
N TYR I 33 6.58 -34.43 28.09
CA TYR I 33 7.71 -33.50 28.22
C TYR I 33 8.57 -33.50 26.96
N VAL I 34 8.79 -34.68 26.37
CA VAL I 34 9.59 -34.73 25.15
C VAL I 34 8.88 -33.98 24.02
N VAL I 35 7.57 -34.18 23.88
CA VAL I 35 6.82 -33.50 22.84
C VAL I 35 6.81 -32.00 23.08
N ASN I 36 6.69 -31.58 24.34
CA ASN I 36 6.72 -30.15 24.65
C ASN I 36 8.06 -29.53 24.27
N HIS I 37 9.16 -30.21 24.60
CA HIS I 37 10.46 -29.66 24.27
C HIS I 37 10.71 -29.65 22.77
N LEU I 38 10.19 -30.65 22.06
CA LEU I 38 10.30 -30.65 20.60
C LEU I 38 9.48 -29.52 19.98
N GLY I 39 8.28 -29.29 20.49
CA GLY I 39 7.41 -28.25 19.95
C GLY I 39 7.83 -26.84 20.31
N ARG I 40 8.61 -26.68 21.39
CA ARG I 40 9.12 -25.35 21.72
C ARG I 40 10.00 -24.81 20.61
N MET I 41 10.84 -25.65 20.02
CA MET I 41 11.82 -25.22 19.04
C MET I 41 11.23 -25.08 17.64
N GLY I 42 9.99 -25.49 17.43
CA GLY I 42 9.42 -25.49 16.10
C GLY I 42 9.64 -26.77 15.31
N SER I 43 9.96 -27.86 15.98
CA SER I 43 10.17 -29.13 15.32
C SER I 43 8.83 -29.76 14.95
N GLN I 44 8.86 -30.61 13.92
CA GLN I 44 7.69 -31.34 13.48
C GLN I 44 7.62 -32.65 14.24
N VAL I 45 6.47 -32.92 14.87
CA VAL I 45 6.29 -34.08 15.73
C VAL I 45 5.16 -34.92 15.16
N ILE I 46 5.41 -36.22 15.03
CA ILE I 46 4.40 -37.19 14.62
C ILE I 46 4.13 -38.06 15.83
N VAL I 47 2.92 -37.97 16.37
CA VAL I 47 2.52 -38.71 17.57
C VAL I 47 1.74 -39.95 17.11
N PRO I 48 2.28 -41.15 17.25
CA PRO I 48 1.48 -42.36 17.06
C PRO I 48 0.75 -42.70 18.35
N TYR I 49 -0.58 -42.78 18.28
CA TYR I 49 -1.40 -43.03 19.44
C TYR I 49 -2.25 -44.28 19.22
N ARG I 50 -2.43 -45.05 20.28
CA ARG I 50 -3.34 -46.18 20.28
C ARG I 50 -4.55 -45.97 21.19
N CYS I 51 -4.50 -44.94 22.03
CA CYS I 51 -5.55 -44.70 23.02
C CYS I 51 -6.70 -43.92 22.40
N GLU I 52 -7.59 -43.44 23.25
CA GLU I 52 -8.65 -42.56 22.82
C GLU I 52 -8.06 -41.22 22.41
N PRO I 53 -8.48 -40.65 21.27
CA PRO I 53 -7.94 -39.34 20.89
C PRO I 53 -8.14 -38.27 21.94
N TYR I 54 -9.21 -38.36 22.73
CA TYR I 54 -9.39 -37.45 23.86
C TYR I 54 -8.17 -37.44 24.76
N ASP I 55 -7.59 -38.61 25.03
CA ASP I 55 -6.42 -38.72 25.90
C ASP I 55 -5.17 -38.08 25.31
N THR I 56 -5.20 -37.64 24.06
CA THR I 56 -4.09 -36.91 23.46
C THR I 56 -4.34 -35.41 23.40
N MET I 57 -5.49 -34.94 23.90
CA MET I 57 -5.84 -33.53 23.77
C MET I 57 -4.79 -32.62 24.38
N HIS I 58 -4.20 -33.02 25.51
CA HIS I 58 -3.22 -32.19 26.19
C HIS I 58 -1.97 -31.95 25.35
N LEU I 59 -1.75 -32.73 24.29
CA LEU I 59 -0.61 -32.52 23.42
C LEU I 59 -0.87 -31.51 22.31
N ARG I 60 -2.12 -31.09 22.12
CA ARG I 60 -2.44 -30.20 21.00
C ARG I 60 -1.79 -28.83 21.12
N PRO I 61 -1.83 -28.12 22.27
CA PRO I 61 -1.23 -26.79 22.32
C PRO I 61 0.30 -26.78 22.34
N MET I 62 0.95 -27.95 22.28
CA MET I 62 2.40 -28.01 22.41
C MET I 62 3.15 -27.55 21.16
N GLY I 63 2.48 -27.45 20.02
CA GLY I 63 3.14 -27.08 18.79
C GLY I 63 2.35 -26.04 18.02
N ASP I 64 3.00 -25.49 17.00
CA ASP I 64 2.38 -24.48 16.15
C ASP I 64 1.38 -25.15 15.22
N LEU I 65 0.80 -24.38 14.30
CA LEU I 65 -0.19 -24.91 13.38
C LEU I 65 0.47 -25.90 12.43
N GLY I 66 -0.01 -27.15 12.46
CA GLY I 66 0.48 -28.18 11.56
C GLY I 66 1.78 -28.84 11.99
N GLN I 67 2.35 -28.47 13.13
CA GLN I 67 3.61 -29.05 13.57
C GLN I 67 3.45 -30.31 14.40
N ILE I 68 2.24 -30.68 14.78
CA ILE I 68 1.98 -31.91 15.51
C ILE I 68 0.91 -32.68 14.75
N ILE I 69 1.25 -33.89 14.31
CA ILE I 69 0.37 -34.72 13.49
C ILE I 69 0.11 -36.02 14.23
N PHE I 70 -1.16 -36.32 14.49
CA PHE I 70 -1.55 -37.51 15.24
C PHE I 70 -1.95 -38.61 14.27
N MET I 71 -1.38 -39.80 14.46
CA MET I 71 -1.70 -40.95 13.63
C MET I 71 -1.93 -42.17 14.51
N GLU I 72 -2.87 -43.01 14.10
CA GLU I 72 -3.19 -44.23 14.83
C GLU I 72 -2.23 -45.34 14.42
N TRP I 73 -1.83 -46.16 15.38
CA TRP I 73 -0.90 -47.26 15.10
C TRP I 73 -1.26 -48.44 16.00
N ASN I 74 -0.71 -49.60 15.62
CA ASN I 74 -0.85 -50.82 16.40
C ASN I 74 0.53 -51.41 16.64
N GLY I 75 0.80 -51.79 17.89
CA GLY I 75 2.12 -52.28 18.25
C GLY I 75 2.50 -53.55 17.51
N LYS I 76 1.53 -54.46 17.33
CA LYS I 76 1.78 -55.74 16.68
C LYS I 76 1.73 -55.66 15.17
N ASP I 77 1.41 -54.50 14.60
CA ASP I 77 1.29 -54.33 13.16
C ASP I 77 2.50 -53.56 12.64
N LYS I 78 3.23 -54.16 11.71
CA LYS I 78 4.44 -53.53 11.18
C LYS I 78 4.11 -52.44 10.16
N ASP I 79 3.00 -52.57 9.44
CA ASP I 79 2.63 -51.58 8.43
C ASP I 79 2.34 -50.23 9.07
N SER I 80 1.70 -50.22 10.23
CA SER I 80 1.45 -48.96 10.93
C SER I 80 2.76 -48.30 11.33
N ILE I 81 3.71 -49.09 11.84
CA ILE I 81 5.01 -48.56 12.20
C ILE I 81 5.71 -47.96 10.98
N ARG I 82 5.61 -48.64 9.85
CA ARG I 82 6.18 -48.09 8.61
C ARG I 82 5.50 -46.79 8.23
N LYS I 83 4.17 -46.72 8.39
CA LYS I 83 3.42 -45.53 8.03
C LYS I 83 3.83 -44.33 8.88
N VAL I 84 4.07 -44.55 10.19
CA VAL I 84 4.30 -43.43 11.08
C VAL I 84 5.73 -42.93 11.09
N VAL I 85 6.69 -43.70 10.57
CA VAL I 85 8.09 -43.27 10.56
C VAL I 85 8.64 -43.10 9.15
N GLU I 86 7.77 -43.13 8.13
CA GLU I 86 8.23 -43.11 6.75
C GLU I 86 8.90 -41.78 6.39
N HIS I 87 8.56 -40.69 7.09
CA HIS I 87 9.03 -39.37 6.73
C HIS I 87 9.88 -38.72 7.82
N SER I 88 10.11 -39.39 8.94
CA SER I 88 10.82 -38.81 10.06
C SER I 88 12.32 -39.06 9.92
N ASN I 89 13.11 -38.05 10.30
CA ASN I 89 14.55 -38.19 10.37
C ASN I 89 15.06 -38.50 11.77
N VAL I 90 14.17 -38.59 12.75
CA VAL I 90 14.55 -39.09 14.07
C VAL I 90 13.35 -39.79 14.69
N VAL I 91 13.61 -40.92 15.34
CA VAL I 91 12.56 -41.72 15.98
C VAL I 91 12.95 -41.93 17.44
N ILE I 92 12.06 -41.52 18.34
CA ILE I 92 12.24 -41.70 19.78
C ILE I 92 11.28 -42.79 20.24
N ASN I 93 11.77 -43.71 21.06
CA ASN I 93 10.98 -44.82 21.57
C ASN I 93 10.81 -44.67 23.07
N LEU I 94 9.59 -44.38 23.51
CA LEU I 94 9.26 -44.27 24.92
C LEU I 94 8.17 -45.25 25.33
N VAL I 95 7.96 -46.31 24.54
CA VAL I 95 6.92 -47.29 24.85
C VAL I 95 7.35 -48.12 26.05
N GLY I 96 6.44 -48.25 27.02
CA GLY I 96 6.72 -49.06 28.19
C GLY I 96 5.58 -49.04 29.20
N ARG I 97 5.27 -50.20 29.76
CA ARG I 97 4.22 -50.32 30.78
C ARG I 97 4.82 -50.86 32.06
N GLU I 98 4.46 -50.24 33.19
CA GLU I 98 5.06 -50.63 34.46
C GLU I 98 4.48 -51.95 34.96
N TRP I 99 3.31 -52.34 34.47
CA TRP I 99 2.65 -53.56 34.88
C TRP I 99 2.36 -54.44 33.67
N GLU I 100 2.26 -55.75 33.92
CA GLU I 100 1.95 -56.69 32.88
C GLU I 100 0.44 -56.76 32.66
N THR I 101 0.02 -56.79 31.40
CA THR I 101 -1.38 -56.83 31.04
C THR I 101 -1.68 -58.10 30.25
N LYS I 102 -2.97 -58.38 30.08
CA LYS I 102 -3.39 -59.66 29.52
C LYS I 102 -3.06 -59.77 28.04
N ASN I 103 -2.89 -58.63 27.36
CA ASN I 103 -2.60 -58.63 25.93
C ASN I 103 -1.15 -58.30 25.61
N PHE I 104 -0.41 -57.73 26.56
CA PHE I 104 0.97 -57.27 26.32
C PHE I 104 1.80 -57.61 27.55
N ASP I 105 2.53 -58.71 27.48
CA ASP I 105 3.46 -59.04 28.56
C ASP I 105 4.71 -58.17 28.42
N PHE I 106 5.62 -58.32 29.39
CA PHE I 106 6.83 -57.49 29.39
C PHE I 106 7.68 -57.74 28.15
N GLU I 107 7.68 -58.99 27.66
CA GLU I 107 8.40 -59.29 26.43
C GLU I 107 7.85 -58.51 25.24
N ASP I 108 6.52 -58.43 25.14
CA ASP I 108 5.91 -57.68 24.04
C ASP I 108 6.25 -56.21 24.11
N VAL I 109 6.25 -55.64 25.31
CA VAL I 109 6.37 -54.19 25.45
C VAL I 109 7.82 -53.74 25.36
N PHE I 110 8.76 -54.55 25.86
CA PHE I 110 10.15 -54.12 25.97
C PHE I 110 11.09 -54.79 24.99
N VAL I 111 10.65 -55.85 24.29
CA VAL I 111 11.55 -56.55 23.39
C VAL I 111 11.01 -56.55 21.97
N LYS I 112 9.78 -57.02 21.79
CA LYS I 112 9.24 -57.18 20.45
C LYS I 112 8.96 -55.84 19.79
N ILE I 113 8.27 -54.95 20.50
CA ILE I 113 7.89 -53.64 19.96
C ILE I 113 9.13 -52.78 19.68
N PRO I 114 10.08 -52.64 20.63
CA PRO I 114 11.29 -51.88 20.29
C PRO I 114 12.08 -52.47 19.13
N HIS I 115 12.16 -53.80 19.04
CA HIS I 115 12.88 -54.42 17.94
C HIS I 115 12.19 -54.13 16.61
N ALA I 116 10.86 -54.23 16.58
CA ALA I 116 10.13 -53.94 15.35
C ALA I 116 10.29 -52.48 14.96
N ILE I 117 10.23 -51.57 15.93
CA ILE I 117 10.40 -50.15 15.63
C ILE I 117 11.79 -49.91 15.05
N ALA I 118 12.83 -50.49 15.68
CA ALA I 118 14.18 -50.28 15.19
C ALA I 118 14.38 -50.85 13.79
N GLN I 119 13.84 -52.05 13.55
CA GLN I 119 13.99 -52.68 12.24
C GLN I 119 13.30 -51.87 11.15
N VAL I 120 12.07 -51.43 11.41
CA VAL I 120 11.34 -50.66 10.40
C VAL I 120 11.99 -49.31 10.19
N SER I 121 12.52 -48.70 11.25
CA SER I 121 13.20 -47.42 11.11
C SER I 121 14.48 -47.56 10.28
N LYS I 122 15.23 -48.64 10.50
CA LYS I 122 16.42 -48.90 9.69
C LYS I 122 16.03 -49.14 8.23
N GLU I 123 14.94 -49.87 8.00
CA GLU I 123 14.50 -50.10 6.63
C GLU I 123 13.95 -48.85 5.97
N ALA I 124 13.45 -47.89 6.75
CA ALA I 124 12.86 -46.67 6.21
C ALA I 124 13.87 -45.55 6.05
N GLY I 125 15.12 -45.75 6.44
CA GLY I 125 16.13 -44.74 6.28
C GLY I 125 16.16 -43.67 7.35
N VAL I 126 15.65 -43.97 8.54
CA VAL I 126 15.68 -43.01 9.64
C VAL I 126 17.12 -42.81 10.11
N GLU I 127 17.53 -41.55 10.21
CA GLU I 127 18.92 -41.24 10.56
C GLU I 127 19.23 -41.55 12.02
N LYS I 128 18.37 -41.15 12.95
CA LYS I 128 18.65 -41.24 14.36
C LYS I 128 17.53 -41.98 15.07
N LEU I 129 17.92 -42.84 16.03
CA LEU I 129 16.98 -43.61 16.83
C LEU I 129 17.38 -43.51 18.28
N ILE I 130 16.52 -42.90 19.09
CA ILE I 130 16.72 -42.79 20.53
C ILE I 130 15.86 -43.87 21.19
N HIS I 131 16.48 -44.67 22.05
CA HIS I 131 15.81 -45.75 22.76
C HIS I 131 16.03 -45.54 24.26
N ILE I 132 15.00 -45.85 25.03
CA ILE I 132 15.03 -45.66 26.49
C ILE I 132 14.94 -47.03 27.15
N SER I 133 15.93 -47.34 27.98
CA SER I 133 15.93 -48.54 28.80
C SER I 133 16.11 -48.13 30.25
N HIS I 134 16.37 -49.09 31.13
CA HIS I 134 16.53 -48.79 32.54
C HIS I 134 18.00 -48.87 32.96
N LEU I 135 18.35 -48.07 33.96
CA LEU I 135 19.71 -48.11 34.50
C LEU I 135 20.01 -49.48 35.08
N ASN I 136 19.05 -50.08 35.77
CA ASN I 136 19.22 -51.39 36.39
C ASN I 136 18.91 -52.55 35.45
N ALA I 137 18.95 -52.31 34.13
CA ALA I 137 18.66 -53.35 33.17
C ALA I 137 19.74 -54.43 33.18
N ASP I 138 19.42 -55.60 33.73
CA ASP I 138 20.36 -56.71 33.82
C ASP I 138 19.67 -57.98 33.36
N ILE I 139 20.45 -58.85 32.70
CA ILE I 139 19.89 -60.11 32.23
C ILE I 139 19.71 -61.11 33.37
N LYS I 140 20.38 -60.91 34.50
CA LYS I 140 20.22 -61.75 35.67
C LYS I 140 19.35 -61.11 36.74
N SER I 141 18.70 -60.00 36.43
CA SER I 141 17.93 -59.27 37.42
C SER I 141 16.73 -60.10 37.89
N PRO I 142 16.34 -59.98 39.17
CA PRO I 142 15.15 -60.69 39.65
C PRO I 142 13.85 -60.10 39.17
N SER I 143 13.88 -59.01 38.40
CA SER I 143 12.68 -58.36 37.88
C SER I 143 12.55 -58.67 36.40
N ARG I 144 11.37 -59.14 36.00
CA ARG I 144 11.12 -59.37 34.58
C ARG I 144 11.17 -58.08 33.79
N TYR I 145 10.80 -56.96 34.43
CA TYR I 145 10.91 -55.65 33.81
C TYR I 145 12.33 -55.39 33.32
N LEU I 146 13.32 -55.56 34.21
CA LEU I 146 14.69 -55.23 33.87
C LEU I 146 15.33 -56.26 32.94
N ARG I 147 14.98 -57.55 33.09
CA ARG I 147 15.47 -58.54 32.15
C ARG I 147 14.95 -58.26 30.74
N SER I 148 13.66 -57.93 30.63
CA SER I 148 13.11 -57.56 29.34
C SER I 148 13.76 -56.30 28.79
N LYS I 149 14.06 -55.33 29.67
CA LYS I 149 14.74 -54.12 29.24
C LYS I 149 16.11 -54.44 28.64
N ALA I 150 16.87 -55.29 29.32
CA ALA I 150 18.20 -55.66 28.82
C ALA I 150 18.11 -56.39 27.49
N VAL I 151 17.19 -57.36 27.38
CA VAL I 151 17.05 -58.11 26.14
C VAL I 151 16.65 -57.19 25.00
N GLY I 152 15.68 -56.30 25.25
CA GLY I 152 15.24 -55.39 24.20
C GLY I 152 16.31 -54.40 23.80
N GLU I 153 17.13 -53.95 24.76
CA GLU I 153 18.24 -53.08 24.43
C GLU I 153 19.24 -53.79 23.53
N LYS I 154 19.54 -55.06 23.83
CA LYS I 154 20.43 -55.83 22.96
C LYS I 154 19.83 -55.99 21.55
N GLU I 155 18.53 -56.28 21.47
CA GLU I 155 17.91 -56.43 20.16
C GLU I 155 17.92 -55.12 19.38
N VAL I 156 17.65 -53.99 20.04
CA VAL I 156 17.67 -52.70 19.38
C VAL I 156 19.08 -52.39 18.86
N ARG I 157 20.10 -52.66 19.68
CA ARG I 157 21.47 -52.47 19.22
C ARG I 157 21.79 -53.35 18.02
N ALA I 158 21.28 -54.59 18.03
CA ALA I 158 21.53 -55.49 16.90
C ALA I 158 20.84 -55.01 15.63
N ALA I 159 19.64 -54.44 15.75
CA ALA I 159 18.86 -54.05 14.57
C ALA I 159 19.17 -52.65 14.08
N PHE I 160 19.55 -51.73 14.97
CA PHE I 160 19.88 -50.35 14.62
C PHE I 160 21.23 -50.04 15.26
N PRO I 161 22.33 -50.35 14.57
CA PRO I 161 23.66 -50.22 15.20
C PRO I 161 23.99 -48.81 15.69
N GLU I 162 23.50 -47.77 15.00
CA GLU I 162 23.80 -46.39 15.37
C GLU I 162 22.75 -45.78 16.29
N ALA I 163 22.09 -46.58 17.11
CA ALA I 163 21.02 -46.11 17.98
C ALA I 163 21.58 -45.59 19.29
N THR I 164 21.15 -44.41 19.70
CA THR I 164 21.48 -43.86 21.01
C THR I 164 20.57 -44.48 22.06
N ILE I 165 21.16 -45.01 23.12
CA ILE I 165 20.43 -45.69 24.18
C ILE I 165 20.62 -44.91 25.47
N ILE I 166 19.53 -44.64 26.17
CA ILE I 166 19.54 -43.83 27.38
C ILE I 166 18.95 -44.65 28.52
N LYS I 167 19.66 -44.69 29.65
CA LYS I 167 19.27 -45.47 30.81
C LYS I 167 19.02 -44.53 31.99
N PRO I 168 17.80 -44.03 32.16
CA PRO I 168 17.49 -43.23 33.35
C PRO I 168 17.24 -44.11 34.57
N SER I 169 17.01 -43.49 35.72
CA SER I 169 16.84 -44.23 36.97
C SER I 169 15.79 -43.52 37.83
N ASP I 170 14.56 -44.04 37.81
CA ASP I 170 13.49 -43.61 38.71
C ASP I 170 13.23 -42.11 38.58
N ILE I 171 12.74 -41.74 37.40
CA ILE I 171 12.42 -40.35 37.11
C ILE I 171 11.32 -39.86 38.04
N PHE I 172 11.49 -38.67 38.61
CA PHE I 172 10.49 -38.07 39.47
C PHE I 172 9.99 -36.76 38.85
N GLY I 173 8.69 -36.53 38.98
CA GLY I 173 8.07 -35.36 38.39
C GLY I 173 6.64 -35.24 38.87
N ARG I 174 5.92 -34.28 38.28
CA ARG I 174 4.54 -34.05 38.69
C ARG I 174 3.67 -35.28 38.44
N GLU I 175 3.82 -35.92 37.29
CA GLU I 175 3.03 -37.07 36.92
C GLU I 175 3.74 -38.39 37.15
N ASP I 176 4.83 -38.38 37.91
CA ASP I 176 5.62 -39.59 38.12
C ASP I 176 4.88 -40.60 38.97
N ARG I 177 5.26 -41.86 38.84
CA ARG I 177 4.75 -42.88 39.75
C ARG I 177 5.64 -43.02 40.97
N PHE I 178 6.90 -42.62 40.83
CA PHE I 178 7.86 -42.74 41.93
C PHE I 178 7.64 -41.84 43.15
N LEU I 179 7.46 -40.53 42.97
CA LEU I 179 7.20 -39.65 44.11
C LEU I 179 5.82 -39.83 44.68
N ASN I 180 4.85 -39.95 43.78
CA ASN I 180 3.45 -40.15 44.13
C ASN I 180 3.22 -41.48 44.82
N TYR I 181 3.92 -42.51 44.35
CA TYR I 181 3.75 -43.84 44.88
C TYR I 181 4.08 -43.88 46.37
N PHE I 182 5.18 -43.25 46.76
CA PHE I 182 5.55 -43.20 48.17
C PHE I 182 4.54 -42.36 48.97
N ALA I 183 4.12 -41.24 48.38
CA ALA I 183 3.16 -40.34 49.00
C ALA I 183 1.80 -41.02 49.18
N SER I 184 1.42 -41.83 48.21
CA SER I 184 0.15 -42.58 48.21
C SER I 184 0.00 -43.62 49.32
N MET I 185 1.14 -44.11 49.83
CA MET I 185 1.20 -45.11 50.91
C MET I 185 0.63 -44.68 52.27
N ARG I 186 0.49 -43.38 52.50
CA ARG I 186 -0.06 -42.82 53.73
C ARG I 186 -1.51 -43.22 54.03
N TRP I 187 -2.30 -43.52 53.00
CA TRP I 187 -3.70 -43.92 53.16
C TRP I 187 -3.83 -45.17 54.01
N PHE I 188 -2.92 -46.13 53.80
CA PHE I 188 -2.87 -47.36 54.59
C PHE I 188 -2.55 -47.04 56.06
N GLY I 189 -1.68 -46.06 56.27
CA GLY I 189 -1.29 -45.58 57.58
C GLY I 189 0.02 -46.09 58.13
N GLY I 190 0.57 -47.14 57.53
CA GLY I 190 1.85 -47.66 57.94
C GLY I 190 2.70 -47.79 56.69
N VAL I 191 3.94 -47.30 56.71
CA VAL I 191 4.74 -47.45 55.50
C VAL I 191 5.52 -48.76 55.59
N PRO I 192 5.13 -49.79 54.86
CA PRO I 192 5.89 -51.05 54.89
C PRO I 192 7.16 -50.93 54.07
N LEU I 193 8.29 -51.21 54.69
CA LEU I 193 9.58 -51.15 54.03
C LEU I 193 10.36 -52.42 54.30
N ILE I 194 10.86 -53.05 53.23
CA ILE I 194 11.66 -54.26 53.40
C ILE I 194 12.99 -53.88 54.02
N SER I 195 13.31 -54.53 55.15
CA SER I 195 14.51 -54.20 55.93
C SER I 195 14.54 -52.73 56.31
N LEU I 196 13.36 -52.14 56.54
CA LEU I 196 13.19 -50.73 56.85
C LEU I 196 13.78 -49.81 55.79
N GLY I 197 14.04 -50.34 54.59
CA GLY I 197 14.65 -49.55 53.54
C GLY I 197 16.03 -49.04 53.89
N LYS I 198 16.75 -49.75 54.75
CA LYS I 198 18.08 -49.33 55.17
C LYS I 198 19.20 -49.95 54.34
N GLU I 199 18.87 -50.76 53.34
CA GLU I 199 19.86 -51.38 52.48
C GLU I 199 19.47 -51.23 51.01
N THR I 200 18.84 -50.10 50.68
CA THR I 200 18.51 -49.77 49.31
C THR I 200 18.93 -48.33 49.06
N VAL I 201 19.69 -48.12 47.98
CA VAL I 201 20.18 -46.79 47.60
C VAL I 201 19.50 -46.39 46.31
N LYS I 202 19.00 -45.15 46.26
CA LYS I 202 18.29 -44.63 45.11
C LYS I 202 18.97 -43.38 44.59
N GLN I 203 18.96 -43.21 43.28
CA GLN I 203 19.52 -42.03 42.62
C GLN I 203 18.50 -41.49 41.62
N PRO I 204 17.41 -40.89 42.11
CA PRO I 204 16.37 -40.41 41.19
C PRO I 204 16.83 -39.21 40.38
N VAL I 205 16.20 -39.03 39.22
CA VAL I 205 16.56 -37.98 38.27
C VAL I 205 15.30 -37.20 37.91
N TYR I 206 15.49 -35.90 37.69
CA TYR I 206 14.37 -35.03 37.35
C TYR I 206 13.90 -35.28 35.91
N ILE I 207 12.60 -35.08 35.69
CA ILE I 207 11.99 -35.38 34.39
C ILE I 207 12.44 -34.37 33.34
N VAL I 208 12.52 -33.10 33.70
CA VAL I 208 12.95 -32.08 32.75
C VAL I 208 14.39 -32.33 32.32
N ASP I 209 15.22 -32.82 33.25
CA ASP I 209 16.59 -33.18 32.90
C ASP I 209 16.62 -34.29 31.86
N VAL I 210 15.77 -35.30 32.02
CA VAL I 210 15.75 -36.41 31.06
C VAL I 210 15.28 -35.92 29.69
N SER I 211 14.25 -35.08 29.66
CA SER I 211 13.77 -34.56 28.38
C SER I 211 14.84 -33.70 27.70
N LYS I 212 15.52 -32.85 28.46
CA LYS I 212 16.59 -32.05 27.89
C LYS I 212 17.74 -32.93 27.41
N GLY I 213 18.01 -34.02 28.12
CA GLY I 213 19.05 -34.94 27.68
C GLY I 213 18.71 -35.60 26.36
N ILE I 214 17.44 -36.01 26.20
CA ILE I 214 17.01 -36.58 24.93
C ILE I 214 17.14 -35.55 23.82
N ILE I 215 16.68 -34.32 24.07
CA ILE I 215 16.73 -33.28 23.05
C ILE I 215 18.17 -32.97 22.65
N ASN I 216 19.07 -32.87 23.62
CA ASN I 216 20.47 -32.57 23.32
C ASN I 216 21.17 -33.76 22.69
N ALA I 217 20.70 -34.98 22.95
CA ALA I 217 21.24 -36.15 22.26
C ALA I 217 20.78 -36.19 20.81
N ILE I 218 19.61 -35.63 20.51
CA ILE I 218 19.17 -35.56 19.12
C ILE I 218 20.08 -34.64 18.31
N LYS I 219 20.51 -33.53 18.91
CA LYS I 219 21.27 -32.51 18.19
C LYS I 219 22.79 -32.68 18.34
N ASP I 220 23.24 -33.75 18.99
CA ASP I 220 24.67 -33.98 19.16
C ASP I 220 25.15 -34.99 18.13
N PRO I 221 26.02 -34.59 17.20
CA PRO I 221 26.45 -35.52 16.15
C PRO I 221 27.21 -36.74 16.65
N ASP I 222 27.97 -36.63 17.75
CA ASP I 222 28.82 -37.71 18.21
C ASP I 222 28.15 -38.57 19.28
N ALA I 223 26.83 -38.70 19.22
CA ALA I 223 26.07 -39.54 20.14
C ALA I 223 25.29 -40.60 19.37
N LYS I 224 25.91 -41.20 18.35
CA LYS I 224 25.20 -42.16 17.51
C LYS I 224 25.11 -43.52 18.19
N GLY I 225 26.25 -44.16 18.40
CA GLY I 225 26.29 -45.48 19.01
C GLY I 225 26.48 -45.48 20.51
N LYS I 226 26.35 -44.34 21.17
CA LYS I 226 26.69 -44.21 22.57
C LYS I 226 25.52 -44.65 23.46
N THR I 227 25.86 -45.01 24.69
CA THR I 227 24.87 -45.36 25.71
C THR I 227 25.07 -44.42 26.90
N PHE I 228 23.99 -43.78 27.33
CA PHE I 228 24.04 -42.78 28.38
C PHE I 228 23.32 -43.28 29.62
N ALA I 229 23.83 -42.88 30.79
CA ALA I 229 23.19 -43.15 32.07
C ALA I 229 22.72 -41.82 32.64
N PHE I 230 21.40 -41.66 32.76
CA PHE I 230 20.81 -40.42 33.29
C PHE I 230 20.44 -40.65 34.75
N VAL I 231 21.23 -40.11 35.67
CA VAL I 231 21.00 -40.26 37.09
C VAL I 231 21.10 -38.89 37.75
N GLY I 232 20.53 -38.81 38.95
CA GLY I 232 20.54 -37.57 39.70
C GLY I 232 21.90 -37.30 40.33
N PRO I 233 21.99 -36.15 40.98
CA PRO I 233 23.28 -35.77 41.59
C PRO I 233 23.55 -36.46 42.92
N ASN I 234 22.49 -36.81 43.65
CA ASN I 234 22.62 -37.34 45.01
C ASN I 234 22.08 -38.76 45.07
N ARG I 235 22.69 -39.55 45.95
CA ARG I 235 22.22 -40.90 46.27
C ARG I 235 21.65 -40.91 47.68
N TYR I 236 20.48 -41.52 47.84
CA TYR I 236 19.79 -41.56 49.12
C TYR I 236 19.51 -43.01 49.51
N LEU I 237 19.57 -43.28 50.81
CA LEU I 237 18.99 -44.50 51.33
C LEU I 237 17.47 -44.43 51.19
N LEU I 238 16.84 -45.60 51.02
CA LEU I 238 15.39 -45.63 50.83
C LEU I 238 14.66 -45.08 52.05
N PHE I 239 15.15 -45.43 53.25
CA PHE I 239 14.50 -44.93 54.46
C PHE I 239 14.54 -43.42 54.53
N ASP I 240 15.70 -42.82 54.30
CA ASP I 240 15.82 -41.37 54.37
C ASP I 240 15.05 -40.71 53.24
N LEU I 241 15.00 -41.34 52.07
CA LEU I 241 14.24 -40.79 50.95
C LEU I 241 12.75 -40.73 51.26
N VAL I 242 12.20 -41.81 51.80
CA VAL I 242 10.78 -41.81 52.16
C VAL I 242 10.53 -40.86 53.33
N GLN I 243 11.49 -40.76 54.26
CA GLN I 243 11.36 -39.79 55.34
C GLN I 243 11.25 -38.37 54.81
N TYR I 244 12.12 -38.02 53.86
CA TYR I 244 12.07 -36.68 53.27
C TYR I 244 10.78 -36.47 52.49
N ILE I 245 10.32 -37.50 51.78
CA ILE I 245 9.08 -37.39 51.03
C ILE I 245 7.92 -37.09 51.96
N PHE I 246 7.82 -37.81 53.08
CA PHE I 246 6.73 -37.58 54.01
C PHE I 246 6.88 -36.25 54.75
N ALA I 247 8.14 -35.81 54.99
CA ALA I 247 8.34 -34.53 55.64
C ALA I 247 7.91 -33.37 54.74
N VAL I 248 8.20 -33.46 53.45
CA VAL I 248 7.79 -32.39 52.54
C VAL I 248 6.26 -32.34 52.42
N ALA I 249 5.61 -33.50 52.41
CA ALA I 249 4.16 -33.55 52.35
C ALA I 249 3.51 -33.25 53.71
N TYR I 250 4.29 -33.14 54.77
CA TYR I 250 3.80 -32.85 56.11
C TYR I 250 2.81 -33.92 56.59
N ARG I 251 3.19 -35.17 56.44
CA ARG I 251 2.38 -36.30 56.88
C ARG I 251 3.12 -37.09 57.95
N PRO I 252 2.39 -37.69 58.89
CA PRO I 252 3.05 -38.52 59.91
C PRO I 252 3.68 -39.76 59.29
N PHE I 253 4.93 -40.02 59.66
CA PHE I 253 5.71 -41.12 59.10
C PHE I 253 5.73 -42.27 60.10
N LEU I 254 5.18 -43.41 59.70
CA LEU I 254 5.12 -44.60 60.54
C LEU I 254 5.68 -45.77 59.74
N PRO I 255 7.00 -45.86 59.60
CA PRO I 255 7.60 -46.94 58.82
C PRO I 255 7.77 -48.20 59.66
N TYR I 256 7.45 -49.34 59.05
CA TYR I 256 7.62 -50.60 59.74
C TYR I 256 8.23 -51.64 58.80
N PRO I 257 9.04 -52.55 59.31
CA PRO I 257 9.63 -53.59 58.45
C PRO I 257 8.60 -54.64 58.07
N LEU I 258 8.68 -55.08 56.82
CA LEU I 258 7.84 -56.15 56.31
C LEU I 258 8.73 -57.18 55.65
N PRO I 259 8.56 -58.47 55.95
CA PRO I 259 9.40 -59.49 55.32
C PRO I 259 9.16 -59.54 53.82
N HIS I 260 10.21 -59.99 53.10
CA HIS I 260 10.17 -59.99 51.65
C HIS I 260 9.01 -60.84 51.12
N PHE I 261 8.78 -62.01 51.72
CA PHE I 261 7.70 -62.87 51.25
C PHE I 261 6.34 -62.21 51.45
N ALA I 262 6.14 -61.53 52.58
CA ALA I 262 4.87 -60.86 52.83
C ALA I 262 4.63 -59.72 51.85
N TYR I 263 5.68 -58.95 51.55
CA TYR I 263 5.53 -57.87 50.57
C TYR I 263 5.24 -58.43 49.18
N ARG I 264 5.89 -59.54 48.82
CA ARG I 264 5.60 -60.20 47.55
C ARG I 264 4.15 -60.67 47.49
N TRP I 265 3.65 -61.23 48.60
CA TRP I 265 2.27 -61.69 48.66
C TRP I 265 1.30 -60.52 48.50
N VAL I 266 1.58 -59.41 49.18
CA VAL I 266 0.72 -58.23 49.08
C VAL I 266 0.72 -57.69 47.65
N GLY I 267 1.89 -57.70 47.02
CA GLY I 267 2.01 -57.21 45.66
C GLY I 267 1.15 -58.03 44.73
N ARG I 268 1.13 -59.34 44.94
CA ARG I 268 0.34 -60.23 44.11
C ARG I 268 -1.15 -59.94 44.23
N LEU I 269 -1.61 -59.63 45.43
CA LEU I 269 -3.02 -59.35 45.67
C LEU I 269 -3.50 -58.15 44.87
N PHE I 270 -2.68 -57.09 44.85
CA PHE I 270 -2.99 -55.88 44.11
C PHE I 270 -3.01 -56.11 42.60
N GLU I 271 -2.16 -57.01 42.15
CA GLU I 271 -1.98 -57.36 40.75
C GLU I 271 -3.22 -57.92 40.06
N VAL I 272 -4.08 -58.60 40.82
CA VAL I 272 -5.30 -59.22 40.28
C VAL I 272 -6.34 -58.26 39.68
N SER I 273 -6.34 -57.00 40.09
CA SER I 273 -7.32 -56.04 39.60
C SER I 273 -7.28 -55.86 38.08
N PRO I 274 -8.46 -55.76 37.46
CA PRO I 274 -8.68 -55.59 36.02
C PRO I 274 -8.08 -54.28 35.54
N PHE I 275 -8.23 -53.25 36.36
CA PHE I 275 -7.68 -51.91 36.11
C PHE I 275 -6.21 -51.90 36.53
N GLU I 276 -5.48 -50.84 36.20
CA GLU I 276 -4.07 -50.79 36.56
C GLU I 276 -3.88 -50.91 38.07
N PRO I 277 -2.97 -51.81 38.49
CA PRO I 277 -2.57 -52.15 39.85
C PRO I 277 -1.86 -51.03 40.56
N TRP I 278 -2.18 -50.84 41.85
CA TRP I 278 -1.53 -49.82 42.64
C TRP I 278 -0.05 -50.18 42.77
N THR I 279 0.20 -51.47 42.94
CA THR I 279 1.56 -52.01 43.06
C THR I 279 1.57 -53.45 42.56
N THR I 280 2.74 -53.94 42.17
CA THR I 280 2.87 -55.31 41.67
C THR I 280 4.18 -55.93 42.15
N ARG I 281 4.23 -57.26 42.20
CA ARG I 281 5.45 -57.93 42.65
C ARG I 281 6.68 -57.35 41.95
N ASP I 282 6.55 -57.05 40.66
CA ASP I 282 7.64 -56.41 39.93
C ASP I 282 7.97 -55.04 40.51
N LYS I 283 6.95 -54.26 40.86
CA LYS I 283 7.19 -52.96 41.46
C LYS I 283 7.87 -53.10 42.82
N VAL I 284 7.47 -54.11 43.59
CA VAL I 284 8.10 -54.35 44.89
C VAL I 284 9.57 -54.71 44.70
N GLU I 285 9.86 -55.56 43.71
CA GLU I 285 11.25 -55.92 43.44
C GLU I 285 12.07 -54.72 43.00
N ARG I 286 11.52 -53.88 42.11
CA ARG I 286 12.28 -52.76 41.58
C ARG I 286 12.48 -51.67 42.61
N VAL I 287 11.50 -51.43 43.49
CA VAL I 287 11.61 -50.30 44.40
C VAL I 287 12.48 -50.64 45.60
N HIS I 288 12.76 -51.92 45.85
CA HIS I 288 13.66 -52.34 46.92
C HIS I 288 14.97 -52.87 46.36
N MET I 289 15.45 -52.31 45.26
CA MET I 289 16.70 -52.73 44.64
C MET I 289 17.59 -51.51 44.47
N SER I 290 18.85 -51.63 44.91
CA SER I 290 19.78 -50.51 44.85
C SER I 290 20.08 -50.12 43.41
N ASP I 291 20.25 -48.83 43.19
CA ASP I 291 20.54 -48.32 41.85
C ASP I 291 22.00 -48.61 41.51
N MET I 292 22.21 -49.17 40.33
CA MET I 292 23.57 -49.52 39.89
C MET I 292 24.38 -48.27 39.63
N THR I 293 25.68 -48.39 39.82
CA THR I 293 26.62 -47.30 39.53
C THR I 293 27.45 -47.72 38.31
N LEU I 294 27.51 -46.84 37.32
CA LEU I 294 28.20 -47.11 36.05
C LEU I 294 29.08 -45.91 35.71
N PRO I 295 30.27 -45.83 36.30
CA PRO I 295 31.15 -44.69 36.03
C PRO I 295 31.73 -44.67 34.62
N HIS I 296 31.60 -45.75 33.86
CA HIS I 296 32.16 -45.82 32.52
C HIS I 296 31.20 -45.33 31.44
N LEU I 297 29.98 -44.96 31.81
CA LEU I 297 29.03 -44.44 30.84
C LEU I 297 28.92 -42.92 30.95
N PRO I 298 28.69 -42.23 29.84
CA PRO I 298 28.44 -40.78 29.90
C PRO I 298 27.08 -40.50 30.53
N GLY I 299 26.93 -39.27 31.01
CA GLY I 299 25.71 -38.88 31.67
C GLY I 299 25.17 -37.55 31.22
N LEU I 300 24.35 -36.91 32.07
CA LEU I 300 23.79 -35.61 31.72
C LEU I 300 24.87 -34.55 31.59
N GLU I 301 25.90 -34.60 32.44
CA GLU I 301 26.96 -33.59 32.39
C GLU I 301 27.76 -33.65 31.10
N ASP I 302 27.75 -34.78 30.39
CA ASP I 302 28.40 -34.87 29.10
C ASP I 302 27.52 -34.35 27.97
N LEU I 303 26.26 -34.03 28.24
CA LEU I 303 25.38 -33.38 27.27
C LEU I 303 25.12 -31.92 27.62
N GLY I 304 25.89 -31.34 28.53
CA GLY I 304 25.75 -29.96 28.90
C GLY I 304 24.69 -29.67 29.94
N ILE I 305 24.21 -30.68 30.65
CA ILE I 305 23.10 -30.51 31.59
C ILE I 305 23.59 -30.74 33.00
N GLN I 306 23.26 -29.81 33.89
CA GLN I 306 23.52 -29.96 35.32
C GLN I 306 22.27 -30.54 35.97
N ALA I 307 22.39 -31.75 36.52
CA ALA I 307 21.24 -32.45 37.05
C ALA I 307 20.60 -31.68 38.20
N THR I 308 19.28 -31.57 38.17
CA THR I 308 18.56 -30.84 39.20
C THR I 308 18.43 -31.69 40.45
N PRO I 309 18.86 -31.21 41.61
CA PRO I 309 18.72 -32.00 42.83
C PRO I 309 17.27 -32.18 43.21
N LEU I 310 17.00 -33.29 43.90
CA LEU I 310 15.63 -33.60 44.33
C LEU I 310 15.09 -32.52 45.25
N GLU I 311 15.94 -31.96 46.11
CA GLU I 311 15.47 -30.99 47.10
C GLU I 311 14.96 -29.70 46.49
N LEU I 312 15.30 -29.41 45.24
CA LEU I 312 14.82 -28.21 44.58
C LEU I 312 13.45 -28.39 43.92
N LYS I 313 13.19 -29.55 43.35
CA LYS I 313 11.96 -29.80 42.60
C LYS I 313 11.15 -30.92 43.24
N ALA I 314 11.13 -30.98 44.57
CA ALA I 314 10.30 -31.94 45.27
C ALA I 314 9.01 -31.33 45.81
N ILE I 315 9.03 -30.05 46.16
CA ILE I 315 7.82 -29.41 46.68
C ILE I 315 6.77 -29.26 45.57
N GLU I 316 7.21 -29.02 44.33
CA GLU I 316 6.26 -28.87 43.24
C GLU I 316 5.48 -30.15 42.95
N VAL I 317 5.95 -31.28 43.45
CA VAL I 317 5.27 -32.56 43.28
C VAL I 317 4.45 -32.93 44.52
N LEU I 318 5.00 -32.69 45.71
CA LEU I 318 4.40 -33.16 46.94
C LEU I 318 3.52 -32.14 47.63
N ARG I 319 3.48 -30.89 47.15
CA ARG I 319 2.57 -29.91 47.74
C ARG I 319 1.12 -30.33 47.55
N ARG I 320 0.82 -31.08 46.50
CA ARG I 320 -0.54 -31.55 46.27
C ARG I 320 -0.99 -32.50 47.36
N HIS I 321 -0.06 -33.21 48.00
CA HIS I 321 -0.39 -34.17 49.03
C HIS I 321 -0.48 -33.57 50.43
N ARG I 322 -0.19 -32.29 50.58
CA ARG I 322 -0.36 -31.63 51.87
C ARG I 322 -1.84 -31.37 52.13
N THR I 323 -2.17 -31.25 53.41
CA THR I 323 -3.51 -30.85 53.81
C THR I 323 -3.63 -29.33 53.72
N TYR I 324 -4.81 -28.80 54.04
CA TYR I 324 -5.03 -27.37 53.95
C TYR I 324 -4.14 -26.62 54.94
N ARG I 325 -3.86 -27.22 56.10
CA ARG I 325 -3.09 -26.54 57.13
C ARG I 325 -1.69 -26.20 56.63
N TRP I 326 -1.03 -27.14 55.95
CA TRP I 326 0.34 -26.97 55.49
C TRP I 326 0.44 -26.62 54.02
N LEU I 327 -0.68 -26.25 53.38
CA LEU I 327 -0.68 -26.05 51.93
C LEU I 327 0.19 -24.89 51.51
N THR I 328 0.44 -23.93 52.39
CA THR I 328 1.18 -22.72 52.04
C THR I 328 2.62 -22.73 52.55
N SER I 329 3.09 -23.85 53.10
CA SER I 329 4.43 -23.91 53.65
C SER I 329 5.48 -23.75 52.56
N GLU I 330 6.56 -23.07 52.89
CA GLU I 330 7.60 -22.73 51.92
C GLU I 330 8.44 -23.96 51.58
N MET I 331 9.49 -23.74 50.78
CA MET I 331 10.30 -24.82 50.25
C MET I 331 11.52 -25.13 51.11
N GLU I 332 12.14 -24.12 51.71
CA GLU I 332 13.43 -24.28 52.38
C GLU I 332 13.28 -24.46 53.89
N ASP I 333 12.20 -25.07 54.35
CA ASP I 333 11.97 -25.28 55.78
C ASP I 333 11.75 -26.76 56.09
N VAL I 334 12.42 -27.64 55.35
CA VAL I 334 12.27 -29.08 55.53
C VAL I 334 13.56 -29.76 55.97
N LYS I 335 14.70 -29.07 55.96
CA LYS I 335 15.97 -29.67 56.35
C LYS I 335 16.26 -30.92 55.53
N PRO I 336 16.72 -30.76 54.28
CA PRO I 336 16.86 -31.91 53.36
C PRO I 336 17.52 -33.16 53.92
N ALA I 337 17.20 -34.30 53.32
CA ALA I 337 17.62 -35.59 53.82
C ALA I 337 19.13 -35.78 53.65
N LYS I 338 19.67 -36.73 54.40
CA LYS I 338 21.07 -37.07 54.32
C LYS I 338 21.36 -37.92 53.10
N THR I 339 22.45 -37.60 52.40
CA THR I 339 22.83 -38.29 51.19
C THR I 339 24.04 -39.17 51.47
N VAL I 340 23.94 -40.44 51.13
CA VAL I 340 25.10 -41.35 51.22
C VAL I 340 25.82 -41.25 49.88
N ASN I 341 26.72 -40.28 49.80
CA ASN I 341 27.47 -39.99 48.58
C ASN I 341 28.88 -40.54 48.77
N ILE I 342 29.18 -41.64 48.08
CA ILE I 342 30.49 -42.28 48.14
C ILE I 342 30.87 -42.63 49.58
N PHE J 1 -5.55 41.90 -79.44
CA PHE J 1 -6.15 41.67 -78.12
C PHE J 1 -7.47 40.93 -78.24
N ASP J 2 -7.58 39.79 -77.56
CA ASP J 2 -8.81 39.00 -77.56
C ASP J 2 -8.79 38.06 -76.38
N ASN J 3 -9.94 37.93 -75.72
CA ASN J 3 -10.12 37.00 -74.60
C ASN J 3 -10.86 35.74 -75.02
N SER J 4 -10.96 35.48 -76.32
CA SER J 4 -11.72 34.33 -76.79
C SER J 4 -11.01 33.01 -76.50
N THR J 5 -9.68 32.99 -76.55
CA THR J 5 -8.92 31.75 -76.48
C THR J 5 -8.22 31.60 -75.15
N TYR J 6 -7.94 30.35 -74.79
CA TYR J 6 -7.20 30.02 -73.57
C TYR J 6 -5.73 29.86 -73.92
N ARG J 7 -4.86 30.55 -73.18
CA ARG J 7 -3.43 30.57 -73.48
C ARG J 7 -2.60 29.70 -72.53
N ASN J 8 -3.22 29.03 -71.57
CA ASN J 8 -2.51 28.11 -70.69
C ASN J 8 -2.68 26.68 -71.21
N LEU J 9 -2.11 26.44 -72.39
CA LEU J 9 -2.17 25.13 -73.01
C LEU J 9 -0.86 24.35 -72.92
N GLN J 10 0.22 24.99 -72.46
CA GLN J 10 1.52 24.32 -72.41
C GLN J 10 1.55 23.20 -71.39
N HIS J 11 0.66 23.20 -70.41
CA HIS J 11 0.65 22.19 -69.36
C HIS J 11 -0.03 20.90 -69.77
N HIS J 12 -0.52 20.83 -71.01
CA HIS J 12 -1.12 19.62 -71.54
C HIS J 12 -0.09 18.61 -72.03
N GLU J 13 1.18 18.98 -72.11
CA GLU J 13 2.25 18.10 -72.54
C GLU J 13 3.37 18.06 -71.52
N TYR J 14 3.01 17.91 -70.24
CA TYR J 14 3.99 17.76 -69.16
C TYR J 14 4.09 16.28 -68.81
N SER J 15 5.31 15.76 -68.80
CA SER J 15 5.56 14.36 -68.52
C SER J 15 5.75 14.17 -67.01
N THR J 16 6.20 12.98 -66.63
CA THR J 16 6.37 12.68 -65.21
C THR J 16 7.56 13.43 -64.61
N TYR J 17 8.61 13.63 -65.40
CA TYR J 17 9.87 14.19 -64.90
C TYR J 17 10.06 15.65 -65.29
N THR J 18 8.98 16.36 -65.64
CA THR J 18 9.13 17.75 -66.09
C THR J 18 9.65 18.64 -64.96
N PHE J 19 9.08 18.50 -63.76
CA PHE J 19 9.47 19.33 -62.64
C PHE J 19 10.95 19.11 -62.28
N LEU J 20 11.36 17.85 -62.20
CA LEU J 20 12.74 17.56 -61.83
C LEU J 20 13.71 17.90 -62.97
N ASP J 21 13.26 17.76 -64.22
CA ASP J 21 14.10 18.21 -65.33
C ASP J 21 14.34 19.71 -65.26
N LEU J 22 13.30 20.48 -64.95
CA LEU J 22 13.47 21.92 -64.78
C LEU J 22 14.37 22.25 -63.60
N ASN J 23 14.25 21.48 -62.52
CA ASN J 23 15.13 21.69 -61.38
C ASN J 23 16.59 21.44 -61.75
N VAL J 24 16.85 20.36 -62.49
CA VAL J 24 18.21 20.06 -62.94
C VAL J 24 18.73 21.18 -63.83
N GLU J 25 17.87 21.70 -64.71
CA GLU J 25 18.26 22.82 -65.56
C GLU J 25 18.59 24.05 -64.74
N LEU J 26 17.80 24.32 -63.70
CA LEU J 26 18.00 25.51 -62.87
C LEU J 26 19.18 25.36 -61.91
N SER J 27 19.69 24.15 -61.73
CA SER J 27 20.77 23.93 -60.76
C SER J 27 22.01 24.76 -61.07
N LYS J 28 22.19 25.21 -62.30
CA LYS J 28 23.40 25.94 -62.69
C LYS J 28 23.29 27.44 -62.48
N PHE J 29 22.13 27.96 -62.08
CA PHE J 29 21.94 29.39 -61.87
C PHE J 29 22.00 29.79 -60.40
N ARG J 30 22.02 28.83 -59.48
CA ARG J 30 21.88 29.14 -58.06
C ARG J 30 23.19 29.65 -57.46
N MET J 31 23.07 30.45 -56.41
CA MET J 31 24.21 30.85 -55.60
C MET J 31 24.66 29.70 -54.72
N PRO J 32 25.94 29.69 -54.32
CA PRO J 32 26.41 28.65 -53.40
C PRO J 32 25.66 28.70 -52.08
N GLN J 33 25.39 27.52 -51.53
CA GLN J 33 24.59 27.41 -50.32
C GLN J 33 25.43 27.70 -49.07
N PRO J 34 24.81 28.26 -48.03
CA PRO J 34 25.52 28.41 -46.75
C PRO J 34 25.73 27.06 -46.09
N SER J 35 26.76 27.00 -45.26
CA SER J 35 27.12 25.78 -44.55
C SER J 35 27.06 26.02 -43.05
N SER J 36 26.52 25.03 -42.33
CA SER J 36 26.39 25.12 -40.88
C SER J 36 27.65 24.72 -40.13
N GLY J 37 28.66 24.19 -40.83
CA GLY J 37 29.89 23.77 -40.22
C GLY J 37 30.03 22.27 -40.01
N ARG J 38 28.94 21.53 -40.15
CA ARG J 38 28.94 20.09 -40.01
C ARG J 38 28.33 19.45 -41.24
N GLN J 39 28.59 18.15 -41.42
CA GLN J 39 27.94 17.40 -42.48
C GLN J 39 26.50 17.06 -42.14
N SER J 40 26.16 16.96 -40.86
CA SER J 40 24.84 16.56 -40.41
C SER J 40 24.70 16.86 -38.92
N PRO J 41 23.49 17.03 -38.40
CA PRO J 41 23.33 17.24 -36.96
C PRO J 41 23.79 16.06 -36.12
N ARG J 42 23.95 14.88 -36.72
CA ARG J 42 24.52 13.72 -36.03
C ARG J 42 26.03 13.64 -36.19
N HIS J 43 26.64 14.64 -36.81
CA HIS J 43 28.09 14.71 -36.92
C HIS J 43 28.65 15.74 -35.94
N GLN K 1 11.27 23.92 41.30
CA GLN K 1 11.19 25.01 40.33
C GLN K 1 12.07 24.74 39.12
N LEU K 2 13.36 24.56 39.37
CA LEU K 2 14.32 24.29 38.29
C LEU K 2 15.52 23.59 38.90
N ILE K 3 15.70 22.31 38.57
CA ILE K 3 16.80 21.53 39.11
C ILE K 3 18.07 21.63 38.25
N ALA K 4 17.94 22.11 37.01
CA ALA K 4 19.09 22.31 36.11
C ALA K 4 19.90 21.03 35.96
N VAL K 5 19.25 20.01 35.41
CA VAL K 5 19.93 18.75 35.14
C VAL K 5 20.95 18.95 34.03
N ASP K 6 22.13 18.36 34.20
CA ASP K 6 23.24 18.52 33.27
C ASP K 6 23.64 17.16 32.70
N GLU K 7 22.64 16.37 32.32
CA GLU K 7 22.84 15.03 31.81
C GLU K 7 22.29 14.93 30.39
N LYS K 8 22.90 14.08 29.58
CA LYS K 8 22.36 13.81 28.26
C LYS K 8 21.07 13.01 28.36
N LEU K 9 20.09 13.37 27.54
CA LEU K 9 18.78 12.75 27.61
C LEU K 9 18.85 11.27 27.23
N ASP K 10 18.19 10.43 28.02
CA ASP K 10 18.23 8.99 27.80
C ASP K 10 17.01 8.37 28.47
N ILE K 11 16.11 7.82 27.66
CA ILE K 11 14.87 7.23 28.15
C ILE K 11 14.81 5.73 27.84
N THR K 12 15.95 5.10 27.64
CA THR K 12 15.96 3.70 27.23
C THR K 12 15.38 2.78 28.31
N THR K 13 15.53 3.15 29.59
CA THR K 13 15.03 2.32 30.67
C THR K 13 13.53 2.43 30.88
N LEU K 14 12.89 3.47 30.33
CA LEU K 14 11.47 3.68 30.54
C LEU K 14 10.59 3.16 29.41
N THR K 15 11.18 2.84 28.25
CA THR K 15 10.38 2.52 27.08
C THR K 15 9.94 1.06 27.00
N GLY K 16 10.49 0.19 27.85
CA GLY K 16 10.08 -1.20 27.83
C GLY K 16 10.63 -2.01 26.67
N VAL K 17 11.68 -1.53 26.02
CA VAL K 17 12.30 -2.24 24.90
C VAL K 17 13.35 -3.20 25.42
N PRO K 18 13.34 -4.47 25.02
CA PRO K 18 14.41 -5.39 25.43
C PRO K 18 15.75 -4.92 24.90
N GLU K 19 16.80 -5.15 25.69
CA GLU K 19 18.13 -4.65 25.34
C GLU K 19 18.66 -5.26 24.04
N GLU K 20 18.11 -6.39 23.60
CA GLU K 20 18.50 -6.93 22.32
C GLU K 20 18.14 -5.99 21.18
N HIS K 21 17.01 -5.30 21.29
CA HIS K 21 16.54 -4.40 20.25
C HIS K 21 16.92 -2.95 20.52
N ILE K 22 17.95 -2.73 21.34
CA ILE K 22 18.48 -1.40 21.61
C ILE K 22 19.96 -1.31 21.26
N LYS K 23 20.75 -2.27 21.73
CA LYS K 23 22.19 -2.28 21.50
C LYS K 23 22.58 -2.90 20.16
N THR K 24 21.68 -3.65 19.53
CA THR K 24 22.00 -4.37 18.30
C THR K 24 21.36 -3.78 17.06
N ARG K 25 20.27 -3.04 17.21
CA ARG K 25 19.60 -2.46 16.06
C ARG K 25 20.41 -1.28 15.51
N LYS K 26 20.23 -1.03 14.21
CA LYS K 26 20.92 0.05 13.51
C LYS K 26 19.86 0.77 12.68
N VAL K 27 19.54 2.01 13.06
CA VAL K 27 18.48 2.72 12.35
C VAL K 27 19.05 3.55 11.22
N ARG K 28 18.20 3.82 10.25
CA ARG K 28 18.57 4.49 9.01
C ARG K 28 17.66 5.71 8.87
N ILE K 29 18.28 6.89 8.77
CA ILE K 29 17.56 8.16 8.68
C ILE K 29 17.82 8.74 7.30
N PHE K 30 16.75 8.95 6.53
CA PHE K 30 16.92 9.30 5.14
C PHE K 30 15.64 9.91 4.60
N VAL K 31 15.76 10.62 3.50
CA VAL K 31 14.62 11.04 2.69
C VAL K 31 14.41 9.99 1.60
N PRO K 32 13.26 9.33 1.53
CA PRO K 32 13.09 8.26 0.55
C PRO K 32 13.26 8.77 -0.88
N ALA K 33 13.86 7.93 -1.71
CA ALA K 33 14.04 8.28 -3.11
C ALA K 33 12.71 8.21 -3.86
N ARG K 34 12.61 9.01 -4.91
CA ARG K 34 11.39 9.02 -5.72
C ARG K 34 11.21 7.69 -6.43
N ASN K 35 9.97 7.20 -6.43
CA ASN K 35 9.63 6.01 -7.22
C ASN K 35 9.82 6.33 -8.70
N ASN K 36 10.76 5.64 -9.33
CA ASN K 36 11.13 5.97 -10.71
C ASN K 36 10.01 5.67 -11.70
N MET K 37 8.97 4.94 -11.29
CA MET K 37 7.84 4.68 -12.18
C MET K 37 6.94 5.90 -12.34
N GLN K 38 6.99 6.84 -11.41
CA GLN K 38 6.13 8.02 -11.45
C GLN K 38 6.98 9.28 -11.44
N SER K 39 6.32 10.41 -11.71
CA SER K 39 6.99 11.70 -11.73
C SER K 39 6.61 12.59 -10.55
N GLY K 40 5.60 12.22 -9.77
CA GLY K 40 5.25 13.03 -8.62
C GLY K 40 6.32 12.98 -7.55
N VAL K 41 6.55 14.14 -6.92
CA VAL K 41 7.62 14.31 -5.96
C VAL K 41 7.08 14.48 -4.54
N ASN K 42 5.79 14.18 -4.32
CA ASN K 42 5.18 14.44 -3.02
C ASN K 42 5.60 13.46 -1.94
N ASN K 43 6.28 12.36 -2.30
CA ASN K 43 6.76 11.38 -1.33
C ASN K 43 8.20 11.60 -0.94
N THR K 44 8.81 12.71 -1.37
CA THR K 44 10.20 13.03 -1.07
C THR K 44 10.30 14.35 -0.29
N LYS K 45 9.38 14.55 0.66
CA LYS K 45 9.32 15.80 1.42
C LYS K 45 9.75 15.66 2.86
N LYS K 46 9.49 14.52 3.50
CA LYS K 46 9.73 14.35 4.92
C LYS K 46 10.81 13.29 5.16
N TRP K 47 11.55 13.46 6.25
CA TRP K 47 12.55 12.48 6.63
C TRP K 47 11.88 11.26 7.25
N LYS K 48 12.53 10.11 7.12
CA LYS K 48 12.01 8.86 7.64
C LYS K 48 13.13 8.10 8.36
N MET K 49 12.73 7.37 9.39
CA MET K 49 13.61 6.53 10.17
C MET K 49 13.10 5.11 10.10
N GLU K 50 13.99 4.18 9.75
CA GLU K 50 13.62 2.77 9.63
C GLU K 50 14.70 1.92 10.28
N PHE K 51 14.44 0.62 10.37
CA PHE K 51 15.36 -0.31 11.00
C PHE K 51 15.96 -1.27 9.97
N ASP K 52 17.06 -1.90 10.35
CA ASP K 52 17.73 -2.86 9.49
C ASP K 52 16.87 -4.10 9.30
N THR K 53 17.00 -4.72 8.13
CA THR K 53 16.21 -5.90 7.79
C THR K 53 16.77 -7.13 8.49
N ARG K 54 15.87 -7.95 9.02
CA ARG K 54 16.22 -9.18 9.71
C ARG K 54 15.69 -10.38 8.93
N GLU K 55 15.90 -11.57 9.49
CA GLU K 55 15.60 -12.80 8.76
C GLU K 55 14.10 -13.01 8.59
N ARG K 56 13.71 -13.37 7.37
CA ARG K 56 12.36 -13.82 7.08
C ARG K 56 12.47 -15.21 6.47
N TRP K 57 11.64 -16.13 6.95
CA TRP K 57 11.70 -17.51 6.48
C TRP K 57 10.31 -17.97 6.03
N GLU K 58 10.26 -19.20 5.50
CA GLU K 58 9.03 -19.75 4.96
C GLU K 58 8.40 -20.67 5.99
N ASN K 59 7.18 -20.35 6.40
CA ASN K 59 6.54 -21.12 7.46
C ASN K 59 6.03 -22.44 6.90
N PRO K 60 6.27 -23.55 7.61
CA PRO K 60 6.11 -24.88 6.98
C PRO K 60 4.73 -25.14 6.39
N LEU K 61 3.67 -24.63 7.00
CA LEU K 61 2.32 -24.77 6.50
C LEU K 61 1.94 -23.54 5.69
N MET K 62 1.33 -23.75 4.52
CA MET K 62 0.84 -22.65 3.68
C MET K 62 1.97 -21.81 3.08
N GLY K 63 3.22 -22.09 3.45
CA GLY K 63 4.34 -21.39 2.89
C GLY K 63 4.36 -19.89 3.11
N TRP K 64 3.70 -19.40 4.15
CA TRP K 64 3.69 -17.97 4.43
C TRP K 64 5.08 -17.51 4.88
N SER K 65 5.26 -16.20 4.93
CA SER K 65 6.53 -15.59 5.30
C SER K 65 6.48 -15.19 6.76
N SER K 66 7.31 -15.83 7.57
CA SER K 66 7.39 -15.56 9.00
C SER K 66 8.61 -14.72 9.33
N THR K 67 8.48 -13.94 10.41
CA THR K 67 9.56 -13.12 10.92
C THR K 67 9.60 -13.29 12.43
N ALA K 68 10.75 -12.92 13.02
CA ALA K 68 10.91 -13.00 14.46
C ALA K 68 11.29 -11.67 15.10
N ASP K 69 11.46 -10.61 14.31
CA ASP K 69 11.74 -9.38 15.04
C ASP K 69 10.52 -8.47 15.04
N PRO K 70 10.35 -7.69 16.11
CA PRO K 70 9.12 -6.87 16.22
C PRO K 70 9.18 -5.54 15.51
N LEU K 71 10.35 -5.06 15.10
CA LEU K 71 10.50 -3.74 14.52
C LEU K 71 10.64 -3.77 13.01
N SER K 72 10.09 -4.81 12.36
CA SER K 72 10.27 -4.94 10.92
C SER K 72 9.39 -3.97 10.13
N ASN K 73 8.26 -3.56 10.68
CA ASN K 73 7.34 -2.66 10.00
C ASN K 73 7.37 -1.24 10.54
N LEU K 74 8.30 -0.92 11.44
CA LEU K 74 8.31 0.36 12.11
C LEU K 74 8.99 1.40 11.23
N VAL K 75 8.24 2.40 10.79
CA VAL K 75 8.76 3.51 10.01
C VAL K 75 8.25 4.80 10.66
N LEU K 76 9.17 5.66 11.06
CA LEU K 76 8.80 6.92 11.69
C LEU K 76 9.07 8.08 10.74
N THR K 77 8.27 9.14 10.87
CA THR K 77 8.34 10.29 9.99
C THR K 77 8.71 11.52 10.80
N PHE K 78 9.63 12.33 10.28
CA PHE K 78 10.12 13.52 10.95
C PHE K 78 10.21 14.67 9.96
N SER K 79 10.07 15.89 10.47
CA SER K 79 10.13 17.07 9.62
C SER K 79 11.56 17.41 9.23
N THR K 80 12.51 17.21 10.13
CA THR K 80 13.89 17.60 9.91
C THR K 80 14.82 16.47 10.29
N LYS K 81 16.06 16.55 9.79
CA LYS K 81 17.08 15.56 10.13
C LYS K 81 17.49 15.67 11.59
N GLU K 82 17.56 16.88 12.12
CA GLU K 82 17.94 17.07 13.52
C GLU K 82 16.93 16.43 14.45
N ASP K 83 15.64 16.52 14.13
CA ASP K 83 14.62 15.90 14.96
C ASP K 83 14.77 14.39 15.00
N ALA K 84 15.02 13.77 13.84
CA ALA K 84 15.21 12.32 13.79
C ALA K 84 16.46 11.92 14.55
N VAL K 85 17.54 12.69 14.42
CA VAL K 85 18.76 12.38 15.15
C VAL K 85 18.52 12.46 16.65
N ALA K 86 17.78 13.49 17.10
CA ALA K 86 17.48 13.62 18.52
C ALA K 86 16.64 12.45 19.01
N PHE K 87 15.64 12.04 18.24
CA PHE K 87 14.80 10.91 18.64
C PHE K 87 15.62 9.64 18.75
N ALA K 88 16.45 9.36 17.73
CA ALA K 88 17.28 8.16 17.77
C ALA K 88 18.26 8.19 18.93
N GLU K 89 18.85 9.36 19.21
CA GLU K 89 19.81 9.47 20.30
C GLU K 89 19.15 9.23 21.65
N LYS K 90 18.01 9.87 21.89
CA LYS K 90 17.35 9.72 23.18
C LYS K 90 16.71 8.34 23.34
N ASN K 91 16.46 7.62 22.24
CA ASN K 91 15.94 6.26 22.35
C ASN K 91 17.04 5.21 22.35
N GLY K 92 18.31 5.60 22.31
CA GLY K 92 19.41 4.68 22.46
C GLY K 92 19.85 3.95 21.21
N TRP K 93 19.26 4.26 20.06
CA TRP K 93 19.61 3.56 18.84
C TRP K 93 20.80 4.23 18.15
N SER K 94 21.62 3.41 17.51
CA SER K 94 22.73 3.89 16.69
C SER K 94 22.24 4.06 15.27
N PHE K 95 22.54 5.21 14.67
CA PHE K 95 21.94 5.62 13.42
C PHE K 95 23.00 5.88 12.35
N ASP K 96 22.56 5.77 11.10
CA ASP K 96 23.33 6.31 9.99
C ASP K 96 22.44 7.30 9.24
N VAL K 97 23.01 8.42 8.82
CA VAL K 97 22.26 9.49 8.19
C VAL K 97 22.79 9.73 6.78
N GLU K 98 21.87 9.89 5.83
CA GLU K 98 22.21 10.25 4.46
C GLU K 98 21.59 11.59 4.13
N GLU K 99 22.38 12.48 3.54
CA GLU K 99 21.90 13.81 3.21
C GLU K 99 20.90 13.75 2.07
N ARG K 100 20.02 14.74 2.04
CA ARG K 100 18.96 14.79 1.03
C ARG K 100 19.55 14.96 -0.36
N LYS K 101 18.98 14.24 -1.33
CA LYS K 101 19.39 14.31 -2.72
C LYS K 101 18.37 15.17 -3.47
N VAL K 102 18.70 16.44 -3.66
CA VAL K 102 17.84 17.35 -4.39
C VAL K 102 18.26 17.37 -5.85
N PRO K 103 17.34 17.20 -6.80
CA PRO K 103 17.72 17.26 -8.21
C PRO K 103 18.14 18.67 -8.60
N LYS K 104 19.29 18.78 -9.24
CA LYS K 104 19.81 20.08 -9.62
C LYS K 104 18.95 20.70 -10.71
N PRO K 105 18.82 22.03 -10.71
CA PRO K 105 18.03 22.70 -11.76
C PRO K 105 18.64 22.48 -13.13
N LYS K 106 17.78 22.31 -14.12
CA LYS K 106 18.17 22.08 -15.50
C LYS K 106 18.03 23.36 -16.31
N SER K 107 18.51 23.31 -17.55
CA SER K 107 18.43 24.43 -18.49
C SER K 107 17.65 23.93 -19.70
N LYS K 108 16.33 24.07 -19.66
CA LYS K 108 15.47 23.60 -20.72
C LYS K 108 15.20 24.73 -21.72
N SER K 109 15.15 24.36 -23.00
CA SER K 109 14.87 25.33 -24.06
C SER K 109 14.19 24.59 -25.20
N TYR K 110 13.00 25.07 -25.60
CA TYR K 110 12.29 24.43 -26.68
C TYR K 110 12.94 24.72 -28.03
N GLY K 111 13.48 25.92 -28.21
CA GLY K 111 14.10 26.28 -29.48
C GLY K 111 15.34 25.48 -29.82
N ALA K 112 16.04 24.96 -28.81
CA ALA K 112 17.22 24.15 -29.05
C ALA K 112 16.93 22.91 -29.88
N ASN K 113 15.67 22.47 -29.91
CA ASN K 113 15.29 21.33 -30.74
C ASN K 113 15.48 21.61 -32.22
N PHE K 114 15.55 22.88 -32.62
CA PHE K 114 15.70 23.26 -34.01
C PHE K 114 16.96 24.09 -34.25
N SER K 115 18.09 23.66 -33.69
CA SER K 115 19.31 24.43 -33.79
C SER K 115 19.83 24.45 -35.22
N TRP K 116 20.48 25.55 -35.59
CA TRP K 116 20.98 25.70 -36.96
C TRP K 116 22.29 24.94 -37.17
N ASN K 117 23.14 24.87 -36.14
CA ASN K 117 24.45 24.26 -36.29
C ASN K 117 24.87 23.41 -35.10
N LYS K 118 23.98 23.20 -34.13
CA LYS K 118 24.31 22.46 -32.93
C LYS K 118 23.67 21.07 -32.96
N ARG K 119 24.29 20.15 -32.22
CA ARG K 119 23.86 18.75 -32.24
C ARG K 119 22.52 18.54 -31.54
N THR K 120 22.03 19.52 -30.79
CA THR K 120 20.80 19.33 -30.02
C THR K 120 19.57 19.27 -30.91
N ARG K 121 19.70 19.56 -32.20
CA ARG K 121 18.56 19.51 -33.10
C ARG K 121 17.98 18.11 -33.17
N VAL K 122 16.66 18.02 -33.03
CA VAL K 122 15.96 16.73 -33.04
C VAL K 122 15.62 16.36 -34.48
N SER K 123 15.58 15.06 -34.75
CA SER K 123 15.23 14.56 -36.06
C SER K 123 13.77 14.13 -36.17
N THR K 124 12.99 14.26 -35.11
CA THR K 124 11.58 13.87 -35.13
C THR K 124 10.85 14.58 -34.00
N LYS K 125 9.53 14.56 -34.08
CA LYS K 125 8.69 15.12 -33.03
C LYS K 125 7.57 14.15 -32.66
N SER L 1 21.44 39.68 -9.57
CA SER L 1 22.25 39.72 -10.79
C SER L 1 21.37 39.99 -12.00
N ASN L 2 21.27 38.99 -12.88
CA ASN L 2 20.42 39.08 -14.06
C ASN L 2 19.09 38.37 -13.87
N LEU L 3 18.77 37.98 -12.64
CA LEU L 3 17.51 37.30 -12.35
C LEU L 3 16.33 38.23 -12.59
N ILE L 4 15.21 37.63 -13.01
CA ILE L 4 13.97 38.35 -13.20
C ILE L 4 12.97 37.90 -12.13
N GLU L 5 12.06 38.79 -11.80
CA GLU L 5 11.08 38.56 -10.73
C GLU L 5 9.76 38.13 -11.35
N VAL L 6 9.26 36.97 -10.93
CA VAL L 6 7.97 36.47 -11.37
C VAL L 6 7.17 36.10 -10.13
N PHE L 7 5.87 35.86 -10.34
CA PHE L 7 4.95 35.59 -9.25
C PHE L 7 4.22 34.28 -9.52
N VAL L 8 4.25 33.39 -8.52
CA VAL L 8 3.48 32.15 -8.54
C VAL L 8 2.37 32.31 -7.50
N ASP L 9 1.13 32.41 -7.97
CA ASP L 9 -0.03 32.62 -7.11
C ASP L 9 0.16 33.86 -6.22
N GLY L 10 0.80 34.89 -6.80
CA GLY L 10 1.07 36.10 -6.06
C GLY L 10 2.28 36.08 -5.16
N GLN L 11 3.07 35.02 -5.20
CA GLN L 11 4.27 34.90 -4.38
C GLN L 11 5.50 35.16 -5.24
N SER L 12 6.36 36.07 -4.77
CA SER L 12 7.50 36.51 -5.57
C SER L 12 8.65 35.53 -5.52
N VAL L 13 9.22 35.24 -6.69
CA VAL L 13 10.45 34.47 -6.81
C VAL L 13 11.33 35.11 -7.88
N MET L 14 12.64 34.90 -7.75
CA MET L 14 13.62 35.41 -8.69
C MET L 14 14.26 34.23 -9.42
N VAL L 15 14.17 34.24 -10.74
CA VAL L 15 14.59 33.11 -11.56
C VAL L 15 15.51 33.59 -12.67
N GLU L 16 16.35 32.68 -13.16
CA GLU L 16 17.21 32.99 -14.29
C GLU L 16 16.37 33.16 -15.56
N PRO L 17 16.82 34.03 -16.47
CA PRO L 17 16.13 34.14 -17.76
C PRO L 17 16.19 32.83 -18.53
N GLY L 18 15.14 32.54 -19.28
CA GLY L 18 15.01 31.29 -19.97
C GLY L 18 14.36 30.19 -19.16
N THR L 19 14.06 30.43 -17.89
CA THR L 19 13.34 29.46 -17.07
C THR L 19 11.90 29.36 -17.54
N THR L 20 11.39 28.14 -17.66
CA THR L 20 10.01 27.95 -18.07
C THR L 20 9.07 28.11 -16.88
N VAL L 21 7.78 28.21 -17.19
CA VAL L 21 6.76 28.37 -16.15
C VAL L 21 6.77 27.19 -15.20
N LEU L 22 7.01 25.99 -15.70
CA LEU L 22 7.02 24.79 -14.86
C LEU L 22 8.11 24.86 -13.80
N GLN L 23 9.33 25.25 -14.19
CA GLN L 23 10.43 25.33 -13.24
C GLN L 23 10.22 26.46 -12.23
N ALA L 24 9.72 27.60 -12.69
CA ALA L 24 9.42 28.70 -11.78
C ALA L 24 8.36 28.28 -10.76
N CYS L 25 7.35 27.53 -11.20
CA CYS L 25 6.34 27.04 -10.28
C CYS L 25 6.92 26.03 -9.30
N GLU L 26 7.78 25.14 -9.78
CA GLU L 26 8.37 24.13 -8.90
C GLU L 26 9.37 24.73 -7.92
N LYS L 27 9.87 25.93 -8.18
CA LYS L 27 10.72 26.60 -7.21
C LYS L 27 9.99 27.01 -5.94
N VAL L 28 8.65 27.04 -5.95
CA VAL L 28 7.88 27.37 -4.76
C VAL L 28 7.23 26.15 -4.13
N GLY L 29 7.47 24.95 -4.67
CA GLY L 29 6.92 23.73 -4.13
C GLY L 29 5.72 23.18 -4.88
N MET L 30 5.19 23.91 -5.86
CA MET L 30 4.05 23.45 -6.63
C MET L 30 4.53 22.63 -7.83
N GLN L 31 3.99 21.42 -7.97
CA GLN L 31 4.32 20.56 -9.09
C GLN L 31 3.19 20.61 -10.10
N ILE L 32 3.49 21.09 -11.30
CA ILE L 32 2.48 21.16 -12.37
C ILE L 32 2.22 19.75 -12.89
N PRO L 33 0.96 19.37 -13.12
CA PRO L 33 0.70 18.07 -13.77
C PRO L 33 1.37 17.98 -15.13
N ARG L 34 1.85 16.80 -15.47
CA ARG L 34 2.61 16.60 -16.69
C ARG L 34 2.47 15.16 -17.17
N PHE L 35 2.59 14.99 -18.47
CA PHE L 35 2.70 13.64 -19.03
C PHE L 35 3.89 13.48 -19.97
N CYS L 36 4.19 14.49 -20.79
CA CYS L 36 5.23 14.36 -21.80
C CYS L 36 6.52 15.07 -21.44
N TYR L 37 6.54 15.87 -20.38
CA TYR L 37 7.74 16.60 -20.00
C TYR L 37 8.59 15.75 -19.06
N HIS L 38 9.82 15.50 -19.46
CA HIS L 38 10.82 14.88 -18.60
C HIS L 38 12.04 15.79 -18.59
N GLU L 39 12.52 16.13 -17.39
CA GLU L 39 13.57 17.13 -17.27
C GLU L 39 14.87 16.71 -17.91
N ARG L 40 15.08 15.41 -18.14
CA ARG L 40 16.28 14.92 -18.79
C ARG L 40 16.06 14.63 -20.27
N LEU L 41 14.91 14.98 -20.82
CA LEU L 41 14.61 14.86 -22.24
C LEU L 41 14.24 16.23 -22.79
N SER L 42 14.36 16.36 -24.11
CA SER L 42 13.99 17.61 -24.76
C SER L 42 12.50 17.86 -24.64
N VAL L 43 12.13 19.14 -24.62
CA VAL L 43 10.74 19.52 -24.44
C VAL L 43 9.92 19.10 -25.65
N ALA L 44 8.73 18.56 -25.39
CA ALA L 44 7.81 18.13 -26.44
C ALA L 44 6.57 19.00 -26.54
N GLY L 45 5.86 19.22 -25.43
CA GLY L 45 4.69 20.07 -25.43
C GLY L 45 3.47 19.50 -26.11
N ASN L 46 3.32 18.17 -26.16
CA ASN L 46 2.22 17.60 -26.93
C ASN L 46 1.11 17.06 -26.04
N CYS L 47 1.43 16.60 -24.82
CA CYS L 47 0.38 16.01 -24.00
C CYS L 47 -0.62 17.06 -23.56
N ARG L 48 -0.19 18.32 -23.45
CA ARG L 48 -1.06 19.47 -23.24
C ARG L 48 -1.67 19.50 -21.85
N MET L 49 -1.14 18.71 -20.92
CA MET L 49 -1.67 18.64 -19.57
C MET L 49 -1.20 19.76 -18.67
N CYS L 50 -0.05 20.38 -18.96
CA CYS L 50 0.56 21.36 -18.10
C CYS L 50 0.03 22.78 -18.33
N LEU L 51 -1.14 22.92 -18.94
CA LEU L 51 -1.67 24.25 -19.23
C LEU L 51 -2.00 25.01 -17.95
N VAL L 52 -1.54 26.25 -17.87
CA VAL L 52 -1.80 27.13 -16.73
C VAL L 52 -2.21 28.49 -17.26
N GLU L 53 -2.88 29.25 -16.40
CA GLU L 53 -3.33 30.59 -16.74
C GLU L 53 -2.35 31.63 -16.21
N ILE L 54 -1.95 32.54 -17.08
CA ILE L 54 -1.20 33.72 -16.66
C ILE L 54 -2.20 34.85 -16.43
N GLU L 55 -1.99 35.61 -15.37
CA GLU L 55 -2.91 36.70 -15.07
C GLU L 55 -2.93 37.72 -16.19
N LYS L 56 -4.13 38.22 -16.50
CA LYS L 56 -4.36 39.20 -17.56
C LYS L 56 -4.00 38.65 -18.94
N ALA L 57 -3.98 37.32 -19.10
CA ALA L 57 -3.75 36.68 -20.37
C ALA L 57 -4.91 35.75 -20.69
N PRO L 58 -5.61 35.95 -21.81
CA PRO L 58 -6.82 35.17 -22.08
C PRO L 58 -6.56 33.73 -22.50
N LYS L 59 -5.33 33.37 -22.87
CA LYS L 59 -5.02 32.03 -23.36
C LYS L 59 -4.09 31.32 -22.38
N VAL L 60 -4.43 30.07 -22.08
CA VAL L 60 -3.59 29.27 -21.20
C VAL L 60 -2.32 28.88 -21.94
N VAL L 61 -1.22 28.75 -21.20
CA VAL L 61 0.08 28.49 -21.79
C VAL L 61 0.58 27.13 -21.33
N ALA L 62 1.43 26.52 -22.16
CA ALA L 62 2.07 25.26 -21.80
C ALA L 62 3.23 25.57 -20.87
N ALA L 63 3.08 25.22 -19.59
CA ALA L 63 4.07 25.60 -18.60
C ALA L 63 5.42 24.90 -18.82
N CYS L 64 5.43 23.78 -19.53
CA CYS L 64 6.67 23.05 -19.74
C CYS L 64 7.56 23.67 -20.81
N ALA L 65 7.02 24.55 -21.67
CA ALA L 65 7.79 25.03 -22.81
C ALA L 65 7.77 26.56 -22.95
N MET L 66 7.07 27.27 -22.07
CA MET L 66 6.97 28.72 -22.18
C MET L 66 7.86 29.41 -21.15
N PRO L 67 8.89 30.14 -21.57
CA PRO L 67 9.71 30.87 -20.61
C PRO L 67 8.91 31.94 -19.89
N VAL L 68 9.21 32.13 -18.61
CA VAL L 68 8.54 33.18 -17.84
C VAL L 68 9.05 34.54 -18.29
N MET L 69 8.14 35.50 -18.38
CA MET L 69 8.49 36.88 -18.65
C MET L 69 8.41 37.66 -17.34
N LYS L 70 9.17 38.76 -17.28
CA LYS L 70 9.24 39.55 -16.07
C LYS L 70 7.86 40.09 -15.70
N GLY L 71 7.48 39.94 -14.43
CA GLY L 71 6.22 40.44 -13.94
C GLY L 71 5.03 39.51 -14.09
N TRP L 72 5.21 38.35 -14.70
CA TRP L 72 4.10 37.42 -14.87
C TRP L 72 3.62 36.88 -13.52
N ASN L 73 2.32 36.73 -13.37
CA ASN L 73 1.71 36.16 -12.19
C ASN L 73 1.04 34.84 -12.59
N ILE L 74 1.70 33.73 -12.27
CA ILE L 74 1.16 32.42 -12.63
C ILE L 74 0.06 32.03 -11.64
N LEU L 75 -1.06 31.59 -12.19
CA LEU L 75 -2.24 31.19 -11.40
C LEU L 75 -2.44 29.70 -11.61
N THR L 76 -1.80 28.89 -10.75
CA THR L 76 -1.81 27.45 -10.91
C THR L 76 -3.09 26.79 -10.41
N ASN L 77 -3.96 27.52 -9.70
CA ASN L 77 -5.18 26.94 -9.17
C ASN L 77 -6.42 27.73 -9.56
N SER L 78 -6.32 28.52 -10.63
CA SER L 78 -7.47 29.28 -11.11
C SER L 78 -8.51 28.35 -11.73
N GLU L 79 -9.69 28.91 -11.97
CA GLU L 79 -10.77 28.14 -12.59
C GLU L 79 -10.38 27.68 -13.98
N LYS L 80 -9.72 28.56 -14.74
CA LYS L 80 -9.33 28.22 -16.11
C LYS L 80 -8.32 27.08 -16.14
N SER L 81 -7.35 27.10 -15.23
CA SER L 81 -6.35 26.02 -15.18
C SER L 81 -7.01 24.69 -14.85
N LYS L 82 -7.91 24.68 -13.87
CA LYS L 82 -8.59 23.45 -13.49
C LYS L 82 -9.45 22.92 -14.64
N LYS L 83 -10.15 23.81 -15.34
CA LYS L 83 -10.97 23.38 -16.46
C LYS L 83 -10.10 22.82 -17.59
N ALA L 84 -8.95 23.46 -17.85
CA ALA L 84 -8.04 22.94 -18.87
C ALA L 84 -7.54 21.56 -18.51
N ARG L 85 -7.15 21.36 -17.24
CA ARG L 85 -6.67 20.06 -16.82
C ARG L 85 -7.76 19.00 -16.93
N GLU L 86 -8.98 19.35 -16.55
CA GLU L 86 -10.08 18.39 -16.64
C GLU L 86 -10.38 18.02 -18.09
N GLY L 87 -10.40 19.02 -18.97
CA GLY L 87 -10.64 18.72 -20.39
C GLY L 87 -9.55 17.85 -20.99
N VAL L 88 -8.29 18.16 -20.69
CA VAL L 88 -7.20 17.36 -21.22
C VAL L 88 -7.26 15.94 -20.67
N MET L 89 -7.57 15.79 -19.39
CA MET L 89 -7.64 14.46 -18.80
C MET L 89 -8.77 13.65 -19.42
N GLU L 90 -9.91 14.30 -19.68
CA GLU L 90 -11.03 13.62 -20.34
C GLU L 90 -10.65 13.16 -21.73
N PHE L 91 -9.96 14.02 -22.49
CA PHE L 91 -9.52 13.63 -23.82
C PHE L 91 -8.53 12.47 -23.75
N LEU L 92 -7.65 12.47 -22.76
CA LEU L 92 -6.69 11.38 -22.60
C LEU L 92 -7.38 10.06 -22.28
N LEU L 93 -8.42 10.10 -21.44
CA LEU L 93 -9.14 8.89 -21.05
C LEU L 93 -10.25 8.52 -22.03
N ALA L 94 -10.45 9.29 -23.09
CA ALA L 94 -11.50 8.96 -24.05
C ALA L 94 -11.28 7.59 -24.69
N ASN L 95 -10.05 7.27 -25.07
CA ASN L 95 -9.76 6.03 -25.78
C ASN L 95 -8.92 5.05 -24.97
N HIS L 96 -8.64 5.36 -23.70
CA HIS L 96 -7.84 4.47 -22.88
C HIS L 96 -8.61 3.19 -22.58
N PRO L 97 -7.96 2.03 -22.58
CA PRO L 97 -8.67 0.79 -22.30
C PRO L 97 -8.85 0.53 -20.81
N LEU L 98 -9.94 -0.16 -20.49
CA LEU L 98 -10.29 -0.49 -19.11
C LEU L 98 -9.45 -1.70 -18.66
N ASP L 99 -8.18 -1.43 -18.41
CA ASP L 99 -7.20 -2.49 -18.19
C ASP L 99 -6.54 -2.43 -16.82
N CYS L 100 -6.99 -1.56 -15.93
CA CYS L 100 -6.30 -1.38 -14.65
C CYS L 100 -6.12 -2.67 -13.85
N PRO L 101 -7.12 -3.56 -13.73
CA PRO L 101 -6.87 -4.82 -13.02
C PRO L 101 -5.80 -5.69 -13.65
N ILE L 102 -5.67 -5.69 -14.98
CA ILE L 102 -4.69 -6.54 -15.66
C ILE L 102 -3.44 -5.78 -16.06
N CYS L 103 -3.37 -4.47 -15.80
CA CYS L 103 -2.23 -3.67 -16.15
C CYS L 103 -1.19 -3.72 -15.02
N ASP L 104 0.08 -3.84 -15.40
CA ASP L 104 1.15 -3.89 -14.41
C ASP L 104 1.43 -2.53 -13.79
N GLN L 105 0.82 -1.46 -14.31
CA GLN L 105 1.00 -0.11 -13.79
C GLN L 105 -0.06 0.27 -12.76
N GLY L 106 -0.57 -0.71 -12.02
CA GLY L 106 -1.71 -0.48 -11.14
C GLY L 106 -1.56 0.64 -10.14
N GLY L 107 -0.67 0.50 -9.17
CA GLY L 107 -0.49 1.55 -8.18
C GLY L 107 0.61 2.53 -8.49
N GLU L 108 1.20 2.47 -9.68
CA GLU L 108 2.29 3.36 -10.08
C GLU L 108 1.93 4.21 -11.29
N CYS L 109 0.65 4.31 -11.64
CA CYS L 109 0.27 4.98 -12.86
C CYS L 109 0.16 6.47 -12.65
N ASP L 110 0.87 7.25 -13.47
CA ASP L 110 0.67 8.69 -13.45
C ASP L 110 -0.70 9.06 -14.00
N LEU L 111 -1.19 8.29 -14.98
CA LEU L 111 -2.54 8.53 -15.50
C LEU L 111 -3.58 8.36 -14.40
N GLN L 112 -3.48 7.27 -13.62
CA GLN L 112 -4.44 7.03 -12.55
C GLN L 112 -4.37 8.14 -11.50
N ASP L 113 -3.17 8.46 -11.04
CA ASP L 113 -3.01 9.44 -9.97
C ASP L 113 -3.47 10.83 -10.42
N GLN L 114 -3.13 11.22 -11.64
CA GLN L 114 -3.52 12.54 -12.11
C GLN L 114 -5.00 12.60 -12.48
N SER L 115 -5.62 11.48 -12.84
CA SER L 115 -7.07 11.45 -12.94
C SER L 115 -7.71 11.61 -11.57
N MET L 116 -7.12 10.98 -10.55
CA MET L 116 -7.67 11.09 -9.21
C MET L 116 -7.48 12.48 -8.62
N MET L 117 -6.44 13.20 -9.04
CA MET L 117 -6.12 14.50 -8.46
C MET L 117 -6.67 15.69 -9.25
N PHE L 118 -6.48 15.71 -10.57
CA PHE L 118 -6.80 16.88 -11.37
C PHE L 118 -7.92 16.66 -12.36
N GLY L 119 -8.32 15.42 -12.64
CA GLY L 119 -9.36 15.15 -13.59
C GLY L 119 -10.73 15.11 -12.94
N SER L 120 -11.73 14.79 -13.76
CA SER L 120 -13.10 14.63 -13.29
C SER L 120 -13.28 13.21 -12.75
N ASP L 121 -14.51 12.85 -12.40
CA ASP L 121 -14.79 11.54 -11.84
C ASP L 121 -15.76 10.71 -12.67
N ARG L 122 -16.21 11.21 -13.82
CA ARG L 122 -17.21 10.51 -14.63
C ARG L 122 -16.76 10.50 -16.09
N SER L 123 -17.55 9.82 -16.92
CA SER L 123 -17.33 9.81 -18.35
C SER L 123 -18.63 10.19 -19.06
N ARG L 124 -18.52 11.08 -20.04
CA ARG L 124 -19.60 11.35 -20.98
C ARG L 124 -19.28 10.86 -22.38
N PHE L 125 -18.38 9.88 -22.48
CA PHE L 125 -17.96 9.30 -23.75
C PHE L 125 -18.81 8.08 -24.03
N LEU L 126 -19.68 8.16 -25.03
CA LEU L 126 -20.62 7.10 -25.35
C LEU L 126 -20.26 6.37 -26.64
N GLU L 127 -19.08 6.59 -27.18
CA GLU L 127 -18.67 5.97 -28.43
C GLU L 127 -17.93 4.66 -28.14
N GLY L 128 -17.32 4.08 -29.16
CA GLY L 128 -16.50 2.89 -29.01
C GLY L 128 -15.03 3.25 -29.10
N LYS L 129 -14.24 2.63 -28.22
CA LYS L 129 -12.83 2.98 -28.12
C LYS L 129 -12.04 2.38 -29.27
N ARG L 130 -10.82 2.87 -29.44
CA ARG L 130 -9.91 2.36 -30.45
C ARG L 130 -9.05 1.22 -29.88
N ALA L 131 -8.53 0.40 -30.78
CA ALA L 131 -7.60 -0.65 -30.40
C ALA L 131 -6.53 -0.76 -31.47
N VAL L 132 -5.28 -0.91 -31.03
CA VAL L 132 -4.16 -1.03 -31.96
C VAL L 132 -3.43 -2.33 -31.67
N GLU L 133 -2.78 -2.86 -32.69
CA GLU L 133 -2.06 -4.12 -32.55
C GLU L 133 -0.76 -3.90 -31.78
N ASP L 134 -0.28 -4.96 -31.14
CA ASP L 134 0.89 -4.88 -30.28
C ASP L 134 2.17 -5.08 -31.09
N LYS L 135 3.23 -4.44 -30.65
CA LYS L 135 4.55 -4.54 -31.27
C LYS L 135 5.45 -5.45 -30.44
N ASN L 136 6.51 -5.94 -31.08
CA ASN L 136 7.50 -6.79 -30.45
C ASN L 136 8.87 -6.16 -30.61
N ILE L 137 9.43 -5.68 -29.50
CA ILE L 137 10.69 -4.96 -29.53
C ILE L 137 11.77 -5.67 -28.72
N GLY L 138 11.58 -6.96 -28.45
CA GLY L 138 12.59 -7.73 -27.76
C GLY L 138 12.05 -8.49 -26.57
N PRO L 139 12.91 -9.28 -25.91
CA PRO L 139 12.49 -10.08 -24.76
C PRO L 139 12.53 -9.37 -23.42
N LEU L 140 12.77 -8.06 -23.39
CA LEU L 140 12.89 -7.31 -22.16
C LEU L 140 11.71 -6.37 -21.92
N VAL L 141 11.30 -5.63 -22.94
CA VAL L 141 10.23 -4.64 -22.83
C VAL L 141 8.98 -5.20 -23.50
N LYS L 142 7.91 -5.35 -22.72
CA LYS L 142 6.64 -5.86 -23.21
C LYS L 142 5.74 -4.69 -23.56
N THR L 143 5.17 -4.72 -24.76
CA THR L 143 4.43 -3.59 -25.30
C THR L 143 2.95 -3.97 -25.43
N ILE L 144 2.09 -3.14 -24.84
CA ILE L 144 0.65 -3.21 -25.05
C ILE L 144 0.23 -1.82 -25.50
N MET L 145 0.18 -1.62 -26.82
CA MET L 145 0.17 -0.27 -27.37
C MET L 145 -1.19 0.40 -27.28
N THR L 146 -2.23 -0.31 -26.87
CA THR L 146 -3.53 0.35 -26.68
C THR L 146 -3.47 1.32 -25.51
N ARG L 147 -2.63 1.03 -24.52
CA ARG L 147 -2.49 1.89 -23.36
C ARG L 147 -1.68 3.15 -23.64
N CYS L 148 -1.06 3.23 -24.82
CA CYS L 148 -0.24 4.39 -25.17
C CYS L 148 -1.06 5.66 -25.20
N ILE L 149 -0.46 6.76 -24.75
CA ILE L 149 -1.06 8.08 -24.81
C ILE L 149 -0.27 9.01 -25.71
N GLN L 150 0.66 8.46 -26.49
CA GLN L 150 1.38 9.20 -27.53
C GLN L 150 2.12 10.41 -26.98
N CYS L 151 2.76 10.22 -25.84
CA CYS L 151 3.59 11.26 -25.22
C CYS L 151 4.97 11.37 -25.84
N THR L 152 5.38 10.37 -26.63
CA THR L 152 6.68 10.37 -27.33
C THR L 152 7.86 10.50 -26.38
N ARG L 153 7.70 9.97 -25.16
CA ARG L 153 8.83 9.95 -24.22
C ARG L 153 9.86 8.91 -24.62
N CYS L 154 9.41 7.72 -25.01
CA CYS L 154 10.33 6.66 -25.41
C CYS L 154 11.11 7.05 -26.67
N ILE L 155 10.45 7.72 -27.61
CA ILE L 155 11.11 8.14 -28.83
C ILE L 155 12.24 9.12 -28.51
N ARG L 156 11.96 10.11 -27.67
CA ARG L 156 12.98 11.09 -27.32
C ARG L 156 14.11 10.45 -26.53
N PHE L 157 13.78 9.52 -25.64
CA PHE L 157 14.83 8.84 -24.88
C PHE L 157 15.73 8.03 -25.80
N ALA L 158 15.15 7.28 -26.73
CA ALA L 158 15.95 6.49 -27.66
C ALA L 158 16.80 7.39 -28.54
N SER L 159 16.24 8.49 -29.02
CA SER L 159 16.98 9.37 -29.90
C SER L 159 18.13 10.08 -29.20
N GLU L 160 17.91 10.56 -27.98
CA GLU L 160 18.88 11.43 -27.31
C GLU L 160 19.75 10.71 -26.29
N ILE L 161 19.16 9.88 -25.43
CA ILE L 161 19.93 9.18 -24.41
C ILE L 161 20.52 7.89 -24.95
N ALA L 162 19.67 6.98 -25.43
CA ALA L 162 20.15 5.68 -25.91
C ALA L 162 20.98 5.81 -27.17
N GLY L 163 20.66 6.77 -28.03
CA GLY L 163 21.45 7.02 -29.22
C GLY L 163 21.04 6.25 -30.46
N VAL L 164 20.05 5.36 -30.36
CA VAL L 164 19.55 4.62 -31.50
C VAL L 164 18.21 5.23 -31.93
N ASP L 165 17.98 5.30 -33.24
CA ASP L 165 16.82 5.97 -33.80
C ASP L 165 15.77 4.98 -34.30
N ASP L 166 15.58 3.87 -33.59
CA ASP L 166 14.67 2.83 -34.02
C ASP L 166 13.20 3.19 -33.84
N LEU L 167 12.87 4.05 -32.88
CA LEU L 167 11.49 4.33 -32.51
C LEU L 167 10.96 5.57 -33.23
N GLY L 168 9.66 5.57 -33.48
CA GLY L 168 9.04 6.69 -34.15
C GLY L 168 7.54 6.57 -34.12
N THR L 169 6.88 7.44 -34.88
CA THR L 169 5.44 7.45 -35.02
C THR L 169 5.04 7.29 -36.47
N THR L 170 4.07 6.42 -36.73
CA THR L 170 3.56 6.17 -38.06
C THR L 170 2.06 6.45 -38.10
N GLY L 171 1.61 7.07 -39.20
CA GLY L 171 0.23 7.50 -39.30
C GLY L 171 0.04 8.89 -38.72
N ARG L 172 -1.23 9.30 -38.65
CA ARG L 172 -1.55 10.59 -38.07
C ARG L 172 -2.97 10.58 -37.52
N GLY L 173 -3.36 11.73 -36.98
CA GLY L 173 -4.69 11.85 -36.40
C GLY L 173 -4.86 10.86 -35.28
N ASN L 174 -6.03 10.24 -35.24
CA ASN L 174 -6.29 9.20 -34.25
C ASN L 174 -5.47 7.95 -34.54
N ASP L 175 -5.15 7.72 -35.81
CA ASP L 175 -4.45 6.49 -36.22
C ASP L 175 -2.95 6.74 -36.30
N MET L 176 -2.40 7.24 -35.19
CA MET L 176 -0.98 7.49 -35.06
C MET L 176 -0.43 6.55 -34.00
N GLN L 177 0.52 5.70 -34.41
CA GLN L 177 1.03 4.62 -33.56
C GLN L 177 2.51 4.81 -33.32
N VAL L 178 2.94 4.59 -32.09
CA VAL L 178 4.36 4.62 -31.73
C VAL L 178 4.92 3.22 -31.93
N GLY L 179 5.97 3.11 -32.72
CA GLY L 179 6.59 1.83 -32.96
C GLY L 179 7.83 1.90 -33.83
N THR L 180 8.17 0.79 -34.48
CA THR L 180 9.33 0.70 -35.36
C THR L 180 8.96 0.52 -36.82
N TYR L 181 7.71 0.17 -37.12
CA TYR L 181 7.17 0.00 -38.48
C TYR L 181 7.70 -1.27 -39.15
N ILE L 182 8.68 -1.92 -38.53
CA ILE L 182 9.19 -3.20 -39.00
C ILE L 182 9.44 -4.07 -37.78
N GLU L 183 9.57 -5.37 -38.03
CA GLU L 183 9.85 -6.33 -36.97
C GLU L 183 11.30 -6.18 -36.56
N LYS L 184 11.55 -5.24 -35.66
CA LYS L 184 12.89 -4.93 -35.17
C LYS L 184 12.90 -4.92 -33.66
N MET L 185 13.93 -5.50 -33.07
CA MET L 185 14.10 -5.52 -31.63
C MET L 185 14.87 -4.28 -31.20
N PHE L 186 14.28 -3.50 -30.29
CA PHE L 186 14.94 -2.33 -29.73
C PHE L 186 15.91 -2.83 -28.68
N MET L 187 17.12 -3.15 -29.12
CA MET L 187 18.14 -3.74 -28.26
C MET L 187 19.24 -2.71 -28.00
N SER L 188 19.48 -2.43 -26.73
CA SER L 188 20.50 -1.48 -26.32
C SER L 188 20.86 -1.77 -24.88
N GLU L 189 22.03 -1.27 -24.46
CA GLU L 189 22.44 -1.46 -23.08
C GLU L 189 21.59 -0.64 -22.12
N LEU L 190 20.88 0.37 -22.61
CA LEU L 190 19.98 1.19 -21.81
C LEU L 190 18.53 0.97 -22.19
N SER L 191 18.24 -0.17 -22.81
CA SER L 191 16.91 -0.42 -23.36
C SER L 191 15.83 -0.46 -22.30
N GLY L 192 16.14 -0.92 -21.09
CA GLY L 192 15.13 -1.06 -20.05
C GLY L 192 14.56 0.23 -19.51
N ASN L 193 15.31 1.33 -19.60
CA ASN L 193 14.86 2.58 -19.01
C ASN L 193 13.58 3.12 -19.64
N ILE L 194 13.28 2.75 -20.89
CA ILE L 194 12.03 3.20 -21.50
C ILE L 194 10.83 2.63 -20.78
N ILE L 195 11.02 1.60 -19.95
CA ILE L 195 9.93 1.12 -19.11
C ILE L 195 9.63 2.14 -18.01
N ASP L 196 10.67 2.74 -17.43
CA ASP L 196 10.46 3.66 -16.32
C ASP L 196 9.86 4.98 -16.78
N ILE L 197 10.37 5.53 -17.88
CA ILE L 197 9.91 6.85 -18.33
C ILE L 197 8.49 6.79 -18.85
N CYS L 198 8.09 5.66 -19.42
CA CYS L 198 6.72 5.54 -19.94
C CYS L 198 5.74 5.68 -18.79
N PRO L 199 4.83 6.65 -18.82
CA PRO L 199 3.96 6.89 -17.66
C PRO L 199 2.81 5.91 -17.54
N VAL L 200 2.55 5.10 -18.56
CA VAL L 200 1.43 4.16 -18.52
C VAL L 200 1.95 2.74 -18.72
N GLY L 201 1.04 1.78 -18.75
CA GLY L 201 1.42 0.38 -18.88
C GLY L 201 1.64 -0.05 -20.31
N ALA L 202 1.81 0.92 -21.22
CA ALA L 202 2.10 0.59 -22.61
C ALA L 202 3.42 -0.16 -22.73
N LEU L 203 4.45 0.29 -22.01
CA LEU L 203 5.73 -0.39 -21.94
C LEU L 203 5.93 -0.87 -20.51
N THR L 204 6.11 -2.18 -20.35
CA THR L 204 6.28 -2.77 -19.03
C THR L 204 7.44 -3.75 -19.06
N SER L 205 7.88 -4.17 -17.87
CA SER L 205 8.91 -5.19 -17.76
C SER L 205 8.32 -6.57 -18.04
N LYS L 206 8.94 -7.32 -18.94
CA LYS L 206 8.47 -8.65 -19.27
C LYS L 206 8.87 -9.68 -18.21
N PRO L 207 10.11 -9.67 -17.69
CA PRO L 207 10.41 -10.57 -16.57
C PRO L 207 9.57 -10.33 -15.33
N TYR L 208 9.14 -9.10 -15.10
CA TYR L 208 8.39 -8.70 -13.92
C TYR L 208 6.89 -8.88 -14.08
N ALA L 209 6.43 -9.32 -15.26
CA ALA L 209 5.01 -9.29 -15.59
C ALA L 209 4.19 -10.10 -14.60
N PHE L 210 3.16 -9.45 -14.02
CA PHE L 210 2.10 -10.03 -13.21
C PHE L 210 2.56 -10.50 -11.84
N THR L 211 3.80 -10.24 -11.43
CA THR L 211 4.31 -10.85 -10.21
C THR L 211 3.92 -10.10 -8.95
N ALA L 212 3.84 -8.77 -8.99
CA ALA L 212 3.61 -8.01 -7.78
C ALA L 212 2.87 -6.72 -8.09
N ARG L 213 2.28 -6.14 -7.05
CA ARG L 213 1.70 -4.81 -7.06
C ARG L 213 2.56 -3.87 -6.25
N PRO L 214 2.70 -2.61 -6.69
CA PRO L 214 3.69 -1.72 -6.06
C PRO L 214 3.45 -1.44 -4.58
N TRP L 215 2.19 -1.39 -4.14
CA TRP L 215 1.93 -1.10 -2.73
C TRP L 215 2.42 -2.22 -1.82
N GLU L 216 2.57 -3.44 -2.34
CA GLU L 216 3.05 -4.56 -1.54
C GLU L 216 4.55 -4.48 -1.29
N THR L 217 5.32 -4.02 -2.28
CA THR L 217 6.76 -4.16 -2.24
C THR L 217 7.39 -3.27 -1.18
N ARG L 218 8.39 -3.81 -0.50
CA ARG L 218 9.27 -3.05 0.37
C ARG L 218 10.48 -2.60 -0.44
N LYS L 219 10.82 -1.32 -0.33
CA LYS L 219 11.91 -0.73 -1.09
C LYS L 219 13.12 -0.55 -0.19
N THR L 220 14.27 -1.07 -0.61
CA THR L 220 15.53 -0.87 0.10
C THR L 220 16.56 -0.26 -0.84
N GLU L 221 17.21 0.80 -0.39
CA GLU L 221 18.13 1.56 -1.22
C GLU L 221 19.52 0.93 -1.15
N SER L 222 20.10 0.62 -2.30
CA SER L 222 21.30 -0.19 -2.37
C SER L 222 22.17 0.28 -3.53
N ILE L 223 23.26 -0.43 -3.78
CA ILE L 223 24.28 -0.06 -4.75
C ILE L 223 24.46 -1.20 -5.74
N ASP L 224 24.56 -0.85 -7.02
CA ASP L 224 24.78 -1.86 -8.05
C ASP L 224 26.22 -2.36 -8.01
N VAL L 225 26.40 -3.64 -8.34
CA VAL L 225 27.71 -4.28 -8.26
C VAL L 225 28.06 -4.89 -9.62
N MET L 226 27.10 -4.86 -10.55
CA MET L 226 27.29 -5.52 -11.84
C MET L 226 28.36 -4.87 -12.69
N ASP L 227 28.77 -3.64 -12.37
CA ASP L 227 29.89 -2.99 -13.03
C ASP L 227 30.61 -2.12 -12.00
N ALA L 228 31.58 -1.33 -12.47
CA ALA L 228 32.35 -0.46 -11.60
C ALA L 228 31.81 0.95 -11.51
N VAL L 229 30.67 1.23 -12.15
CA VAL L 229 30.07 2.56 -12.05
C VAL L 229 29.39 2.76 -10.71
N GLY L 230 28.94 1.70 -10.05
CA GLY L 230 28.32 1.82 -8.75
C GLY L 230 27.02 2.59 -8.76
N SER L 231 26.15 2.27 -9.71
CA SER L 231 24.86 2.95 -9.82
C SER L 231 24.02 2.71 -8.57
N ASN L 232 23.29 3.75 -8.16
CA ASN L 232 22.40 3.67 -7.01
C ASN L 232 21.07 3.08 -7.46
N ILE L 233 20.57 2.10 -6.71
CA ILE L 233 19.39 1.36 -7.09
C ILE L 233 18.46 1.23 -5.90
N VAL L 234 17.23 0.83 -6.19
CA VAL L 234 16.24 0.46 -5.19
C VAL L 234 15.85 -0.98 -5.46
N VAL L 235 16.07 -1.86 -4.50
CA VAL L 235 15.65 -3.24 -4.58
C VAL L 235 14.24 -3.34 -4.00
N SER L 236 13.30 -3.78 -4.81
CA SER L 236 11.92 -4.00 -4.37
C SER L 236 11.75 -5.48 -4.07
N THR L 237 11.44 -5.80 -2.82
CA THR L 237 11.29 -7.18 -2.36
C THR L 237 9.92 -7.35 -1.72
N ARG L 238 9.41 -8.58 -1.74
CA ARG L 238 8.12 -8.89 -1.12
C ARG L 238 8.20 -10.25 -0.46
N THR L 239 7.82 -10.30 0.82
CA THR L 239 7.80 -11.53 1.62
C THR L 239 9.14 -12.27 1.51
N GLY L 240 10.22 -11.52 1.69
CA GLY L 240 11.55 -12.11 1.66
C GLY L 240 11.99 -12.63 0.31
N GLU L 241 11.60 -11.97 -0.77
CA GLU L 241 12.01 -12.36 -2.11
C GLU L 241 12.24 -11.12 -2.95
N VAL L 242 13.41 -11.03 -3.59
CA VAL L 242 13.73 -9.88 -4.41
C VAL L 242 12.86 -9.88 -5.65
N MET L 243 12.02 -8.85 -5.80
CA MET L 243 11.06 -8.79 -6.87
C MET L 243 11.54 -8.01 -8.08
N ARG L 244 12.25 -6.89 -7.87
CA ARG L 244 12.75 -6.14 -9.01
C ARG L 244 13.82 -5.14 -8.56
N ILE L 245 14.46 -4.53 -9.55
CA ILE L 245 15.48 -3.51 -9.33
C ILE L 245 15.07 -2.26 -10.11
N LEU L 246 15.12 -1.11 -9.44
CA LEU L 246 14.75 0.15 -10.04
C LEU L 246 15.90 1.15 -9.91
N PRO L 247 15.99 2.13 -10.81
CA PRO L 247 17.01 3.17 -10.63
C PRO L 247 16.71 4.05 -9.44
N ARG L 248 17.77 4.50 -8.78
CA ARG L 248 17.67 5.47 -7.69
C ARG L 248 18.47 6.70 -8.09
N MET L 249 17.85 7.86 -8.01
CA MET L 249 18.43 9.07 -8.57
C MET L 249 19.73 9.44 -7.86
N HIS L 250 20.78 9.65 -8.64
CA HIS L 250 22.04 10.18 -8.13
C HIS L 250 22.63 11.02 -9.25
N GLU L 251 22.59 12.34 -9.11
CA GLU L 251 22.93 13.24 -10.20
C GLU L 251 24.37 13.11 -10.66
N ASP L 252 25.24 12.50 -9.85
CA ASP L 252 26.66 12.45 -10.17
C ASP L 252 27.16 11.10 -10.63
N ILE L 253 26.33 10.05 -10.62
CA ILE L 253 26.82 8.74 -10.98
C ILE L 253 26.04 8.14 -12.15
N ASN L 254 24.75 7.88 -11.94
CA ASN L 254 23.93 7.23 -12.95
C ASN L 254 22.80 8.10 -13.47
N GLU L 255 22.34 9.07 -12.69
CA GLU L 255 21.42 10.11 -13.17
C GLU L 255 20.13 9.49 -13.72
N GLU L 256 19.40 8.82 -12.83
CA GLU L 256 18.06 8.27 -13.05
C GLU L 256 18.04 7.06 -13.97
N TRP L 257 19.17 6.61 -14.49
CA TRP L 257 19.22 5.48 -15.40
C TRP L 257 20.04 4.34 -14.81
N ILE L 258 19.76 3.12 -15.27
CA ILE L 258 20.60 1.95 -15.01
C ILE L 258 20.72 1.17 -16.31
N SER L 259 21.77 0.36 -16.40
CA SER L 259 21.96 -0.47 -17.57
C SER L 259 21.10 -1.73 -17.48
N ASP L 260 20.98 -2.43 -18.62
CA ASP L 260 20.11 -3.60 -18.68
C ASP L 260 20.61 -4.71 -17.77
N LYS L 261 21.93 -4.87 -17.67
CA LYS L 261 22.49 -5.89 -16.78
C LYS L 261 22.16 -5.58 -15.33
N THR L 262 22.23 -4.30 -14.95
CA THR L 262 21.88 -3.91 -13.59
C THR L 262 20.42 -4.19 -13.30
N ARG L 263 19.56 -4.06 -14.32
CA ARG L 263 18.12 -4.12 -14.10
C ARG L 263 17.57 -5.54 -14.14
N PHE L 264 18.12 -6.40 -15.00
CA PHE L 264 17.46 -7.66 -15.32
C PHE L 264 18.24 -8.91 -14.92
N ALA L 265 19.44 -8.77 -14.36
CA ALA L 265 20.22 -9.93 -13.95
C ALA L 265 19.89 -10.41 -12.54
N TYR L 266 18.94 -9.78 -11.87
CA TYR L 266 18.64 -10.15 -10.49
C TYR L 266 18.06 -11.55 -10.38
N ASP L 267 17.49 -12.08 -11.45
CA ASP L 267 16.93 -13.43 -11.40
C ASP L 267 17.99 -14.50 -11.38
N GLY L 268 19.26 -14.15 -11.59
CA GLY L 268 20.32 -15.12 -11.44
C GLY L 268 20.63 -15.42 -9.99
N LEU L 269 20.07 -14.62 -9.08
CA LEU L 269 20.26 -14.86 -7.65
C LEU L 269 19.38 -16.00 -7.16
N LYS L 270 18.47 -16.48 -8.01
CA LYS L 270 17.59 -17.57 -7.61
C LYS L 270 18.08 -18.90 -8.15
N ARG L 271 19.10 -18.88 -9.00
CA ARG L 271 19.62 -20.10 -9.61
C ARG L 271 21.05 -20.37 -9.15
N GLN L 272 21.41 -21.65 -9.16
CA GLN L 272 22.79 -22.08 -8.96
C GLN L 272 23.38 -21.55 -7.65
N ARG L 273 22.56 -21.49 -6.62
CA ARG L 273 22.98 -20.90 -5.36
C ARG L 273 23.71 -21.92 -4.49
N LEU L 274 24.76 -21.44 -3.82
CA LEU L 274 25.47 -22.23 -2.81
C LEU L 274 24.82 -21.95 -1.46
N THR L 275 24.18 -22.96 -0.89
CA THR L 275 23.40 -22.78 0.31
C THR L 275 23.96 -23.51 1.52
N GLN L 276 24.83 -24.49 1.33
CA GLN L 276 25.33 -25.30 2.43
C GLN L 276 26.83 -25.49 2.27
N PRO L 277 27.56 -25.69 3.37
CA PRO L 277 28.97 -26.06 3.25
C PRO L 277 29.11 -27.43 2.62
N MET L 278 30.19 -27.61 1.84
CA MET L 278 30.45 -28.87 1.16
C MET L 278 31.92 -29.21 1.25
N ILE L 279 32.20 -30.50 1.44
CA ILE L 279 33.55 -31.03 1.49
C ILE L 279 33.66 -32.19 0.49
N ARG L 280 34.85 -32.76 0.39
CA ARG L 280 35.08 -33.88 -0.51
C ARG L 280 35.01 -35.18 0.30
N ASN L 281 34.23 -36.14 -0.21
CA ASN L 281 34.05 -37.41 0.47
C ASN L 281 35.13 -38.40 0.02
N GLU L 282 34.96 -39.68 0.39
CA GLU L 282 36.00 -40.66 0.14
C GLU L 282 36.20 -40.94 -1.33
N LYS L 283 35.17 -40.74 -2.15
CA LYS L 283 35.25 -40.96 -3.58
C LYS L 283 35.59 -39.69 -4.36
N GLY L 284 35.94 -38.60 -3.67
CA GLY L 284 36.27 -37.37 -4.34
C GLY L 284 35.09 -36.53 -4.78
N LEU L 285 33.90 -36.80 -4.25
CA LEU L 285 32.70 -36.07 -4.60
C LEU L 285 32.34 -35.06 -3.51
N LEU L 286 31.70 -33.96 -3.93
CA LEU L 286 31.31 -32.91 -3.00
C LEU L 286 30.00 -33.28 -2.31
N THR L 287 30.05 -33.29 -0.98
CA THR L 287 28.90 -33.65 -0.15
C THR L 287 28.68 -32.56 0.90
N TYR L 288 27.43 -32.38 1.28
CA TYR L 288 27.07 -31.39 2.28
C TYR L 288 27.63 -31.77 3.65
N THR L 289 27.90 -30.75 4.45
CA THR L 289 28.40 -30.94 5.80
C THR L 289 27.99 -29.74 6.65
N THR L 290 28.43 -29.71 7.89
CA THR L 290 28.10 -28.63 8.81
C THR L 290 29.18 -27.55 8.76
N TRP L 291 28.86 -26.40 9.35
CA TRP L 291 29.83 -25.31 9.40
C TRP L 291 31.04 -25.69 10.23
N GLU L 292 30.82 -26.39 11.35
CA GLU L 292 31.93 -26.78 12.21
C GLU L 292 32.92 -27.69 11.47
N ASP L 293 32.40 -28.65 10.70
CA ASP L 293 33.27 -29.61 10.03
C ASP L 293 34.13 -28.93 8.97
N ALA L 294 33.50 -28.15 8.08
CA ALA L 294 34.25 -27.49 7.01
C ALA L 294 35.23 -26.48 7.59
N LEU L 295 34.80 -25.70 8.58
CA LEU L 295 35.68 -24.71 9.18
C LEU L 295 36.86 -25.38 9.88
N SER L 296 36.62 -26.52 10.54
CA SER L 296 37.70 -27.23 11.20
C SER L 296 38.69 -27.79 10.19
N ARG L 297 38.19 -28.33 9.07
CA ARG L 297 39.09 -28.84 8.04
C ARG L 297 39.94 -27.72 7.46
N VAL L 298 39.31 -26.56 7.17
CA VAL L 298 40.06 -25.44 6.60
C VAL L 298 41.09 -24.93 7.61
N ALA L 299 40.71 -24.85 8.89
CA ALA L 299 41.65 -24.40 9.91
C ALA L 299 42.81 -25.36 10.07
N GLY L 300 42.54 -26.67 10.02
CA GLY L 300 43.61 -27.64 10.11
C GLY L 300 44.57 -27.55 8.94
N MET L 301 44.04 -27.30 7.74
CA MET L 301 44.92 -27.12 6.59
C MET L 301 45.70 -25.81 6.68
N LEU L 302 45.09 -24.78 7.27
CA LEU L 302 45.73 -23.47 7.33
C LEU L 302 46.82 -23.43 8.42
N GLN L 303 46.63 -24.20 9.49
CA GLN L 303 47.63 -24.21 10.56
C GLN L 303 48.91 -24.89 10.13
N SER L 304 48.81 -25.85 9.20
CA SER L 304 50.00 -26.61 8.80
C SER L 304 50.92 -25.79 7.91
N PHE L 305 50.35 -25.00 7.01
CA PHE L 305 51.13 -24.20 6.06
C PHE L 305 51.10 -22.73 6.50
N GLN L 306 52.27 -22.12 6.60
CA GLN L 306 52.40 -20.72 6.92
C GLN L 306 53.43 -20.08 6.01
N GLY L 307 53.23 -18.81 5.69
CA GLY L 307 54.19 -18.05 4.90
C GLY L 307 53.73 -17.90 3.45
N ASN L 308 54.64 -18.19 2.52
CA ASN L 308 54.34 -17.98 1.11
C ASN L 308 53.48 -19.09 0.53
N ASP L 309 53.25 -20.16 1.29
CA ASP L 309 52.50 -21.30 0.77
C ASP L 309 51.00 -21.06 0.83
N VAL L 310 50.57 -20.00 1.53
CA VAL L 310 49.15 -19.67 1.59
C VAL L 310 48.89 -18.46 0.70
N ALA L 311 47.86 -18.56 -0.14
CA ALA L 311 47.54 -17.52 -1.09
C ALA L 311 46.04 -17.36 -1.21
N ALA L 312 45.62 -16.18 -1.68
CA ALA L 312 44.21 -15.86 -1.83
C ALA L 312 43.98 -15.06 -3.10
N ILE L 313 42.84 -15.28 -3.74
CA ILE L 313 42.43 -14.56 -4.93
C ILE L 313 41.04 -13.99 -4.69
N ALA L 314 40.86 -12.71 -4.99
CA ALA L 314 39.58 -12.05 -4.83
C ALA L 314 38.83 -11.99 -6.16
N GLY L 315 37.50 -12.08 -6.07
CA GLY L 315 36.65 -12.06 -7.24
C GLY L 315 36.19 -10.65 -7.60
N GLY L 316 35.25 -10.60 -8.53
CA GLY L 316 34.75 -9.34 -9.05
C GLY L 316 33.59 -8.73 -8.30
N LEU L 317 32.96 -9.48 -7.39
CA LEU L 317 31.80 -9.02 -6.64
C LEU L 317 32.03 -9.17 -5.14
N VAL L 318 33.20 -8.73 -4.68
CA VAL L 318 33.63 -8.92 -3.30
C VAL L 318 33.65 -7.57 -2.60
N ASP L 319 33.17 -7.54 -1.37
CA ASP L 319 33.08 -6.31 -0.60
C ASP L 319 34.37 -6.03 0.17
N ALA L 320 34.52 -4.78 0.59
CA ALA L 320 35.74 -4.35 1.27
C ALA L 320 35.90 -5.02 2.63
N GLU L 321 34.79 -5.33 3.31
CA GLU L 321 34.89 -5.95 4.63
C GLU L 321 35.51 -7.33 4.54
N ALA L 322 35.00 -8.15 3.62
CA ALA L 322 35.57 -9.49 3.42
C ALA L 322 37.01 -9.41 2.94
N LEU L 323 37.31 -8.42 2.09
CA LEU L 323 38.67 -8.26 1.59
C LEU L 323 39.64 -7.98 2.73
N VAL L 324 39.29 -7.02 3.61
CA VAL L 324 40.19 -6.70 4.70
C VAL L 324 40.27 -7.85 5.70
N ALA L 325 39.17 -8.57 5.93
CA ALA L 325 39.21 -9.71 6.84
C ALA L 325 40.14 -10.80 6.30
N LEU L 326 40.04 -11.12 5.02
CA LEU L 326 40.93 -12.12 4.42
C LEU L 326 42.37 -11.64 4.45
N LYS L 327 42.60 -10.35 4.18
CA LYS L 327 43.95 -9.81 4.25
C LYS L 327 44.55 -9.98 5.64
N ASP L 328 43.78 -9.64 6.67
CA ASP L 328 44.28 -9.79 8.04
C ASP L 328 44.50 -11.26 8.39
N LEU L 329 43.59 -12.14 7.98
CA LEU L 329 43.73 -13.56 8.31
C LEU L 329 44.96 -14.16 7.66
N LEU L 330 45.22 -13.83 6.39
CA LEU L 330 46.40 -14.35 5.73
C LEU L 330 47.67 -13.68 6.24
N ASN L 331 47.58 -12.43 6.69
CA ASN L 331 48.73 -11.79 7.31
C ASN L 331 49.09 -12.45 8.63
N ARG L 332 48.10 -13.00 9.34
CA ARG L 332 48.36 -13.70 10.59
C ARG L 332 49.25 -14.92 10.40
N VAL L 333 49.29 -15.51 9.21
CA VAL L 333 50.22 -16.61 8.92
C VAL L 333 51.40 -16.13 8.09
N ASP L 334 51.70 -14.83 8.13
CA ASP L 334 52.84 -14.23 7.42
C ASP L 334 52.75 -14.52 5.91
N SER L 335 51.57 -14.29 5.35
CA SER L 335 51.35 -14.47 3.92
C SER L 335 51.03 -13.11 3.31
N ASP L 336 51.57 -12.87 2.11
CA ASP L 336 51.29 -11.66 1.35
C ASP L 336 50.80 -11.98 -0.06
N SER L 337 50.54 -13.24 -0.37
CA SER L 337 50.11 -13.63 -1.71
C SER L 337 48.59 -13.45 -1.86
N LEU L 338 48.16 -12.20 -1.66
CA LEU L 338 46.79 -11.79 -1.92
C LEU L 338 46.74 -11.13 -3.30
N CYS L 339 45.82 -11.58 -4.14
CA CYS L 339 45.78 -11.14 -5.52
C CYS L 339 44.34 -10.92 -5.96
N THR L 340 44.18 -10.20 -7.06
CA THR L 340 42.91 -10.04 -7.75
C THR L 340 43.00 -10.68 -9.13
N GLU L 341 41.85 -10.85 -9.76
CA GLU L 341 41.81 -11.46 -11.09
C GLU L 341 42.08 -10.47 -12.22
N GLU L 342 42.12 -9.17 -11.92
CA GLU L 342 42.43 -8.16 -12.92
C GLU L 342 43.83 -7.61 -12.70
N VAL L 343 44.57 -7.49 -13.79
CA VAL L 343 45.94 -7.01 -13.75
C VAL L 343 45.94 -5.49 -13.75
N PHE L 344 46.84 -4.90 -12.96
CA PHE L 344 47.13 -3.49 -13.01
C PHE L 344 48.64 -3.37 -12.86
N PRO L 345 49.30 -2.54 -13.67
CA PRO L 345 50.77 -2.48 -13.64
C PRO L 345 51.30 -2.08 -12.28
N THR L 346 52.24 -2.88 -11.77
CA THR L 346 52.86 -2.64 -10.48
C THR L 346 54.18 -1.87 -10.59
N ALA L 347 54.61 -1.55 -11.80
CA ALA L 347 55.84 -0.80 -11.98
C ALA L 347 55.64 0.65 -11.55
N GLY L 348 56.72 1.26 -11.06
CA GLY L 348 56.64 2.65 -10.65
C GLY L 348 55.81 2.81 -9.39
N ALA L 349 54.95 3.83 -9.40
CA ALA L 349 54.13 4.10 -8.22
C ALA L 349 53.18 2.96 -7.92
N GLY L 350 52.54 2.41 -8.94
CA GLY L 350 51.63 1.29 -8.73
C GLY L 350 50.48 1.65 -7.82
N THR L 351 50.26 0.81 -6.81
CA THR L 351 49.12 0.97 -5.91
C THR L 351 49.30 2.11 -4.92
N ASP L 352 50.55 2.53 -4.65
CA ASP L 352 50.81 3.47 -3.57
C ASP L 352 50.07 4.79 -3.75
N LEU L 353 50.09 5.34 -4.95
CA LEU L 353 49.42 6.60 -5.24
C LEU L 353 48.00 6.31 -5.73
N ARG L 354 47.01 6.83 -5.01
CA ARG L 354 45.62 6.52 -5.34
C ARG L 354 45.22 7.11 -6.69
N SER L 355 45.81 8.25 -7.04
CA SER L 355 45.46 8.90 -8.31
C SER L 355 45.95 8.10 -9.50
N ASN L 356 46.78 7.07 -9.25
CA ASN L 356 47.36 6.31 -10.34
C ASN L 356 46.34 5.39 -11.00
N TYR L 357 45.35 4.91 -10.25
CA TYR L 357 44.40 3.92 -10.75
C TYR L 357 42.95 4.35 -10.61
N LEU L 358 42.67 5.65 -10.64
CA LEU L 358 41.30 6.14 -10.46
C LEU L 358 40.85 6.91 -11.69
N LEU L 359 39.55 7.15 -11.75
CA LEU L 359 38.96 8.08 -12.71
C LEU L 359 38.95 9.44 -12.02
N ASN L 360 40.08 10.16 -12.14
CA ASN L 360 40.25 11.38 -11.38
C ASN L 360 39.29 12.48 -11.81
N THR L 361 38.97 12.53 -13.11
CA THR L 361 38.06 13.55 -13.60
C THR L 361 36.64 13.33 -13.07
N THR L 362 36.33 12.10 -12.63
CA THR L 362 35.04 11.69 -12.11
C THR L 362 33.98 11.64 -13.22
N ILE L 363 32.83 11.04 -12.92
CA ILE L 363 31.77 10.92 -13.93
C ILE L 363 31.14 12.28 -14.20
N ALA L 364 30.91 13.07 -13.15
CA ALA L 364 30.30 14.38 -13.34
C ALA L 364 31.22 15.37 -14.04
N GLY L 365 32.53 15.11 -14.06
CA GLY L 365 33.47 15.98 -14.72
C GLY L 365 33.46 15.93 -16.22
N VAL L 366 32.92 14.87 -16.81
CA VAL L 366 32.88 14.73 -18.26
C VAL L 366 32.10 15.87 -18.92
N GLU L 367 31.13 16.46 -18.21
CA GLU L 367 30.41 17.59 -18.76
C GLU L 367 31.27 18.82 -18.97
N GLU L 368 32.44 18.90 -18.34
CA GLU L 368 33.27 20.09 -18.42
C GLU L 368 34.40 19.98 -19.44
N ALA L 369 34.73 18.78 -19.89
CA ALA L 369 35.77 18.63 -20.89
C ALA L 369 35.23 18.99 -22.28
N ASP L 370 36.16 19.23 -23.19
CA ASP L 370 35.85 19.45 -24.60
C ASP L 370 36.53 18.45 -25.52
N VAL L 371 37.61 17.83 -25.06
CA VAL L 371 38.30 16.78 -25.81
C VAL L 371 38.50 15.59 -24.88
N ILE L 372 38.09 14.41 -25.33
CA ILE L 372 38.30 13.17 -24.59
C ILE L 372 38.92 12.15 -25.54
N LEU L 373 39.91 11.41 -25.05
CA LEU L 373 40.57 10.37 -25.83
C LEU L 373 40.42 9.04 -25.10
N LEU L 374 39.75 8.09 -25.75
CA LEU L 374 39.56 6.76 -25.20
C LEU L 374 40.59 5.82 -25.80
N VAL L 375 41.27 5.05 -24.96
CA VAL L 375 42.36 4.18 -25.39
C VAL L 375 42.01 2.74 -25.05
N GLY L 376 41.84 1.92 -26.06
CA GLY L 376 41.74 0.47 -25.86
C GLY L 376 40.59 0.04 -24.97
N THR L 377 39.43 0.69 -25.11
CA THR L 377 38.28 0.36 -24.28
C THR L 377 37.01 0.50 -25.09
N ASN L 378 35.94 -0.10 -24.59
CA ASN L 378 34.60 0.05 -25.16
C ASN L 378 33.68 0.55 -24.06
N PRO L 379 33.55 1.86 -23.85
CA PRO L 379 32.76 2.34 -22.71
C PRO L 379 31.31 1.93 -22.74
N ARG L 380 30.78 1.62 -23.93
CA ARG L 380 29.35 1.32 -24.06
C ARG L 380 28.98 0.08 -23.26
N PHE L 381 29.86 -0.93 -23.22
CA PHE L 381 29.57 -2.17 -22.51
C PHE L 381 30.34 -2.30 -21.20
N GLU L 382 31.54 -1.71 -21.10
CA GLU L 382 32.29 -1.78 -19.86
C GLU L 382 31.73 -0.85 -18.79
N ALA L 383 31.15 0.28 -19.21
CA ALA L 383 30.57 1.25 -18.27
C ALA L 383 29.45 2.00 -18.99
N PRO L 384 28.28 1.38 -19.13
CA PRO L 384 27.22 2.00 -19.96
C PRO L 384 26.79 3.37 -19.49
N LEU L 385 26.75 3.62 -18.18
CA LEU L 385 26.36 4.94 -17.71
C LEU L 385 27.44 5.98 -17.97
N PHE L 386 28.72 5.58 -17.92
CA PHE L 386 29.79 6.49 -18.30
C PHE L 386 29.69 6.86 -19.77
N ASN L 387 29.39 5.90 -20.63
CA ASN L 387 29.20 6.19 -22.05
C ASN L 387 27.98 7.06 -22.28
N ALA L 388 26.92 6.87 -21.49
CA ALA L 388 25.76 7.75 -21.58
C ALA L 388 26.12 9.17 -21.17
N ARG L 389 26.95 9.32 -20.14
CA ARG L 389 27.43 10.65 -19.76
C ARG L 389 28.26 11.28 -20.88
N ILE L 390 29.10 10.48 -21.52
CA ILE L 390 29.88 10.99 -22.64
C ILE L 390 28.97 11.45 -23.77
N ARG L 391 27.93 10.66 -24.07
CA ARG L 391 26.98 11.06 -25.10
C ARG L 391 26.24 12.33 -24.73
N LYS L 392 25.86 12.47 -23.46
CA LYS L 392 25.20 13.69 -23.01
C LYS L 392 26.09 14.91 -23.22
N SER L 393 27.37 14.79 -22.83
CA SER L 393 28.30 15.89 -23.04
C SER L 393 28.52 16.16 -24.53
N TRP L 394 28.59 15.10 -25.34
CA TRP L 394 28.76 15.24 -26.77
C TRP L 394 27.59 15.97 -27.41
N LEU L 395 26.37 15.65 -26.98
CA LEU L 395 25.17 16.27 -27.53
C LEU L 395 25.01 17.72 -27.08
N HIS L 396 25.22 17.99 -25.78
CA HIS L 396 24.92 19.31 -25.25
C HIS L 396 26.14 20.23 -25.27
N ASN L 397 27.31 19.74 -24.88
CA ASN L 397 28.50 20.57 -24.76
C ASN L 397 29.40 20.50 -25.98
N ASP L 398 29.00 19.78 -27.03
CA ASP L 398 29.76 19.66 -28.27
C ASP L 398 31.16 19.08 -27.99
N LEU L 399 31.16 17.94 -27.31
CA LEU L 399 32.40 17.23 -27.01
C LEU L 399 33.03 16.69 -28.29
N LYS L 400 34.36 16.55 -28.25
CA LYS L 400 35.12 15.93 -29.33
C LYS L 400 35.71 14.65 -28.79
N VAL L 401 35.41 13.52 -29.44
CA VAL L 401 35.77 12.21 -28.96
C VAL L 401 36.69 11.54 -29.98
N ALA L 402 37.79 10.97 -29.49
CA ALA L 402 38.70 10.18 -30.32
C ALA L 402 38.92 8.82 -29.66
N LEU L 403 39.05 7.79 -30.48
CA LEU L 403 39.18 6.42 -29.98
C LEU L 403 40.43 5.77 -30.58
N ILE L 404 41.19 5.10 -29.73
CA ILE L 404 42.33 4.29 -30.15
C ILE L 404 41.98 2.84 -29.81
N GLY L 405 41.68 2.06 -30.83
CA GLY L 405 41.28 0.68 -30.62
C GLY L 405 40.45 0.20 -31.79
N SER L 406 39.70 -0.88 -31.55
CA SER L 406 38.81 -1.39 -32.58
C SER L 406 37.69 -0.38 -32.84
N PRO L 407 37.26 -0.22 -34.09
CA PRO L 407 36.20 0.75 -34.37
C PRO L 407 34.83 0.27 -33.91
N VAL L 408 34.67 0.14 -32.58
CA VAL L 408 33.39 -0.29 -32.04
C VAL L 408 32.33 0.80 -32.27
N ASP L 409 31.07 0.39 -32.17
CA ASP L 409 29.95 1.30 -32.40
C ASP L 409 29.56 1.94 -31.08
N LEU L 410 30.19 3.07 -30.76
CA LEU L 410 29.65 3.92 -29.73
C LEU L 410 28.43 4.65 -30.28
N THR L 411 27.53 5.05 -29.37
CA THR L 411 26.27 5.63 -29.80
C THR L 411 26.42 6.98 -30.48
N TYR L 412 27.57 7.61 -30.36
CA TYR L 412 27.85 8.91 -30.96
C TYR L 412 28.91 8.74 -32.04
N ARG L 413 29.27 9.85 -32.68
CA ARG L 413 30.31 9.87 -33.69
C ARG L 413 31.62 10.31 -33.06
N TYR L 414 32.66 9.51 -33.25
CA TYR L 414 33.99 9.78 -32.74
C TYR L 414 34.99 9.78 -33.89
N ASP L 415 36.22 10.18 -33.58
CA ASP L 415 37.32 10.17 -34.54
C ASP L 415 38.19 8.96 -34.26
N HIS L 416 38.26 8.05 -35.22
CA HIS L 416 39.04 6.81 -35.06
C HIS L 416 40.47 7.08 -35.51
N LEU L 417 41.39 7.18 -34.54
CA LEU L 417 42.79 7.38 -34.88
C LEU L 417 43.44 6.08 -35.36
N GLY L 418 42.89 4.93 -34.97
CA GLY L 418 43.46 3.66 -35.33
C GLY L 418 43.44 2.68 -34.17
N ASP L 419 44.00 1.49 -34.36
CA ASP L 419 44.03 0.48 -33.32
C ASP L 419 45.41 0.03 -32.90
N SER L 420 46.46 0.46 -33.59
CA SER L 420 47.81 0.12 -33.20
C SER L 420 48.21 0.89 -31.94
N PRO L 421 48.83 0.24 -30.95
CA PRO L 421 49.34 0.99 -29.80
C PRO L 421 50.40 2.00 -30.16
N LYS L 422 51.12 1.81 -31.26
CA LYS L 422 52.18 2.72 -31.67
C LYS L 422 51.69 4.16 -31.79
N ILE L 423 50.42 4.35 -32.16
CA ILE L 423 49.86 5.69 -32.28
C ILE L 423 50.06 6.47 -31.00
N LEU L 424 49.87 5.82 -29.84
CA LEU L 424 50.11 6.49 -28.56
C LEU L 424 51.47 7.15 -28.53
N GLN L 425 52.52 6.40 -28.89
CA GLN L 425 53.85 6.97 -28.90
C GLN L 425 53.92 8.17 -29.84
N ASP L 426 53.32 8.05 -31.03
CA ASP L 426 53.27 9.18 -31.94
C ASP L 426 52.58 10.38 -31.29
N ILE L 427 51.47 10.13 -30.60
CA ILE L 427 50.79 11.22 -29.89
C ILE L 427 51.69 11.74 -28.79
N ALA L 428 52.44 10.84 -28.12
CA ALA L 428 53.38 11.28 -27.11
C ALA L 428 54.58 11.98 -27.73
N SER L 429 54.81 11.78 -29.03
CA SER L 429 55.93 12.42 -29.69
C SER L 429 55.58 13.86 -30.07
N GLY L 430 54.53 14.04 -30.87
CA GLY L 430 54.10 15.37 -31.26
C GLY L 430 53.87 15.53 -32.75
N ASN L 431 54.26 14.50 -33.51
CA ASN L 431 54.08 14.48 -34.96
C ASN L 431 52.61 14.38 -35.38
N HIS L 432 51.86 13.59 -34.64
CA HIS L 432 50.44 13.35 -34.93
C HIS L 432 49.59 14.62 -34.85
N PRO L 433 48.60 14.73 -35.75
CA PRO L 433 47.65 15.84 -35.85
C PRO L 433 46.82 15.97 -34.59
N PHE L 434 46.44 14.84 -34.00
CA PHE L 434 45.65 14.82 -32.78
C PHE L 434 46.36 15.45 -31.59
N SER L 435 47.68 15.30 -31.54
CA SER L 435 48.47 15.85 -30.43
C SER L 435 48.32 17.36 -30.35
N GLN L 436 48.30 18.04 -31.50
CA GLN L 436 48.11 19.48 -31.53
C GLN L 436 46.74 19.86 -30.96
N ILE L 437 45.72 19.06 -31.30
CA ILE L 437 44.38 19.30 -30.81
C ILE L 437 44.32 19.19 -29.30
N LEU L 438 45.01 18.20 -28.74
CA LEU L 438 45.04 18.02 -27.30
C LEU L 438 45.71 19.22 -26.64
N LYS L 439 46.79 19.69 -27.24
CA LYS L 439 47.53 20.83 -26.74
C LYS L 439 46.75 22.14 -26.75
N GLU L 440 46.00 22.39 -27.81
CA GLU L 440 45.29 23.66 -27.92
C GLU L 440 43.93 23.65 -27.23
N ALA L 441 43.48 22.50 -26.72
CA ALA L 441 42.16 22.41 -26.09
C ALA L 441 42.32 22.46 -24.57
N LYS L 442 41.73 23.49 -23.96
CA LYS L 442 41.74 23.60 -22.52
C LYS L 442 40.80 22.56 -21.92
N LYS L 443 41.18 22.03 -20.75
CA LYS L 443 40.44 21.00 -20.04
C LYS L 443 40.29 19.74 -20.89
N PRO L 444 41.37 19.04 -21.25
CA PRO L 444 41.21 17.78 -21.98
C PRO L 444 41.15 16.58 -21.05
N MET L 445 40.66 15.44 -21.57
CA MET L 445 40.58 14.23 -20.78
C MET L 445 41.21 13.08 -21.56
N VAL L 446 41.94 12.23 -20.85
CA VAL L 446 42.53 11.02 -21.42
C VAL L 446 42.07 9.85 -20.56
N VAL L 447 41.34 8.92 -21.16
CA VAL L 447 40.75 7.79 -20.45
C VAL L 447 41.34 6.51 -20.99
N LEU L 448 41.97 5.72 -20.13
CA LEU L 448 42.52 4.43 -20.49
C LEU L 448 41.71 3.35 -19.78
N GLY L 449 41.14 2.43 -20.57
CA GLY L 449 40.33 1.37 -19.99
C GLY L 449 41.20 0.29 -19.35
N SER L 450 40.71 -0.25 -18.24
CA SER L 450 41.42 -1.33 -17.57
C SER L 450 41.50 -2.58 -18.42
N SER L 451 40.55 -2.79 -19.33
CA SER L 451 40.56 -3.96 -20.20
C SER L 451 41.79 -4.03 -21.10
N ALA L 452 42.47 -2.90 -21.33
CA ALA L 452 43.69 -2.88 -22.12
C ALA L 452 44.94 -3.05 -21.27
N LEU L 453 44.79 -3.26 -19.97
CA LEU L 453 45.92 -3.46 -19.07
C LEU L 453 46.20 -4.94 -18.80
N GLN L 454 45.47 -5.84 -19.46
CA GLN L 454 45.65 -7.28 -19.29
C GLN L 454 46.25 -7.95 -20.52
N ARG L 455 46.87 -7.18 -21.41
CA ARG L 455 47.39 -7.72 -22.66
C ARG L 455 48.90 -7.90 -22.64
N SER L 456 49.45 -8.25 -21.48
CA SER L 456 50.86 -8.60 -21.27
C SER L 456 51.82 -7.45 -21.50
N ASP L 457 51.33 -6.27 -21.87
CA ASP L 457 52.17 -5.10 -22.05
C ASP L 457 51.51 -3.85 -21.50
N GLY L 458 50.60 -4.03 -20.53
CA GLY L 458 49.86 -2.91 -20.00
C GLY L 458 50.74 -1.86 -19.34
N THR L 459 51.92 -2.27 -18.86
CA THR L 459 52.85 -1.29 -18.28
C THR L 459 53.30 -0.29 -19.34
N ALA L 460 53.63 -0.76 -20.53
CA ALA L 460 54.06 0.14 -21.59
C ALA L 460 52.93 1.05 -22.05
N ILE L 461 51.72 0.51 -22.17
CA ILE L 461 50.57 1.32 -22.57
C ILE L 461 50.29 2.39 -21.52
N LEU L 462 50.34 2.02 -20.25
CA LEU L 462 50.13 2.99 -19.18
C LEU L 462 51.21 4.07 -19.20
N ALA L 463 52.46 3.67 -19.43
CA ALA L 463 53.54 4.65 -19.52
C ALA L 463 53.33 5.61 -20.67
N ALA L 464 52.92 5.10 -21.84
CA ALA L 464 52.70 5.96 -23.00
C ALA L 464 51.55 6.93 -22.76
N VAL L 465 50.46 6.43 -22.16
CA VAL L 465 49.32 7.30 -21.89
C VAL L 465 49.67 8.34 -20.84
N SER L 466 50.45 7.96 -19.83
CA SER L 466 50.92 8.94 -18.85
C SER L 466 51.84 9.97 -19.49
N ASN L 467 52.64 9.55 -20.47
CA ASN L 467 53.47 10.50 -21.20
C ASN L 467 52.61 11.49 -21.98
N ILE L 468 51.52 11.01 -22.59
CA ILE L 468 50.60 11.90 -23.29
C ILE L 468 50.01 12.91 -22.30
N ALA L 469 49.58 12.42 -21.13
CA ALA L 469 49.01 13.31 -20.13
C ALA L 469 50.04 14.33 -19.64
N GLN L 470 51.29 13.90 -19.47
CA GLN L 470 52.34 14.82 -19.03
C GLN L 470 52.62 15.87 -20.09
N ASN L 471 52.64 15.48 -21.37
CA ASN L 471 52.86 16.45 -22.43
C ASN L 471 51.73 17.48 -22.47
N ILE L 472 50.49 17.02 -22.26
CA ILE L 472 49.36 17.94 -22.15
C ILE L 472 49.57 18.90 -20.97
N ARG L 473 49.92 18.35 -19.81
CA ARG L 473 50.05 19.14 -18.60
C ARG L 473 51.22 20.11 -18.67
N LEU L 474 52.19 19.83 -19.53
CA LEU L 474 53.37 20.68 -19.67
C LEU L 474 53.20 21.76 -20.72
N SER L 475 52.68 21.40 -21.91
CA SER L 475 52.55 22.38 -22.98
C SER L 475 51.60 23.50 -22.60
N SER L 476 50.44 23.15 -22.04
CA SER L 476 49.47 24.14 -21.60
C SER L 476 49.66 24.59 -20.16
N GLY L 477 50.56 23.96 -19.42
CA GLY L 477 50.74 24.27 -18.01
C GLY L 477 49.63 23.67 -17.17
N VAL L 478 49.75 23.90 -15.86
CA VAL L 478 48.74 23.42 -14.92
C VAL L 478 47.54 24.37 -15.01
N THR L 479 46.40 23.84 -15.45
CA THR L 479 45.20 24.67 -15.60
C THR L 479 44.51 24.89 -14.27
N GLY L 480 44.97 24.23 -13.21
CA GLY L 480 44.33 24.30 -11.92
C GLY L 480 44.14 22.92 -11.33
N ASP L 481 42.89 22.52 -11.10
CA ASP L 481 42.54 21.17 -10.67
C ASP L 481 41.66 20.50 -11.73
N TRP L 482 42.30 19.93 -12.75
CA TRP L 482 41.55 19.29 -13.83
C TRP L 482 41.75 17.79 -13.93
N LYS L 483 42.93 17.26 -13.58
CA LYS L 483 43.15 15.82 -13.48
C LYS L 483 42.89 15.12 -14.83
N VAL L 484 43.77 15.41 -15.78
CA VAL L 484 43.63 14.86 -17.13
C VAL L 484 43.67 13.33 -17.10
N MET L 485 44.61 12.76 -16.36
CA MET L 485 44.82 11.32 -16.36
C MET L 485 43.63 10.58 -15.75
N ASN L 486 43.24 9.47 -16.37
CA ASN L 486 42.08 8.70 -15.93
C ASN L 486 42.26 7.23 -16.25
N ILE L 487 41.72 6.38 -15.38
CA ILE L 487 41.64 4.94 -15.61
C ILE L 487 40.21 4.49 -15.33
N LEU L 488 39.62 3.78 -16.28
CA LEU L 488 38.23 3.35 -16.21
C LEU L 488 38.17 1.86 -15.91
N HIS L 489 37.62 1.51 -14.76
CA HIS L 489 37.55 0.11 -14.33
C HIS L 489 36.23 -0.52 -14.78
N ARG L 490 36.20 -1.85 -14.73
CA ARG L 490 35.01 -2.61 -15.08
C ARG L 490 34.66 -3.67 -14.04
N ILE L 491 35.40 -3.73 -12.94
CA ILE L 491 35.19 -4.71 -11.88
C ILE L 491 34.87 -3.96 -10.61
N ALA L 492 33.78 -4.35 -9.94
CA ALA L 492 33.28 -3.58 -8.80
C ALA L 492 34.15 -3.75 -7.56
N SER L 493 34.92 -4.82 -7.46
CA SER L 493 35.73 -5.09 -6.27
C SER L 493 37.18 -4.68 -6.43
N GLN L 494 37.56 -4.15 -7.59
CA GLN L 494 38.97 -3.90 -7.90
C GLN L 494 39.51 -2.70 -7.12
N VAL L 495 38.79 -1.58 -7.13
CA VAL L 495 39.31 -0.35 -6.53
C VAL L 495 39.44 -0.51 -5.01
N ALA L 496 38.47 -1.18 -4.38
CA ALA L 496 38.56 -1.42 -2.95
C ALA L 496 39.78 -2.30 -2.62
N ALA L 497 40.01 -3.33 -3.42
CA ALA L 497 41.17 -4.19 -3.21
C ALA L 497 42.46 -3.40 -3.33
N LEU L 498 42.57 -2.56 -4.36
CA LEU L 498 43.77 -1.76 -4.53
C LEU L 498 43.95 -0.79 -3.37
N ASP L 499 42.86 -0.18 -2.90
CA ASP L 499 42.93 0.71 -1.75
C ASP L 499 43.35 -0.02 -0.49
N LEU L 500 43.07 -1.31 -0.40
CA LEU L 500 43.52 -2.15 0.71
C LEU L 500 44.91 -2.71 0.48
N GLY L 501 45.53 -2.40 -0.66
CA GLY L 501 46.84 -2.93 -0.98
C GLY L 501 46.78 -4.42 -1.25
N TYR L 502 46.11 -4.81 -2.33
CA TYR L 502 45.81 -6.21 -2.57
C TYR L 502 46.63 -6.83 -3.69
N LYS L 503 47.67 -6.14 -4.18
CA LYS L 503 48.62 -6.70 -5.12
C LYS L 503 47.93 -7.17 -6.41
N PRO L 504 47.56 -6.24 -7.29
CA PRO L 504 46.75 -6.62 -8.46
C PRO L 504 47.49 -7.57 -9.38
N GLY L 505 46.73 -8.42 -10.04
CA GLY L 505 47.28 -9.44 -10.91
C GLY L 505 47.53 -10.74 -10.17
N VAL L 506 47.51 -11.84 -10.91
CA VAL L 506 47.65 -13.17 -10.35
C VAL L 506 49.05 -13.74 -10.58
N GLU L 507 49.99 -12.91 -11.01
CA GLU L 507 51.34 -13.39 -11.32
C GLU L 507 52.06 -13.91 -10.08
N ALA L 508 51.76 -13.37 -8.91
CA ALA L 508 52.43 -13.82 -7.69
C ALA L 508 52.12 -15.28 -7.40
N ILE L 509 50.91 -15.72 -7.71
CA ILE L 509 50.54 -17.13 -7.54
C ILE L 509 51.30 -17.99 -8.53
N ARG L 510 51.46 -17.51 -9.77
CA ARG L 510 52.12 -18.31 -10.80
C ARG L 510 53.61 -18.45 -10.53
N LYS L 511 54.25 -17.39 -10.00
CA LYS L 511 55.69 -17.45 -9.76
C LYS L 511 56.03 -18.27 -8.53
N ASN L 512 55.15 -18.26 -7.52
CA ASN L 512 55.32 -19.07 -6.30
C ASN L 512 54.01 -19.81 -6.04
N PRO L 513 53.84 -20.98 -6.65
CA PRO L 513 52.58 -21.73 -6.46
C PRO L 513 52.35 -22.06 -5.00
N PRO L 514 51.11 -21.92 -4.53
CA PRO L 514 50.80 -22.15 -3.12
C PRO L 514 50.32 -23.58 -2.87
N LYS L 515 50.14 -23.88 -1.59
CA LYS L 515 49.56 -25.15 -1.17
C LYS L 515 48.15 -25.01 -0.62
N VAL L 516 47.76 -23.81 -0.17
CA VAL L 516 46.41 -23.52 0.28
C VAL L 516 45.93 -22.30 -0.49
N LEU L 517 44.92 -22.48 -1.34
CA LEU L 517 44.39 -21.42 -2.17
C LEU L 517 43.02 -20.99 -1.64
N PHE L 518 42.85 -19.68 -1.47
CA PHE L 518 41.60 -19.10 -0.99
C PHE L 518 40.93 -18.39 -2.16
N LEU L 519 39.98 -19.07 -2.78
CA LEU L 519 39.21 -18.48 -3.88
C LEU L 519 38.03 -17.73 -3.29
N LEU L 520 38.14 -16.40 -3.22
CA LEU L 520 37.09 -15.57 -2.63
C LEU L 520 36.24 -15.01 -3.77
N GLY L 521 35.30 -15.85 -4.22
CA GLY L 521 34.46 -15.48 -5.34
C GLY L 521 35.19 -15.36 -6.66
N ALA L 522 36.30 -16.07 -6.80
CA ALA L 522 37.13 -15.97 -8.00
C ALA L 522 36.60 -16.94 -9.06
N ASP L 523 35.83 -16.42 -10.00
CA ASP L 523 35.25 -17.21 -11.07
C ASP L 523 35.75 -16.78 -12.44
N GLY L 524 36.92 -16.16 -12.53
CA GLY L 524 37.49 -15.80 -13.81
C GLY L 524 38.26 -16.89 -14.49
N GLY L 525 38.51 -18.00 -13.82
CA GLY L 525 39.28 -19.08 -14.40
C GLY L 525 40.74 -18.76 -14.62
N CYS L 526 41.26 -17.75 -13.91
CA CYS L 526 42.65 -17.35 -14.11
C CYS L 526 43.62 -18.45 -13.69
N ILE L 527 43.35 -19.11 -12.57
CA ILE L 527 44.20 -20.18 -12.05
C ILE L 527 43.38 -21.46 -12.01
N THR L 528 43.83 -22.47 -12.73
CA THR L 528 43.24 -23.80 -12.70
C THR L 528 44.15 -24.72 -11.91
N ARG L 529 43.80 -26.01 -11.87
CA ARG L 529 44.58 -26.97 -11.11
C ARG L 529 45.87 -27.38 -11.81
N GLN L 530 46.08 -26.95 -13.06
CA GLN L 530 47.32 -27.22 -13.76
C GLN L 530 48.43 -26.25 -13.41
N ASP L 531 48.08 -25.06 -12.93
CA ASP L 531 49.06 -24.07 -12.49
C ASP L 531 49.42 -24.22 -11.03
N LEU L 532 48.91 -25.25 -10.36
CA LEU L 532 49.11 -25.49 -8.94
C LEU L 532 49.75 -26.85 -8.74
N PRO L 533 50.45 -27.06 -7.63
CA PRO L 533 51.04 -28.36 -7.35
C PRO L 533 49.98 -29.42 -7.07
N LYS L 534 50.38 -30.67 -7.21
CA LYS L 534 49.49 -31.78 -6.92
C LYS L 534 49.13 -31.78 -5.44
N ASP L 535 47.87 -32.13 -5.17
CA ASP L 535 47.30 -32.07 -3.82
C ASP L 535 47.38 -30.66 -3.25
N CYS L 536 46.80 -29.71 -3.99
CA CYS L 536 46.64 -28.34 -3.52
C CYS L 536 45.26 -28.18 -2.92
N PHE L 537 45.21 -27.67 -1.69
CA PHE L 537 43.95 -27.51 -0.97
C PHE L 537 43.33 -26.19 -1.39
N ILE L 538 42.19 -26.26 -2.05
CA ILE L 538 41.53 -25.09 -2.60
C ILE L 538 40.22 -24.86 -1.86
N ILE L 539 40.02 -23.64 -1.37
CA ILE L 539 38.82 -23.26 -0.63
C ILE L 539 38.10 -22.20 -1.44
N TYR L 540 36.83 -22.44 -1.76
CA TYR L 540 36.01 -21.50 -2.49
C TYR L 540 34.94 -20.93 -1.59
N GLN L 541 34.84 -19.60 -1.54
CA GLN L 541 33.82 -18.91 -0.76
C GLN L 541 33.09 -17.95 -1.70
N GLY L 542 31.83 -18.24 -1.96
CA GLY L 542 31.04 -17.41 -2.85
C GLY L 542 29.55 -17.62 -2.67
N HIS L 543 28.76 -17.20 -3.66
CA HIS L 543 27.32 -17.36 -3.60
C HIS L 543 26.76 -18.17 -4.77
N HIS L 544 27.54 -18.40 -5.83
CA HIS L 544 27.05 -19.09 -7.00
C HIS L 544 27.97 -20.26 -7.35
N GLY L 545 27.37 -21.30 -7.93
CA GLY L 545 28.14 -22.39 -8.48
C GLY L 545 28.56 -22.08 -9.89
N ASP L 546 29.85 -21.84 -10.08
CA ASP L 546 30.39 -21.40 -11.36
C ASP L 546 31.71 -22.14 -11.57
N VAL L 547 32.54 -21.65 -12.50
CA VAL L 547 33.76 -22.35 -12.86
C VAL L 547 34.65 -22.56 -11.64
N GLY L 548 34.69 -21.59 -10.73
CA GLY L 548 35.59 -21.70 -9.59
C GLY L 548 35.15 -22.64 -8.48
N ALA L 549 33.90 -23.09 -8.50
CA ALA L 549 33.36 -23.93 -7.42
C ALA L 549 33.78 -25.39 -7.50
N PRO L 550 33.55 -26.11 -8.60
CA PRO L 550 33.73 -27.58 -8.57
C PRO L 550 35.17 -28.03 -8.52
N MET L 551 36.13 -27.12 -8.64
CA MET L 551 37.54 -27.45 -8.56
C MET L 551 38.09 -27.31 -7.14
N ALA L 552 37.23 -27.02 -6.17
CA ALA L 552 37.65 -26.75 -4.80
C ALA L 552 37.52 -28.00 -3.93
N ASP L 553 38.13 -27.92 -2.75
CA ASP L 553 38.05 -28.99 -1.76
C ASP L 553 37.05 -28.70 -0.65
N VAL L 554 36.85 -27.44 -0.32
CA VAL L 554 35.87 -27.02 0.67
C VAL L 554 35.13 -25.81 0.12
N ILE L 555 33.81 -25.82 0.22
CA ILE L 555 32.97 -24.74 -0.30
C ILE L 555 32.23 -24.11 0.86
N LEU L 556 32.39 -22.79 1.01
CA LEU L 556 31.73 -22.05 2.08
C LEU L 556 30.71 -21.09 1.48
N PRO L 557 29.42 -21.27 1.72
CA PRO L 557 28.41 -20.42 1.08
C PRO L 557 28.41 -19.02 1.67
N GLY L 558 28.63 -18.02 0.82
CA GLY L 558 28.57 -16.63 1.21
C GLY L 558 27.25 -15.99 0.83
N ALA L 559 27.18 -14.68 1.01
CA ALA L 559 26.00 -13.89 0.73
C ALA L 559 26.18 -13.12 -0.56
N ALA L 560 25.09 -12.94 -1.32
CA ALA L 560 25.12 -12.11 -2.50
C ALA L 560 25.08 -10.63 -2.09
N TYR L 561 25.22 -9.74 -3.07
CA TYR L 561 25.26 -8.32 -2.77
C TYR L 561 23.93 -7.78 -2.28
N THR L 562 22.82 -8.46 -2.59
CA THR L 562 21.52 -8.06 -2.09
C THR L 562 21.25 -8.52 -0.66
N GLU L 563 22.15 -9.31 -0.08
CA GLU L 563 21.90 -9.95 1.20
C GLU L 563 22.91 -9.53 2.28
N LYS L 564 23.50 -8.35 2.14
CA LYS L 564 24.47 -7.89 3.13
C LYS L 564 24.60 -6.37 3.02
N SER L 565 25.04 -5.76 4.12
CA SER L 565 25.40 -4.35 4.14
C SER L 565 26.90 -4.27 4.00
N ALA L 566 27.36 -3.89 2.81
CA ALA L 566 28.76 -4.05 2.43
C ALA L 566 29.25 -2.83 1.68
N THR L 567 30.56 -2.65 1.67
CA THR L 567 31.20 -1.47 1.09
C THR L 567 31.80 -1.80 -0.26
N TYR L 568 31.45 -1.01 -1.28
CA TYR L 568 32.03 -1.11 -2.61
C TYR L 568 32.52 0.27 -3.04
N VAL L 569 33.69 0.32 -3.68
CA VAL L 569 34.33 1.57 -4.05
C VAL L 569 34.18 1.78 -5.55
N ASN L 570 33.75 2.97 -5.93
CA ASN L 570 33.47 3.32 -7.31
C ASN L 570 34.78 3.39 -8.12
N THR L 571 34.62 3.50 -9.44
CA THR L 571 35.76 3.72 -10.32
C THR L 571 36.38 5.09 -10.14
N GLU L 572 35.69 6.03 -9.48
CA GLU L 572 36.26 7.31 -9.11
C GLU L 572 36.86 7.31 -7.71
N GLY L 573 36.73 6.21 -6.98
CA GLY L 573 37.13 6.15 -5.59
C GLY L 573 36.04 6.49 -4.61
N ARG L 574 34.79 6.62 -5.05
CA ARG L 574 33.68 6.94 -4.16
C ARG L 574 33.17 5.66 -3.51
N ALA L 575 33.37 5.54 -2.20
CA ALA L 575 32.91 4.37 -1.46
C ALA L 575 31.43 4.51 -1.15
N GLN L 576 30.69 3.42 -1.30
CA GLN L 576 29.27 3.38 -1.00
C GLN L 576 28.95 2.09 -0.28
N GLN L 577 27.82 2.07 0.42
CA GLN L 577 27.43 0.90 1.20
C GLN L 577 26.08 0.38 0.75
N THR L 578 25.97 -0.94 0.70
CA THR L 578 24.73 -1.63 0.39
C THR L 578 23.89 -1.80 1.66
N LYS L 579 22.60 -2.00 1.48
CA LYS L 579 21.69 -2.37 2.56
C LYS L 579 21.14 -3.76 2.31
N VAL L 580 20.72 -4.42 3.39
CA VAL L 580 20.24 -5.80 3.33
C VAL L 580 18.83 -5.77 2.75
N ALA L 581 18.65 -6.36 1.57
CA ALA L 581 17.31 -6.54 1.03
C ALA L 581 16.65 -7.80 1.60
N VAL L 582 17.33 -8.94 1.48
CA VAL L 582 16.87 -10.19 2.05
C VAL L 582 18.06 -10.86 2.73
N THR L 583 17.80 -11.91 3.48
CA THR L 583 18.87 -12.62 4.15
C THR L 583 19.40 -13.75 3.26
N PRO L 584 20.64 -14.18 3.48
CA PRO L 584 21.22 -15.25 2.65
C PRO L 584 20.41 -16.52 2.73
N PRO L 585 20.32 -17.27 1.64
CA PRO L 585 19.51 -18.50 1.63
C PRO L 585 20.21 -19.63 2.34
N GLY L 586 19.40 -20.54 2.89
CA GLY L 586 19.93 -21.75 3.50
C GLY L 586 20.87 -21.44 4.64
N LEU L 587 22.06 -22.04 4.58
CA LEU L 587 23.08 -21.86 5.61
C LEU L 587 24.15 -20.85 5.20
N ALA L 588 23.94 -20.11 4.11
CA ALA L 588 24.91 -19.10 3.70
C ALA L 588 25.00 -18.00 4.75
N ARG L 589 26.21 -17.48 4.93
CA ARG L 589 26.49 -16.46 5.94
C ARG L 589 27.20 -15.28 5.31
N GLU L 590 27.37 -14.23 6.11
CA GLU L 590 28.12 -13.06 5.68
C GLU L 590 29.60 -13.42 5.49
N ASP L 591 30.21 -12.81 4.47
CA ASP L 591 31.56 -13.20 4.08
C ASP L 591 32.58 -12.92 5.17
N TRP L 592 32.60 -11.68 5.68
CA TRP L 592 33.56 -11.34 6.73
C TRP L 592 33.27 -12.14 8.00
N LYS L 593 32.00 -12.46 8.24
CA LYS L 593 31.67 -13.33 9.37
C LYS L 593 32.29 -14.71 9.20
N ILE L 594 32.24 -15.25 7.98
CA ILE L 594 32.85 -16.55 7.72
C ILE L 594 34.35 -16.49 7.97
N ILE L 595 35.00 -15.43 7.48
CA ILE L 595 36.45 -15.32 7.65
C ILE L 595 36.80 -15.17 9.13
N ARG L 596 36.04 -14.38 9.87
CA ARG L 596 36.31 -14.19 11.29
C ARG L 596 36.09 -15.48 12.08
N ALA L 597 35.03 -16.23 11.77
CA ALA L 597 34.81 -17.51 12.43
C ALA L 597 35.93 -18.49 12.13
N LEU L 598 36.40 -18.51 10.88
CA LEU L 598 37.54 -19.36 10.54
C LEU L 598 38.78 -18.95 11.32
N SER L 599 39.01 -17.65 11.45
CA SER L 599 40.17 -17.18 12.21
C SER L 599 40.08 -17.60 13.67
N GLU L 600 38.88 -17.51 14.25
CA GLU L 600 38.70 -17.95 15.63
C GLU L 600 38.96 -19.44 15.78
N ILE L 601 38.42 -20.25 14.86
CA ILE L 601 38.59 -21.69 14.96
C ILE L 601 40.05 -22.09 14.75
N ALA L 602 40.74 -21.38 13.87
CA ALA L 602 42.15 -21.66 13.61
C ALA L 602 43.08 -21.21 14.73
N GLY L 603 42.58 -20.43 15.68
CA GLY L 603 43.37 -19.97 16.81
C GLY L 603 43.89 -18.55 16.69
N MET L 604 43.94 -17.99 15.49
CA MET L 604 44.39 -16.62 15.28
C MET L 604 43.19 -15.68 15.14
N THR L 605 42.44 -15.54 16.24
CA THR L 605 41.20 -14.77 16.20
C THR L 605 41.46 -13.31 15.87
N LEU L 606 40.55 -12.72 15.09
CA LEU L 606 40.63 -11.35 14.62
C LEU L 606 40.03 -10.40 15.64
N PRO L 607 40.41 -9.13 15.62
CA PRO L 607 39.99 -8.19 16.66
C PRO L 607 38.64 -7.55 16.46
N TYR L 608 37.79 -8.06 15.56
CA TYR L 608 36.48 -7.46 15.33
C TYR L 608 35.40 -8.53 15.32
N ASP L 609 34.30 -8.25 16.01
CA ASP L 609 33.12 -9.10 16.04
C ASP L 609 31.86 -8.44 15.50
N THR L 610 31.85 -7.12 15.37
CA THR L 610 30.69 -6.38 14.91
C THR L 610 31.06 -5.67 13.60
N LEU L 611 30.06 -5.48 12.73
CA LEU L 611 30.29 -4.80 11.46
C LEU L 611 30.90 -3.43 11.67
N ASP L 612 30.51 -2.74 12.75
CA ASP L 612 31.11 -1.44 13.06
C ASP L 612 32.59 -1.58 13.37
N GLN L 613 32.98 -2.64 14.06
CA GLN L 613 34.39 -2.86 14.35
C GLN L 613 35.17 -3.17 13.07
N VAL L 614 34.57 -3.93 12.15
CA VAL L 614 35.22 -4.20 10.88
C VAL L 614 35.38 -2.92 10.09
N ARG L 615 34.39 -2.03 10.14
CA ARG L 615 34.52 -0.76 9.44
C ARG L 615 35.56 0.14 10.10
N SER L 616 35.70 0.06 11.43
CA SER L 616 36.81 0.75 12.09
C SER L 616 38.16 0.21 11.62
N ARG L 617 38.25 -1.10 11.45
CA ARG L 617 39.47 -1.69 10.90
C ARG L 617 39.72 -1.19 9.48
N LEU L 618 38.66 -1.08 8.68
CA LEU L 618 38.78 -0.54 7.32
C LEU L 618 39.30 0.88 7.35
N GLU L 619 38.79 1.70 8.28
CA GLU L 619 39.28 3.06 8.42
C GLU L 619 40.75 3.07 8.85
N GLU L 620 41.15 2.08 9.64
CA GLU L 620 42.57 1.96 10.01
C GLU L 620 43.43 1.65 8.78
N VAL L 621 42.98 0.73 7.94
CA VAL L 621 43.79 0.31 6.79
C VAL L 621 43.80 1.40 5.73
N SER L 622 42.64 1.95 5.41
CA SER L 622 42.54 3.01 4.42
C SER L 622 41.35 3.89 4.77
N PRO L 623 41.58 5.12 5.24
CA PRO L 623 40.47 5.93 5.79
C PRO L 623 39.45 6.38 4.77
N ASN L 624 39.75 6.34 3.48
CA ASN L 624 38.80 6.80 2.47
C ASN L 624 37.65 5.83 2.26
N LEU L 625 37.70 4.65 2.89
CA LEU L 625 36.67 3.63 2.72
C LEU L 625 35.49 3.82 3.66
N VAL L 626 35.53 4.80 4.56
CA VAL L 626 34.43 5.05 5.47
C VAL L 626 33.74 6.39 5.21
N ARG L 627 34.23 7.19 4.28
CA ARG L 627 33.49 8.35 3.79
C ARG L 627 32.62 7.89 2.62
N TYR L 628 31.32 7.90 2.82
CA TYR L 628 30.41 7.11 1.99
C TYR L 628 29.83 7.86 0.81
N ASP L 629 30.18 9.14 0.62
CA ASP L 629 29.81 9.82 -0.61
C ASP L 629 30.90 10.75 -1.12
N ASP L 630 32.06 10.77 -0.48
CA ASP L 630 33.10 11.73 -0.82
C ASP L 630 33.94 11.21 -1.98
N VAL L 631 34.06 12.02 -3.03
CA VAL L 631 34.89 11.69 -4.19
C VAL L 631 36.14 12.54 -4.26
N GLU L 632 36.36 13.43 -3.28
CA GLU L 632 37.51 14.31 -3.31
C GLU L 632 38.81 13.51 -3.14
N GLY L 633 39.89 14.07 -3.66
CA GLY L 633 41.19 13.43 -3.58
C GLY L 633 42.28 14.40 -3.95
N ALA L 634 43.51 13.93 -3.84
CA ALA L 634 44.70 14.72 -4.14
C ALA L 634 45.37 14.20 -5.41
N ASN L 635 45.90 15.12 -6.20
CA ASN L 635 46.56 14.76 -7.46
C ASN L 635 48.03 14.51 -7.19
N TYR L 636 48.47 13.27 -7.38
CA TYR L 636 49.87 12.89 -7.29
C TYR L 636 50.38 12.40 -8.66
N PHE L 637 49.94 13.07 -9.73
CA PHE L 637 50.30 12.63 -11.06
C PHE L 637 51.77 12.84 -11.36
N GLN L 638 52.38 13.88 -10.78
CA GLN L 638 53.79 14.16 -11.04
C GLN L 638 54.66 13.00 -10.56
N GLN L 639 54.43 12.53 -9.34
CA GLN L 639 55.23 11.43 -8.80
C GLN L 639 55.03 10.14 -9.58
N ALA L 640 53.77 9.82 -9.91
CA ALA L 640 53.50 8.59 -10.65
C ALA L 640 54.12 8.64 -12.04
N ASN L 641 54.03 9.78 -12.71
CA ASN L 641 54.65 9.95 -14.02
C ASN L 641 56.16 9.83 -13.93
N GLU L 642 56.77 10.41 -12.88
CA GLU L 642 58.21 10.31 -12.71
C GLU L 642 58.64 8.86 -12.48
N LEU L 643 57.88 8.12 -11.67
CA LEU L 643 58.24 6.73 -11.40
C LEU L 643 57.91 5.81 -12.56
N SER L 644 57.05 6.23 -13.48
CA SER L 644 56.72 5.40 -14.63
C SER L 644 57.79 5.45 -15.71
N LYS L 645 58.74 6.39 -15.61
CA LYS L 645 59.77 6.55 -16.62
C LYS L 645 60.95 5.62 -16.42
N LEU L 646 61.06 4.96 -15.26
CA LEU L 646 62.23 4.15 -14.94
C LEU L 646 62.38 2.98 -15.90
N VAL L 647 61.41 2.06 -15.91
CA VAL L 647 61.43 0.91 -16.79
C VAL L 647 60.56 1.20 -17.99
N ASN L 648 61.10 0.93 -19.19
CA ASN L 648 60.44 1.26 -20.44
C ASN L 648 60.34 0.02 -21.33
N GLN L 649 59.83 -1.07 -20.75
CA GLN L 649 59.68 -2.31 -21.50
C GLN L 649 58.79 -2.09 -22.71
N GLN L 650 59.15 -2.73 -23.82
CA GLN L 650 58.61 -2.37 -25.12
C GLN L 650 57.14 -2.79 -25.26
N LEU L 651 56.45 -2.13 -26.18
CA LEU L 651 55.11 -2.52 -26.58
C LEU L 651 55.17 -3.77 -27.45
N LEU L 652 54.00 -4.20 -27.93
CA LEU L 652 53.90 -5.25 -28.91
C LEU L 652 52.95 -4.82 -30.02
N ALA L 653 53.20 -5.33 -31.23
CA ALA L 653 52.49 -4.87 -32.43
C ALA L 653 51.19 -5.65 -32.62
N ASP L 654 50.33 -5.58 -31.60
CA ASP L 654 49.01 -6.20 -31.66
C ASP L 654 47.95 -5.11 -31.55
N PRO L 655 46.96 -5.12 -32.44
CA PRO L 655 45.89 -4.12 -32.37
C PRO L 655 45.12 -4.22 -31.06
N LEU L 656 44.71 -3.07 -30.54
CA LEU L 656 43.93 -3.01 -29.32
C LEU L 656 42.51 -3.46 -29.60
N VAL L 657 42.13 -4.62 -29.07
CA VAL L 657 40.82 -5.21 -29.31
C VAL L 657 40.12 -5.36 -27.97
N PRO L 658 38.98 -4.69 -27.75
CA PRO L 658 38.30 -4.82 -26.46
C PRO L 658 37.66 -6.18 -26.32
N PRO L 659 37.53 -6.69 -25.10
CA PRO L 659 36.79 -7.95 -24.90
C PRO L 659 35.32 -7.85 -25.29
N GLN L 660 34.73 -6.65 -25.17
CA GLN L 660 33.32 -6.45 -25.48
C GLN L 660 33.18 -5.86 -26.89
N LEU L 661 33.13 -6.76 -27.86
CA LEU L 661 33.13 -6.34 -29.25
C LEU L 661 31.71 -6.11 -29.78
N THR L 662 30.76 -6.88 -29.28
CA THR L 662 29.40 -6.88 -29.80
C THR L 662 28.43 -7.00 -28.61
N ILE L 663 27.20 -6.50 -28.81
CA ILE L 663 26.22 -6.45 -27.73
C ILE L 663 25.99 -7.83 -27.13
N LYS L 664 26.14 -8.89 -27.94
CA LYS L 664 25.94 -10.24 -27.43
C LYS L 664 26.93 -10.58 -26.33
N ASP L 665 28.09 -9.92 -26.33
CA ASP L 665 29.10 -10.13 -25.29
C ASP L 665 28.83 -9.30 -24.04
N PHE L 666 27.87 -8.37 -24.10
CA PHE L 666 27.62 -7.48 -22.97
C PHE L 666 26.87 -8.15 -21.83
N TYR L 667 25.97 -9.08 -22.15
CA TYR L 667 25.00 -9.54 -21.15
C TYR L 667 25.66 -10.42 -20.10
N MET L 668 26.24 -11.54 -20.51
CA MET L 668 26.83 -12.52 -19.59
C MET L 668 28.31 -12.18 -19.40
N THR L 669 28.63 -11.55 -18.29
CA THR L 669 30.01 -11.15 -18.01
C THR L 669 30.51 -11.67 -16.67
N ASP L 670 29.64 -11.80 -15.68
CA ASP L 670 30.04 -12.24 -14.34
C ASP L 670 29.20 -13.42 -13.90
N SER L 671 29.39 -13.84 -12.66
CA SER L 671 28.79 -15.07 -12.16
C SER L 671 27.28 -14.96 -12.07
N ILE L 672 26.77 -13.82 -11.61
CA ILE L 672 25.33 -13.66 -11.45
C ILE L 672 24.64 -13.64 -12.81
N SER L 673 25.28 -13.00 -13.81
CA SER L 673 24.69 -12.96 -15.13
C SER L 673 24.62 -14.34 -15.76
N ARG L 674 25.65 -15.15 -15.58
CA ARG L 674 25.70 -16.44 -16.26
C ARG L 674 24.64 -17.41 -15.73
N ALA L 675 24.21 -17.23 -14.49
CA ALA L 675 23.14 -18.03 -13.93
C ALA L 675 21.75 -17.50 -14.26
N SER L 676 21.66 -16.33 -14.87
CA SER L 676 20.38 -15.71 -15.16
C SER L 676 19.78 -16.24 -16.45
N GLN L 677 18.46 -16.44 -16.44
CA GLN L 677 17.76 -16.90 -17.63
C GLN L 677 17.35 -15.76 -18.55
N THR L 678 17.08 -14.58 -17.98
CA THR L 678 16.76 -13.41 -18.80
C THR L 678 17.94 -13.03 -19.68
N MET L 679 19.16 -13.12 -19.16
CA MET L 679 20.33 -12.82 -19.98
C MET L 679 20.54 -13.88 -21.06
N ALA L 680 20.21 -15.14 -20.77
CA ALA L 680 20.24 -16.15 -21.82
C ALA L 680 19.25 -15.83 -22.93
N LYS L 681 18.04 -15.39 -22.55
CA LYS L 681 17.07 -14.96 -23.55
C LYS L 681 17.58 -13.77 -24.36
N CYS L 682 18.23 -12.82 -23.68
CA CYS L 682 18.76 -11.66 -24.37
C CYS L 682 19.85 -12.05 -25.37
N VAL L 683 20.75 -12.94 -24.97
CA VAL L 683 21.81 -13.39 -25.87
C VAL L 683 21.22 -14.12 -27.07
N LYS L 684 20.25 -15.01 -26.82
CA LYS L 684 19.62 -15.72 -27.92
C LYS L 684 18.88 -14.78 -28.85
N ALA L 685 18.30 -13.70 -28.31
CA ALA L 685 17.60 -12.74 -29.16
C ALA L 685 18.56 -11.91 -29.99
N VAL L 686 19.65 -11.44 -29.38
CA VAL L 686 20.59 -10.60 -30.14
C VAL L 686 21.44 -11.40 -31.10
N THR L 687 21.55 -12.72 -30.91
CA THR L 687 22.34 -13.53 -31.82
C THR L 687 21.51 -13.94 -33.04
N GLU L 688 20.36 -14.56 -32.81
CA GLU L 688 19.43 -14.96 -33.87
C GLU L 688 18.13 -14.20 -33.64
N GLY L 689 18.03 -13.02 -34.25
CA GLY L 689 16.96 -12.10 -33.96
C GLY L 689 15.56 -12.59 -34.30
N ILE L 690 15.25 -12.68 -35.59
CA ILE L 690 13.93 -13.05 -36.09
C ILE L 690 12.81 -12.31 -35.35
N GLU M 1 -64.64 -29.06 19.45
CA GLU M 1 -63.52 -28.20 19.79
C GLU M 1 -62.35 -29.02 20.34
N LEU M 2 -62.67 -30.14 20.98
CA LEU M 2 -61.66 -31.04 21.53
C LEU M 2 -61.55 -32.32 20.72
N VAL M 3 -62.68 -32.92 20.33
CA VAL M 3 -62.64 -34.11 19.50
C VAL M 3 -62.01 -33.78 18.15
N GLN M 4 -62.13 -32.55 17.68
CA GLN M 4 -61.50 -32.15 16.43
C GLN M 4 -59.98 -32.21 16.53
N VAL M 5 -59.42 -31.80 17.68
CA VAL M 5 -57.97 -31.86 17.87
C VAL M 5 -57.50 -33.31 17.86
N LEU M 6 -58.23 -34.19 18.55
CA LEU M 6 -57.86 -35.60 18.55
C LEU M 6 -57.99 -36.22 17.17
N ARG M 7 -59.00 -35.82 16.40
CA ARG M 7 -59.13 -36.30 15.04
C ARG M 7 -57.97 -35.81 14.17
N ARG M 8 -57.55 -34.57 14.38
CA ARG M 8 -56.36 -34.06 13.68
C ARG M 8 -55.13 -34.88 14.03
N GLY M 9 -54.99 -35.24 15.30
CA GLY M 9 -53.85 -36.06 15.71
C GLY M 9 -53.88 -37.44 15.07
N LEU M 10 -55.04 -38.09 15.06
CA LEU M 10 -55.16 -39.40 14.41
C LEU M 10 -54.93 -39.29 12.92
N GLN M 11 -55.38 -38.20 12.29
CA GLN M 11 -55.11 -37.98 10.88
C GLN M 11 -53.61 -37.82 10.62
N GLN M 12 -52.90 -37.12 11.50
CA GLN M 12 -51.46 -37.03 11.39
C GLN M 12 -50.82 -38.41 11.52
N VAL M 13 -51.32 -39.23 12.44
CA VAL M 13 -50.80 -40.59 12.60
C VAL M 13 -50.98 -41.38 11.32
N SER M 14 -52.17 -41.29 10.72
CA SER M 14 -52.45 -42.07 9.52
C SER M 14 -51.74 -41.53 8.29
N GLY M 15 -51.43 -40.23 8.26
CA GLY M 15 -50.85 -39.63 7.07
C GLY M 15 -49.38 -39.86 6.86
N HIS M 16 -48.70 -40.50 7.81
CA HIS M 16 -47.29 -40.83 7.65
C HIS M 16 -47.05 -42.26 7.20
N GLY M 17 -48.11 -43.00 6.90
CA GLY M 17 -47.97 -44.39 6.48
C GLY M 17 -48.16 -45.37 7.61
N GLY M 18 -49.09 -45.09 8.50
CA GLY M 18 -49.38 -45.97 9.60
C GLY M 18 -48.52 -45.69 10.82
N LEU M 19 -48.68 -46.59 11.81
CA LEU M 19 -48.00 -46.41 13.08
C LEU M 19 -46.49 -46.52 12.95
N ARG M 20 -46.00 -47.41 12.08
CA ARG M 20 -44.55 -47.56 11.92
C ARG M 20 -43.93 -46.29 11.33
N GLY M 21 -44.56 -45.72 10.30
CA GLY M 21 -44.06 -44.48 9.74
C GLY M 21 -44.18 -43.32 10.70
N TYR M 22 -45.27 -43.28 11.48
CA TYR M 22 -45.44 -42.24 12.48
C TYR M 22 -44.33 -42.32 13.52
N LEU M 23 -44.02 -43.53 14.00
CA LEU M 23 -42.94 -43.69 14.98
C LEU M 23 -41.59 -43.35 14.36
N ARG M 24 -41.37 -43.72 13.10
CA ARG M 24 -40.11 -43.41 12.45
C ARG M 24 -39.90 -41.90 12.37
N VAL M 25 -40.93 -41.16 11.92
CA VAL M 25 -40.77 -39.72 11.81
C VAL M 25 -40.66 -39.08 13.18
N LEU M 26 -41.37 -39.61 14.19
CA LEU M 26 -41.28 -39.05 15.53
C LEU M 26 -39.87 -39.24 16.12
N PHE M 27 -39.28 -40.42 15.93
CA PHE M 27 -37.98 -40.70 16.50
C PHE M 27 -36.83 -40.19 15.65
N ARG M 28 -37.07 -39.80 14.41
CA ARG M 28 -36.02 -39.28 13.55
C ARG M 28 -36.01 -37.76 13.48
N ALA M 29 -37.18 -37.12 13.35
CA ALA M 29 -37.25 -35.67 13.20
C ALA M 29 -37.88 -34.96 14.39
N ASN M 30 -38.39 -35.70 15.38
CA ASN M 30 -39.04 -35.15 16.56
C ASN M 30 -40.24 -34.27 16.20
N ASP M 31 -40.89 -34.57 15.08
CA ASP M 31 -42.06 -33.80 14.64
C ASP M 31 -42.88 -34.69 13.73
N VAL M 32 -44.19 -34.69 13.94
CA VAL M 32 -45.08 -35.61 13.24
C VAL M 32 -46.02 -34.85 12.32
N ARG M 33 -45.59 -33.66 11.89
CA ARG M 33 -46.42 -32.85 11.01
C ARG M 33 -46.49 -33.45 9.61
N VAL M 34 -47.57 -33.12 8.90
CA VAL M 34 -47.78 -33.56 7.53
C VAL M 34 -48.04 -32.34 6.67
N GLY M 35 -47.36 -32.28 5.51
CA GLY M 35 -47.52 -31.17 4.60
C GLY M 35 -47.42 -31.63 3.16
N THR M 36 -47.57 -30.68 2.25
CA THR M 36 -47.48 -30.98 0.83
C THR M 36 -46.04 -31.28 0.44
N LEU M 37 -45.86 -32.37 -0.30
CA LEU M 37 -44.53 -32.75 -0.78
C LEU M 37 -44.15 -31.81 -1.92
N VAL M 38 -43.26 -30.86 -1.63
CA VAL M 38 -42.79 -29.95 -2.68
C VAL M 38 -41.91 -30.69 -3.67
N GLY M 39 -40.99 -31.51 -3.18
CA GLY M 39 -40.10 -32.20 -4.09
C GLY M 39 -39.32 -33.30 -3.42
N GLU M 40 -38.52 -33.99 -4.23
CA GLU M 40 -37.64 -35.05 -3.76
C GLU M 40 -36.22 -34.78 -4.27
N ASP M 41 -35.24 -35.02 -3.42
CA ASP M 41 -33.85 -34.76 -3.73
C ASP M 41 -33.26 -35.84 -4.64
N LYS M 42 -32.09 -35.54 -5.18
CA LYS M 42 -31.31 -36.55 -5.89
C LYS M 42 -30.77 -37.60 -4.91
N TYR M 43 -30.53 -37.20 -3.67
CA TYR M 43 -29.94 -38.09 -2.67
C TYR M 43 -30.96 -38.72 -1.74
N GLY M 44 -32.25 -38.43 -1.92
CA GLY M 44 -33.31 -39.03 -1.14
C GLY M 44 -34.00 -38.11 -0.17
N ASN M 45 -33.51 -36.88 0.02
CA ASN M 45 -34.18 -35.93 0.90
C ASN M 45 -35.53 -35.53 0.29
N LYS M 46 -36.54 -35.42 1.14
CA LYS M 46 -37.88 -35.03 0.70
C LYS M 46 -38.25 -33.68 1.29
N TYR M 47 -38.64 -32.75 0.45
CA TYR M 47 -38.84 -31.36 0.83
C TYR M 47 -40.34 -31.06 0.84
N TYR M 48 -40.84 -30.66 2.01
CA TYR M 48 -42.25 -30.37 2.23
C TYR M 48 -42.42 -28.91 2.62
N GLU M 49 -43.61 -28.38 2.34
CA GLU M 49 -43.99 -27.03 2.74
C GLU M 49 -45.41 -27.04 3.26
N ASP M 50 -45.71 -26.08 4.13
CA ASP M 50 -47.07 -25.92 4.68
C ASP M 50 -47.23 -24.45 5.02
N ASN M 51 -47.88 -23.70 4.13
CA ASN M 51 -47.96 -22.25 4.26
C ASN M 51 -48.82 -21.80 5.42
N LYS M 52 -49.64 -22.68 6.00
CA LYS M 52 -50.46 -22.29 7.14
C LYS M 52 -49.63 -22.02 8.40
N GLN M 53 -48.43 -22.58 8.48
CA GLN M 53 -47.59 -22.36 9.64
C GLN M 53 -46.86 -21.02 9.54
N PHE M 54 -46.37 -20.55 10.69
CA PHE M 54 -45.71 -19.25 10.71
C PHE M 54 -44.33 -19.34 10.08
N PHE M 55 -43.77 -18.18 9.78
CA PHE M 55 -42.50 -18.09 9.07
C PHE M 55 -41.41 -18.81 9.85
N GLY M 56 -40.67 -19.69 9.16
CA GLY M 56 -39.63 -20.52 9.76
C GLY M 56 -40.06 -21.95 9.98
N ARG M 57 -41.37 -22.19 10.06
CA ARG M 57 -41.92 -23.54 10.20
C ARG M 57 -42.81 -23.93 9.04
N HIS M 58 -42.72 -23.22 7.92
CA HIS M 58 -43.54 -23.50 6.74
C HIS M 58 -42.76 -24.25 5.66
N ARG M 59 -41.54 -24.68 5.95
CA ARG M 59 -40.69 -25.37 4.99
C ARG M 59 -39.76 -26.30 5.75
N TRP M 60 -39.73 -27.58 5.39
CA TRP M 60 -38.84 -28.50 6.08
C TRP M 60 -38.40 -29.61 5.14
N VAL M 61 -37.41 -30.36 5.59
CA VAL M 61 -36.79 -31.44 4.84
C VAL M 61 -36.73 -32.68 5.72
N ILE M 62 -37.10 -33.82 5.15
CA ILE M 62 -36.88 -35.12 5.77
C ILE M 62 -35.66 -35.72 5.08
N TYR M 63 -34.58 -35.87 5.83
CA TYR M 63 -33.31 -36.28 5.26
C TYR M 63 -33.33 -37.75 4.86
N THR M 64 -32.46 -38.09 3.93
CA THR M 64 -32.30 -39.47 3.52
C THR M 64 -31.63 -40.29 4.63
N THR M 65 -31.84 -41.59 4.60
CA THR M 65 -31.24 -42.49 5.56
C THR M 65 -29.87 -43.01 5.13
N GLU M 66 -29.44 -42.70 3.91
CA GLU M 66 -28.15 -43.16 3.42
C GLU M 66 -27.63 -42.15 2.40
N MET M 67 -26.60 -41.42 2.78
CA MET M 67 -25.95 -40.47 1.88
C MET M 67 -24.81 -41.21 1.17
N ASN M 68 -23.89 -40.49 0.54
CA ASN M 68 -22.86 -41.06 -0.33
C ASN M 68 -22.28 -42.37 0.18
N GLY M 69 -21.73 -42.36 1.39
CA GLY M 69 -21.10 -43.56 1.90
C GLY M 69 -21.42 -43.92 3.33
N ARG M 70 -22.07 -43.02 4.06
CA ARG M 70 -22.31 -43.21 5.48
C ARG M 70 -23.80 -43.39 5.75
N ASP M 71 -24.10 -44.23 6.76
CA ASP M 71 -25.47 -44.42 7.19
C ASP M 71 -25.95 -43.17 7.92
N THR M 72 -27.14 -42.70 7.57
CA THR M 72 -27.67 -41.45 8.10
C THR M 72 -29.10 -41.63 8.59
N PHE M 73 -29.34 -42.72 9.32
CA PHE M 73 -30.65 -42.87 9.95
C PHE M 73 -30.77 -41.98 11.19
N TRP M 74 -29.69 -41.84 11.95
CA TRP M 74 -29.68 -41.05 13.17
C TRP M 74 -28.86 -39.78 13.06
N ASP M 75 -27.67 -39.85 12.47
CA ASP M 75 -26.73 -38.74 12.48
C ASP M 75 -26.89 -37.92 11.21
N VAL M 76 -27.91 -37.07 11.18
CA VAL M 76 -28.11 -36.14 10.07
C VAL M 76 -27.51 -34.80 10.45
N ASP M 77 -27.23 -33.98 9.44
CA ASP M 77 -26.70 -32.65 9.66
C ASP M 77 -27.15 -31.74 8.53
N GLY M 78 -27.11 -30.44 8.80
CA GLY M 78 -27.61 -29.44 7.86
C GLY M 78 -26.75 -29.20 6.65
N SER M 79 -25.62 -29.88 6.52
CA SER M 79 -24.74 -29.72 5.37
C SER M 79 -25.06 -30.70 4.24
N MET M 80 -26.12 -31.50 4.38
CA MET M 80 -26.48 -32.47 3.35
C MET M 80 -27.45 -31.93 2.32
N VAL M 81 -27.97 -30.73 2.49
CA VAL M 81 -28.89 -30.16 1.49
C VAL M 81 -28.08 -29.63 0.32
N PRO M 82 -28.36 -30.06 -0.90
CA PRO M 82 -27.63 -29.54 -2.07
C PRO M 82 -27.94 -28.08 -2.30
N PRO M 83 -27.09 -27.37 -3.05
CA PRO M 83 -27.21 -25.90 -3.10
C PRO M 83 -28.56 -25.37 -3.56
N GLU M 84 -29.22 -26.01 -4.52
CA GLU M 84 -30.51 -25.50 -4.97
C GLU M 84 -31.57 -25.61 -3.89
N TRP M 85 -31.70 -26.78 -3.29
CA TRP M 85 -32.61 -26.93 -2.16
C TRP M 85 -32.10 -26.20 -0.93
N HIS M 86 -30.79 -25.91 -0.85
CA HIS M 86 -30.29 -25.04 0.20
C HIS M 86 -30.83 -23.63 0.04
N ARG M 87 -30.86 -23.12 -1.19
CA ARG M 87 -31.41 -21.78 -1.43
C ARG M 87 -32.91 -21.76 -1.19
N TRP M 88 -33.62 -22.80 -1.60
CA TRP M 88 -35.06 -22.83 -1.36
C TRP M 88 -35.40 -22.96 0.12
N LEU M 89 -34.68 -23.83 0.83
CA LEU M 89 -35.03 -24.17 2.20
C LEU M 89 -34.78 -23.02 3.17
N HIS M 90 -33.79 -22.18 2.89
CA HIS M 90 -33.46 -21.05 3.74
C HIS M 90 -34.29 -19.81 3.42
N CYS M 91 -35.38 -19.97 2.69
CA CYS M 91 -36.27 -18.86 2.31
C CYS M 91 -35.52 -17.76 1.59
N MET M 92 -34.49 -18.11 0.82
CA MET M 92 -33.82 -17.15 -0.04
C MET M 92 -34.59 -16.91 -1.34
N THR M 93 -35.58 -17.74 -1.63
CA THR M 93 -36.37 -17.63 -2.85
C THR M 93 -37.73 -18.26 -2.60
N ASP M 94 -38.68 -17.93 -3.47
CA ASP M 94 -40.03 -18.46 -3.39
C ASP M 94 -40.26 -19.64 -4.33
N ASP M 95 -39.23 -20.10 -5.04
CA ASP M 95 -39.40 -21.08 -6.08
C ASP M 95 -38.45 -22.26 -5.88
N PRO M 96 -38.93 -23.49 -5.93
CA PRO M 96 -38.06 -24.65 -5.79
C PRO M 96 -37.31 -24.92 -7.08
N PRO M 97 -36.23 -25.70 -7.03
CA PRO M 97 -35.58 -26.14 -8.28
C PRO M 97 -36.47 -27.00 -9.16
N THR M 98 -37.51 -27.63 -8.59
CA THR M 98 -38.46 -28.37 -9.43
C THR M 98 -39.27 -27.43 -10.30
N THR M 99 -39.28 -26.14 -9.99
CA THR M 99 -39.96 -25.13 -10.81
C THR M 99 -38.99 -24.18 -11.50
N LYS M 100 -37.90 -23.80 -10.83
CA LYS M 100 -36.86 -22.93 -11.39
C LYS M 100 -35.52 -23.64 -11.20
N PRO M 101 -35.17 -24.58 -12.09
CA PRO M 101 -33.92 -25.31 -11.92
C PRO M 101 -32.73 -24.40 -12.11
N PRO M 102 -31.61 -24.69 -11.46
CA PRO M 102 -30.42 -23.86 -11.64
C PRO M 102 -29.81 -24.04 -13.01
N THR M 103 -29.02 -23.04 -13.41
CA THR M 103 -28.31 -23.10 -14.68
C THR M 103 -27.31 -24.25 -14.67
N ALA M 104 -27.18 -24.92 -15.80
CA ALA M 104 -26.29 -26.08 -15.92
C ALA M 104 -24.91 -25.64 -16.39
N ARG M 105 -23.88 -26.11 -15.68
CA ARG M 105 -22.50 -25.88 -16.06
C ARG M 105 -21.74 -27.19 -16.01
N LYS M 106 -20.77 -27.34 -16.92
CA LYS M 106 -20.00 -28.57 -17.00
C LYS M 106 -19.07 -28.76 -15.81
N TYR M 107 -18.59 -27.66 -15.21
CA TYR M 107 -17.66 -27.76 -14.09
C TYR M 107 -18.34 -27.92 -12.74
N ILE M 108 -19.66 -27.73 -12.67
CA ILE M 108 -20.35 -27.83 -11.40
C ILE M 108 -20.40 -29.28 -10.94
N TRP M 109 -20.21 -29.50 -9.64
CA TRP M 109 -20.22 -30.84 -9.09
C TRP M 109 -21.54 -31.54 -9.37
N THR M 110 -21.46 -32.77 -9.87
CA THR M 110 -22.64 -33.60 -10.07
C THR M 110 -23.03 -34.39 -8.84
N ASN M 111 -22.21 -34.36 -7.79
CA ASN M 111 -22.47 -35.12 -6.57
C ASN M 111 -22.09 -34.25 -5.38
N HIS M 112 -23.09 -33.79 -4.63
CA HIS M 112 -22.85 -32.98 -3.45
C HIS M 112 -22.16 -33.82 -2.37
N LYS M 113 -21.28 -33.17 -1.61
CA LYS M 113 -20.61 -33.78 -0.47
C LYS M 113 -20.93 -32.98 0.78
N PHE M 114 -21.18 -33.67 1.89
CA PHE M 114 -21.45 -33.00 3.14
C PHE M 114 -20.13 -32.55 3.77
N ASN M 115 -20.19 -32.12 5.02
CA ASN M 115 -18.99 -31.71 5.74
C ASN M 115 -18.16 -32.94 6.07
N VAL M 116 -16.91 -32.95 5.64
CA VAL M 116 -16.04 -34.11 5.77
C VAL M 116 -14.99 -33.91 6.88
N SER M 117 -15.23 -33.01 7.82
CA SER M 117 -14.32 -32.82 8.93
C SER M 117 -14.31 -34.06 9.82
N GLY M 118 -13.12 -34.44 10.29
CA GLY M 118 -12.97 -35.60 11.12
C GLY M 118 -12.98 -36.92 10.38
N THR M 119 -12.94 -36.90 9.05
CA THR M 119 -12.93 -38.07 8.20
C THR M 119 -11.65 -38.10 7.38
N PRO M 120 -11.26 -39.25 6.84
CA PRO M 120 -10.04 -39.31 6.02
C PRO M 120 -10.14 -38.51 4.73
N GLN M 121 -11.26 -37.83 4.50
CA GLN M 121 -11.43 -36.98 3.33
C GLN M 121 -11.35 -35.50 3.68
N GLN M 122 -10.87 -35.16 4.87
CA GLN M 122 -10.81 -33.77 5.28
C GLN M 122 -9.75 -33.01 4.49
N TYR M 123 -9.95 -31.69 4.39
CA TYR M 123 -9.03 -30.84 3.66
C TYR M 123 -7.79 -30.57 4.49
N VAL M 124 -6.63 -30.77 3.90
CA VAL M 124 -5.33 -30.51 4.55
C VAL M 124 -4.66 -29.35 3.80
N PRO M 125 -4.39 -28.23 4.45
CA PRO M 125 -3.79 -27.09 3.73
C PRO M 125 -2.34 -27.34 3.37
N TYR M 126 -1.92 -26.72 2.27
CA TYR M 126 -0.54 -26.83 1.82
C TYR M 126 -0.24 -25.65 0.89
N SER M 127 1.05 -25.40 0.70
CA SER M 127 1.50 -24.33 -0.19
C SER M 127 1.37 -24.80 -1.64
N THR M 128 0.77 -23.95 -2.47
CA THR M 128 0.57 -24.26 -3.88
C THR M 128 1.65 -23.66 -4.78
N THR M 129 2.64 -22.99 -4.22
CA THR M 129 3.66 -22.30 -4.99
C THR M 129 4.91 -23.15 -5.12
N ARG M 130 5.57 -23.03 -6.27
CA ARG M 130 6.77 -23.81 -6.57
C ARG M 130 7.94 -23.32 -5.71
N LYS M 131 9.07 -24.01 -5.87
CA LYS M 131 10.27 -23.70 -5.11
C LYS M 131 10.85 -22.34 -5.53
N LYS M 132 11.40 -21.63 -4.55
CA LYS M 132 11.88 -20.27 -4.77
C LYS M 132 13.33 -20.22 -5.24
N ILE M 133 14.24 -20.78 -4.44
CA ILE M 133 15.68 -20.74 -4.74
C ILE M 133 16.12 -22.14 -5.11
N GLN M 134 16.77 -22.26 -6.27
CA GLN M 134 17.30 -23.53 -6.73
C GLN M 134 18.79 -23.62 -6.37
N GLU M 135 19.18 -24.76 -5.81
CA GLU M 135 20.55 -24.96 -5.35
C GLU M 135 21.44 -25.42 -6.51
N TRP M 136 22.75 -25.36 -6.26
CA TRP M 136 23.75 -25.80 -7.21
C TRP M 136 24.01 -27.29 -7.04
N VAL M 137 24.05 -28.02 -8.14
CA VAL M 137 24.29 -29.46 -8.14
C VAL M 137 25.76 -29.69 -8.47
N PRO M 138 26.56 -30.20 -7.53
CA PRO M 138 27.97 -30.45 -7.84
C PRO M 138 28.11 -31.54 -8.89
N PRO M 139 29.15 -31.48 -9.71
CA PRO M 139 29.34 -32.52 -10.73
C PRO M 139 29.73 -33.85 -10.10
N SER M 140 29.41 -34.92 -10.82
CA SER M 140 29.68 -36.28 -10.35
C SER M 140 31.05 -36.80 -10.75
N THR M 141 31.82 -36.03 -11.52
CA THR M 141 33.14 -36.47 -11.95
C THR M 141 34.19 -36.00 -10.94
N PRO M 142 35.01 -36.90 -10.41
CA PRO M 142 36.10 -36.46 -9.53
C PRO M 142 37.01 -35.46 -10.23
N TYR M 143 37.50 -34.49 -9.45
CA TYR M 143 38.26 -33.36 -9.97
C TYR M 143 39.75 -33.64 -10.10
N LYS M 144 40.21 -34.84 -9.79
CA LYS M 144 41.61 -35.19 -9.95
C LYS M 144 41.80 -36.68 -10.16
N GLY N 1 -14.66 7.66 -44.27
CA GLY N 1 -14.78 7.09 -42.95
C GLY N 1 -13.48 6.55 -42.40
N ALA N 2 -13.44 5.24 -42.19
CA ALA N 2 -12.24 4.59 -41.68
C ALA N 2 -11.15 4.57 -42.76
N GLY N 3 -9.91 4.45 -42.31
CA GLY N 3 -8.78 4.45 -43.21
C GLY N 3 -8.70 3.21 -44.07
N GLY N 4 -8.58 2.05 -43.43
CA GLY N 4 -8.48 0.77 -44.12
C GLY N 4 -7.06 0.34 -44.40
N ALA N 5 -6.11 1.27 -44.33
CA ALA N 5 -4.71 0.96 -44.60
C ALA N 5 -3.93 0.86 -43.29
N LEU N 6 -3.11 -0.18 -43.19
CA LEU N 6 -2.33 -0.43 -41.99
C LEU N 6 -1.07 0.44 -42.00
N PHE N 7 -0.58 0.75 -40.81
CA PHE N 7 0.62 1.58 -40.65
C PHE N 7 1.79 0.79 -40.08
N VAL N 8 1.81 -0.53 -40.32
CA VAL N 8 2.94 -1.37 -39.98
C VAL N 8 3.30 -2.18 -41.21
N HIS N 9 4.55 -2.63 -41.26
CA HIS N 9 5.07 -3.38 -42.40
C HIS N 9 5.35 -4.81 -41.95
N ARG N 10 4.78 -5.77 -42.67
CA ARG N 10 5.09 -7.19 -42.49
C ARG N 10 5.71 -7.70 -43.77
N ASP N 11 6.82 -8.43 -43.65
CA ASP N 11 7.56 -8.86 -44.82
C ASP N 11 6.74 -9.84 -45.65
N THR N 12 6.75 -9.64 -46.96
CA THR N 12 6.09 -10.48 -47.94
C THR N 12 7.04 -10.65 -49.12
N PRO N 13 6.89 -11.72 -49.90
CA PRO N 13 7.77 -11.90 -51.06
C PRO N 13 7.78 -10.73 -52.02
N GLU N 14 6.64 -10.07 -52.22
CA GLU N 14 6.59 -8.91 -53.12
C GLU N 14 7.14 -7.64 -52.48
N ASN N 15 7.23 -7.58 -51.15
CA ASN N 15 7.70 -6.39 -50.44
C ASN N 15 8.56 -6.84 -49.27
N ASN N 16 9.86 -6.93 -49.49
CA ASN N 16 10.82 -7.37 -48.49
C ASN N 16 12.09 -6.55 -48.64
N PRO N 17 12.93 -6.49 -47.60
CA PRO N 17 14.15 -5.69 -47.69
C PRO N 17 15.10 -6.10 -48.80
N ASP N 18 14.94 -7.31 -49.35
CA ASP N 18 15.76 -7.76 -50.47
C ASP N 18 15.11 -7.52 -51.82
N THR N 19 13.97 -6.82 -51.86
CA THR N 19 13.33 -6.51 -53.12
C THR N 19 14.25 -5.61 -53.95
N PRO N 20 14.45 -5.90 -55.24
CA PRO N 20 15.36 -5.09 -56.05
C PRO N 20 14.80 -3.71 -56.32
N PHE N 21 15.55 -2.69 -55.92
CA PHE N 21 15.23 -1.31 -56.28
C PHE N 21 16.53 -0.50 -56.30
N ASP N 22 16.65 0.37 -57.28
CA ASP N 22 17.81 1.24 -57.40
C ASP N 22 17.45 2.39 -58.34
N PHE N 23 18.09 3.53 -58.11
CA PHE N 23 17.85 4.69 -58.95
C PHE N 23 18.65 4.59 -60.25
N THR N 24 18.01 4.94 -61.36
CA THR N 24 18.69 5.02 -62.63
C THR N 24 19.66 6.21 -62.62
N PRO N 25 20.68 6.18 -63.47
CA PRO N 25 21.67 7.29 -63.46
C PRO N 25 21.04 8.66 -63.67
N GLU N 26 20.04 8.76 -64.55
CA GLU N 26 19.34 10.03 -64.72
C GLU N 26 18.68 10.45 -63.42
N ASN N 27 18.06 9.51 -62.72
CA ASN N 27 17.46 9.83 -61.43
C ASN N 27 18.52 10.20 -60.40
N TYR N 28 19.75 9.69 -60.56
CA TYR N 28 20.81 10.10 -59.65
C TYR N 28 21.26 11.54 -59.92
N LYS N 29 21.32 11.93 -61.19
CA LYS N 29 21.59 13.34 -61.48
C LYS N 29 20.48 14.23 -60.94
N ARG N 30 19.22 13.79 -61.10
CA ARG N 30 18.10 14.55 -60.54
C ARG N 30 18.21 14.64 -59.01
N ILE N 31 18.60 13.55 -58.36
CA ILE N 31 18.74 13.54 -56.91
C ILE N 31 19.83 14.50 -56.47
N GLU N 32 20.95 14.52 -57.19
CA GLU N 32 22.03 15.46 -56.88
C GLU N 32 21.55 16.90 -57.00
N ALA N 33 20.84 17.21 -58.08
CA ALA N 33 20.30 18.56 -58.25
C ALA N 33 19.30 18.90 -57.15
N ILE N 34 18.51 17.92 -56.71
CA ILE N 34 17.55 18.16 -55.63
C ILE N 34 18.27 18.47 -54.33
N VAL N 35 19.30 17.69 -54.01
CA VAL N 35 20.03 17.87 -52.77
C VAL N 35 20.75 19.22 -52.76
N LYS N 36 21.22 19.68 -53.92
CA LYS N 36 21.96 20.94 -53.95
C LYS N 36 21.08 22.13 -53.58
N ASN N 37 19.76 21.97 -53.55
CA ASN N 37 18.89 23.10 -53.24
C ASN N 37 18.87 23.43 -51.76
N TYR N 38 19.34 22.52 -50.92
CA TYR N 38 19.30 22.74 -49.48
C TYR N 38 20.69 23.05 -48.92
N PRO N 39 20.76 23.77 -47.80
CA PRO N 39 22.07 24.17 -47.28
C PRO N 39 22.92 22.98 -46.85
N GLU N 40 24.23 23.19 -46.85
CA GLU N 40 25.15 22.15 -46.43
C GLU N 40 24.92 21.79 -44.97
N GLY N 41 24.93 20.50 -44.68
CA GLY N 41 24.65 20.02 -43.34
C GLY N 41 23.19 19.80 -43.02
N HIS N 42 22.29 20.02 -43.99
CA HIS N 42 20.86 19.80 -43.82
C HIS N 42 20.30 19.00 -44.98
N LYS N 43 20.99 17.90 -45.33
CA LYS N 43 20.57 17.10 -46.47
C LYS N 43 19.23 16.41 -46.24
N ALA N 44 18.86 16.20 -44.97
CA ALA N 44 17.64 15.48 -44.63
C ALA N 44 16.42 16.17 -45.20
N ALA N 45 16.53 17.48 -45.44
CA ALA N 45 15.42 18.23 -46.01
C ALA N 45 15.04 17.76 -47.40
N ALA N 46 15.91 16.98 -48.06
CA ALA N 46 15.61 16.40 -49.36
C ALA N 46 14.96 15.03 -49.26
N VAL N 47 14.44 14.67 -48.09
CA VAL N 47 13.75 13.38 -47.97
C VAL N 47 12.46 13.39 -48.77
N LEU N 48 11.67 14.47 -48.63
CA LEU N 48 10.38 14.53 -49.31
C LEU N 48 10.50 14.47 -50.84
N PRO N 49 11.37 15.24 -51.50
CA PRO N 49 11.45 15.11 -52.96
C PRO N 49 12.03 13.79 -53.43
N VAL N 50 13.20 13.40 -52.89
CA VAL N 50 13.88 12.20 -53.36
C VAL N 50 12.98 10.98 -53.23
N LEU N 51 12.35 10.81 -52.07
CA LEU N 51 11.42 9.70 -51.89
C LEU N 51 10.33 9.74 -52.96
N ASP N 52 9.75 10.92 -53.21
CA ASP N 52 8.75 11.04 -54.27
C ASP N 52 9.33 10.59 -55.60
N LEU N 53 10.56 11.00 -55.90
CA LEU N 53 11.19 10.57 -57.15
C LEU N 53 11.23 9.06 -57.24
N ALA N 54 11.55 8.38 -56.13
CA ALA N 54 11.53 6.93 -56.12
C ALA N 54 10.19 6.41 -56.60
N GLN N 55 9.10 6.94 -56.05
CA GLN N 55 7.78 6.52 -56.51
C GLN N 55 7.58 6.80 -57.98
N ARG N 56 8.03 7.98 -58.45
CA ARG N 56 7.85 8.33 -59.85
C ARG N 56 8.63 7.39 -60.76
N GLN N 57 9.60 6.66 -60.19
CA GLN N 57 10.29 5.67 -61.00
C GLN N 57 9.68 4.29 -60.82
N ASN N 58 9.12 4.01 -59.64
CA ASN N 58 8.67 2.66 -59.33
C ASN N 58 7.16 2.51 -59.39
N GLY N 59 6.41 3.59 -59.18
CA GLY N 59 4.96 3.51 -59.14
C GLY N 59 4.44 3.43 -57.72
N TRP N 60 5.20 2.75 -56.86
CA TRP N 60 4.87 2.66 -55.45
C TRP N 60 6.18 2.61 -54.67
N LEU N 61 6.06 2.52 -53.35
CA LEU N 61 7.24 2.57 -52.46
C LEU N 61 7.37 1.27 -51.69
N PRO N 62 8.20 0.34 -52.13
CA PRO N 62 8.53 -0.84 -51.32
C PRO N 62 9.47 -0.45 -50.20
N ILE N 63 9.60 -1.36 -49.23
CA ILE N 63 10.47 -1.11 -48.09
C ILE N 63 11.91 -0.93 -48.53
N SER N 64 12.32 -1.61 -49.61
CA SER N 64 13.67 -1.44 -50.12
C SER N 64 13.89 -0.04 -50.66
N ALA N 65 12.85 0.57 -51.25
CA ALA N 65 12.97 1.94 -51.72
C ALA N 65 13.19 2.90 -50.56
N MET N 66 12.45 2.70 -49.46
CA MET N 66 12.63 3.53 -48.27
C MET N 66 14.04 3.37 -47.73
N ASN N 67 14.52 2.13 -47.66
CA ASN N 67 15.87 1.89 -47.15
C ASN N 67 16.92 2.53 -48.06
N LYS N 68 16.72 2.45 -49.38
CA LYS N 68 17.67 3.07 -50.30
C LYS N 68 17.70 4.58 -50.14
N VAL N 69 16.52 5.20 -50.00
CA VAL N 69 16.46 6.65 -49.82
C VAL N 69 17.15 7.04 -48.51
N ALA N 70 16.92 6.27 -47.44
CA ALA N 70 17.59 6.56 -46.18
C ALA N 70 19.10 6.41 -46.30
N GLU N 71 19.56 5.38 -47.01
CA GLU N 71 20.99 5.15 -47.16
C GLU N 71 21.66 6.26 -47.96
N ILE N 72 21.00 6.73 -49.02
CA ILE N 72 21.58 7.77 -49.87
C ILE N 72 21.77 9.06 -49.07
N LEU N 73 20.77 9.44 -48.29
CA LEU N 73 20.79 10.70 -47.57
C LEU N 73 21.43 10.60 -46.19
N GLN N 74 21.90 9.42 -45.80
CA GLN N 74 22.54 9.20 -44.51
C GLN N 74 21.63 9.62 -43.36
N VAL N 75 20.35 9.29 -43.51
CA VAL N 75 19.33 9.60 -42.50
C VAL N 75 18.87 8.26 -41.93
N PRO N 76 18.48 8.18 -40.66
CA PRO N 76 17.98 6.92 -40.11
C PRO N 76 16.77 6.42 -40.89
N PRO N 77 16.67 5.10 -41.12
CA PRO N 77 15.53 4.57 -41.88
C PRO N 77 14.18 4.87 -41.24
N MET N 78 14.12 4.96 -39.91
CA MET N 78 12.84 5.21 -39.24
C MET N 78 12.30 6.59 -39.58
N ARG N 79 13.18 7.56 -39.83
CA ARG N 79 12.70 8.88 -40.24
C ARG N 79 12.04 8.83 -41.62
N VAL N 80 12.63 8.06 -42.54
CA VAL N 80 12.01 7.88 -43.86
C VAL N 80 10.69 7.12 -43.73
N TYR N 81 10.64 6.15 -42.80
CA TYR N 81 9.38 5.44 -42.59
C TYR N 81 8.30 6.40 -42.07
N GLU N 82 8.66 7.28 -41.14
CA GLU N 82 7.72 8.28 -40.64
C GLU N 82 7.23 9.18 -41.78
N VAL N 83 8.16 9.63 -42.61
CA VAL N 83 7.77 10.53 -43.72
C VAL N 83 6.83 9.81 -44.67
N ALA N 84 7.11 8.54 -44.99
CA ALA N 84 6.27 7.81 -45.92
C ALA N 84 4.89 7.52 -45.34
N THR N 85 4.81 7.20 -44.04
CA THR N 85 3.52 6.89 -43.45
C THR N 85 2.72 8.12 -43.05
N PHE N 86 3.34 9.30 -42.99
CA PHE N 86 2.61 10.50 -42.63
C PHE N 86 1.84 11.07 -43.82
N TYR N 87 2.49 11.15 -44.97
CA TYR N 87 1.92 11.83 -46.12
C TYR N 87 1.12 10.86 -46.99
N THR N 88 -0.04 11.32 -47.44
CA THR N 88 -1.01 10.44 -48.10
C THR N 88 -0.75 10.26 -49.59
N MET N 89 0.23 10.97 -50.17
CA MET N 89 0.53 10.83 -51.58
C MET N 89 1.59 9.78 -51.86
N TYR N 90 2.04 9.05 -50.84
CA TYR N 90 3.02 7.99 -51.01
C TYR N 90 2.30 6.65 -51.01
N ASN N 91 2.52 5.86 -52.06
CA ASN N 91 1.87 4.56 -52.21
C ASN N 91 2.79 3.49 -51.62
N ARG N 92 2.45 3.01 -50.43
CA ARG N 92 3.16 1.91 -49.80
C ARG N 92 2.58 0.56 -50.18
N LYS N 93 1.82 0.50 -51.28
CA LYS N 93 1.19 -0.70 -51.79
C LYS N 93 1.00 -0.46 -53.27
N PRO N 94 1.13 -1.49 -54.11
CA PRO N 94 0.97 -1.29 -55.55
C PRO N 94 -0.41 -0.76 -55.90
N VAL N 95 -0.45 0.14 -56.89
CA VAL N 95 -1.69 0.73 -57.35
C VAL N 95 -1.81 0.51 -58.85
N GLY N 96 -2.95 0.88 -59.42
CA GLY N 96 -3.18 0.70 -60.83
C GLY N 96 -2.41 1.72 -61.66
N LYS N 97 -2.52 1.55 -62.98
CA LYS N 97 -1.84 2.45 -63.90
C LYS N 97 -2.33 3.88 -63.75
N TYR N 98 -3.64 4.05 -63.56
CA TYR N 98 -4.26 5.36 -63.40
C TYR N 98 -4.92 5.43 -62.02
N HIS N 99 -4.44 6.33 -61.17
CA HIS N 99 -4.97 6.49 -59.83
C HIS N 99 -6.08 7.53 -59.87
N ILE N 100 -7.32 7.07 -59.81
CA ILE N 100 -8.48 7.96 -59.84
C ILE N 100 -8.81 8.40 -58.42
N GLN N 101 -8.86 9.70 -58.19
CA GLN N 101 -9.13 10.26 -56.87
C GLN N 101 -10.25 11.28 -56.99
N VAL N 102 -11.37 10.99 -56.33
CA VAL N 102 -12.56 11.83 -56.39
C VAL N 102 -12.66 12.62 -55.09
N CYS N 103 -12.72 13.94 -55.21
CA CYS N 103 -12.90 14.79 -54.05
C CYS N 103 -14.35 14.74 -53.58
N THR N 104 -14.54 14.53 -52.27
CA THR N 104 -15.88 14.41 -51.71
C THR N 104 -16.11 15.37 -50.55
N THR N 105 -15.25 16.37 -50.36
CA THR N 105 -15.47 17.38 -49.35
C THR N 105 -16.71 18.21 -49.70
N THR N 106 -17.25 18.91 -48.70
CA THR N 106 -18.59 19.47 -48.84
C THR N 106 -18.75 20.47 -49.99
N PRO N 107 -17.75 21.26 -50.42
CA PRO N 107 -17.97 22.07 -51.63
C PRO N 107 -18.22 21.23 -52.87
N CYS N 108 -17.58 20.06 -52.98
CA CYS N 108 -17.83 19.15 -54.10
C CYS N 108 -19.05 18.28 -53.86
N MET N 109 -19.31 17.87 -52.62
CA MET N 109 -20.49 17.06 -52.34
C MET N 109 -21.77 17.85 -52.60
N LEU N 110 -21.73 19.17 -52.40
CA LEU N 110 -22.88 20.00 -52.72
C LEU N 110 -23.16 19.97 -54.22
N ARG N 111 -22.12 19.96 -55.04
CA ARG N 111 -22.28 19.86 -56.49
C ARG N 111 -22.25 18.42 -56.97
N ASN N 112 -23.03 17.57 -56.30
CA ASN N 112 -23.34 16.20 -56.72
C ASN N 112 -22.09 15.42 -57.13
N SER N 113 -21.17 15.24 -56.18
CA SER N 113 -20.03 14.38 -56.40
C SER N 113 -20.38 12.90 -56.24
N ASP N 114 -21.48 12.59 -55.56
CA ASP N 114 -21.91 11.21 -55.41
C ASP N 114 -22.25 10.58 -56.74
N SER N 115 -22.85 11.35 -57.66
CA SER N 115 -23.13 10.83 -58.98
C SER N 115 -21.85 10.47 -59.72
N ILE N 116 -20.82 11.31 -59.60
CA ILE N 116 -19.54 11.00 -60.24
C ILE N 116 -18.94 9.72 -59.67
N LEU N 117 -18.95 9.61 -58.34
CA LEU N 117 -18.40 8.42 -57.70
C LEU N 117 -19.15 7.16 -58.11
N GLU N 118 -20.48 7.23 -58.13
CA GLU N 118 -21.29 6.07 -58.50
C GLU N 118 -21.10 5.71 -59.96
N ALA N 119 -20.97 6.72 -60.83
CA ALA N 119 -20.72 6.44 -62.25
C ALA N 119 -19.39 5.74 -62.43
N ILE N 120 -18.35 6.18 -61.72
CA ILE N 120 -17.05 5.52 -61.82
C ILE N 120 -17.15 4.08 -61.32
N GLN N 121 -17.83 3.87 -60.19
CA GLN N 121 -17.97 2.53 -59.65
C GLN N 121 -18.69 1.61 -60.62
N LYS N 122 -19.80 2.09 -61.20
CA LYS N 122 -20.57 1.27 -62.12
C LYS N 122 -19.79 0.98 -63.40
N LYS N 123 -19.02 1.96 -63.88
CA LYS N 123 -18.28 1.76 -65.12
C LYS N 123 -17.14 0.77 -64.93
N LEU N 124 -16.35 0.94 -63.87
CA LEU N 124 -15.20 0.08 -63.65
C LEU N 124 -15.54 -1.24 -62.99
N GLY N 125 -16.72 -1.36 -62.39
CA GLY N 125 -17.11 -2.60 -61.75
C GLY N 125 -16.39 -2.91 -60.46
N ILE N 126 -15.79 -1.89 -59.83
CA ILE N 126 -15.08 -2.08 -58.57
C ILE N 126 -15.74 -1.23 -57.49
N LYS N 127 -15.22 -1.31 -56.27
CA LYS N 127 -15.68 -0.48 -55.17
C LYS N 127 -14.78 0.75 -55.06
N VAL N 128 -14.95 1.50 -53.96
CA VAL N 128 -14.29 2.79 -53.81
C VAL N 128 -12.91 2.62 -53.20
N GLY N 129 -12.46 1.39 -53.06
CA GLY N 129 -11.15 1.15 -52.50
C GLY N 129 -10.32 0.07 -53.19
N GLU N 130 -10.88 -0.56 -54.21
CA GLU N 130 -10.23 -1.70 -54.85
C GLU N 130 -9.54 -1.30 -56.14
N THR N 131 -8.86 -2.27 -56.73
CA THR N 131 -8.14 -2.11 -57.99
C THR N 131 -8.75 -3.01 -59.05
N THR N 132 -8.85 -2.49 -60.27
CA THR N 132 -9.43 -3.25 -61.37
C THR N 132 -8.58 -4.50 -61.62
N PRO N 133 -9.19 -5.65 -61.90
CA PRO N 133 -8.42 -6.90 -61.98
C PRO N 133 -7.29 -6.90 -62.99
N ASP N 134 -7.36 -6.10 -64.05
CA ASP N 134 -6.26 -6.02 -64.99
C ASP N 134 -5.20 -5.02 -64.59
N LYS N 135 -5.36 -4.38 -63.42
CA LYS N 135 -4.37 -3.47 -62.85
C LYS N 135 -4.16 -2.24 -63.73
N LEU N 136 -5.26 -1.54 -63.99
CA LEU N 136 -5.21 -0.32 -64.78
C LEU N 136 -5.77 0.87 -64.01
N PHE N 137 -6.80 0.62 -63.19
CA PHE N 137 -7.47 1.69 -62.46
C PHE N 137 -7.51 1.38 -60.97
N THR N 138 -7.38 2.43 -60.17
CA THR N 138 -7.54 2.35 -58.72
C THR N 138 -8.32 3.57 -58.28
N LEU N 139 -9.45 3.34 -57.62
CA LEU N 139 -10.37 4.40 -57.24
C LEU N 139 -10.34 4.61 -55.73
N ILE N 140 -10.15 5.86 -55.29
CA ILE N 140 -10.20 6.23 -53.89
C ILE N 140 -10.88 7.59 -53.77
N GLU N 141 -11.31 7.91 -52.55
CA GLU N 141 -11.78 9.24 -52.22
C GLU N 141 -10.68 10.03 -51.52
N VAL N 142 -10.64 11.33 -51.79
CA VAL N 142 -9.66 12.22 -51.19
C VAL N 142 -10.40 13.47 -50.69
N GLU N 143 -9.69 14.26 -49.88
CA GLU N 143 -10.23 15.51 -49.37
C GLU N 143 -10.11 16.58 -50.45
N CYS N 144 -10.31 17.83 -50.06
CA CYS N 144 -10.33 18.93 -51.02
C CYS N 144 -9.03 19.00 -51.80
N LEU N 145 -9.15 19.10 -53.12
CA LEU N 145 -7.99 19.19 -54.01
C LEU N 145 -7.74 20.61 -54.50
N GLY N 146 -8.44 21.59 -53.96
CA GLY N 146 -8.21 22.98 -54.32
C GLY N 146 -8.82 23.43 -55.62
N ALA N 147 -9.87 22.76 -56.11
CA ALA N 147 -10.57 23.16 -57.32
C ALA N 147 -12.07 23.22 -57.05
N CYS N 148 -12.42 23.91 -55.96
CA CYS N 148 -13.79 23.88 -55.47
C CYS N 148 -14.77 24.56 -56.41
N VAL N 149 -14.33 25.65 -57.07
CA VAL N 149 -15.22 26.36 -57.98
C VAL N 149 -15.56 25.48 -59.18
N ASN N 150 -14.69 24.54 -59.50
CA ASN N 150 -14.90 23.62 -60.61
C ASN N 150 -15.45 22.27 -60.17
N ALA N 151 -16.21 22.22 -59.09
CA ALA N 151 -16.75 20.97 -58.61
C ALA N 151 -17.85 20.47 -59.55
N PRO N 152 -18.06 19.16 -59.67
CA PRO N 152 -17.27 18.06 -59.08
C PRO N 152 -16.02 17.79 -59.92
N MET N 153 -14.95 17.26 -59.34
CA MET N 153 -13.72 17.04 -60.09
C MET N 153 -13.08 15.72 -59.68
N VAL N 154 -12.20 15.24 -60.54
CA VAL N 154 -11.46 14.00 -60.33
C VAL N 154 -10.01 14.23 -60.77
N GLN N 155 -9.06 13.74 -59.97
CA GLN N 155 -7.65 13.78 -60.33
C GLN N 155 -7.20 12.38 -60.75
N ILE N 156 -6.60 12.29 -61.94
CA ILE N 156 -6.10 11.03 -62.47
C ILE N 156 -4.65 11.27 -62.87
N ASN N 157 -3.71 10.83 -62.03
CA ASN N 157 -2.28 10.93 -62.30
C ASN N 157 -1.87 12.38 -62.53
N ASP N 158 -2.00 13.16 -61.45
CA ASP N 158 -1.63 14.58 -61.40
C ASP N 158 -2.20 15.40 -62.55
N ASN N 159 -3.35 14.97 -63.07
CA ASN N 159 -4.12 15.77 -64.02
C ASN N 159 -5.51 15.98 -63.44
N TYR N 160 -6.01 17.21 -63.55
CA TYR N 160 -7.33 17.55 -63.04
C TYR N 160 -8.35 17.50 -64.16
N TYR N 161 -9.47 16.82 -63.90
CA TYR N 161 -10.62 16.79 -64.80
C TYR N 161 -11.81 17.34 -64.02
N GLU N 162 -12.32 18.49 -64.47
CA GLU N 162 -13.21 19.31 -63.68
C GLU N 162 -14.54 19.52 -64.39
N ASP N 163 -15.50 20.07 -63.65
CA ASP N 163 -16.86 20.33 -64.16
C ASP N 163 -17.47 19.06 -64.75
N LEU N 164 -17.47 18.01 -63.95
CA LEU N 164 -17.79 16.67 -64.45
C LEU N 164 -19.28 16.36 -64.31
N THR N 165 -19.75 15.50 -65.21
CA THR N 165 -21.03 14.82 -65.15
C THR N 165 -20.75 13.35 -65.39
N PRO N 166 -21.67 12.45 -64.98
CA PRO N 166 -21.41 11.01 -65.17
C PRO N 166 -21.05 10.65 -66.60
N LYS N 167 -21.70 11.29 -67.58
CA LYS N 167 -21.35 11.04 -68.97
C LYS N 167 -19.92 11.46 -69.26
N ASP N 168 -19.50 12.62 -68.76
CA ASP N 168 -18.14 13.10 -69.03
C ASP N 168 -17.09 12.19 -68.41
N ILE N 169 -17.31 11.73 -67.17
CA ILE N 169 -16.33 10.84 -66.56
C ILE N 169 -16.32 9.49 -67.26
N GLU N 170 -17.46 9.04 -67.77
CA GLU N 170 -17.46 7.81 -68.57
C GLU N 170 -16.65 7.98 -69.83
N GLU N 171 -16.79 9.11 -70.52
CA GLU N 171 -15.98 9.37 -71.71
C GLU N 171 -14.50 9.43 -71.37
N ILE N 172 -14.16 10.07 -70.25
CA ILE N 172 -12.77 10.15 -69.83
C ILE N 172 -12.21 8.76 -69.56
N ILE N 173 -13.00 7.89 -68.93
CA ILE N 173 -12.53 6.54 -68.64
C ILE N 173 -12.36 5.74 -69.91
N ASP N 174 -13.29 5.88 -70.87
CA ASP N 174 -13.11 5.22 -72.16
C ASP N 174 -11.84 5.68 -72.86
N GLU N 175 -11.60 6.99 -72.86
CA GLU N 175 -10.41 7.53 -73.50
C GLU N 175 -9.14 7.03 -72.82
N LEU N 176 -9.17 6.95 -71.49
CA LEU N 176 -8.02 6.45 -70.73
C LEU N 176 -7.73 4.99 -71.04
N LYS N 177 -8.76 4.15 -71.04
CA LYS N 177 -8.56 2.72 -71.25
C LYS N 177 -8.33 2.36 -72.71
N ALA N 178 -8.69 3.25 -73.64
CA ALA N 178 -8.37 3.02 -75.04
C ALA N 178 -6.87 3.05 -75.28
N GLY N 179 -6.17 3.97 -74.61
CA GLY N 179 -4.72 4.07 -74.75
C GLY N 179 -4.21 5.49 -74.80
N LYS N 180 -5.06 6.43 -75.21
CA LYS N 180 -4.69 7.82 -75.36
C LYS N 180 -5.04 8.61 -74.11
N ILE N 181 -4.57 9.85 -74.04
CA ILE N 181 -4.73 10.71 -72.88
C ILE N 181 -5.74 11.81 -73.23
N PRO N 182 -6.71 12.09 -72.37
CA PRO N 182 -7.63 13.20 -72.62
C PRO N 182 -7.04 14.52 -72.15
N LYS N 183 -7.69 15.60 -72.57
CA LYS N 183 -7.21 16.94 -72.26
C LYS N 183 -7.65 17.34 -70.86
N PRO N 184 -6.73 17.69 -69.97
CA PRO N 184 -7.13 18.06 -68.60
C PRO N 184 -7.87 19.39 -68.57
N GLY N 185 -8.72 19.55 -67.57
CA GLY N 185 -9.44 20.79 -67.36
C GLY N 185 -10.94 20.60 -67.30
N PRO N 186 -11.68 21.70 -67.29
CA PRO N 186 -13.14 21.61 -67.24
C PRO N 186 -13.72 20.97 -68.50
N ARG N 187 -14.87 20.34 -68.31
CA ARG N 187 -15.57 19.64 -69.38
C ARG N 187 -16.90 20.32 -69.69
N SER N 188 -16.93 21.65 -69.63
CA SER N 188 -18.17 22.38 -69.85
C SER N 188 -17.96 23.61 -70.74
N GLY N 189 -16.89 23.64 -71.52
CA GLY N 189 -16.61 24.80 -72.35
C GLY N 189 -16.32 26.04 -71.54
N ARG N 190 -15.52 25.91 -70.50
CA ARG N 190 -15.20 26.99 -69.59
C ARG N 190 -13.69 27.16 -69.38
N PHE N 191 -12.94 26.07 -69.33
CA PHE N 191 -11.48 26.00 -69.34
C PHE N 191 -10.77 26.99 -68.43
N SER N 192 -11.39 27.39 -67.33
CA SER N 192 -10.78 28.30 -66.36
C SER N 192 -11.66 28.34 -65.12
N CYS N 193 -11.37 29.28 -64.22
CA CYS N 193 -12.22 29.55 -63.07
C CYS N 193 -13.24 30.65 -63.34
N GLU N 194 -13.50 30.94 -64.60
CA GLU N 194 -14.40 32.02 -64.97
C GLU N 194 -15.85 31.64 -64.67
N PRO N 195 -16.75 32.62 -64.62
CA PRO N 195 -18.17 32.31 -64.54
C PRO N 195 -18.62 31.48 -65.73
N ALA N 196 -19.76 30.81 -65.58
CA ALA N 196 -20.23 29.89 -66.61
C ALA N 196 -20.44 30.58 -67.94
N GLY N 197 -20.90 31.84 -67.93
CA GLY N 197 -21.06 32.58 -69.15
C GLY N 197 -21.14 34.08 -68.93
N GLY N 198 -20.36 34.85 -69.69
CA GLY N 198 -20.40 36.29 -69.61
C GLY N 198 -19.08 36.95 -69.29
N LEU N 199 -18.28 36.34 -68.42
CA LEU N 199 -16.99 36.90 -67.98
C LEU N 199 -17.19 38.30 -67.40
N THR N 200 -17.88 38.32 -66.26
CA THR N 200 -18.28 39.56 -65.61
C THR N 200 -17.11 40.39 -65.11
N SER N 201 -15.86 39.97 -65.31
CA SER N 201 -14.70 40.71 -64.85
C SER N 201 -13.59 40.61 -65.87
N LEU N 202 -12.68 41.58 -65.84
CA LEU N 202 -11.49 41.62 -66.67
C LEU N 202 -11.85 41.50 -68.15
N THR N 203 -12.62 42.49 -68.63
CA THR N 203 -13.07 42.52 -70.02
C THR N 203 -12.27 43.48 -70.88
N GLU N 204 -11.96 44.67 -70.37
CA GLU N 204 -11.16 45.62 -71.12
C GLU N 204 -9.71 45.17 -71.17
N PRO N 205 -8.96 45.60 -72.19
CA PRO N 205 -7.54 45.21 -72.28
C PRO N 205 -6.77 45.69 -71.07
N PRO N 206 -5.82 44.88 -70.58
CA PRO N 206 -5.07 45.25 -69.38
C PRO N 206 -4.18 46.46 -69.63
N LYS N 207 -3.92 47.22 -68.58
CA LYS N 207 -3.09 48.41 -68.69
C LYS N 207 -1.62 48.03 -68.87
N GLY N 208 -0.93 48.83 -69.68
CA GLY N 208 0.45 48.57 -70.01
C GLY N 208 1.38 48.91 -68.85
N PRO N 209 2.68 48.68 -69.06
CA PRO N 209 3.65 48.95 -68.00
C PRO N 209 3.68 50.42 -67.60
N GLY N 210 3.85 50.66 -66.31
CA GLY N 210 3.98 52.01 -65.80
C GLY N 210 2.70 52.80 -65.71
N PHE N 211 1.54 52.15 -65.78
CA PHE N 211 0.28 52.90 -65.83
C PHE N 211 0.01 53.62 -64.51
N GLY N 212 0.11 52.91 -63.39
CA GLY N 212 -0.21 53.45 -62.09
C GLY N 212 0.97 53.81 -61.21
N VAL N 213 2.17 53.96 -61.77
CA VAL N 213 3.35 54.19 -60.96
C VAL N 213 3.22 55.51 -60.21
N GLN N 214 3.58 55.50 -58.93
CA GLN N 214 3.53 56.69 -58.09
C GLN N 214 4.64 57.66 -58.48
N ALA N 215 4.73 58.76 -57.76
CA ALA N 215 5.70 59.81 -58.07
C ALA N 215 7.06 59.48 -57.48
N GLY N 216 8.10 59.75 -58.26
CA GLY N 216 9.47 59.56 -57.80
C GLY N 216 9.87 58.13 -57.54
N LEU N 217 9.49 57.22 -58.43
CA LEU N 217 9.90 55.82 -58.31
C LEU N 217 10.71 55.41 -59.53
N THR O 1 -22.32 23.22 -6.09
CA THR O 1 -21.90 23.51 -4.73
C THR O 1 -22.97 23.04 -3.74
N ARG O 2 -24.20 22.97 -4.21
CA ARG O 2 -25.33 22.68 -3.34
C ARG O 2 -25.40 21.22 -2.88
N PRO O 3 -25.50 20.24 -3.79
CA PRO O 3 -25.99 18.93 -3.35
C PRO O 3 -25.01 18.13 -2.50
N THR O 4 -23.73 18.09 -2.89
CA THR O 4 -22.78 17.18 -2.24
C THR O 4 -21.85 17.85 -1.24
N ILE O 5 -21.78 19.17 -1.23
CA ILE O 5 -20.85 19.89 -0.36
C ILE O 5 -21.54 20.21 0.96
N ARG O 6 -20.83 19.99 2.06
CA ARG O 6 -21.34 20.32 3.38
C ARG O 6 -21.54 21.83 3.49
N PRO O 7 -22.71 22.28 3.94
CA PRO O 7 -22.97 23.74 4.01
C PRO O 7 -22.27 24.38 5.19
N ARG O 8 -21.82 25.61 4.99
CA ARG O 8 -21.15 26.34 6.06
C ARG O 8 -22.15 27.06 6.96
N ASN O 9 -21.72 27.42 8.16
CA ASN O 9 -22.52 28.16 9.12
C ASN O 9 -21.69 29.32 9.65
N ASP O 10 -22.01 30.53 9.21
CA ASP O 10 -21.19 31.69 9.55
C ASP O 10 -21.47 32.18 10.97
N VAL O 11 -22.73 32.06 11.42
CA VAL O 11 -23.10 32.60 12.73
C VAL O 11 -22.34 31.90 13.84
N VAL O 12 -22.28 30.57 13.79
CA VAL O 12 -21.57 29.83 14.82
C VAL O 12 -20.08 30.13 14.76
N HIS O 13 -19.54 30.32 13.55
CA HIS O 13 -18.14 30.69 13.40
C HIS O 13 -17.86 32.02 14.11
N LYS O 14 -18.72 33.02 13.89
CA LYS O 14 -18.52 34.32 14.52
C LYS O 14 -18.65 34.21 16.05
N GLN O 15 -19.64 33.45 16.52
CA GLN O 15 -19.82 33.30 17.96
C GLN O 15 -18.60 32.63 18.60
N LEU O 16 -18.09 31.57 17.98
CA LEU O 16 -16.94 30.88 18.53
C LEU O 16 -15.69 31.75 18.50
N SER O 17 -15.50 32.52 17.42
CA SER O 17 -14.34 33.42 17.37
C SER O 17 -14.43 34.49 18.46
N ALA O 18 -15.61 35.07 18.65
CA ALA O 18 -15.77 36.08 19.68
C ALA O 18 -15.52 35.51 21.07
N PHE O 19 -16.03 34.30 21.34
CA PHE O 19 -15.80 33.69 22.64
C PHE O 19 -14.34 33.30 22.84
N GLY O 20 -13.67 32.86 21.79
CA GLY O 20 -12.24 32.58 21.90
C GLY O 20 -11.44 33.83 22.21
N GLN O 21 -11.78 34.95 21.58
CA GLN O 21 -11.13 36.21 21.91
C GLN O 21 -11.41 36.60 23.35
N TYR O 22 -12.65 36.40 23.81
CA TYR O 22 -13.01 36.69 25.19
C TYR O 22 -12.16 35.88 26.17
N VAL O 23 -12.06 34.57 25.94
CA VAL O 23 -11.27 33.72 26.82
C VAL O 23 -9.79 34.12 26.79
N ALA O 24 -9.27 34.40 25.60
CA ALA O 24 -7.85 34.78 25.50
C ALA O 24 -7.58 36.09 26.22
N GLU O 25 -8.51 37.03 26.16
CA GLU O 25 -8.35 38.28 26.90
C GLU O 25 -8.40 38.03 28.41
N ILE O 26 -9.26 37.12 28.85
CA ILE O 26 -9.42 36.92 30.29
C ILE O 26 -8.19 36.25 30.89
N LEU O 27 -7.54 35.36 30.16
CA LEU O 27 -6.41 34.58 30.67
C LEU O 27 -5.20 34.73 29.76
N PRO O 28 -4.55 35.91 29.77
CA PRO O 28 -3.36 36.08 28.94
C PRO O 28 -2.13 35.35 29.47
N LYS O 29 -2.13 34.95 30.74
CA LYS O 29 -0.93 34.35 31.32
C LYS O 29 -0.67 32.96 30.77
N TYR O 30 -1.70 32.27 30.29
CA TYR O 30 -1.57 30.88 29.88
C TYR O 30 -1.94 30.62 28.43
N VAL O 31 -2.84 31.40 27.85
CA VAL O 31 -3.34 31.10 26.51
C VAL O 31 -2.31 31.51 25.47
N GLN O 32 -1.86 30.55 24.67
CA GLN O 32 -0.88 30.79 23.62
C GLN O 32 -1.51 30.99 22.24
N GLN O 33 -2.66 30.37 21.99
CA GLN O 33 -3.24 30.48 20.66
C GLN O 33 -4.72 30.13 20.73
N VAL O 34 -5.49 30.64 19.77
CA VAL O 34 -6.91 30.34 19.63
C VAL O 34 -7.19 30.07 18.16
N GLN O 35 -7.99 29.04 17.88
CA GLN O 35 -8.35 28.69 16.52
C GLN O 35 -9.83 28.33 16.45
N VAL O 36 -10.43 28.59 15.29
CA VAL O 36 -11.79 28.17 14.99
C VAL O 36 -11.74 27.45 13.65
N SER O 37 -11.92 26.13 13.68
CA SER O 37 -11.88 25.34 12.47
C SER O 37 -13.11 25.60 11.61
N CYS O 38 -12.98 25.27 10.32
CA CYS O 38 -14.00 25.64 9.35
C CYS O 38 -15.29 24.85 9.49
N PHE O 39 -15.28 23.74 10.23
CA PHE O 39 -16.52 23.07 10.62
C PHE O 39 -16.98 23.50 12.02
N ASN O 40 -16.60 24.72 12.41
CA ASN O 40 -17.09 25.38 13.62
C ASN O 40 -16.76 24.58 14.89
N GLU O 41 -15.46 24.44 15.13
CA GLU O 41 -14.94 23.85 16.37
C GLU O 41 -13.87 24.77 16.93
N LEU O 42 -13.95 25.05 18.23
CA LEU O 42 -13.09 26.05 18.86
C LEU O 42 -12.01 25.36 19.68
N GLU O 43 -10.75 25.74 19.41
CA GLU O 43 -9.58 25.15 20.06
C GLU O 43 -8.77 26.25 20.72
N ILE O 44 -8.25 25.98 21.91
CA ILE O 44 -7.43 26.92 22.65
C ILE O 44 -6.14 26.21 23.05
N PHE O 45 -5.01 26.68 22.54
CA PHE O 45 -3.70 26.13 22.84
C PHE O 45 -3.10 26.91 24.00
N ILE O 46 -2.82 26.23 25.11
CA ILE O 46 -2.32 26.87 26.32
C ILE O 46 -0.97 26.28 26.71
N HIS O 47 -0.33 26.90 27.70
CA HIS O 47 0.88 26.48 28.37
C HIS O 47 0.57 25.38 29.38
N PRO O 48 1.50 24.44 29.59
CA PRO O 48 1.21 23.33 30.51
C PRO O 48 0.87 23.77 31.93
N ASP O 49 1.38 24.90 32.39
CA ASP O 49 1.12 25.34 33.75
C ASP O 49 -0.32 25.82 33.95
N GLY O 50 -1.06 26.07 32.88
CA GLY O 50 -2.38 26.64 33.01
C GLY O 50 -3.52 25.63 32.92
N VAL O 51 -3.22 24.35 33.09
CA VAL O 51 -4.27 23.34 32.95
C VAL O 51 -5.31 23.49 34.03
N ILE O 52 -4.90 23.69 35.28
CA ILE O 52 -5.83 23.81 36.40
C ILE O 52 -6.56 25.15 36.35
N PRO O 53 -5.88 26.30 36.19
CA PRO O 53 -6.65 27.56 36.12
C PRO O 53 -7.63 27.60 34.96
N VAL O 54 -7.16 27.44 33.73
CA VAL O 54 -8.03 27.59 32.55
C VAL O 54 -9.27 26.72 32.69
N LEU O 55 -9.07 25.41 32.88
CA LEU O 55 -10.20 24.50 33.04
C LEU O 55 -11.13 24.99 34.13
N THR O 56 -10.59 25.35 35.30
CA THR O 56 -11.43 25.83 36.38
C THR O 56 -12.26 27.01 35.93
N PHE O 57 -11.62 27.99 35.27
CA PHE O 57 -12.37 29.11 34.72
C PHE O 57 -13.47 28.61 33.79
N LEU O 58 -13.11 27.76 32.84
CA LEU O 58 -14.08 27.27 31.87
C LEU O 58 -15.16 26.43 32.53
N ARG O 59 -14.94 25.95 33.75
CA ARG O 59 -15.98 25.20 34.44
C ARG O 59 -16.86 26.10 35.30
N ASP O 60 -16.34 27.25 35.75
CA ASP O 60 -17.02 28.00 36.79
C ASP O 60 -17.49 29.39 36.37
N HIS O 61 -16.89 29.99 35.33
CA HIS O 61 -17.31 31.32 34.92
C HIS O 61 -18.76 31.30 34.48
N THR O 62 -19.48 32.38 34.80
CA THR O 62 -20.89 32.44 34.47
C THR O 62 -21.11 32.47 32.96
N ASN O 63 -20.22 33.14 32.24
CA ASN O 63 -20.38 33.24 30.79
C ASN O 63 -19.89 31.99 30.07
N ALA O 64 -19.15 31.15 30.78
CA ALA O 64 -18.61 29.91 30.23
C ALA O 64 -18.75 28.80 31.26
N GLN O 65 -19.83 28.03 31.18
CA GLN O 65 -20.10 26.97 32.13
C GLN O 65 -19.97 25.63 31.43
N PHE O 66 -18.75 25.10 31.40
CA PHE O 66 -18.45 23.81 30.78
C PHE O 66 -18.37 22.78 31.90
N LYS O 67 -19.53 22.26 32.31
CA LYS O 67 -19.58 21.40 33.49
C LYS O 67 -19.30 19.94 33.11
N SER O 68 -19.26 19.64 31.82
CA SER O 68 -19.05 18.28 31.36
C SER O 68 -17.70 18.13 30.67
N LEU O 69 -16.93 17.12 31.08
CA LEU O 69 -15.71 16.74 30.40
C LEU O 69 -16.01 15.55 29.50
N ALA O 70 -16.15 15.82 28.20
CA ALA O 70 -16.47 14.76 27.25
C ALA O 70 -15.31 13.77 27.08
N ASP O 71 -14.10 14.27 26.88
CA ASP O 71 -12.97 13.39 26.58
C ASP O 71 -11.69 14.02 27.09
N LEU O 72 -10.68 13.17 27.29
CA LEU O 72 -9.34 13.63 27.60
C LEU O 72 -8.38 12.57 27.07
N THR O 73 -7.54 12.95 26.12
CA THR O 73 -6.64 12.02 25.45
C THR O 73 -5.33 12.73 25.12
N ALA O 74 -4.38 11.95 24.59
CA ALA O 74 -3.09 12.48 24.19
C ALA O 74 -2.79 12.04 22.77
N VAL O 75 -1.97 12.84 22.08
CA VAL O 75 -1.53 12.55 20.73
C VAL O 75 -0.01 12.53 20.70
N ASP O 76 0.56 11.52 20.05
CA ASP O 76 2.01 11.33 20.00
C ASP O 76 2.53 11.82 18.65
N VAL O 77 3.42 12.80 18.69
CA VAL O 77 4.08 13.34 17.51
C VAL O 77 5.58 13.32 17.75
N PRO O 78 6.28 12.29 17.27
CA PRO O 78 7.71 12.14 17.62
C PRO O 78 8.59 13.29 17.16
N THR O 79 8.25 13.97 16.07
CA THR O 79 9.13 14.99 15.52
C THR O 79 9.16 16.27 16.36
N ARG O 80 8.23 16.43 17.30
CA ARG O 80 8.23 17.61 18.15
C ARG O 80 9.11 17.39 19.37
N GLN O 81 9.71 18.48 19.85
CA GLN O 81 10.52 18.41 21.06
C GLN O 81 9.67 18.00 22.26
N ASN O 82 8.48 18.58 22.39
CA ASN O 82 7.50 18.16 23.38
C ASN O 82 6.59 17.14 22.72
N ARG O 83 6.81 15.87 23.06
CA ARG O 83 6.29 14.77 22.26
C ARG O 83 4.77 14.69 22.30
N PHE O 84 4.20 14.72 23.50
CA PHE O 84 2.79 14.41 23.69
C PHE O 84 1.94 15.67 23.74
N GLU O 85 0.74 15.57 23.17
CA GLU O 85 -0.20 16.68 23.08
C GLU O 85 -1.47 16.27 23.81
N ILE O 86 -1.73 16.90 24.95
CA ILE O 86 -2.87 16.57 25.79
C ILE O 86 -4.07 17.39 25.34
N VAL O 87 -5.19 16.71 25.13
CA VAL O 87 -6.41 17.31 24.59
C VAL O 87 -7.55 17.10 25.57
N TYR O 88 -8.22 18.19 25.94
CA TYR O 88 -9.41 18.18 26.77
C TYR O 88 -10.59 18.67 25.94
N ASN O 89 -11.68 17.92 25.94
CA ASN O 89 -12.90 18.31 25.26
C ASN O 89 -13.96 18.60 26.30
N LEU O 90 -14.52 19.80 26.29
CA LEU O 90 -15.50 20.22 27.27
C LEU O 90 -16.82 20.59 26.59
N LEU O 91 -17.91 20.29 27.28
CA LEU O 91 -19.25 20.53 26.79
C LEU O 91 -19.99 21.43 27.76
N SER O 92 -20.61 22.48 27.23
CA SER O 92 -21.42 23.40 28.01
C SER O 92 -22.89 23.16 27.70
N LEU O 93 -23.63 22.68 28.70
CA LEU O 93 -25.06 22.45 28.55
C LEU O 93 -25.86 23.75 28.60
N ARG O 94 -25.41 24.72 29.40
CA ARG O 94 -26.14 25.98 29.51
C ARG O 94 -26.15 26.73 28.18
N PHE O 95 -25.01 26.73 27.48
CA PHE O 95 -24.89 27.44 26.21
C PHE O 95 -24.84 26.51 25.02
N ASN O 96 -25.02 25.20 25.23
CA ASN O 96 -25.10 24.21 24.15
C ASN O 96 -23.88 24.32 23.22
N SER O 97 -22.69 24.29 23.81
CA SER O 97 -21.48 24.53 23.04
C SER O 97 -20.41 23.50 23.42
N ARG O 98 -19.36 23.45 22.61
CA ARG O 98 -18.22 22.60 22.88
C ARG O 98 -16.94 23.39 22.67
N ILE O 99 -15.94 23.11 23.51
CA ILE O 99 -14.64 23.76 23.41
C ILE O 99 -13.55 22.71 23.58
N ARG O 100 -12.37 23.02 23.05
CA ARG O 100 -11.22 22.12 23.16
C ARG O 100 -10.04 22.89 23.72
N VAL O 101 -9.29 22.24 24.62
CA VAL O 101 -8.11 22.81 25.24
C VAL O 101 -6.94 21.89 24.94
N LYS O 102 -5.83 22.46 24.49
CA LYS O 102 -4.66 21.66 24.14
C LYS O 102 -3.44 22.15 24.89
N THR O 103 -2.59 21.21 25.27
CA THR O 103 -1.32 21.52 25.90
C THR O 103 -0.30 20.47 25.48
N TYR O 104 0.94 20.62 25.94
CA TYR O 104 2.01 19.75 25.49
C TYR O 104 2.88 19.31 26.66
N THR O 105 3.58 18.20 26.46
CA THR O 105 4.49 17.65 27.46
C THR O 105 5.47 16.71 26.77
N ASP O 106 6.50 16.33 27.51
CA ASP O 106 7.48 15.36 27.03
C ASP O 106 7.46 14.12 27.94
N GLU O 107 8.44 13.24 27.73
CA GLU O 107 8.46 11.97 28.45
C GLU O 107 8.64 12.15 29.95
N LEU O 108 9.35 13.20 30.38
CA LEU O 108 9.72 13.33 31.78
C LEU O 108 9.04 14.47 32.52
N THR O 109 8.39 15.40 31.82
CA THR O 109 7.75 16.50 32.51
C THR O 109 6.34 16.10 32.96
N PRO O 110 6.03 16.17 34.24
CA PRO O 110 4.69 15.85 34.70
C PRO O 110 3.70 16.97 34.43
N ILE O 111 2.43 16.61 34.44
CA ILE O 111 1.32 17.53 34.21
C ILE O 111 0.36 17.42 35.38
N GLU O 112 -0.10 18.56 35.88
CA GLU O 112 -1.01 18.56 37.02
C GLU O 112 -2.29 17.79 36.68
N SER O 113 -2.70 16.92 37.60
CA SER O 113 -3.92 16.15 37.42
C SER O 113 -5.13 17.02 37.72
N SER O 114 -6.16 16.90 36.88
CA SER O 114 -7.36 17.73 36.99
C SER O 114 -8.53 16.99 37.63
N VAL O 115 -8.24 16.11 38.59
CA VAL O 115 -9.33 15.39 39.25
C VAL O 115 -10.12 16.32 40.16
N THR O 116 -9.50 17.41 40.61
CA THR O 116 -10.22 18.38 41.43
C THR O 116 -11.23 19.17 40.60
N VAL O 117 -10.90 19.41 39.33
CA VAL O 117 -11.83 20.12 38.45
C VAL O 117 -12.90 19.17 37.94
N TYR O 118 -12.50 18.00 37.44
CA TYR O 118 -13.42 17.02 36.87
C TYR O 118 -13.13 15.66 37.47
N LYS O 119 -14.14 15.00 38.03
CA LYS O 119 -13.97 13.64 38.50
C LYS O 119 -13.76 12.68 37.35
N ALA O 120 -14.37 12.97 36.20
CA ALA O 120 -14.28 12.07 35.04
C ALA O 120 -12.83 11.85 34.61
N ALA O 121 -11.97 12.86 34.80
CA ALA O 121 -10.58 12.72 34.41
C ALA O 121 -9.86 11.59 35.15
N ASN O 122 -10.40 11.17 36.31
CA ASN O 122 -9.70 10.22 37.17
C ASN O 122 -9.25 8.99 36.40
N TRP O 123 -10.15 8.37 35.65
CA TRP O 123 -9.75 7.24 34.83
C TRP O 123 -9.00 7.69 33.58
N TYR O 124 -9.46 8.79 32.95
CA TYR O 124 -8.87 9.19 31.67
C TYR O 124 -7.38 9.41 31.79
N GLU O 125 -6.95 10.18 32.79
CA GLU O 125 -5.52 10.38 33.02
C GLU O 125 -4.81 9.05 33.20
N ARG O 126 -5.39 8.14 33.99
CA ARG O 126 -4.80 6.82 34.14
C ARG O 126 -4.57 6.19 32.77
N GLU O 127 -5.59 6.23 31.90
CA GLU O 127 -5.44 5.65 30.57
C GLU O 127 -4.25 6.28 29.84
N ILE O 128 -4.13 7.60 29.91
CA ILE O 128 -2.99 8.25 29.25
C ILE O 128 -1.69 7.68 29.77
N TRP O 129 -1.55 7.61 31.10
CA TRP O 129 -0.32 7.08 31.68
C TRP O 129 -0.08 5.65 31.23
N ASP O 130 -1.16 4.89 31.05
CA ASP O 130 -1.00 3.49 30.65
C ASP O 130 -0.48 3.39 29.22
N MET O 131 -0.92 4.29 28.33
CA MET O 131 -0.66 4.06 26.92
C MET O 131 0.33 5.05 26.34
N PHE O 132 0.63 6.15 27.02
CA PHE O 132 1.60 7.12 26.56
C PHE O 132 2.75 7.36 27.52
N GLY O 133 2.60 7.03 28.79
CA GLY O 133 3.65 7.26 29.76
C GLY O 133 3.71 8.66 30.32
N VAL O 134 2.69 9.47 30.11
CA VAL O 134 2.63 10.81 30.69
C VAL O 134 2.24 10.70 32.15
N PHE O 135 3.07 11.26 33.04
CA PHE O 135 2.82 11.20 34.46
C PHE O 135 2.00 12.40 34.90
N PHE O 136 0.96 12.16 35.69
CA PHE O 136 0.11 13.22 36.23
C PHE O 136 0.43 13.40 37.70
N ALA O 137 0.70 14.64 38.10
CA ALA O 137 1.41 14.92 39.35
C ALA O 137 0.64 14.43 40.57
N ASN O 138 -0.53 15.03 40.83
CA ASN O 138 -1.26 14.81 42.08
C ASN O 138 -2.43 13.86 41.90
N HIS O 139 -2.27 12.83 41.09
CA HIS O 139 -3.35 11.87 40.87
C HIS O 139 -3.54 11.04 42.13
N PRO O 140 -4.77 10.93 42.65
CA PRO O 140 -4.99 10.14 43.87
C PRO O 140 -4.63 8.68 43.73
N ASP O 141 -4.87 8.07 42.57
CA ASP O 141 -4.57 6.65 42.37
C ASP O 141 -4.20 6.47 40.90
N LEU O 142 -2.90 6.50 40.62
CA LEU O 142 -2.38 6.41 39.25
C LEU O 142 -1.70 5.07 39.07
N ARG O 143 -2.19 4.28 38.12
CA ARG O 143 -1.64 2.97 37.82
C ARG O 143 -2.17 2.56 36.46
N ARG O 144 -1.67 1.44 35.96
CA ARG O 144 -2.15 0.90 34.70
C ARG O 144 -3.62 0.55 34.81
N ILE O 145 -4.37 0.77 33.71
CA ILE O 145 -5.79 0.51 33.67
C ILE O 145 -6.15 -0.48 32.56
N LEU O 146 -5.57 -0.31 31.37
CA LEU O 146 -5.93 -1.14 30.23
C LEU O 146 -4.94 -2.26 29.93
N THR O 147 -3.65 -2.07 30.20
CA THR O 147 -2.65 -3.06 29.83
C THR O 147 -2.57 -4.17 30.87
N ASP O 148 -1.84 -5.22 30.51
CA ASP O 148 -1.72 -6.40 31.36
C ASP O 148 -0.85 -6.10 32.58
N TYR O 149 -0.99 -6.93 33.61
CA TYR O 149 -0.17 -6.78 34.81
C TYR O 149 1.30 -7.01 34.48
N GLY O 150 2.14 -6.09 34.93
CA GLY O 150 3.56 -6.18 34.63
C GLY O 150 3.88 -6.04 33.16
N PHE O 151 3.10 -5.22 32.45
CA PHE O 151 3.33 -4.99 31.03
C PHE O 151 4.30 -3.81 30.88
N GLU O 152 5.40 -4.05 30.18
CA GLU O 152 6.43 -3.03 30.01
C GLU O 152 6.17 -2.26 28.72
N GLY O 153 6.41 -0.95 28.76
CA GLY O 153 6.22 -0.10 27.61
C GLY O 153 4.82 0.48 27.55
N HIS O 154 4.66 1.44 26.65
CA HIS O 154 3.39 2.13 26.47
C HIS O 154 2.93 1.96 25.03
N PRO O 155 1.90 1.13 24.79
CA PRO O 155 1.60 0.72 23.40
C PRO O 155 1.22 1.84 22.46
N PHE O 156 0.49 2.86 22.94
CA PHE O 156 -0.01 3.90 22.05
C PHE O 156 1.09 4.93 21.81
N ARG O 157 2.25 4.42 21.43
CA ARG O 157 3.40 5.25 21.12
C ARG O 157 3.88 4.90 19.72
N LYS O 158 4.29 5.93 18.97
CA LYS O 158 4.59 5.73 17.56
C LYS O 158 5.77 4.77 17.36
N ASP O 159 6.67 4.69 18.35
CA ASP O 159 7.81 3.80 18.20
C ASP O 159 7.51 2.41 18.73
N PHE O 160 6.36 2.23 19.38
CA PHE O 160 5.99 0.91 19.86
C PHE O 160 5.50 0.05 18.69
N PRO O 161 6.04 -1.15 18.50
CA PRO O 161 5.58 -1.99 17.40
C PRO O 161 4.13 -2.43 17.57
N LEU O 162 3.48 -2.72 16.44
CA LEU O 162 2.06 -3.05 16.47
C LEU O 162 1.80 -4.32 17.27
N SER O 163 2.63 -5.35 17.09
CA SER O 163 2.42 -6.63 17.74
C SER O 163 3.17 -6.75 19.06
N GLY O 164 3.80 -5.69 19.53
CA GLY O 164 4.49 -5.73 20.81
C GLY O 164 5.79 -6.50 20.76
N TYR O 165 6.25 -6.90 21.94
CA TYR O 165 7.50 -7.62 22.08
C TYR O 165 7.35 -9.03 22.63
N VAL O 166 6.30 -9.30 23.40
CA VAL O 166 6.10 -10.62 24.00
C VAL O 166 4.70 -11.11 23.68
N GLU O 167 4.57 -12.44 23.66
CA GLU O 167 3.30 -13.12 23.41
C GLU O 167 3.17 -14.27 24.40
N LEU O 168 1.92 -14.68 24.63
CA LEU O 168 1.60 -15.60 25.71
C LEU O 168 1.21 -16.97 25.15
N ARG O 169 1.56 -18.01 25.90
CA ARG O 169 1.14 -19.37 25.58
C ARG O 169 1.20 -20.20 26.84
N TYR O 170 0.39 -21.26 26.89
CA TYR O 170 0.39 -22.18 28.02
C TYR O 170 1.49 -23.22 27.83
N ASP O 171 2.36 -23.34 28.82
CA ASP O 171 3.43 -24.33 28.80
C ASP O 171 3.11 -25.42 29.80
N ASP O 172 3.04 -26.66 29.33
CA ASP O 172 2.63 -27.77 30.18
C ASP O 172 3.70 -28.17 31.19
N GLU O 173 4.97 -28.00 30.86
CA GLU O 173 6.04 -28.40 31.78
C GLU O 173 5.96 -27.63 33.09
N VAL O 174 5.73 -26.31 33.01
CA VAL O 174 5.57 -25.50 34.22
C VAL O 174 4.12 -25.35 34.64
N LYS O 175 3.17 -25.81 33.81
CA LYS O 175 1.74 -25.80 34.14
C LYS O 175 1.23 -24.39 34.39
N ARG O 176 1.61 -23.45 33.53
CA ARG O 176 1.09 -22.09 33.63
C ARG O 176 1.26 -21.41 32.28
N VAL O 177 0.74 -20.18 32.21
CA VAL O 177 0.86 -19.36 31.02
C VAL O 177 2.16 -18.56 31.11
N VAL O 178 2.97 -18.62 30.06
CA VAL O 178 4.27 -17.98 30.03
C VAL O 178 4.31 -16.99 28.88
N ALA O 179 5.19 -16.00 29.01
CA ALA O 179 5.41 -14.98 28.00
C ALA O 179 6.77 -15.20 27.36
N GLU O 180 6.81 -15.15 26.03
CA GLU O 180 8.01 -15.41 25.26
C GLU O 180 8.12 -14.38 24.15
N PRO O 181 9.32 -14.20 23.58
CA PRO O 181 9.47 -13.22 22.50
C PRO O 181 8.53 -13.53 21.33
N VAL O 182 7.99 -12.46 20.73
CA VAL O 182 6.95 -12.61 19.72
C VAL O 182 7.55 -13.19 18.45
N GLU O 183 6.83 -14.12 17.83
CA GLU O 183 7.25 -14.81 16.61
C GLU O 183 6.01 -15.08 15.78
N LEU O 184 5.79 -14.26 14.76
CA LEU O 184 4.58 -14.37 13.96
C LEU O 184 4.75 -15.40 12.85
N ALA O 185 3.72 -16.22 12.66
CA ALA O 185 3.74 -17.18 11.56
C ALA O 185 3.68 -16.48 10.21
N GLN O 186 2.89 -15.41 10.12
CA GLN O 186 2.88 -14.55 8.94
C GLN O 186 3.09 -13.11 9.40
N GLU O 187 4.15 -12.50 8.90
CA GLU O 187 4.45 -11.11 9.24
C GLU O 187 3.38 -10.17 8.70
N PHE O 188 3.07 -9.14 9.48
CA PHE O 188 2.20 -8.08 9.00
C PHE O 188 2.82 -7.42 7.78
N ARG O 189 2.05 -7.35 6.70
CA ARG O 189 2.54 -6.85 5.42
C ARG O 189 2.30 -5.35 5.35
N LYS O 190 3.38 -4.59 5.23
CA LYS O 190 3.31 -3.13 5.20
C LYS O 190 2.97 -2.67 3.79
N PHE O 191 1.95 -1.82 3.69
CA PHE O 191 1.53 -1.25 2.42
C PHE O 191 1.93 0.21 2.34
N ASP O 192 2.48 0.61 1.21
CA ASP O 192 2.83 2.00 0.94
C ASP O 192 1.74 2.58 0.04
N LEU O 193 0.73 3.20 0.65
CA LEU O 193 -0.45 3.65 -0.06
C LEU O 193 -0.40 5.12 -0.46
N ASN O 194 0.59 5.87 -0.02
CA ASN O 194 0.59 7.31 -0.25
C ASN O 194 0.86 7.61 -1.72
N SER O 195 0.04 8.50 -2.28
CA SER O 195 0.18 8.95 -3.66
C SER O 195 1.33 9.95 -3.78
N PRO O 196 2.10 9.88 -4.87
CA PRO O 196 3.19 10.84 -5.07
C PRO O 196 2.75 12.19 -5.61
N TRP O 197 1.46 12.46 -5.73
CA TRP O 197 0.96 13.73 -6.22
C TRP O 197 0.18 14.43 -5.12
N GLU O 198 0.36 15.75 -5.02
CA GLU O 198 -0.30 16.53 -3.99
C GLU O 198 -1.81 16.51 -4.19
N ALA O 199 -2.55 16.32 -3.10
CA ALA O 199 -4.00 16.23 -3.16
C ALA O 199 -4.69 17.56 -2.88
N PHE O 200 -4.26 18.25 -1.82
CA PHE O 200 -4.92 19.49 -1.41
C PHE O 200 -3.94 20.65 -1.48
N PRO O 201 -4.05 21.54 -2.46
CA PRO O 201 -3.13 22.68 -2.54
C PRO O 201 -3.24 23.65 -1.38
N ALA O 202 -4.37 23.69 -0.68
CA ALA O 202 -4.56 24.67 0.38
C ALA O 202 -3.67 24.42 1.59
N TYR O 203 -3.20 23.18 1.78
CA TYR O 203 -2.37 22.84 2.93
C TYR O 203 -0.89 22.72 2.57
N ARG O 204 -0.49 23.19 1.39
CA ARG O 204 0.90 23.13 1.01
C ARG O 204 1.76 23.94 1.96
N GLN O 205 2.88 23.37 2.38
CA GLN O 205 3.82 24.01 3.28
C GLN O 205 4.91 24.72 2.48
N PRO O 206 5.40 25.86 2.96
CA PRO O 206 6.49 26.55 2.29
C PRO O 206 7.73 25.67 2.24
N PRO O 207 8.48 25.71 1.14
CA PRO O 207 9.66 24.85 1.03
C PRO O 207 10.89 25.43 1.72
N GLU O 208 10.66 26.39 2.61
CA GLU O 208 11.73 27.09 3.32
C GLU O 208 12.66 27.81 2.35
N SER P 1 -10.55 -6.18 59.42
CA SER P 1 -10.20 -6.24 58.01
C SER P 1 -11.39 -6.72 57.18
N ASN P 2 -11.61 -6.06 56.03
CA ASN P 2 -12.72 -6.41 55.17
C ASN P 2 -12.36 -7.58 54.27
N LEU P 3 -13.35 -8.42 54.00
CA LEU P 3 -13.16 -9.56 53.12
C LEU P 3 -13.03 -9.03 51.70
N THR P 4 -12.12 -9.60 50.92
CA THR P 4 -11.92 -9.16 49.55
C THR P 4 -12.39 -10.23 48.59
N LEU P 5 -13.22 -9.86 47.64
CA LEU P 5 -13.77 -10.81 46.70
C LEU P 5 -13.61 -10.37 45.25
N ASN P 6 -13.48 -11.34 44.36
CA ASN P 6 -13.36 -11.07 42.94
C ASN P 6 -14.72 -11.27 42.29
N PHE P 7 -15.24 -10.23 41.67
CA PHE P 7 -16.51 -10.33 40.99
C PHE P 7 -16.12 -10.31 39.52
N GLY P 8 -16.38 -11.41 38.82
CA GLY P 8 -15.98 -11.52 37.43
C GLY P 8 -14.55 -12.04 37.32
N PRO P 9 -14.01 -12.15 36.11
CA PRO P 9 -14.61 -12.09 34.77
C PRO P 9 -15.60 -13.23 34.51
N GLN P 10 -15.31 -14.43 34.98
CA GLN P 10 -16.22 -15.56 34.76
C GLN P 10 -17.33 -15.58 35.81
N HIS P 11 -18.27 -14.66 35.67
CA HIS P 11 -19.40 -14.55 36.57
C HIS P 11 -20.61 -14.23 35.71
N PRO P 12 -21.80 -14.69 36.14
CA PRO P 12 -23.04 -14.44 35.38
C PRO P 12 -23.40 -12.96 35.28
N ALA P 13 -23.21 -12.22 36.37
CA ALA P 13 -23.53 -10.80 36.43
C ALA P 13 -22.34 -9.91 36.15
N ALA P 14 -21.20 -10.47 35.75
CA ALA P 14 -20.04 -9.64 35.43
C ALA P 14 -20.19 -8.96 34.08
N HIS P 15 -21.25 -9.37 33.30
CA HIS P 15 -21.51 -8.69 32.02
C HIS P 15 -20.36 -8.81 31.04
N GLY P 16 -19.76 -9.99 31.00
CA GLY P 16 -18.67 -10.24 30.07
C GLY P 16 -17.36 -10.60 30.73
N VAL P 17 -16.41 -9.67 30.63
CA VAL P 17 -15.09 -9.88 31.21
C VAL P 17 -14.70 -8.67 32.05
N LEU P 18 -15.36 -8.53 33.19
CA LEU P 18 -15.07 -7.45 34.10
C LEU P 18 -14.62 -8.05 35.42
N ARG P 19 -13.47 -7.61 35.91
CA ARG P 19 -13.00 -8.11 37.19
C ARG P 19 -13.23 -7.00 38.17
N LEU P 20 -14.06 -7.27 39.16
CA LEU P 20 -14.37 -6.27 40.16
C LEU P 20 -13.83 -6.76 41.48
N VAL P 21 -13.00 -5.94 42.13
CA VAL P 21 -12.47 -6.33 43.42
C VAL P 21 -13.28 -5.53 44.41
N MET P 22 -13.99 -6.22 45.29
CA MET P 22 -14.84 -5.56 46.26
C MET P 22 -14.47 -5.87 47.68
N GLU P 23 -14.48 -4.85 48.52
CA GLU P 23 -14.19 -5.05 49.93
C GLU P 23 -15.55 -5.03 50.61
N LEU P 24 -15.88 -6.14 51.24
CA LEU P 24 -17.14 -6.33 51.94
C LEU P 24 -16.87 -6.42 53.44
N SER P 25 -17.73 -5.79 54.23
CA SER P 25 -17.69 -6.01 55.67
C SER P 25 -18.45 -7.30 55.98
N GLY P 26 -19.75 -7.30 55.69
CA GLY P 26 -20.53 -8.52 55.66
C GLY P 26 -20.94 -8.77 54.24
N GLU P 27 -22.17 -8.41 53.89
CA GLU P 27 -22.56 -8.21 52.51
C GLU P 27 -22.63 -6.73 52.16
N MET P 28 -22.35 -5.85 53.12
CA MET P 28 -22.12 -4.45 52.83
C MET P 28 -20.92 -4.29 51.91
N VAL P 29 -20.99 -3.32 51.01
CA VAL P 29 -19.89 -3.02 50.10
C VAL P 29 -19.14 -1.80 50.64
N ARG P 30 -17.86 -1.98 50.96
CA ARG P 30 -17.04 -0.88 51.44
C ARG P 30 -16.36 -0.13 50.30
N LYS P 31 -15.89 -0.83 49.28
CA LYS P 31 -15.29 -0.17 48.13
C LYS P 31 -15.27 -1.13 46.95
N CYS P 32 -15.65 -0.61 45.79
CA CYS P 32 -15.57 -1.33 44.52
C CYS P 32 -14.38 -0.79 43.73
N ASP P 33 -13.57 -1.70 43.20
CA ASP P 33 -12.43 -1.34 42.35
C ASP P 33 -12.57 -2.14 41.06
N PRO P 34 -13.08 -1.53 40.00
CA PRO P 34 -13.21 -2.25 38.73
C PRO P 34 -11.85 -2.40 38.06
N HIS P 35 -11.57 -3.61 37.58
CA HIS P 35 -10.37 -3.91 36.81
C HIS P 35 -10.82 -4.25 35.41
N ILE P 36 -10.44 -3.41 34.46
CA ILE P 36 -10.80 -3.55 33.07
C ILE P 36 -9.54 -3.82 32.26
N GLY P 37 -9.71 -3.99 30.96
CA GLY P 37 -8.61 -4.34 30.08
C GLY P 37 -8.55 -5.80 29.72
N LEU P 38 -9.51 -6.61 30.18
CA LEU P 38 -9.60 -8.00 29.77
C LEU P 38 -10.21 -8.17 28.40
N LEU P 39 -10.70 -7.09 27.79
CA LEU P 39 -11.15 -7.07 26.41
C LEU P 39 -10.55 -5.88 25.68
N HIS P 40 -9.32 -5.52 26.02
CA HIS P 40 -8.61 -4.45 25.33
C HIS P 40 -7.77 -5.05 24.20
N GLY P 42 -6.42 -3.22 21.59
CA GLY P 42 -5.63 -2.20 20.92
C GLY P 42 -6.26 -1.73 19.63
N THR P 43 -7.54 -1.40 19.68
CA THR P 43 -8.29 -1.02 18.48
C THR P 43 -7.72 0.25 17.86
N GLU P 44 -7.29 1.20 18.68
CA GLU P 44 -6.91 2.52 18.16
C GLU P 44 -5.60 2.46 17.37
N LYS P 45 -4.62 1.70 17.85
CA LYS P 45 -3.39 1.51 17.08
C LYS P 45 -3.68 0.82 15.75
N LEU P 46 -4.49 -0.23 15.78
CA LEU P 46 -4.86 -0.93 14.55
C LEU P 46 -5.56 0.02 13.59
N ILE P 47 -6.44 0.87 14.09
CA ILE P 47 -7.09 1.87 13.25
C ILE P 47 -6.05 2.81 12.64
N GLU P 48 -5.04 3.18 13.43
CA GLU P 48 -3.92 3.96 12.89
C GLU P 48 -3.24 3.24 11.74
N TYR P 49 -3.30 1.91 11.73
CA TYR P 49 -2.64 1.14 10.68
C TYR P 49 -3.54 0.76 9.51
N LYS P 50 -4.76 1.30 9.43
CA LYS P 50 -5.68 0.99 8.34
C LYS P 50 -6.11 2.27 7.64
N THR P 51 -6.73 2.09 6.48
CA THR P 51 -7.34 3.21 5.75
C THR P 51 -8.66 3.58 6.40
N TYR P 52 -9.27 4.67 5.92
CA TYR P 52 -10.51 5.14 6.51
C TYR P 52 -11.66 4.17 6.26
N LEU P 53 -11.68 3.53 5.10
CA LEU P 53 -12.69 2.51 4.85
C LEU P 53 -12.39 1.23 5.62
N GLN P 54 -11.12 0.83 5.68
CA GLN P 54 -10.74 -0.40 6.36
C GLN P 54 -10.97 -0.34 7.85
N ALA P 55 -11.04 0.86 8.43
CA ALA P 55 -11.21 1.01 9.87
C ALA P 55 -12.68 1.01 10.30
N LEU P 56 -13.59 1.05 9.33
CA LEU P 56 -15.03 1.10 9.59
C LEU P 56 -15.61 -0.09 10.34
N PRO P 57 -15.14 -1.30 10.01
CA PRO P 57 -15.55 -2.55 10.63
C PRO P 57 -15.25 -2.59 12.12
N TYR P 58 -14.16 -1.96 12.55
CA TYR P 58 -13.77 -1.90 13.96
C TYR P 58 -14.82 -1.22 14.81
N PHE P 59 -15.47 -0.20 14.25
CA PHE P 59 -16.48 0.58 14.97
C PHE P 59 -17.74 -0.16 15.42
N ASP P 60 -18.19 -1.11 14.62
CA ASP P 60 -19.35 -1.93 14.97
C ASP P 60 -19.02 -2.72 16.22
N ARG P 61 -17.79 -3.23 16.24
CA ARG P 61 -17.27 -4.04 17.34
C ARG P 61 -17.06 -3.34 18.68
N LEU P 62 -16.90 -2.03 18.69
CA LEU P 62 -16.65 -1.34 19.96
C LEU P 62 -17.82 -1.57 20.90
N ASP P 63 -19.02 -1.45 20.38
CA ASP P 63 -20.21 -1.70 21.17
C ASP P 63 -20.95 -2.65 20.26
N TYR P 64 -20.93 -3.92 20.62
CA TYR P 64 -21.51 -4.96 19.79
C TYR P 64 -23.00 -5.15 20.05
N VAL P 65 -23.59 -4.29 20.86
CA VAL P 65 -25.02 -4.36 21.12
C VAL P 65 -25.80 -3.41 20.22
N SER P 66 -25.18 -2.27 19.90
CA SER P 66 -25.80 -1.28 19.03
C SER P 66 -24.77 -0.92 17.98
N MET P 67 -24.52 -1.87 17.09
CA MET P 67 -23.51 -1.74 16.03
C MET P 67 -23.72 -0.64 15.00
N MET P 68 -24.94 -0.46 14.51
CA MET P 68 -25.20 0.56 13.50
C MET P 68 -24.95 1.99 13.97
N CYS P 69 -25.27 2.27 15.23
CA CYS P 69 -25.04 3.61 15.77
C CYS P 69 -23.54 3.95 15.78
N ASN P 70 -22.70 2.97 16.10
CA ASN P 70 -21.26 3.21 16.14
C ASN P 70 -20.71 3.59 14.76
N GLU P 71 -21.15 2.91 13.72
CA GLU P 71 -20.68 3.24 12.37
C GLU P 71 -21.12 4.64 11.96
N GLN P 72 -22.35 5.00 12.34
CA GLN P 72 -22.87 6.32 12.02
C GLN P 72 -22.05 7.43 12.68
N ALA P 73 -21.64 7.22 13.92
CA ALA P 73 -20.85 8.24 14.61
C ALA P 73 -19.53 8.44 13.89
N TYR P 74 -18.91 7.34 13.51
CA TYR P 74 -17.65 7.38 12.78
C TYR P 74 -17.82 8.01 11.39
N SER P 75 -18.92 7.65 10.73
CA SER P 75 -19.21 8.17 9.40
C SER P 75 -19.40 9.67 9.42
N LEU P 76 -20.08 10.16 10.45
CA LEU P 76 -20.30 11.59 10.59
C LEU P 76 -18.98 12.30 10.75
N ALA P 77 -18.07 11.72 11.53
CA ALA P 77 -16.76 12.35 11.74
C ALA P 77 -15.98 12.43 10.42
N VAL P 78 -15.97 11.32 9.67
CA VAL P 78 -15.21 11.32 8.42
C VAL P 78 -15.82 12.27 7.40
N GLU P 79 -17.16 12.34 7.36
CA GLU P 79 -17.83 13.27 6.46
C GLU P 79 -17.53 14.72 6.83
N LYS P 80 -17.50 15.03 8.12
CA LYS P 80 -17.17 16.38 8.55
C LYS P 80 -15.75 16.74 8.17
N LEU P 81 -14.81 15.80 8.32
CA LEU P 81 -13.44 16.07 7.89
C LEU P 81 -13.33 16.19 6.38
N LEU P 82 -14.17 15.48 5.63
CA LEU P 82 -14.13 15.51 4.17
C LEU P 82 -14.84 16.72 3.58
N ASN P 83 -15.70 17.39 4.35
CA ASN P 83 -16.49 18.52 3.88
C ASN P 83 -17.45 18.11 2.77
N ILE P 84 -18.08 16.94 2.93
CA ILE P 84 -19.09 16.47 1.99
C ILE P 84 -20.39 16.20 2.74
N GLN P 85 -21.42 15.77 2.03
CA GLN P 85 -22.74 15.62 2.62
C GLN P 85 -23.53 14.46 1.99
N PRO P 86 -24.04 13.54 2.79
CA PRO P 86 -24.80 12.40 2.25
C PRO P 86 -26.15 12.85 1.71
N PRO P 87 -26.72 12.08 0.78
CA PRO P 87 -28.03 12.46 0.20
C PRO P 87 -29.15 12.28 1.22
N PRO P 88 -30.31 12.91 0.98
CA PRO P 88 -31.40 12.81 1.97
C PRO P 88 -31.88 11.39 2.25
N ARG P 89 -31.96 10.54 1.22
CA ARG P 89 -32.42 9.17 1.44
C ARG P 89 -31.45 8.42 2.33
N ALA P 90 -30.15 8.65 2.15
CA ALA P 90 -29.16 8.01 3.01
C ALA P 90 -29.35 8.44 4.47
N GLN P 91 -29.62 9.73 4.69
CA GLN P 91 -29.80 10.21 6.05
C GLN P 91 -31.05 9.63 6.69
N TRP P 92 -32.14 9.53 5.92
CA TRP P 92 -33.37 8.95 6.47
C TRP P 92 -33.18 7.47 6.79
N ILE P 93 -32.49 6.74 5.91
CA ILE P 93 -32.16 5.34 6.20
C ILE P 93 -31.31 5.24 7.46
N ARG P 94 -30.33 6.14 7.59
CA ARG P 94 -29.46 6.14 8.76
C ARG P 94 -30.26 6.32 10.04
N VAL P 95 -31.19 7.27 10.05
CA VAL P 95 -31.96 7.53 11.26
C VAL P 95 -32.93 6.39 11.56
N LEU P 96 -33.55 5.83 10.52
CA LEU P 96 -34.43 4.68 10.72
C LEU P 96 -33.68 3.52 11.36
N PHE P 97 -32.51 3.16 10.80
CA PHE P 97 -31.78 2.03 11.35
C PHE P 97 -31.13 2.38 12.68
N GLY P 98 -30.87 3.66 12.94
CA GLY P 98 -30.41 4.05 14.26
C GLY P 98 -31.48 3.85 15.32
N GLU P 99 -32.74 4.16 14.97
CA GLU P 99 -33.84 3.90 15.90
C GLU P 99 -34.03 2.41 16.12
N ILE P 100 -33.92 1.61 15.06
CA ILE P 100 -33.99 0.15 15.21
C ILE P 100 -32.87 -0.34 16.13
N THR P 101 -31.67 0.21 15.97
CA THR P 101 -30.54 -0.16 16.81
C THR P 101 -30.78 0.24 18.26
N ARG P 102 -31.40 1.41 18.48
CA ARG P 102 -31.74 1.83 19.83
C ARG P 102 -32.73 0.86 20.45
N LEU P 103 -33.71 0.40 19.67
CA LEU P 103 -34.64 -0.62 20.16
C LEU P 103 -33.89 -1.88 20.58
N LEU P 104 -32.97 -2.35 19.74
CA LEU P 104 -32.20 -3.54 20.06
C LEU P 104 -31.42 -3.36 21.36
N ASN P 105 -30.71 -2.24 21.48
CA ASN P 105 -29.88 -2.01 22.66
C ASN P 105 -30.72 -1.91 23.92
N HIS P 106 -31.84 -1.20 23.85
CA HIS P 106 -32.70 -1.07 25.03
C HIS P 106 -33.29 -2.40 25.46
N ILE P 107 -33.67 -3.24 24.50
CA ILE P 107 -34.22 -4.54 24.85
C ILE P 107 -33.16 -5.37 25.54
N MET P 108 -31.94 -5.32 25.02
CA MET P 108 -30.84 -6.06 25.61
C MET P 108 -30.51 -5.53 26.99
N ALA P 109 -30.47 -4.20 27.13
CA ALA P 109 -30.16 -3.60 28.43
C ALA P 109 -31.20 -3.86 29.49
N VAL P 110 -32.47 -3.69 29.14
CA VAL P 110 -33.54 -3.93 30.10
C VAL P 110 -33.70 -5.38 30.50
N THR P 111 -33.67 -6.28 29.52
CA THR P 111 -33.82 -7.71 29.81
C THR P 111 -32.67 -8.32 30.59
N THR P 112 -31.44 -7.97 30.24
CA THR P 112 -30.28 -8.48 30.96
C THR P 112 -30.28 -7.98 32.40
N HIS P 113 -30.66 -6.72 32.58
CA HIS P 113 -30.72 -6.13 33.90
C HIS P 113 -31.75 -6.87 34.74
N ALA P 114 -32.89 -7.18 34.14
CA ALA P 114 -33.94 -7.94 34.81
C ALA P 114 -33.43 -9.34 35.13
N LEU P 115 -32.69 -9.93 34.20
CA LEU P 115 -32.15 -11.27 34.39
C LEU P 115 -31.21 -11.27 35.58
N ASP P 116 -30.38 -10.24 35.69
CA ASP P 116 -29.50 -10.13 36.85
C ASP P 116 -30.29 -9.94 38.14
N ILE P 117 -31.40 -9.22 38.06
CA ILE P 117 -32.26 -9.03 39.21
C ILE P 117 -33.00 -10.34 39.52
N GLY P 118 -32.95 -11.27 38.58
CA GLY P 118 -33.61 -12.56 38.71
C GLY P 118 -34.90 -12.80 37.95
N ALA P 119 -35.37 -11.83 37.18
CA ALA P 119 -36.59 -12.01 36.40
C ALA P 119 -36.21 -12.57 35.02
N MET P 120 -36.20 -13.89 34.91
CA MET P 120 -35.85 -14.63 33.70
C MET P 120 -36.74 -14.56 32.45
N THR P 121 -38.06 -14.55 32.65
CA THR P 121 -39.00 -14.58 31.52
C THR P 121 -38.99 -13.44 30.51
N PRO P 122 -38.80 -12.20 30.97
CA PRO P 122 -38.81 -11.07 30.03
C PRO P 122 -37.72 -11.17 28.96
N PHE P 123 -36.54 -11.69 29.30
CA PHE P 123 -35.46 -11.83 28.34
C PHE P 123 -35.84 -12.73 27.18
N PHE P 124 -36.49 -13.85 27.49
CA PHE P 124 -36.92 -14.79 26.45
C PHE P 124 -37.98 -14.21 25.50
N TRP P 125 -38.91 -13.46 26.06
CA TRP P 125 -39.98 -12.85 25.27
C TRP P 125 -39.50 -11.82 24.26
N MET P 126 -38.52 -11.01 24.65
CA MET P 126 -38.06 -9.95 23.76
C MET P 126 -36.93 -10.35 22.82
N PHE P 127 -36.27 -11.47 23.08
CA PHE P 127 -35.22 -11.83 22.12
C PHE P 127 -35.77 -12.37 20.81
N GLU P 128 -37.04 -12.77 20.76
CA GLU P 128 -37.66 -13.06 19.46
C GLU P 128 -37.78 -11.78 18.62
N GLU P 129 -38.18 -10.67 19.26
CA GLU P 129 -38.20 -9.39 18.57
C GLU P 129 -36.80 -8.98 18.14
N ARG P 130 -35.82 -9.23 19.00
CA ARG P 130 -34.42 -8.96 18.63
C ARG P 130 -34.01 -9.80 17.42
N GLU P 131 -34.48 -11.04 17.35
CA GLU P 131 -34.20 -11.89 16.20
C GLU P 131 -34.82 -11.33 14.92
N LYS P 132 -36.04 -10.80 15.02
CA LYS P 132 -36.65 -10.17 13.85
C LYS P 132 -35.87 -8.94 13.39
N MET P 133 -35.41 -8.14 14.35
CA MET P 133 -34.60 -6.98 13.96
C MET P 133 -33.26 -7.39 13.36
N PHE P 134 -32.68 -8.49 13.86
CA PHE P 134 -31.50 -9.06 13.21
C PHE P 134 -31.81 -9.51 11.79
N GLU P 135 -33.01 -10.04 11.55
CA GLU P 135 -33.42 -10.36 10.19
C GLU P 135 -33.44 -9.12 9.31
N PHE P 136 -33.94 -8.00 9.86
CA PHE P 136 -33.92 -6.74 9.10
C PHE P 136 -32.48 -6.34 8.76
N TYR P 137 -31.59 -6.40 9.76
CA TYR P 137 -30.18 -6.08 9.53
C TYR P 137 -29.59 -6.96 8.42
N GLU P 138 -29.84 -8.27 8.49
CA GLU P 138 -29.26 -9.20 7.53
C GLU P 138 -29.83 -8.98 6.14
N ARG P 139 -31.12 -8.67 6.04
CA ARG P 139 -31.70 -8.38 4.74
C ARG P 139 -31.10 -7.13 4.12
N VAL P 140 -30.87 -6.10 4.93
CA VAL P 140 -30.37 -4.86 4.35
C VAL P 140 -28.87 -4.94 4.06
N SER P 141 -28.12 -5.79 4.77
CA SER P 141 -26.67 -5.73 4.63
C SER P 141 -26.02 -7.08 4.33
N GLY P 142 -26.63 -8.17 4.78
CA GLY P 142 -26.05 -9.49 4.62
C GLY P 142 -25.42 -10.08 5.86
N ALA P 143 -25.27 -9.28 6.92
CA ALA P 143 -24.78 -9.76 8.20
C ALA P 143 -25.78 -9.40 9.27
N ARG P 144 -25.93 -10.26 10.27
CA ARG P 144 -27.00 -10.10 11.24
C ARG P 144 -26.73 -8.94 12.19
N MET P 145 -25.46 -8.73 12.56
CA MET P 145 -25.13 -7.68 13.52
C MET P 145 -23.94 -6.81 13.16
N HIS P 146 -23.09 -7.22 12.23
CA HIS P 146 -21.86 -6.50 11.93
C HIS P 146 -21.97 -5.99 10.49
N ALA P 147 -23.09 -5.34 10.21
CA ALA P 147 -23.48 -4.98 8.86
C ALA P 147 -22.39 -4.19 8.14
N ALA P 148 -21.78 -3.21 8.80
CA ALA P 148 -20.91 -2.23 8.14
C ALA P 148 -21.66 -1.51 7.04
N TYR P 149 -22.96 -1.34 7.24
CA TYR P 149 -23.84 -0.76 6.22
C TYR P 149 -23.61 0.74 6.07
N ILE P 150 -23.50 1.46 7.18
CA ILE P 150 -23.40 2.92 7.14
C ILE P 150 -21.95 3.30 6.86
N ARG P 151 -21.72 3.93 5.72
CA ARG P 151 -20.40 4.29 5.24
C ARG P 151 -20.14 5.78 5.40
N PRO P 152 -18.89 6.22 5.29
CA PRO P 152 -18.59 7.65 5.42
C PRO P 152 -18.99 8.47 4.20
N GLY P 153 -19.83 7.92 3.33
CA GLY P 153 -20.38 8.68 2.22
C GLY P 153 -21.88 8.50 2.09
N GLY P 154 -22.48 7.75 3.02
CA GLY P 154 -23.89 7.43 2.95
C GLY P 154 -24.14 6.02 3.47
N VAL P 155 -24.77 5.18 2.64
CA VAL P 155 -24.91 3.77 2.93
C VAL P 155 -24.35 2.98 1.76
N HIS P 156 -24.25 1.66 1.94
CA HIS P 156 -23.59 0.83 0.95
C HIS P 156 -24.54 0.45 -0.19
N GLN P 157 -25.72 -0.05 0.15
CA GLN P 157 -26.69 -0.48 -0.85
C GLN P 157 -28.06 0.06 -0.51
N ASP P 158 -28.91 0.15 -1.53
CA ASP P 158 -30.29 0.57 -1.32
C ASP P 158 -31.07 -0.56 -0.66
N LEU P 159 -32.22 -0.20 -0.11
CA LEU P 159 -33.04 -1.18 0.59
C LEU P 159 -33.66 -2.16 -0.40
N PRO P 160 -33.83 -3.42 -0.02
CA PRO P 160 -34.56 -4.36 -0.87
C PRO P 160 -36.02 -3.95 -1.02
N LEU P 161 -36.64 -4.42 -2.09
CA LEU P 161 -37.95 -3.91 -2.50
C LEU P 161 -39.07 -4.22 -1.51
N GLY P 162 -38.86 -5.14 -0.56
CA GLY P 162 -39.92 -5.44 0.38
C GLY P 162 -39.54 -5.31 1.83
N LEU P 163 -38.72 -4.29 2.16
CA LEU P 163 -38.21 -4.13 3.51
C LEU P 163 -39.04 -3.17 4.36
N LEU P 164 -39.49 -2.06 3.77
CA LEU P 164 -40.26 -1.08 4.53
C LEU P 164 -41.58 -1.66 5.01
N ASP P 165 -42.22 -2.50 4.19
CA ASP P 165 -43.47 -3.14 4.61
C ASP P 165 -43.25 -4.05 5.81
N ASP P 166 -42.16 -4.82 5.81
CA ASP P 166 -41.89 -5.70 6.94
C ASP P 166 -41.52 -4.90 8.19
N ILE P 167 -40.79 -3.80 8.02
CA ILE P 167 -40.49 -2.93 9.16
C ILE P 167 -41.78 -2.37 9.76
N TYR P 168 -42.72 -1.97 8.89
CA TYR P 168 -44.02 -1.50 9.36
C TYR P 168 -44.77 -2.60 10.10
N GLU P 169 -44.74 -3.82 9.56
CA GLU P 169 -45.43 -4.93 10.23
C GLU P 169 -44.87 -5.19 11.62
N PHE P 170 -43.55 -5.12 11.76
CA PHE P 170 -42.93 -5.32 13.06
C PHE P 170 -43.26 -4.17 14.02
N SER P 171 -43.21 -2.95 13.52
CA SER P 171 -43.42 -1.77 14.37
C SER P 171 -44.87 -1.68 14.85
N LYS P 172 -45.83 -2.10 14.03
CA LYS P 172 -47.22 -2.02 14.45
C LYS P 172 -47.55 -3.00 15.56
N ASN P 173 -46.68 -3.96 15.86
CA ASN P 173 -46.92 -4.95 16.91
C ASN P 173 -45.97 -4.83 18.09
N PHE P 174 -44.83 -4.16 17.94
CA PHE P 174 -43.88 -4.08 19.04
C PHE P 174 -44.47 -3.48 20.33
N SER P 175 -45.49 -2.63 20.21
CA SER P 175 -46.02 -1.94 21.38
C SER P 175 -46.61 -2.92 22.39
N PHE P 176 -47.30 -3.96 21.92
CA PHE P 176 -47.85 -4.93 22.85
C PHE P 176 -46.77 -5.72 23.57
N ARG P 177 -45.65 -6.01 22.91
CA ARG P 177 -44.54 -6.65 23.61
C ARG P 177 -43.98 -5.74 24.69
N ILE P 178 -43.84 -4.45 24.39
CA ILE P 178 -43.41 -3.50 25.42
C ILE P 178 -44.40 -3.51 26.59
N ASP P 179 -45.69 -3.56 26.28
CA ASP P 179 -46.72 -3.54 27.31
C ASP P 179 -46.65 -4.78 28.19
N GLU P 180 -46.38 -5.95 27.60
CA GLU P 180 -46.22 -7.16 28.40
C GLU P 180 -45.01 -7.07 29.31
N LEU P 181 -43.89 -6.54 28.79
CA LEU P 181 -42.74 -6.29 29.64
C LEU P 181 -43.10 -5.40 30.82
N GLU P 182 -43.79 -4.29 30.55
CA GLU P 182 -44.16 -3.36 31.61
C GLU P 182 -45.13 -4.00 32.60
N GLU P 183 -46.04 -4.83 32.12
CA GLU P 183 -46.95 -5.55 33.01
C GLU P 183 -46.17 -6.45 33.96
N MET P 184 -45.14 -7.12 33.45
CA MET P 184 -44.39 -8.03 34.31
C MET P 184 -43.46 -7.28 35.27
N LEU P 185 -43.02 -6.08 34.90
CA LEU P 185 -41.96 -5.42 35.68
C LEU P 185 -42.38 -4.15 36.41
N THR P 186 -43.16 -3.26 35.77
CA THR P 186 -43.26 -1.89 36.26
C THR P 186 -43.90 -1.82 37.64
N ASN P 187 -45.08 -2.42 37.81
CA ASN P 187 -45.81 -2.28 39.06
C ASN P 187 -45.51 -3.38 40.07
N ASN P 188 -44.66 -4.35 39.73
CA ASN P 188 -44.30 -5.40 40.67
C ASN P 188 -43.60 -4.81 41.89
N ARG P 189 -44.04 -5.20 43.08
CA ARG P 189 -43.45 -4.66 44.29
C ARG P 189 -42.06 -5.22 44.57
N ILE P 190 -41.79 -6.45 44.14
CA ILE P 190 -40.43 -6.99 44.27
C ILE P 190 -39.47 -6.20 43.39
N TRP P 191 -39.88 -5.89 42.16
CA TRP P 191 -39.03 -5.08 41.27
C TRP P 191 -38.78 -3.70 41.86
N ARG P 192 -39.82 -3.06 42.38
CA ARG P 192 -39.66 -1.74 42.98
C ARG P 192 -38.74 -1.81 44.19
N ASN P 193 -38.91 -2.82 45.04
CA ASN P 193 -38.02 -2.98 46.19
C ASN P 193 -36.58 -3.18 45.74
N ARG P 194 -36.39 -3.86 44.61
CA ARG P 194 -35.04 -4.12 44.12
C ARG P 194 -34.41 -2.90 43.48
N THR P 195 -35.21 -1.99 42.91
CA THR P 195 -34.66 -0.91 42.10
C THR P 195 -34.89 0.49 42.66
N VAL P 196 -35.93 0.71 43.47
CA VAL P 196 -36.22 2.06 43.94
C VAL P 196 -35.19 2.47 44.99
N ASP P 197 -34.66 3.68 44.85
CA ASP P 197 -33.70 4.26 45.80
C ASP P 197 -32.40 3.47 45.87
N ILE P 198 -32.05 2.79 44.77
CA ILE P 198 -30.80 2.05 44.66
C ILE P 198 -29.95 2.73 43.60
N GLY P 199 -28.72 3.08 43.97
CA GLY P 199 -27.84 3.77 43.06
C GLY P 199 -28.30 5.18 42.72
N VAL P 200 -28.65 5.96 43.73
CA VAL P 200 -29.11 7.33 43.51
C VAL P 200 -27.90 8.23 43.28
N VAL P 201 -27.90 8.96 42.17
CA VAL P 201 -26.84 9.90 41.84
C VAL P 201 -27.47 11.26 41.62
N THR P 202 -26.87 12.30 42.20
CA THR P 202 -27.39 13.65 42.09
C THR P 202 -27.00 14.26 40.75
N ALA P 203 -27.70 15.34 40.38
CA ALA P 203 -27.48 15.95 39.08
C ALA P 203 -26.09 16.57 38.98
N GLU P 204 -25.66 17.28 40.01
CA GLU P 204 -24.35 17.91 39.97
C GLU P 204 -23.23 16.87 39.90
N ASP P 205 -23.33 15.82 40.72
CA ASP P 205 -22.34 14.75 40.67
C ASP P 205 -22.35 14.03 39.33
N ALA P 206 -23.54 13.78 38.77
CA ALA P 206 -23.61 13.13 37.48
C ALA P 206 -22.95 13.99 36.40
N LEU P 207 -23.15 15.30 36.44
CA LEU P 207 -22.51 16.18 35.47
C LEU P 207 -21.00 16.19 35.65
N ASN P 208 -20.52 16.30 36.88
CA ASN P 208 -19.07 16.40 37.11
C ASN P 208 -18.37 15.09 36.78
N TYR P 209 -19.02 13.96 37.04
CA TYR P 209 -18.40 12.66 36.82
C TYR P 209 -18.35 12.27 35.35
N GLY P 210 -18.92 13.07 34.45
CA GLY P 210 -18.87 12.75 33.04
C GLY P 210 -19.99 11.86 32.55
N PHE P 211 -21.06 11.69 33.33
CA PHE P 211 -22.17 10.85 32.90
C PHE P 211 -22.90 11.47 31.73
N SER P 212 -23.57 10.64 30.95
CA SER P 212 -24.31 11.09 29.78
C SER P 212 -25.46 10.15 29.52
N GLY P 213 -26.37 10.59 28.66
CA GLY P 213 -27.50 9.75 28.29
C GLY P 213 -28.50 9.62 29.42
N VAL P 214 -29.03 8.41 29.59
CA VAL P 214 -30.06 8.20 30.61
C VAL P 214 -29.51 8.50 31.99
N MET P 215 -28.25 8.18 32.25
CA MET P 215 -27.65 8.47 33.55
C MET P 215 -27.70 9.95 33.88
N LEU P 216 -27.82 10.82 32.86
CA LEU P 216 -28.12 12.21 33.11
C LEU P 216 -29.62 12.42 33.26
N ARG P 217 -30.40 11.93 32.29
CA ARG P 217 -31.84 12.16 32.25
C ARG P 217 -32.56 11.57 33.46
N GLY P 218 -32.00 10.53 34.08
CA GLY P 218 -32.61 9.98 35.27
C GLY P 218 -32.55 10.88 36.48
N SER P 219 -31.65 11.86 36.48
CA SER P 219 -31.51 12.79 37.60
C SER P 219 -32.23 14.10 37.37
N GLY P 220 -33.02 14.20 36.30
CA GLY P 220 -33.79 15.40 36.02
C GLY P 220 -33.15 16.37 35.06
N ILE P 221 -31.93 16.11 34.60
CA ILE P 221 -31.27 17.00 33.67
C ILE P 221 -31.89 16.85 32.29
N GLN P 222 -32.32 17.96 31.70
CA GLN P 222 -32.96 17.96 30.39
C GLN P 222 -31.89 18.10 29.33
N TRP P 223 -31.37 16.96 28.87
CA TRP P 223 -30.30 16.96 27.89
C TRP P 223 -30.44 15.75 26.97
N ASP P 224 -30.38 16.00 25.67
CA ASP P 224 -30.42 14.95 24.67
C ASP P 224 -29.80 15.49 23.39
N LEU P 225 -28.82 14.78 22.86
CA LEU P 225 -28.08 15.29 21.70
C LEU P 225 -28.90 15.28 20.43
N ARG P 226 -29.95 14.44 20.34
CA ARG P 226 -30.82 14.47 19.18
C ARG P 226 -31.72 15.70 19.15
N LYS P 227 -31.87 16.39 20.28
CA LYS P 227 -32.70 17.58 20.38
C LYS P 227 -31.90 18.87 20.38
N THR P 228 -30.73 18.87 21.03
CA THR P 228 -29.94 20.08 21.15
C THR P 228 -28.92 20.22 20.02
N GLN P 229 -28.31 19.12 19.59
CA GLN P 229 -27.34 19.12 18.50
C GLN P 229 -27.70 18.03 17.51
N PRO P 230 -28.80 18.17 16.78
CA PRO P 230 -29.22 17.12 15.84
C PRO P 230 -28.24 17.02 14.68
N TYR P 231 -28.10 15.81 14.14
CA TYR P 231 -27.08 15.57 13.13
C TYR P 231 -27.63 15.20 11.75
N ASP P 232 -28.45 14.15 11.61
CA ASP P 232 -28.78 13.70 10.25
C ASP P 232 -30.09 14.30 9.73
N VAL P 233 -31.22 13.87 10.28
CA VAL P 233 -32.51 14.46 9.95
C VAL P 233 -33.33 14.61 11.22
N TYR P 234 -32.68 14.51 12.37
CA TYR P 234 -33.39 14.46 13.64
C TYR P 234 -34.16 15.73 13.93
N ASP P 235 -33.86 16.83 13.24
CA ASP P 235 -34.66 18.04 13.37
C ASP P 235 -35.96 17.97 12.57
N GLN P 236 -36.16 16.93 11.78
CA GLN P 236 -37.37 16.77 10.99
C GLN P 236 -38.32 15.73 11.56
N VAL P 237 -38.01 15.15 12.72
CA VAL P 237 -38.88 14.21 13.40
C VAL P 237 -39.23 14.78 14.76
N GLU P 238 -40.35 14.30 15.30
CA GLU P 238 -40.85 14.75 16.59
C GLU P 238 -40.91 13.58 17.56
N PHE P 239 -40.41 13.79 18.77
CA PHE P 239 -40.43 12.78 19.83
C PHE P 239 -40.22 13.50 21.15
N ASP P 240 -40.46 12.77 22.23
CA ASP P 240 -40.34 13.30 23.58
C ASP P 240 -39.14 12.68 24.29
N VAL P 241 -38.57 13.44 25.22
CA VAL P 241 -37.40 13.00 25.98
C VAL P 241 -37.87 12.63 27.39
N PRO P 242 -37.77 11.38 27.81
CA PRO P 242 -38.19 11.02 29.16
C PRO P 242 -37.23 11.56 30.20
N ILE P 243 -37.79 12.11 31.28
CA ILE P 243 -37.01 12.74 32.34
C ILE P 243 -37.40 12.10 33.66
N GLY P 244 -36.39 11.65 34.42
CA GLY P 244 -36.63 11.07 35.72
C GLY P 244 -36.69 12.13 36.82
N SER P 245 -36.96 11.66 38.04
CA SER P 245 -37.14 12.56 39.17
C SER P 245 -36.33 12.16 40.38
N ARG P 246 -36.00 10.86 40.50
CA ARG P 246 -35.35 10.35 41.69
C ARG P 246 -33.88 10.00 41.48
N GLY P 247 -33.48 9.65 40.26
CA GLY P 247 -32.10 9.30 39.99
C GLY P 247 -31.70 7.89 40.35
N ASP P 248 -32.65 7.02 40.65
CA ASP P 248 -32.37 5.65 41.03
C ASP P 248 -32.51 4.72 39.83
N CYS P 249 -32.39 3.42 40.07
CA CYS P 249 -32.48 2.44 38.99
C CYS P 249 -33.86 2.42 38.38
N TYR P 250 -34.90 2.59 39.20
CA TYR P 250 -36.27 2.51 38.72
C TYR P 250 -36.57 3.61 37.70
N ASP P 251 -36.11 4.83 37.98
CA ASP P 251 -36.34 5.94 37.06
C ASP P 251 -35.65 5.70 35.73
N ARG P 252 -34.43 5.16 35.76
CA ARG P 252 -33.70 4.89 34.52
C ARG P 252 -34.37 3.78 33.73
N TYR P 253 -34.90 2.76 34.41
CA TYR P 253 -35.65 1.70 33.73
C TYR P 253 -36.88 2.27 33.03
N LEU P 254 -37.63 3.12 33.74
CA LEU P 254 -38.80 3.75 33.14
C LEU P 254 -38.40 4.62 31.94
N CYS P 255 -37.28 5.34 32.07
CA CYS P 255 -36.80 6.17 30.97
C CYS P 255 -36.45 5.32 29.76
N ARG P 256 -35.83 4.16 29.97
CA ARG P 256 -35.48 3.30 28.84
C ARG P 256 -36.72 2.75 28.16
N VAL P 257 -37.73 2.36 28.93
CA VAL P 257 -38.98 1.88 28.32
C VAL P 257 -39.63 2.98 27.49
N GLU P 258 -39.70 4.19 28.05
CA GLU P 258 -40.28 5.30 27.31
C GLU P 258 -39.45 5.66 26.09
N GLU P 259 -38.13 5.48 26.16
CA GLU P 259 -37.29 5.69 25.00
C GLU P 259 -37.59 4.69 23.90
N MET P 260 -37.86 3.44 24.26
CA MET P 260 -38.29 2.48 23.25
C MET P 260 -39.58 2.92 22.58
N ARG P 261 -40.55 3.40 23.37
CA ARG P 261 -41.80 3.87 22.78
C ARG P 261 -41.57 5.05 21.84
N GLN P 262 -40.75 6.01 22.27
CA GLN P 262 -40.46 7.17 21.43
C GLN P 262 -39.71 6.78 20.16
N SER P 263 -38.85 5.76 20.23
CA SER P 263 -38.16 5.31 19.04
C SER P 263 -39.13 4.60 18.09
N LEU P 264 -40.16 3.93 18.61
CA LEU P 264 -41.23 3.44 17.75
C LEU P 264 -41.91 4.60 17.02
N ARG P 265 -42.17 5.68 17.75
CA ARG P 265 -42.76 6.88 17.13
C ARG P 265 -41.87 7.40 15.99
N ILE P 266 -40.57 7.50 16.25
CA ILE P 266 -39.64 8.00 15.24
C ILE P 266 -39.57 7.05 14.05
N ILE P 267 -39.67 5.73 14.31
CA ILE P 267 -39.64 4.77 13.22
C ILE P 267 -40.86 4.93 12.33
N SER P 268 -42.03 5.17 12.93
CA SER P 268 -43.22 5.44 12.14
C SER P 268 -43.02 6.67 11.27
N GLN P 269 -42.48 7.75 11.84
CA GLN P 269 -42.26 8.96 11.07
C GLN P 269 -41.27 8.72 9.93
N CYS P 270 -40.21 7.97 10.19
CA CYS P 270 -39.23 7.68 9.14
C CYS P 270 -39.83 6.83 8.03
N LEU P 271 -40.67 5.87 8.39
CA LEU P 271 -41.33 5.05 7.38
C LEU P 271 -42.24 5.89 6.49
N ASN P 272 -42.93 6.87 7.06
CA ASN P 272 -43.85 7.67 6.25
C ASN P 272 -43.15 8.70 5.39
N LYS P 273 -41.90 9.07 5.72
CA LYS P 273 -41.25 10.22 5.10
C LYS P 273 -40.02 9.86 4.27
N MET P 274 -39.81 8.58 3.97
CA MET P 274 -38.61 8.19 3.23
C MET P 274 -38.64 8.76 1.83
N PRO P 275 -37.62 9.52 1.42
CA PRO P 275 -37.65 10.15 0.10
C PRO P 275 -36.96 9.28 -0.94
N PRO P 276 -37.14 9.58 -2.22
CA PRO P 276 -36.41 8.88 -3.27
C PRO P 276 -35.07 9.54 -3.55
N GLY P 277 -34.24 8.83 -4.30
CA GLY P 277 -32.96 9.35 -4.73
C GLY P 277 -31.86 8.33 -4.55
N GLU P 278 -30.63 8.80 -4.63
CA GLU P 278 -29.47 7.96 -4.48
C GLU P 278 -29.15 7.72 -2.99
N ILE P 279 -28.23 6.81 -2.75
CA ILE P 279 -27.94 6.34 -1.40
C ILE P 279 -26.55 6.74 -0.90
N LYS P 280 -25.64 7.13 -1.78
CA LYS P 280 -24.34 7.62 -1.38
C LYS P 280 -24.02 8.89 -2.14
N VAL P 281 -23.07 9.67 -1.60
CA VAL P 281 -22.75 10.96 -2.19
C VAL P 281 -22.28 10.76 -3.62
N ASP P 282 -22.83 11.55 -4.55
CA ASP P 282 -22.52 11.41 -5.97
C ASP P 282 -21.17 12.07 -6.27
N ASP P 283 -20.13 11.53 -5.64
CA ASP P 283 -18.76 12.01 -5.81
C ASP P 283 -17.89 10.75 -5.85
N ALA P 284 -17.49 10.35 -7.05
CA ALA P 284 -16.76 9.10 -7.22
C ALA P 284 -15.37 9.13 -6.61
N LYS P 285 -14.88 10.30 -6.20
CA LYS P 285 -13.61 10.40 -5.51
C LYS P 285 -13.71 10.11 -4.02
N VAL P 286 -14.93 9.91 -3.51
CA VAL P 286 -15.15 9.53 -2.12
C VAL P 286 -15.90 8.20 -2.02
N SER P 287 -17.02 8.08 -2.72
CA SER P 287 -17.80 6.86 -2.69
C SER P 287 -17.62 6.09 -3.99
N PRO P 288 -17.54 4.76 -3.93
CA PRO P 288 -17.24 3.99 -5.13
C PRO P 288 -18.38 4.11 -6.14
N PRO P 289 -18.06 4.08 -7.43
CA PRO P 289 -19.12 4.09 -8.45
C PRO P 289 -19.87 2.76 -8.48
N LYS P 290 -20.99 2.76 -9.19
CA LYS P 290 -21.77 1.55 -9.35
C LYS P 290 -20.99 0.51 -10.14
N ARG P 291 -21.32 -0.76 -9.89
CA ARG P 291 -20.63 -1.85 -10.57
C ARG P 291 -20.88 -1.81 -12.07
N ALA P 292 -22.03 -1.27 -12.50
CA ALA P 292 -22.31 -1.18 -13.92
C ALA P 292 -21.42 -0.16 -14.62
N GLU P 293 -21.09 0.94 -13.95
CA GLU P 293 -20.23 1.95 -14.53
C GLU P 293 -18.75 1.61 -14.41
N MET P 294 -18.37 0.88 -13.36
CA MET P 294 -16.98 0.47 -13.21
C MET P 294 -16.54 -0.44 -14.37
N LYS P 295 -17.47 -1.14 -14.99
CA LYS P 295 -17.17 -2.07 -16.07
C LYS P 295 -17.38 -1.49 -17.45
N THR P 296 -17.73 -0.21 -17.58
CA THR P 296 -17.94 0.38 -18.88
C THR P 296 -17.21 1.71 -19.04
N SER P 297 -16.96 2.39 -17.92
CA SER P 297 -16.37 3.73 -17.93
C SER P 297 -14.94 3.67 -17.43
N MET P 298 -14.04 4.37 -18.13
CA MET P 298 -12.64 4.38 -17.74
C MET P 298 -12.42 5.14 -16.44
N GLU P 299 -13.04 6.31 -16.31
CA GLU P 299 -12.92 7.09 -15.09
C GLU P 299 -13.47 6.32 -13.89
N SER P 300 -14.60 5.64 -14.08
CA SER P 300 -15.19 4.86 -13.00
C SER P 300 -14.27 3.72 -12.58
N LEU P 301 -13.65 3.04 -13.54
CA LEU P 301 -12.73 1.96 -13.19
C LEU P 301 -11.51 2.49 -12.45
N ILE P 302 -10.96 3.63 -12.90
CA ILE P 302 -9.81 4.22 -12.23
C ILE P 302 -10.17 4.59 -10.79
N HIS P 303 -11.35 5.18 -10.60
CA HIS P 303 -11.73 5.62 -9.27
C HIS P 303 -12.05 4.44 -8.36
N HIS P 304 -12.67 3.39 -8.89
CA HIS P 304 -12.88 2.18 -8.11
C HIS P 304 -11.55 1.56 -7.68
N PHE P 305 -10.61 1.44 -8.62
CA PHE P 305 -9.29 0.93 -8.32
C PHE P 305 -8.64 1.72 -7.20
N LYS P 306 -8.59 3.05 -7.34
CA LYS P 306 -7.88 3.86 -6.35
C LYS P 306 -8.61 3.97 -5.03
N LEU P 307 -9.95 3.81 -5.02
CA LEU P 307 -10.67 3.83 -3.76
C LEU P 307 -10.49 2.52 -2.99
N TYR P 308 -10.43 1.40 -3.70
CA TYR P 308 -10.30 0.12 -3.01
C TYR P 308 -8.87 -0.33 -2.80
N THR P 309 -7.88 0.35 -3.39
CA THR P 309 -6.48 0.05 -3.09
C THR P 309 -5.87 1.04 -2.12
N GLU P 310 -5.87 2.33 -2.44
CA GLU P 310 -5.30 3.36 -1.60
C GLU P 310 -6.31 3.98 -0.65
N GLY P 311 -7.53 4.22 -1.12
CA GLY P 311 -8.52 4.93 -0.35
C GLY P 311 -8.47 6.42 -0.59
N TYR P 312 -9.56 7.09 -0.23
CA TYR P 312 -9.66 8.53 -0.41
C TYR P 312 -8.82 9.24 0.64
N GLN P 313 -8.19 10.34 0.24
CA GLN P 313 -7.47 11.16 1.19
C GLN P 313 -8.43 12.09 1.93
N VAL P 314 -8.11 12.38 3.18
CA VAL P 314 -8.90 13.26 4.02
C VAL P 314 -8.05 14.48 4.35
N PRO P 315 -8.55 15.69 4.12
CA PRO P 315 -7.72 16.88 4.38
C PRO P 315 -7.30 16.93 5.84
N PRO P 316 -6.11 17.46 6.12
CA PRO P 316 -5.61 17.46 7.50
C PRO P 316 -6.51 18.24 8.43
N GLY P 317 -6.66 17.74 9.65
CA GLY P 317 -7.47 18.43 10.63
C GLY P 317 -7.91 17.48 11.72
N ALA P 318 -8.45 18.07 12.78
CA ALA P 318 -8.89 17.30 13.94
C ALA P 318 -10.32 17.69 14.27
N THR P 319 -11.13 16.68 14.58
CA THR P 319 -12.52 16.91 14.95
C THR P 319 -12.89 16.00 16.11
N TYR P 320 -13.87 16.45 16.89
CA TYR P 320 -14.52 15.60 17.89
C TYR P 320 -16.01 15.63 17.58
N THR P 321 -16.54 14.49 17.14
CA THR P 321 -17.95 14.37 16.80
C THR P 321 -18.61 13.36 17.71
N ALA P 322 -19.76 13.74 18.28
CA ALA P 322 -20.47 12.91 19.23
C ALA P 322 -21.92 12.73 18.79
N ILE P 323 -22.44 11.53 18.97
CA ILE P 323 -23.84 11.25 18.69
C ILE P 323 -24.48 10.73 19.97
N GLU P 324 -25.82 10.70 20.00
CA GLU P 324 -26.57 10.17 21.15
C GLU P 324 -26.81 8.69 20.87
N ALA P 325 -25.79 7.88 21.14
CA ALA P 325 -25.93 6.44 21.04
C ALA P 325 -26.84 5.93 22.15
N PRO P 326 -27.41 4.73 22.00
CA PRO P 326 -28.36 4.24 23.01
C PRO P 326 -27.79 4.19 24.42
N LYS P 327 -26.49 4.00 24.57
CA LYS P 327 -25.88 3.95 25.89
C LYS P 327 -25.41 5.30 26.41
N GLY P 328 -25.51 6.35 25.61
CA GLY P 328 -25.09 7.66 26.04
C GLY P 328 -24.42 8.45 24.92
N GLU P 329 -23.60 9.43 25.25
CA GLU P 329 -22.88 10.20 24.24
C GLU P 329 -21.70 9.36 23.76
N PHE P 330 -21.73 8.96 22.50
CA PHE P 330 -20.64 8.21 21.89
C PHE P 330 -19.89 9.14 20.94
N GLY P 331 -18.60 9.32 21.18
CA GLY P 331 -17.84 10.30 20.43
C GLY P 331 -16.58 9.71 19.85
N VAL P 332 -16.06 10.40 18.83
CA VAL P 332 -14.78 10.07 18.24
C VAL P 332 -14.00 11.36 18.01
N TYR P 333 -12.76 11.38 18.46
CA TYR P 333 -11.80 12.44 18.16
C TYR P 333 -10.87 11.90 17.09
N LEU P 334 -11.06 12.40 15.88
CA LEU P 334 -10.33 11.94 14.71
C LEU P 334 -9.34 12.99 14.26
N VAL P 335 -8.08 12.58 14.07
CA VAL P 335 -7.00 13.44 13.63
C VAL P 335 -6.46 12.89 12.32
N SER P 336 -6.52 13.72 11.27
CA SER P 336 -6.05 13.41 9.94
C SER P 336 -4.87 14.31 9.58
N ASP P 337 -3.92 13.74 8.83
CA ASP P 337 -2.73 14.47 8.43
C ASP P 337 -2.60 14.55 6.91
N GLY P 338 -3.72 14.50 6.20
CA GLY P 338 -3.72 14.59 4.75
C GLY P 338 -3.49 13.29 4.02
N SER P 339 -3.31 12.19 4.73
CA SER P 339 -3.07 10.88 4.14
C SER P 339 -4.40 10.16 3.91
N SER P 340 -4.31 8.92 3.44
CA SER P 340 -5.46 8.06 3.32
C SER P 340 -5.69 7.19 4.54
N ARG P 341 -4.82 7.26 5.54
CA ARG P 341 -4.94 6.57 6.81
C ARG P 341 -5.06 7.57 7.94
N PRO P 342 -5.98 7.37 8.88
CA PRO P 342 -6.11 8.31 9.98
C PRO P 342 -4.86 8.34 10.85
N TYR P 343 -4.47 9.55 11.25
CA TYR P 343 -3.31 9.67 12.13
C TYR P 343 -3.66 9.25 13.55
N ARG P 344 -4.82 9.67 14.06
CA ARG P 344 -5.20 9.29 15.41
C ARG P 344 -6.70 9.14 15.47
N CYS P 345 -7.18 8.19 16.26
CA CYS P 345 -8.62 7.94 16.40
C CYS P 345 -8.91 7.57 17.86
N LYS P 346 -9.25 8.56 18.67
CA LYS P 346 -9.63 8.30 20.06
C LYS P 346 -11.13 8.10 20.15
N ILE P 347 -11.55 7.04 20.84
CA ILE P 347 -12.96 6.69 20.95
C ILE P 347 -13.42 6.97 22.36
N LYS P 348 -14.47 7.79 22.49
CA LYS P 348 -15.08 8.09 23.77
C LYS P 348 -16.38 7.31 23.90
N ALA P 349 -16.44 6.41 24.89
CA ALA P 349 -17.59 5.61 25.18
C ALA P 349 -18.15 5.97 26.55
N PRO P 350 -19.46 6.17 26.67
CA PRO P 350 -20.03 6.55 27.98
C PRO P 350 -19.84 5.49 29.05
N GLY P 351 -19.65 4.23 28.67
CA GLY P 351 -19.40 3.19 29.65
C GLY P 351 -18.16 3.45 30.46
N PHE P 352 -17.15 4.10 29.88
CA PHE P 352 -15.94 4.44 30.62
C PHE P 352 -16.27 5.29 31.84
N ALA P 353 -16.98 6.40 31.63
CA ALA P 353 -17.31 7.29 32.74
C ALA P 353 -18.30 6.63 33.70
N HIS P 354 -19.27 5.88 33.16
CA HIS P 354 -20.24 5.23 34.04
C HIS P 354 -19.58 4.21 34.96
N LEU P 355 -18.69 3.38 34.41
CA LEU P 355 -17.98 2.41 35.23
C LEU P 355 -17.02 3.10 36.19
N ALA P 356 -16.44 4.23 35.79
CA ALA P 356 -15.62 5.00 36.72
C ALA P 356 -16.44 5.50 37.90
N GLY P 357 -17.67 5.94 37.66
CA GLY P 357 -18.55 6.41 38.72
C GLY P 357 -19.31 5.35 39.47
N LEU P 358 -19.19 4.08 39.04
CA LEU P 358 -19.83 2.99 39.76
C LEU P 358 -19.45 2.97 41.23
N ASP P 359 -18.18 3.25 41.55
CA ASP P 359 -17.73 3.19 42.94
C ASP P 359 -18.46 4.22 43.80
N LYS P 360 -18.62 5.44 43.28
CA LYS P 360 -19.43 6.43 43.98
C LYS P 360 -20.89 6.02 44.03
N MET P 361 -21.37 5.36 42.98
CA MET P 361 -22.77 4.95 42.89
C MET P 361 -23.13 3.85 43.87
N SER P 362 -22.18 3.05 44.33
CA SER P 362 -22.49 1.91 45.19
C SER P 362 -22.07 2.12 46.63
N LYS P 363 -22.27 3.33 47.16
CA LYS P 363 -21.89 3.65 48.53
C LYS P 363 -23.05 3.34 49.47
N GLY P 364 -22.76 2.50 50.47
CA GLY P 364 -23.78 2.16 51.45
C GLY P 364 -24.78 1.13 51.01
N HIS P 365 -24.47 0.34 49.99
CA HIS P 365 -25.40 -0.65 49.44
C HIS P 365 -24.85 -2.06 49.66
N MET P 366 -25.66 -3.04 49.30
CA MET P 366 -25.35 -4.46 49.47
C MET P 366 -24.69 -5.02 48.22
N LEU P 367 -24.43 -6.32 48.24
CA LEU P 367 -23.87 -7.01 47.08
C LEU P 367 -24.88 -7.10 45.94
N ALA P 368 -26.11 -7.51 46.25
CA ALA P 368 -27.15 -7.56 45.23
C ALA P 368 -27.48 -6.17 44.70
N ASP P 369 -27.39 -5.16 45.57
CA ASP P 369 -27.54 -3.78 45.11
C ASP P 369 -26.45 -3.41 44.12
N VAL P 370 -25.23 -3.90 44.35
CA VAL P 370 -24.14 -3.63 43.41
C VAL P 370 -24.39 -4.34 42.09
N VAL P 371 -24.94 -5.55 42.13
CA VAL P 371 -25.32 -6.24 40.90
C VAL P 371 -26.36 -5.41 40.14
N ALA P 372 -27.35 -4.89 40.85
CA ALA P 372 -28.36 -4.06 40.23
C ALA P 372 -27.76 -2.78 39.63
N ILE P 373 -26.81 -2.18 40.34
CA ILE P 373 -26.21 -0.94 39.86
C ILE P 373 -25.36 -1.20 38.62
N ILE P 374 -24.67 -2.34 38.57
CA ILE P 374 -23.97 -2.72 37.35
C ILE P 374 -24.96 -2.90 36.21
N GLY P 375 -26.11 -3.53 36.49
CA GLY P 375 -27.10 -3.72 35.46
C GLY P 375 -27.67 -2.41 34.93
N THR P 376 -27.88 -1.44 35.82
CA THR P 376 -28.58 -0.21 35.44
C THR P 376 -27.70 0.77 34.67
N GLN P 377 -26.39 0.56 34.66
CA GLN P 377 -25.50 1.50 33.97
C GLN P 377 -25.39 1.22 32.48
N ASP P 378 -25.92 0.09 32.00
CA ASP P 378 -25.89 -0.26 30.58
C ASP P 378 -24.46 -0.31 30.06
N ILE P 379 -23.70 -1.24 30.64
CA ILE P 379 -22.26 -1.34 30.39
C ILE P 379 -22.02 -2.50 29.42
N VAL P 380 -21.28 -2.21 28.34
CA VAL P 380 -20.71 -3.22 27.48
C VAL P 380 -19.21 -2.96 27.43
N PHE P 381 -18.41 -4.02 27.53
CA PHE P 381 -16.99 -3.83 27.80
C PHE P 381 -16.15 -3.75 26.54
N GLY P 382 -16.72 -4.05 25.37
CA GLY P 382 -16.01 -3.78 24.13
C GLY P 382 -15.73 -2.31 23.93
N GLU P 383 -16.72 -1.46 24.23
CA GLU P 383 -16.52 -0.02 24.13
C GLU P 383 -15.76 0.54 25.32
N VAL P 384 -15.83 -0.13 26.47
CA VAL P 384 -15.09 0.34 27.65
C VAL P 384 -13.59 0.09 27.46
N ASP P 385 -13.22 -1.09 26.98
CA ASP P 385 -11.81 -1.44 26.87
C ASP P 385 -11.19 -0.98 25.55
N ARG P 386 -11.94 -1.08 24.45
CA ARG P 386 -11.45 -0.72 23.12
C ARG P 386 -10.14 -1.43 22.79
N GLY Q 1 -7.72 -32.73 -16.31
CA GLY Q 1 -6.44 -33.17 -16.86
C GLY Q 1 -5.33 -33.15 -15.82
N VAL Q 2 -5.46 -33.99 -14.81
CA VAL Q 2 -4.49 -34.07 -13.72
C VAL Q 2 -3.43 -35.09 -14.08
N ARG Q 3 -2.20 -34.82 -13.64
CA ARG Q 3 -1.10 -35.75 -13.80
C ARG Q 3 -0.80 -36.41 -12.45
N THR Q 4 0.22 -37.26 -12.42
CA THR Q 4 0.60 -37.96 -11.20
C THR Q 4 2.12 -37.98 -11.10
N SER Q 5 2.63 -37.57 -9.95
CA SER Q 5 4.06 -37.56 -9.71
C SER Q 5 4.59 -38.99 -9.57
N PRO Q 6 5.92 -39.18 -9.68
CA PRO Q 6 6.47 -40.51 -9.45
C PRO Q 6 6.11 -41.11 -8.09
N THR Q 7 5.81 -40.29 -7.10
CA THR Q 7 5.39 -40.76 -5.79
C THR Q 7 3.89 -41.03 -5.71
N GLY Q 8 3.17 -40.90 -6.83
CA GLY Q 8 1.74 -41.13 -6.84
C GLY Q 8 0.90 -39.98 -6.34
N GLU Q 9 1.47 -38.78 -6.26
CA GLU Q 9 0.76 -37.60 -5.77
C GLU Q 9 0.23 -36.79 -6.95
N LYS Q 10 -1.02 -36.36 -6.84
CA LYS Q 10 -1.63 -35.55 -7.89
C LYS Q 10 -0.91 -34.21 -8.02
N VAL Q 11 -0.81 -33.73 -9.26
CA VAL Q 11 -0.18 -32.46 -9.57
C VAL Q 11 -1.27 -31.42 -9.79
N THR Q 12 -1.19 -30.33 -9.04
CA THR Q 12 -2.20 -29.27 -9.13
C THR Q 12 -1.99 -28.43 -10.38
N HIS Q 13 -2.99 -27.59 -10.67
CA HIS Q 13 -2.94 -26.78 -11.88
C HIS Q 13 -1.82 -25.75 -11.81
N THR Q 14 -1.38 -25.40 -10.60
CA THR Q 14 -0.23 -24.51 -10.46
C THR Q 14 1.08 -25.27 -10.65
N GLY Q 15 1.00 -26.60 -10.76
CA GLY Q 15 2.15 -27.43 -11.00
C GLY Q 15 2.87 -27.92 -9.76
N GLN Q 16 2.42 -27.53 -8.57
CA GLN Q 16 3.14 -27.87 -7.35
C GLN Q 16 2.97 -29.35 -7.03
N ALA Q 17 4.05 -29.95 -6.54
CA ALA Q 17 4.04 -31.33 -6.07
C ALA Q 17 5.27 -31.53 -5.20
N TYR Q 18 5.11 -32.29 -4.12
CA TYR Q 18 6.21 -32.49 -3.18
C TYR Q 18 7.24 -33.44 -3.76
N ASP Q 19 8.51 -33.16 -3.46
CA ASP Q 19 9.60 -34.02 -3.91
C ASP Q 19 9.52 -35.38 -3.22
N ASP Q 20 10.32 -36.32 -3.74
CA ASP Q 20 10.33 -37.68 -3.18
C ASP Q 20 10.77 -37.66 -1.73
N GLY Q 21 11.80 -36.87 -1.41
CA GLY Q 21 12.33 -36.78 -0.07
C GLY Q 21 11.70 -35.71 0.81
N ASP Q 22 10.65 -35.04 0.35
CA ASP Q 22 10.05 -33.97 1.14
C ASP Q 22 9.23 -34.58 2.28
N TYR Q 23 9.50 -34.12 3.51
CA TYR Q 23 8.82 -34.68 4.67
C TYR Q 23 7.38 -34.19 4.78
N ARG Q 24 7.04 -33.06 4.17
CA ARG Q 24 5.71 -32.47 4.32
C ARG Q 24 4.61 -33.37 3.76
N ARG Q 25 4.95 -34.34 2.92
CA ARG Q 25 3.97 -35.32 2.46
C ARG Q 25 3.35 -36.08 3.62
N VAL Q 26 4.02 -36.14 4.77
CA VAL Q 26 3.45 -36.79 5.95
C VAL Q 26 2.14 -36.15 6.36
N ARG Q 27 1.88 -34.90 5.96
CA ARG Q 27 0.62 -34.28 6.32
C ARG Q 27 -0.55 -34.87 5.56
N PHE Q 28 -0.30 -35.63 4.49
CA PHE Q 28 -1.36 -36.27 3.73
C PHE Q 28 -1.57 -37.72 4.13
N SER Q 29 -0.75 -38.26 5.02
CA SER Q 29 -0.93 -39.63 5.49
C SER Q 29 -2.22 -39.73 6.29
N ASP Q 30 -2.96 -40.82 6.07
CA ASP Q 30 -4.29 -41.04 6.64
C ASP Q 30 -5.27 -39.94 6.26
N ARG Q 31 -4.98 -39.18 5.21
CA ARG Q 31 -5.83 -38.10 4.76
C ARG Q 31 -5.73 -38.02 3.24
N GLN Q 32 -6.20 -36.91 2.67
CA GLN Q 32 -6.19 -36.72 1.23
C GLN Q 32 -5.59 -35.37 0.90
N LYS Q 33 -5.30 -35.17 -0.39
CA LYS Q 33 -4.78 -33.91 -0.90
C LYS Q 33 -5.86 -33.23 -1.74
N GLU Q 34 -6.14 -31.96 -1.42
CA GLU Q 34 -7.18 -31.21 -2.09
C GLU Q 34 -6.67 -30.73 -3.45
N VAL Q 35 -7.30 -31.19 -4.52
CA VAL Q 35 -6.93 -30.81 -5.87
C VAL Q 35 -8.20 -30.57 -6.67
N ASN Q 36 -8.23 -29.45 -7.41
CA ASN Q 36 -9.35 -29.15 -8.29
C ASN Q 36 -9.06 -29.76 -9.66
N GLU Q 37 -9.98 -30.61 -10.13
CA GLU Q 37 -9.76 -31.38 -11.34
C GLU Q 37 -10.12 -30.64 -12.62
N ASN Q 38 -10.80 -29.49 -12.52
CA ASN Q 38 -11.21 -28.73 -13.69
C ASN Q 38 -10.14 -27.70 -14.00
N PHE Q 39 -9.12 -28.11 -14.74
CA PHE Q 39 -8.01 -27.22 -15.05
C PHE Q 39 -8.47 -26.14 -16.02
N ALA Q 40 -8.23 -24.88 -15.65
CA ALA Q 40 -8.79 -23.76 -16.40
C ALA Q 40 -8.13 -23.61 -17.77
N ILE Q 41 -6.85 -23.97 -17.89
CA ILE Q 41 -6.14 -23.75 -19.14
C ILE Q 41 -6.69 -24.67 -20.24
N ASP Q 42 -6.92 -25.94 -19.91
CA ASP Q 42 -7.51 -26.83 -20.89
C ASP Q 42 -8.96 -26.46 -21.18
N LEU Q 43 -9.69 -26.02 -20.15
CA LEU Q 43 -11.09 -25.65 -20.36
C LEU Q 43 -11.20 -24.47 -21.31
N ILE Q 44 -10.33 -23.46 -21.18
CA ILE Q 44 -10.39 -22.33 -22.09
C ILE Q 44 -9.79 -22.71 -23.44
N ALA Q 45 -8.93 -23.74 -23.49
CA ALA Q 45 -8.37 -24.17 -24.77
C ALA Q 45 -9.42 -24.77 -25.69
N GLU Q 46 -10.38 -25.53 -25.15
CA GLU Q 46 -11.37 -26.19 -25.98
C GLU Q 46 -12.42 -25.22 -26.56
N GLN Q 47 -12.45 -23.97 -26.12
CA GLN Q 47 -13.40 -23.03 -26.68
C GLN Q 47 -13.05 -22.70 -28.12
N PRO Q 48 -14.04 -22.60 -29.00
CA PRO Q 48 -13.77 -22.29 -30.40
C PRO Q 48 -13.39 -20.82 -30.59
N VAL Q 49 -12.99 -20.50 -31.82
CA VAL Q 49 -12.54 -19.16 -32.17
C VAL Q 49 -13.67 -18.46 -32.91
N SER Q 50 -14.07 -17.28 -32.41
CA SER Q 50 -15.15 -16.51 -32.99
C SER Q 50 -14.65 -15.73 -34.20
N GLU Q 51 -15.40 -15.80 -35.29
CA GLU Q 51 -15.06 -15.12 -36.54
C GLU Q 51 -15.98 -13.90 -36.68
N VAL Q 52 -15.39 -12.72 -36.79
CA VAL Q 52 -16.12 -11.47 -36.85
C VAL Q 52 -15.57 -10.62 -37.98
N GLY Q 53 -16.45 -9.89 -38.65
CA GLY Q 53 -16.06 -9.08 -39.78
C GLY Q 53 -15.72 -7.64 -39.44
N SER Q 54 -14.87 -7.44 -38.43
CA SER Q 54 -14.44 -6.10 -38.05
C SER Q 54 -12.97 -6.14 -37.69
N ARG Q 55 -12.29 -5.00 -37.87
CA ARG Q 55 -10.91 -4.89 -37.44
C ARG Q 55 -10.79 -4.74 -35.93
N VAL Q 56 -11.82 -4.23 -35.27
CA VAL Q 56 -11.84 -4.06 -33.82
C VAL Q 56 -13.13 -4.67 -33.29
N ILE Q 57 -13.02 -5.51 -32.26
CA ILE Q 57 -14.19 -6.14 -31.65
C ILE Q 57 -14.17 -5.81 -30.17
N SER Q 58 -15.32 -6.01 -29.51
CA SER Q 58 -15.43 -5.74 -28.09
C SER Q 58 -15.87 -6.99 -27.33
N CYS Q 59 -15.29 -7.19 -26.16
CA CYS Q 59 -15.64 -8.31 -25.29
C CYS Q 59 -15.88 -7.81 -23.88
N ASP Q 60 -16.92 -8.33 -23.23
CA ASP Q 60 -17.18 -8.06 -21.83
C ASP Q 60 -17.40 -9.34 -21.03
N GLY Q 61 -17.06 -10.50 -21.59
CA GLY Q 61 -17.15 -11.76 -20.89
C GLY Q 61 -18.51 -12.41 -20.88
N GLY Q 62 -19.54 -11.74 -21.39
CA GLY Q 62 -20.87 -12.29 -21.38
C GLY Q 62 -21.65 -11.92 -20.14
N GLY Q 63 -22.89 -11.50 -20.30
CA GLY Q 63 -23.74 -11.14 -19.19
C GLY Q 63 -23.80 -9.66 -18.87
N GLY Q 64 -23.11 -8.82 -19.64
CA GLY Q 64 -23.16 -7.39 -19.42
C GLY Q 64 -22.48 -6.97 -18.13
N ALA Q 65 -23.28 -6.55 -17.15
CA ALA Q 65 -22.73 -6.14 -15.86
C ALA Q 65 -22.22 -7.30 -15.04
N LEU Q 66 -22.51 -8.54 -15.43
CA LEU Q 66 -22.05 -9.72 -14.72
C LEU Q 66 -20.74 -10.27 -15.28
N GLY Q 67 -20.18 -9.64 -16.29
CA GLY Q 67 -18.91 -10.03 -16.87
C GLY Q 67 -17.76 -9.20 -16.35
N HIS Q 68 -16.75 -9.05 -17.17
CA HIS Q 68 -15.58 -8.23 -16.86
C HIS Q 68 -15.70 -6.87 -17.54
N PRO Q 69 -14.84 -5.91 -17.20
CA PRO Q 69 -14.88 -4.62 -17.89
C PRO Q 69 -14.75 -4.78 -19.39
N ARG Q 70 -15.53 -4.01 -20.13
CA ARG Q 70 -15.59 -4.15 -21.58
C ARG Q 70 -14.30 -3.64 -22.21
N VAL Q 71 -13.66 -4.49 -23.00
CA VAL Q 71 -12.38 -4.16 -23.62
C VAL Q 71 -12.51 -4.35 -25.12
N TYR Q 72 -11.62 -3.68 -25.86
CA TYR Q 72 -11.60 -3.73 -27.31
C TYR Q 72 -10.32 -4.41 -27.78
N ILE Q 73 -10.46 -5.26 -28.78
CA ILE Q 73 -9.37 -6.09 -29.30
C ILE Q 73 -9.20 -5.78 -30.78
N ASN Q 74 -7.94 -5.54 -31.18
CA ASN Q 74 -7.59 -5.25 -32.55
C ASN Q 74 -7.25 -6.55 -33.27
N LEU Q 75 -7.82 -6.75 -34.46
CA LEU Q 75 -7.70 -8.00 -35.20
C LEU Q 75 -6.96 -7.80 -36.51
N ASP Q 76 -6.12 -6.77 -36.61
CA ASP Q 76 -5.43 -6.49 -37.86
C ASP Q 76 -4.30 -7.46 -38.15
N LYS Q 77 -3.75 -8.12 -37.13
CA LYS Q 77 -2.69 -9.08 -37.35
C LYS Q 77 -3.28 -10.40 -37.83
N GLU Q 78 -2.73 -10.92 -38.93
CA GLU Q 78 -3.38 -12.00 -39.67
C GLU Q 78 -2.97 -13.39 -39.19
N THR Q 79 -1.70 -13.57 -38.81
CA THR Q 79 -1.20 -14.87 -38.38
C THR Q 79 -1.42 -15.12 -36.90
N LYS Q 80 -2.38 -14.43 -36.28
CA LYS Q 80 -2.60 -14.52 -34.85
C LYS Q 80 -4.05 -14.15 -34.56
N THR Q 81 -4.56 -14.67 -33.45
CA THR Q 81 -5.92 -14.41 -33.02
C THR Q 81 -5.93 -13.41 -31.86
N GLY Q 82 -6.87 -12.48 -31.90
CA GLY Q 82 -7.04 -11.56 -30.79
C GLY Q 82 -7.55 -12.31 -29.57
N THR Q 83 -6.90 -12.10 -28.43
CA THR Q 83 -7.21 -12.79 -27.19
C THR Q 83 -7.63 -11.78 -26.13
N CYS Q 84 -8.76 -12.03 -25.49
CA CYS Q 84 -9.24 -11.15 -24.44
C CYS Q 84 -8.33 -11.24 -23.22
N GLY Q 85 -8.02 -10.09 -22.63
CA GLY Q 85 -7.17 -10.08 -21.45
C GLY Q 85 -7.82 -10.72 -20.25
N TYR Q 86 -9.14 -10.57 -20.11
CA TYR Q 86 -9.87 -11.09 -18.97
C TYR Q 86 -10.42 -12.48 -19.23
N CYS Q 87 -11.29 -12.61 -20.24
CA CYS Q 87 -12.02 -13.85 -20.48
C CYS Q 87 -11.11 -14.95 -21.00
N GLY Q 88 -10.15 -14.61 -21.87
CA GLY Q 88 -9.37 -15.60 -22.55
C GLY Q 88 -9.95 -16.09 -23.85
N LEU Q 89 -11.12 -15.58 -24.25
CA LEU Q 89 -11.73 -15.97 -25.50
C LEU Q 89 -10.92 -15.43 -26.68
N GLN Q 90 -11.00 -16.14 -27.80
CA GLN Q 90 -10.22 -15.81 -28.98
C GLN Q 90 -11.15 -15.34 -30.11
N PHE Q 91 -10.67 -14.35 -30.87
CA PHE Q 91 -11.41 -13.81 -31.99
C PHE Q 91 -10.47 -13.71 -33.18
N ARG Q 92 -11.04 -13.75 -34.38
CA ARG Q 92 -10.24 -13.68 -35.59
C ARG Q 92 -11.08 -13.07 -36.71
N GLN Q 93 -10.39 -12.55 -37.71
CA GLN Q 93 -11.04 -11.99 -38.90
C GLN Q 93 -11.03 -13.03 -40.01
N PRO Q 94 -12.10 -13.13 -40.81
CA PRO Q 94 -12.17 -14.19 -41.82
C PRO Q 94 -11.03 -14.10 -42.83
N HIS Q 95 -10.54 -15.26 -43.25
CA HIS Q 95 -9.45 -15.36 -44.20
C HIS Q 95 -9.74 -16.51 -45.15
N HIS Q 96 -8.72 -16.90 -45.93
CA HIS Q 96 -8.83 -17.97 -46.92
C HIS Q 96 -9.95 -17.70 -47.91
N ALA R 1 -35.75 2.44 -20.79
CA ALA R 1 -36.73 3.53 -20.75
C ALA R 1 -37.82 3.23 -19.73
N SER R 2 -37.63 2.17 -18.96
CA SER R 2 -38.61 1.78 -17.95
C SER R 2 -38.62 2.79 -16.80
N LYS R 3 -39.66 2.71 -15.98
CA LYS R 3 -39.80 3.60 -14.84
C LYS R 3 -38.77 3.26 -13.76
N VAL R 4 -38.66 4.15 -12.79
CA VAL R 4 -37.75 3.96 -11.67
C VAL R 4 -38.49 3.22 -10.56
N LYS R 5 -37.96 2.06 -10.17
CA LYS R 5 -38.54 1.24 -9.13
C LYS R 5 -37.60 1.22 -7.93
N GLN R 6 -38.15 1.48 -6.75
CA GLN R 6 -37.36 1.67 -5.55
C GLN R 6 -38.23 1.36 -4.34
N ASP R 7 -37.60 1.07 -3.22
CA ASP R 7 -38.34 0.79 -1.99
C ASP R 7 -38.90 2.08 -1.43
N MET R 8 -40.21 2.26 -1.55
CA MET R 8 -40.89 3.46 -1.11
C MET R 8 -42.15 3.08 -0.34
N PRO R 9 -42.62 3.93 0.56
CA PRO R 9 -43.90 3.68 1.20
C PRO R 9 -45.02 3.74 0.19
N PRO R 10 -46.12 3.04 0.42
CA PRO R 10 -47.23 3.04 -0.53
C PRO R 10 -47.83 4.43 -0.66
N PRO R 11 -48.46 4.74 -1.79
CA PRO R 11 -49.06 6.07 -1.96
C PRO R 11 -50.06 6.37 -0.85
N GLY R 12 -50.03 7.61 -0.37
CA GLY R 12 -50.78 7.94 0.82
C GLY R 12 -49.86 7.86 2.02
N GLY R 13 -49.98 6.78 2.78
CA GLY R 13 -49.08 6.53 3.90
C GLY R 13 -49.32 5.17 4.50
N TYR R 14 -48.50 4.86 5.49
CA TYR R 14 -48.71 3.65 6.29
C TYR R 14 -49.76 3.90 7.35
N GLY R 15 -50.36 2.81 7.83
CA GLY R 15 -51.33 2.89 8.90
C GLY R 15 -50.72 3.39 10.19
N PRO R 16 -51.54 3.93 11.08
CA PRO R 16 -51.01 4.45 12.34
C PRO R 16 -50.38 3.35 13.19
N ILE R 17 -49.34 3.71 13.91
CA ILE R 17 -48.62 2.79 14.78
C ILE R 17 -48.82 3.25 16.22
N ASP R 18 -49.33 2.34 17.05
CA ASP R 18 -49.57 2.63 18.46
C ASP R 18 -48.26 2.49 19.22
N TYR R 19 -47.98 3.44 20.11
CA TYR R 19 -46.79 3.39 20.94
C TYR R 19 -47.06 3.69 22.40
N LYS R 20 -48.17 4.34 22.73
CA LYS R 20 -48.47 4.72 24.10
C LYS R 20 -48.77 3.48 24.94
N ARG R 21 -48.55 3.62 26.25
CA ARG R 21 -48.78 2.53 27.18
C ARG R 21 -50.26 2.17 27.24
N ASN R 22 -50.55 0.87 27.31
CA ASN R 22 -51.91 0.35 27.38
C ASN R 22 -51.97 -0.63 28.55
N LEU R 23 -52.26 -0.12 29.74
CA LEU R 23 -52.41 -0.95 30.93
C LEU R 23 -53.83 -0.82 31.47
N PRO R 24 -54.70 -1.80 31.25
CA PRO R 24 -56.09 -1.67 31.68
C PRO R 24 -56.21 -1.71 33.20
N ARG R 25 -57.44 -1.52 33.66
CA ARG R 25 -57.72 -1.58 35.10
C ARG R 25 -57.86 -3.02 35.56
N ARG R 26 -58.88 -3.72 35.06
CA ARG R 26 -59.05 -5.17 35.24
C ARG R 26 -58.98 -5.56 36.72
N GLY R 27 -59.95 -5.07 37.48
CA GLY R 27 -60.04 -5.42 38.88
C GLY R 27 -61.33 -4.95 39.51
N LEU R 28 -61.62 -5.50 40.68
CA LEU R 28 -62.76 -5.09 41.50
C LEU R 28 -62.33 -4.01 42.47
N SER R 29 -63.31 -3.51 43.23
CA SER R 29 -63.06 -2.47 44.22
C SER R 29 -62.19 -2.98 45.36
#